data_8BSS
#
_entry.id   8BSS
#
loop_
_entity.id
_entity.type
_entity.pdbx_description
1 polymer 'Lipopolysaccharide export system protein LptA'
2 polymer 'Thanatin-like derivative'
#
loop_
_entity_poly.entity_id
_entity_poly.type
_entity_poly.pdbx_seq_one_letter_code
_entity_poly.pdbx_strand_id
1 'polypeptide(L)'
;VTGDTDQPIHIESDQQSLDMQGNVVTFTGNVIVTLGTIKINADKVVVTRPGGEQGKEVIDGYGKPATFYQMQDNGKPVEG
HASQMHYELAKDFVVLTGNAYLQQVDSNIKGDKITYLVKEQKMQAFSDKGKR
;
A
2 'polypeptide(L)' V(HYP)IIY(LE1)NR(DAB)T(4FO)KC(DAB)(DAB)Y B
#
# COMPACT_ATOMS: atom_id res chain seq x y z
N VAL A 1 -2.16 -6.37 17.54
CA VAL A 1 -3.45 -6.97 17.94
C VAL A 1 -4.40 -6.88 16.76
N THR A 2 -5.27 -7.88 16.59
CA THR A 2 -6.27 -8.04 15.52
C THR A 2 -7.48 -8.79 16.11
N GLY A 3 -8.53 -9.00 15.32
CA GLY A 3 -9.38 -10.18 15.49
C GLY A 3 -8.81 -11.37 14.71
N ASP A 4 -9.69 -12.25 14.24
CA ASP A 4 -9.43 -13.05 13.03
C ASP A 4 -9.69 -12.15 11.79
N THR A 5 -8.75 -11.23 11.53
CA THR A 5 -8.92 -10.08 10.63
C THR A 5 -7.62 -9.73 9.91
N ASP A 6 -7.74 -8.88 8.88
CA ASP A 6 -6.68 -7.99 8.43
C ASP A 6 -5.97 -7.27 9.60
N GLN A 7 -4.68 -7.01 9.43
CA GLN A 7 -3.89 -6.22 10.40
C GLN A 7 -4.28 -4.73 10.36
N PRO A 8 -4.08 -4.00 11.48
CA PRO A 8 -4.29 -2.55 11.49
C PRO A 8 -3.32 -1.82 10.56
N ILE A 9 -3.85 -0.87 9.79
CA ILE A 9 -3.07 -0.05 8.85
C ILE A 9 -2.56 1.18 9.58
N HIS A 10 -1.26 1.48 9.47
CA HIS A 10 -0.61 2.63 10.07
C HIS A 10 -0.18 3.65 9.00
N ILE A 11 -0.42 4.95 9.23
CA ILE A 11 -0.09 6.04 8.29
C ILE A 11 0.59 7.20 9.04
N GLU A 12 1.79 7.61 8.62
CA GLU A 12 2.46 8.83 9.09
C GLU A 12 2.50 9.90 7.97
N SER A 13 1.84 11.05 8.18
CA SER A 13 1.73 12.16 7.21
C SER A 13 2.01 13.54 7.84
N ASP A 14 2.36 14.54 7.02
CA ASP A 14 2.80 15.85 7.53
C ASP A 14 1.62 16.79 7.84
N GLN A 15 0.70 16.98 6.90
CA GLN A 15 -0.48 17.82 7.12
C GLN A 15 -1.65 17.37 6.24
N GLN A 16 -2.84 17.34 6.83
CA GLN A 16 -4.11 16.95 6.22
C GLN A 16 -5.29 17.63 6.93
N SER A 17 -6.52 17.39 6.46
CA SER A 17 -7.77 17.75 7.13
C SER A 17 -8.69 16.54 7.27
N LEU A 18 -9.74 16.65 8.09
CA LEU A 18 -10.75 15.60 8.31
C LEU A 18 -12.10 15.99 7.70
N ASP A 19 -12.92 14.97 7.45
CA ASP A 19 -14.19 15.09 6.73
C ASP A 19 -15.33 15.61 7.61
N MET A 20 -16.10 16.58 7.10
CA MET A 20 -17.36 17.07 7.68
C MET A 20 -18.50 16.02 7.67
N GLN A 21 -18.33 14.91 6.94
CA GLN A 21 -19.19 13.71 7.00
C GLN A 21 -18.46 12.48 7.59
N GLY A 22 -17.22 12.63 8.08
CA GLY A 22 -16.46 11.61 8.81
C GLY A 22 -16.04 10.35 8.03
N ASN A 23 -16.17 10.31 6.70
CA ASN A 23 -16.11 9.07 5.90
C ASN A 23 -15.15 9.09 4.68
N VAL A 24 -14.76 10.26 4.17
CA VAL A 24 -13.84 10.41 3.01
C VAL A 24 -12.69 11.39 3.31
N VAL A 25 -11.46 10.88 3.46
CA VAL A 25 -10.29 11.71 3.80
C VAL A 25 -9.07 11.47 2.91
N THR A 26 -8.03 12.26 3.14
CA THR A 26 -6.72 12.18 2.49
C THR A 26 -5.62 12.38 3.54
N PHE A 27 -4.46 11.75 3.34
CA PHE A 27 -3.25 11.95 4.14
C PHE A 27 -2.11 12.42 3.22
N THR A 28 -1.34 13.43 3.62
CA THR A 28 -0.48 14.19 2.69
C THR A 28 0.84 14.68 3.29
N GLY A 29 1.84 14.83 2.41
CA GLY A 29 3.18 15.34 2.73
C GLY A 29 4.12 14.24 3.18
N ASN A 30 5.02 13.80 2.28
CA ASN A 30 6.09 12.80 2.50
C ASN A 30 5.65 11.66 3.43
N VAL A 31 4.62 10.94 2.99
CA VAL A 31 3.79 10.03 3.79
C VAL A 31 4.45 8.66 3.87
N ILE A 32 4.36 7.98 5.01
CA ILE A 32 4.67 6.55 5.15
C ILE A 32 3.40 5.78 5.47
N VAL A 33 3.13 4.70 4.74
CA VAL A 33 2.11 3.69 5.08
C VAL A 33 2.80 2.40 5.48
N THR A 34 2.37 1.81 6.59
CA THR A 34 2.99 0.60 7.18
C THR A 34 1.91 -0.42 7.54
N LEU A 35 2.12 -1.68 7.14
CA LEU A 35 1.21 -2.81 7.38
C LEU A 35 2.00 -4.12 7.25
N GLY A 36 1.96 -5.03 8.23
CA GLY A 36 2.68 -6.32 8.14
C GLY A 36 4.19 -6.22 7.86
N THR A 37 4.82 -5.10 8.26
CA THR A 37 6.21 -4.73 7.92
C THR A 37 6.48 -4.60 6.40
N ILE A 38 5.42 -4.43 5.59
CA ILE A 38 5.46 -3.69 4.33
C ILE A 38 5.60 -2.19 4.68
N LYS A 39 6.44 -1.46 3.95
CA LYS A 39 6.50 0.01 3.97
C LYS A 39 6.13 0.55 2.60
N ILE A 40 5.40 1.65 2.54
CA ILE A 40 5.14 2.40 1.32
C ILE A 40 5.44 3.88 1.58
N ASN A 41 6.45 4.42 0.89
CA ASN A 41 6.72 5.85 0.85
C ASN A 41 5.84 6.49 -0.22
N ALA A 42 5.17 7.58 0.14
CA ALA A 42 4.15 8.25 -0.61
C ALA A 42 4.21 9.78 -0.42
N ASP A 43 3.27 10.48 -1.05
CA ASP A 43 3.09 11.92 -1.04
C ASP A 43 1.63 12.28 -0.76
N LYS A 44 0.70 11.49 -1.31
CA LYS A 44 -0.74 11.60 -1.09
C LYS A 44 -1.39 10.22 -1.01
N VAL A 45 -2.23 10.01 0.01
CA VAL A 45 -2.92 8.75 0.35
C VAL A 45 -4.41 9.03 0.59
N VAL A 46 -5.28 8.02 0.41
CA VAL A 46 -6.74 8.08 0.59
C VAL A 46 -7.22 6.93 1.46
N VAL A 47 -8.20 7.19 2.32
CA VAL A 47 -9.07 6.14 2.91
C VAL A 47 -10.54 6.59 2.79
N THR A 48 -11.42 5.67 2.38
CA THR A 48 -12.83 5.98 2.09
C THR A 48 -13.75 4.82 2.45
N ARG A 49 -14.82 5.11 3.22
CA ARG A 49 -15.81 4.13 3.69
C ARG A 49 -17.25 4.66 3.60
N PRO A 50 -18.26 3.77 3.42
CA PRO A 50 -19.68 4.16 3.37
C PRO A 50 -20.37 4.01 4.74
N GLY A 51 -19.75 4.52 5.82
CA GLY A 51 -20.24 4.35 7.19
C GLY A 51 -20.24 2.90 7.74
N GLY A 52 -19.76 1.92 6.96
CA GLY A 52 -19.86 0.49 7.26
C GLY A 52 -20.94 -0.25 6.45
N GLU A 53 -21.66 0.41 5.55
CA GLU A 53 -22.60 -0.24 4.62
C GLU A 53 -21.90 -1.33 3.77
N GLN A 54 -22.50 -2.52 3.70
CA GLN A 54 -21.92 -3.78 3.21
C GLN A 54 -20.51 -4.13 3.75
N GLY A 55 -20.02 -3.45 4.79
CA GLY A 55 -18.73 -3.71 5.43
C GLY A 55 -17.51 -3.54 4.52
N LYS A 56 -17.59 -2.72 3.45
CA LYS A 56 -16.51 -2.56 2.48
C LYS A 56 -16.06 -1.12 2.23
N GLU A 57 -14.74 -0.97 2.21
CA GLU A 57 -13.99 0.28 2.17
C GLU A 57 -12.60 0.02 1.56
N VAL A 58 -11.94 1.09 1.08
CA VAL A 58 -10.72 1.00 0.25
C VAL A 58 -9.63 1.97 0.70
N ILE A 59 -8.38 1.64 0.32
CA ILE A 59 -7.16 2.40 0.62
C ILE A 59 -6.39 2.60 -0.69
N ASP A 60 -5.98 3.83 -1.00
CA ASP A 60 -5.23 4.19 -2.22
C ASP A 60 -4.05 5.14 -1.91
N GLY A 61 -2.99 5.13 -2.72
CA GLY A 61 -1.82 6.00 -2.49
C GLY A 61 -0.92 6.24 -3.71
N TYR A 62 -0.32 7.43 -3.74
CA TYR A 62 0.58 7.95 -4.76
C TYR A 62 1.81 8.61 -4.09
N GLY A 63 2.97 8.58 -4.76
CA GLY A 63 4.23 9.13 -4.23
C GLY A 63 5.09 9.87 -5.26
N LYS A 64 5.68 10.99 -4.85
CA LYS A 64 6.75 11.70 -5.56
C LYS A 64 7.97 11.92 -4.65
N PRO A 65 8.94 10.98 -4.59
CA PRO A 65 8.93 9.64 -5.20
C PRO A 65 8.06 8.63 -4.44
N ALA A 66 7.69 7.54 -5.10
CA ALA A 66 7.07 6.38 -4.46
C ALA A 66 8.12 5.29 -4.24
N THR A 67 8.10 4.62 -3.08
CA THR A 67 8.91 3.40 -2.83
C THR A 67 8.07 2.35 -2.12
N PHE A 68 8.15 1.09 -2.53
CA PHE A 68 7.49 -0.05 -1.91
C PHE A 68 8.53 -1.03 -1.35
N TYR A 69 8.62 -1.10 -0.03
CA TYR A 69 9.45 -2.06 0.69
C TYR A 69 8.60 -3.23 1.16
N GLN A 70 9.18 -4.42 1.13
CA GLN A 70 8.69 -5.57 1.88
C GLN A 70 9.86 -6.38 2.43
N MET A 71 9.57 -7.32 3.33
CA MET A 71 10.37 -8.54 3.40
C MET A 71 9.82 -9.58 2.42
N GLN A 72 10.67 -10.46 1.91
CA GLN A 72 10.27 -11.69 1.23
C GLN A 72 10.34 -12.86 2.21
N ASP A 73 9.43 -13.82 2.03
CA ASP A 73 9.19 -14.99 2.88
C ASP A 73 10.46 -15.85 3.09
N ASN A 74 11.39 -15.82 2.12
CA ASN A 74 12.74 -16.41 2.21
C ASN A 74 13.73 -15.62 3.10
N GLY A 75 13.25 -14.78 4.03
CA GLY A 75 14.07 -14.10 5.05
C GLY A 75 14.93 -12.93 4.55
N LYS A 76 14.44 -12.15 3.57
CA LYS A 76 15.21 -11.07 2.93
C LYS A 76 14.46 -9.72 2.93
N PRO A 77 15.15 -8.56 2.99
CA PRO A 77 14.57 -7.26 2.66
C PRO A 77 14.46 -7.06 1.13
N VAL A 78 13.49 -6.26 0.69
CA VAL A 78 13.22 -5.95 -0.73
C VAL A 78 12.72 -4.50 -0.87
N GLU A 79 13.04 -3.83 -1.98
CA GLU A 79 12.53 -2.50 -2.36
C GLU A 79 12.00 -2.49 -3.80
N GLY A 80 11.26 -1.43 -4.13
CA GLY A 80 10.62 -1.23 -5.43
C GLY A 80 9.94 0.13 -5.55
N HIS A 81 9.23 0.37 -6.66
CA HIS A 81 8.40 1.56 -6.89
C HIS A 81 7.15 1.24 -7.73
N ALA A 82 6.14 2.12 -7.69
CA ALA A 82 5.01 2.15 -8.61
C ALA A 82 4.33 3.53 -8.57
N SER A 83 3.58 3.87 -9.62
CA SER A 83 2.87 5.15 -9.72
C SER A 83 1.66 5.27 -8.81
N GLN A 84 1.02 4.15 -8.44
CA GLN A 84 -0.12 4.11 -7.52
C GLN A 84 -0.20 2.75 -6.81
N MET A 85 -0.82 2.70 -5.64
CA MET A 85 -1.07 1.50 -4.83
C MET A 85 -2.55 1.43 -4.38
N HIS A 86 -3.11 0.23 -4.23
CA HIS A 86 -4.50 0.03 -3.79
C HIS A 86 -4.70 -1.26 -2.95
N TYR A 87 -5.62 -1.21 -1.99
CA TYR A 87 -6.06 -2.36 -1.15
C TYR A 87 -7.56 -2.30 -0.80
N GLU A 88 -8.18 -3.46 -0.55
CA GLU A 88 -9.56 -3.65 -0.08
C GLU A 88 -9.65 -4.93 0.79
N LEU A 89 -10.47 -4.92 1.85
CA LEU A 89 -10.54 -5.96 2.90
C LEU A 89 -11.26 -7.28 2.51
N ALA A 90 -10.87 -7.89 1.39
CA ALA A 90 -11.18 -9.27 1.00
C ALA A 90 -10.29 -9.68 -0.19
N LYS A 91 -8.97 -9.48 -0.07
CA LYS A 91 -8.03 -9.58 -1.20
C LYS A 91 -6.70 -10.29 -0.88
N ASP A 92 -6.39 -10.59 0.38
CA ASP A 92 -5.10 -11.13 0.88
C ASP A 92 -3.80 -10.33 0.55
N PHE A 93 -3.86 -9.37 -0.38
CA PHE A 93 -2.72 -8.74 -1.03
C PHE A 93 -2.88 -7.21 -1.14
N VAL A 94 -1.79 -6.54 -1.51
CA VAL A 94 -1.78 -5.13 -1.97
C VAL A 94 -1.34 -5.11 -3.43
N VAL A 95 -1.97 -4.26 -4.25
CA VAL A 95 -1.71 -4.17 -5.69
C VAL A 95 -1.13 -2.80 -6.02
N LEU A 96 -0.14 -2.76 -6.91
CA LEU A 96 0.60 -1.59 -7.34
C LEU A 96 0.49 -1.47 -8.86
N THR A 97 0.20 -0.29 -9.42
CA THR A 97 0.07 -0.13 -10.89
C THR A 97 0.58 1.20 -11.44
N GLY A 98 0.83 1.19 -12.76
CA GLY A 98 1.58 2.16 -13.52
C GLY A 98 3.06 2.15 -13.18
N ASN A 99 3.93 1.86 -14.16
CA ASN A 99 5.38 2.14 -14.09
C ASN A 99 6.04 1.48 -12.85
N ALA A 100 5.78 0.19 -12.66
CA ALA A 100 6.11 -0.57 -11.44
C ALA A 100 7.44 -1.34 -11.55
N TYR A 101 8.13 -1.53 -10.43
CA TYR A 101 9.43 -2.22 -10.29
C TYR A 101 9.57 -2.86 -8.90
N LEU A 102 10.02 -4.12 -8.81
CA LEU A 102 10.50 -4.77 -7.57
C LEU A 102 11.58 -5.82 -7.92
N GLN A 103 12.64 -5.91 -7.10
CA GLN A 103 13.77 -6.80 -7.40
C GLN A 103 14.46 -7.33 -6.13
N GLN A 104 14.81 -8.62 -6.16
CA GLN A 104 15.80 -9.28 -5.32
C GLN A 104 17.00 -9.71 -6.19
N VAL A 105 18.02 -10.31 -5.58
CA VAL A 105 19.05 -11.08 -6.33
C VAL A 105 18.45 -12.32 -7.02
N ASP A 106 17.33 -12.83 -6.51
CA ASP A 106 16.65 -14.06 -6.94
C ASP A 106 15.62 -13.84 -8.06
N SER A 107 15.12 -12.62 -8.23
CA SER A 107 13.90 -12.33 -9.02
C SER A 107 13.77 -10.84 -9.35
N ASN A 108 13.22 -10.55 -10.53
CA ASN A 108 12.94 -9.20 -11.00
C ASN A 108 11.53 -9.18 -11.60
N ILE A 109 10.69 -8.22 -11.18
CA ILE A 109 9.39 -7.94 -11.79
C ILE A 109 9.26 -6.44 -12.03
N LYS A 110 8.97 -6.03 -13.28
CA LYS A 110 8.79 -4.63 -13.66
C LYS A 110 8.01 -4.48 -14.96
N GLY A 111 7.26 -3.37 -15.09
CA GLY A 111 6.33 -3.12 -16.19
C GLY A 111 5.09 -2.35 -15.73
N ASP A 112 3.91 -2.81 -16.12
CA ASP A 112 2.62 -2.23 -15.76
C ASP A 112 2.38 -2.17 -14.24
N LYS A 113 2.48 -3.33 -13.58
CA LYS A 113 1.74 -3.68 -12.36
C LYS A 113 2.51 -4.71 -11.55
N ILE A 114 2.41 -4.63 -10.23
CA ILE A 114 2.99 -5.58 -9.27
C ILE A 114 1.94 -5.97 -8.23
N THR A 115 1.99 -7.23 -7.82
CA THR A 115 1.35 -7.77 -6.62
C THR A 115 2.28 -8.82 -6.03
N TYR A 116 2.24 -9.01 -4.71
CA TYR A 116 2.98 -10.09 -4.04
C TYR A 116 2.06 -10.84 -3.08
N LEU A 117 2.10 -12.17 -3.14
CA LEU A 117 1.23 -13.01 -2.31
C LEU A 117 2.03 -13.49 -1.11
N VAL A 118 1.72 -12.97 0.08
CA VAL A 118 2.43 -13.25 1.37
C VAL A 118 2.12 -14.66 1.94
N LYS A 119 2.16 -15.66 1.05
CA LYS A 119 2.02 -17.10 1.30
C LYS A 119 2.37 -17.98 0.09
N GLU A 120 2.48 -17.47 -1.14
CA GLU A 120 2.58 -18.30 -2.35
C GLU A 120 3.25 -17.57 -3.55
N GLN A 121 4.04 -18.30 -4.36
CA GLN A 121 4.83 -17.73 -5.45
C GLN A 121 4.04 -17.50 -6.76
N LYS A 122 3.14 -16.49 -6.78
CA LYS A 122 2.43 -16.04 -8.01
C LYS A 122 2.70 -14.58 -8.43
N MET A 123 3.87 -14.04 -8.09
CA MET A 123 4.34 -12.78 -8.68
C MET A 123 4.55 -12.97 -10.20
N GLN A 124 3.79 -12.25 -11.02
CA GLN A 124 3.66 -12.48 -12.46
C GLN A 124 3.30 -11.16 -13.16
N ALA A 125 3.55 -11.08 -14.47
CA ALA A 125 2.96 -10.05 -15.32
C ALA A 125 1.43 -10.22 -15.43
N PHE A 126 0.71 -9.11 -15.27
CA PHE A 126 -0.75 -8.98 -15.37
C PHE A 126 -1.13 -7.66 -16.07
N SER A 127 -0.54 -7.42 -17.25
CA SER A 127 -0.53 -6.12 -17.94
C SER A 127 -1.91 -5.50 -18.15
N ASP A 128 -1.98 -4.18 -17.98
CA ASP A 128 -3.14 -3.54 -17.35
C ASP A 128 -4.16 -2.94 -18.34
N LYS A 129 -5.31 -2.54 -17.80
CA LYS A 129 -6.47 -2.02 -18.54
C LYS A 129 -6.95 -0.64 -18.03
N GLY A 130 -6.29 -0.08 -17.02
CA GLY A 130 -6.43 1.32 -16.62
C GLY A 130 -5.38 1.73 -15.59
N LYS A 131 -4.67 2.85 -15.83
CA LYS A 131 -3.66 3.39 -14.92
C LYS A 131 -4.30 4.02 -13.68
N ARG A 132 -4.63 3.18 -12.71
CA ARG A 132 -5.32 3.59 -11.47
C ARG A 132 -4.92 2.73 -10.28
N VAL B 1 -11.73 -1.70 7.91
CA VAL B 1 -10.42 -1.90 8.57
C VAL B 1 -10.17 -1.05 9.84
N ILE B 3 -7.72 1.35 11.45
CA ILE B 3 -6.67 2.27 10.97
C ILE B 3 -6.10 3.07 12.15
N ILE B 4 -4.83 3.43 12.08
CA ILE B 4 -4.21 4.48 12.88
C ILE B 4 -3.49 5.46 11.95
N TYR B 5 -3.75 6.75 12.11
CA TYR B 5 -3.00 7.81 11.45
C TYR B 5 -2.29 8.68 12.48
N ASN B 7 0.63 12.16 12.87
CA ASN B 7 1.37 13.25 12.25
C ASN B 7 2.89 12.98 12.38
N ARG B 8 3.66 12.97 11.29
CA ARG B 8 5.12 13.22 11.38
C ARG B 8 5.37 14.62 11.92
N THR B 10 3.85 16.43 14.16
CA THR B 10 3.67 16.62 15.62
C THR B 10 3.94 15.38 16.48
N LYS B 12 1.92 12.79 17.17
CA LYS B 12 0.67 12.39 17.84
C LYS B 12 -0.37 11.85 16.84
N CYS B 13 -1.32 11.04 17.35
CA CYS B 13 -2.06 10.03 16.59
C CYS B 13 -3.58 10.04 16.80
N TYR B 16 -8.77 5.45 13.00
CA TYR B 16 -9.97 5.41 12.14
C TYR B 16 -10.57 4.00 12.15
N VAL A 1 -21.45 -11.79 9.18
CA VAL A 1 -21.70 -13.23 8.88
C VAL A 1 -20.48 -13.83 8.22
N THR A 2 -20.00 -13.21 7.15
CA THR A 2 -18.56 -12.95 6.95
C THR A 2 -17.95 -12.22 8.16
N GLY A 3 -16.63 -12.29 8.31
CA GLY A 3 -15.84 -11.67 9.40
C GLY A 3 -14.95 -10.54 8.89
N ASP A 4 -15.54 -9.52 8.27
CA ASP A 4 -14.85 -8.45 7.53
C ASP A 4 -13.92 -7.59 8.40
N THR A 5 -12.62 -7.93 8.47
CA THR A 5 -11.60 -7.09 9.11
C THR A 5 -10.19 -7.33 8.57
N ASP A 6 -9.28 -6.40 8.91
CA ASP A 6 -7.83 -6.42 8.69
C ASP A 6 -7.18 -5.60 9.82
N GLN A 7 -5.86 -5.52 9.84
CA GLN A 7 -5.06 -4.69 10.74
C GLN A 7 -5.57 -3.24 10.90
N PRO A 8 -5.35 -2.60 12.07
CA PRO A 8 -5.42 -1.15 12.19
C PRO A 8 -4.22 -0.55 11.43
N ILE A 9 -4.49 0.13 10.32
CA ILE A 9 -3.46 0.59 9.38
C ILE A 9 -2.74 1.83 9.94
N HIS A 10 -1.41 1.86 9.86
CA HIS A 10 -0.58 2.93 10.44
C HIS A 10 0.11 3.76 9.35
N ILE A 11 -0.09 5.09 9.39
CA ILE A 11 0.44 6.01 8.38
C ILE A 11 1.11 7.20 9.07
N GLU A 12 2.32 7.58 8.67
CA GLU A 12 2.89 8.89 9.01
C GLU A 12 2.68 9.88 7.84
N SER A 13 2.26 11.12 8.10
CA SER A 13 2.05 12.16 7.08
C SER A 13 2.34 13.57 7.60
N ASP A 14 2.85 14.49 6.78
CA ASP A 14 3.08 15.89 7.19
C ASP A 14 1.77 16.61 7.51
N GLN A 15 0.79 16.54 6.61
CA GLN A 15 -0.46 17.30 6.66
C GLN A 15 -1.63 16.46 6.12
N GLN A 16 -2.84 16.72 6.61
CA GLN A 16 -4.06 16.04 6.18
C GLN A 16 -5.31 16.89 6.48
N SER A 17 -6.51 16.38 6.18
CA SER A 17 -7.77 16.90 6.71
C SER A 17 -8.69 15.79 7.21
N LEU A 18 -9.60 16.10 8.13
CA LEU A 18 -10.42 15.14 8.88
C LEU A 18 -11.91 15.51 8.76
N ASP A 19 -12.73 14.59 8.24
CA ASP A 19 -14.10 14.87 7.84
C ASP A 19 -15.14 14.66 8.97
N MET A 20 -16.21 15.45 8.95
CA MET A 20 -17.31 15.36 9.93
C MET A 20 -18.31 14.22 9.67
N GLN A 21 -18.02 13.33 8.71
CA GLN A 21 -18.89 12.22 8.31
C GLN A 21 -18.22 10.83 8.50
N GLY A 22 -16.93 10.79 8.89
CA GLY A 22 -16.14 9.56 9.05
C GLY A 22 -16.02 8.74 7.75
N ASN A 23 -16.11 9.40 6.59
CA ASN A 23 -16.49 8.77 5.33
C ASN A 23 -15.38 8.81 4.26
N VAL A 24 -14.71 9.94 4.02
CA VAL A 24 -13.54 10.04 3.14
C VAL A 24 -12.54 11.08 3.65
N VAL A 25 -11.25 10.74 3.73
CA VAL A 25 -10.15 11.67 4.06
C VAL A 25 -8.89 11.36 3.25
N THR A 26 -8.00 12.34 3.15
CA THR A 26 -6.72 12.22 2.43
C THR A 26 -5.56 12.83 3.23
N PHE A 27 -4.40 12.17 3.20
CA PHE A 27 -3.18 12.60 3.89
C PHE A 27 -2.05 12.84 2.86
N THR A 28 -1.14 13.78 3.14
CA THR A 28 -0.11 14.23 2.20
C THR A 28 1.19 14.71 2.87
N GLY A 29 2.24 14.80 2.04
CA GLY A 29 3.59 15.26 2.41
C GLY A 29 4.37 14.20 3.19
N ASN A 30 5.53 13.78 2.64
CA ASN A 30 6.40 12.75 3.21
C ASN A 30 5.62 11.52 3.74
N VAL A 31 4.58 11.08 3.02
CA VAL A 31 3.53 10.22 3.61
C VAL A 31 3.90 8.74 3.48
N ILE A 32 4.12 8.11 4.64
CA ILE A 32 4.65 6.76 4.81
C ILE A 32 3.53 5.83 5.27
N VAL A 33 2.94 5.09 4.34
CA VAL A 33 1.93 4.07 4.63
C VAL A 33 2.64 2.80 5.13
N THR A 34 2.28 2.30 6.31
CA THR A 34 2.90 1.10 6.91
C THR A 34 1.85 0.05 7.25
N LEU A 35 1.93 -1.08 6.56
CA LEU A 35 1.02 -2.23 6.64
C LEU A 35 1.69 -3.40 7.38
N GLY A 36 1.96 -3.20 8.67
CA GLY A 36 2.51 -4.19 9.63
C GLY A 36 3.94 -4.66 9.41
N THR A 37 4.25 -5.16 8.21
CA THR A 37 5.54 -5.73 7.78
C THR A 37 5.94 -5.22 6.38
N ILE A 38 5.11 -4.35 5.79
CA ILE A 38 5.29 -3.69 4.49
C ILE A 38 5.21 -2.16 4.70
N LYS A 39 5.95 -1.38 3.91
CA LYS A 39 5.98 0.09 3.94
C LYS A 39 6.00 0.68 2.52
N ILE A 40 5.33 1.81 2.33
CA ILE A 40 5.28 2.57 1.07
C ILE A 40 5.56 4.05 1.36
N ASN A 41 6.43 4.67 0.56
CA ASN A 41 6.62 6.13 0.52
C ASN A 41 5.74 6.74 -0.57
N ALA A 42 4.99 7.80 -0.25
CA ALA A 42 4.07 8.48 -1.15
C ALA A 42 4.02 10.01 -0.91
N ASP A 43 3.27 10.70 -1.76
CA ASP A 43 2.89 12.12 -1.62
C ASP A 43 1.42 12.27 -1.25
N LYS A 44 0.57 11.30 -1.63
CA LYS A 44 -0.86 11.25 -1.33
C LYS A 44 -1.25 9.86 -0.84
N VAL A 45 -2.21 9.81 0.08
CA VAL A 45 -3.01 8.63 0.39
C VAL A 45 -4.47 9.03 0.59
N VAL A 46 -5.40 8.16 0.25
CA VAL A 46 -6.85 8.32 0.41
C VAL A 46 -7.41 7.11 1.15
N VAL A 47 -8.19 7.36 2.21
CA VAL A 47 -8.81 6.32 3.05
C VAL A 47 -10.29 6.65 3.29
N THR A 48 -11.12 5.64 3.50
CA THR A 48 -12.58 5.78 3.48
C THR A 48 -13.31 4.73 4.32
N ARG A 49 -14.54 5.06 4.75
CA ARG A 49 -15.60 4.09 5.06
C ARG A 49 -16.83 4.38 4.18
N PRO A 50 -17.38 3.37 3.48
CA PRO A 50 -18.72 3.48 2.89
C PRO A 50 -19.78 3.55 4.00
N GLY A 51 -20.90 4.22 3.75
CA GLY A 51 -21.99 4.40 4.72
C GLY A 51 -23.37 4.32 4.05
N GLY A 52 -24.18 3.31 4.40
CA GLY A 52 -25.45 2.99 3.75
C GLY A 52 -25.28 2.37 2.35
N GLU A 53 -24.46 3.00 1.52
CA GLU A 53 -23.79 2.40 0.36
C GLU A 53 -23.18 1.04 0.71
N GLN A 54 -23.44 0.02 -0.11
CA GLN A 54 -22.90 -1.33 0.06
C GLN A 54 -21.52 -1.49 -0.60
N GLY A 55 -20.66 -0.48 -0.44
CA GLY A 55 -19.26 -0.51 -0.89
C GLY A 55 -18.37 -1.35 0.03
N LYS A 56 -17.07 -1.36 -0.26
CA LYS A 56 -16.10 -2.16 0.50
C LYS A 56 -14.72 -1.50 0.61
N GLU A 57 -13.86 -2.10 1.43
CA GLU A 57 -12.60 -1.53 1.89
C GLU A 57 -11.54 -1.37 0.79
N VAL A 58 -11.16 -0.11 0.52
CA VAL A 58 -10.00 0.25 -0.32
C VAL A 58 -9.21 1.37 0.37
N ILE A 59 -7.89 1.34 0.21
CA ILE A 59 -6.98 2.47 0.43
C ILE A 59 -6.11 2.62 -0.82
N ASP A 60 -5.86 3.84 -1.28
CA ASP A 60 -5.01 4.11 -2.46
C ASP A 60 -4.08 5.30 -2.22
N GLY A 61 -2.98 5.38 -2.96
CA GLY A 61 -1.99 6.44 -2.84
C GLY A 61 -1.02 6.52 -4.01
N TYR A 62 -0.39 7.68 -4.18
CA TYR A 62 0.58 7.94 -5.26
C TYR A 62 1.78 8.75 -4.73
N GLY A 63 2.95 8.55 -5.34
CA GLY A 63 4.23 9.07 -4.84
C GLY A 63 5.04 9.86 -5.87
N LYS A 64 5.69 10.93 -5.39
CA LYS A 64 6.62 11.79 -6.13
C LYS A 64 7.80 12.19 -5.23
N PRO A 65 8.75 11.28 -4.95
CA PRO A 65 8.90 9.92 -5.48
C PRO A 65 8.01 8.87 -4.79
N ALA A 66 7.88 7.70 -5.42
CA ALA A 66 7.20 6.52 -4.87
C ALA A 66 8.20 5.39 -4.61
N THR A 67 8.10 4.70 -3.47
CA THR A 67 8.85 3.44 -3.19
C THR A 67 8.02 2.48 -2.33
N PHE A 68 8.35 1.20 -2.43
CA PHE A 68 7.78 0.07 -1.70
C PHE A 68 8.93 -0.71 -1.03
N TYR A 69 8.74 -1.11 0.22
CA TYR A 69 9.71 -1.91 0.98
C TYR A 69 9.00 -2.92 1.88
N GLN A 70 9.53 -4.12 1.97
CA GLN A 70 8.97 -5.22 2.75
C GLN A 70 10.11 -6.08 3.33
N MET A 71 9.86 -6.72 4.47
CA MET A 71 10.77 -7.76 5.00
C MET A 71 10.45 -9.11 4.36
N GLN A 72 11.50 -9.79 3.88
CA GLN A 72 11.41 -11.04 3.12
C GLN A 72 11.16 -12.26 4.01
N ASP A 73 10.57 -13.27 3.38
CA ASP A 73 10.41 -14.67 3.77
C ASP A 73 11.63 -15.29 4.49
N ASN A 74 12.86 -14.90 4.07
CA ASN A 74 14.12 -15.44 4.58
C ASN A 74 14.84 -14.51 5.59
N GLY A 75 14.23 -13.40 6.02
CA GLY A 75 14.92 -12.38 6.83
C GLY A 75 15.97 -11.62 6.01
N LYS A 76 15.50 -10.95 4.95
CA LYS A 76 16.23 -10.21 3.90
C LYS A 76 15.33 -9.03 3.45
N PRO A 77 15.76 -8.09 2.58
CA PRO A 77 14.84 -7.08 2.00
C PRO A 77 13.93 -7.64 0.88
N VAL A 78 12.83 -6.94 0.61
CA VAL A 78 12.02 -6.97 -0.63
C VAL A 78 11.76 -5.51 -1.00
N GLU A 79 11.96 -5.16 -2.27
CA GLU A 79 12.16 -3.76 -2.71
C GLU A 79 11.32 -3.45 -3.96
N GLY A 80 10.81 -2.24 -4.13
CA GLY A 80 10.11 -1.88 -5.37
C GLY A 80 9.61 -0.44 -5.49
N HIS A 81 8.85 -0.18 -6.55
CA HIS A 81 8.03 1.02 -6.72
C HIS A 81 6.93 0.80 -7.76
N ALA A 82 5.86 1.60 -7.64
CA ALA A 82 4.88 1.87 -8.69
C ALA A 82 4.36 3.31 -8.49
N SER A 83 3.79 3.92 -9.52
CA SER A 83 3.34 5.32 -9.47
C SER A 83 2.09 5.49 -8.60
N GLN A 84 1.17 4.52 -8.63
CA GLN A 84 -0.06 4.47 -7.84
C GLN A 84 -0.24 3.06 -7.24
N MET A 85 -0.74 2.99 -5.99
CA MET A 85 -0.71 1.80 -5.13
C MET A 85 -2.01 1.67 -4.31
N HIS A 86 -2.94 0.89 -4.85
CA HIS A 86 -4.31 0.65 -4.39
C HIS A 86 -4.40 -0.67 -3.60
N TYR A 87 -4.32 -0.58 -2.28
CA TYR A 87 -4.57 -1.68 -1.34
C TYR A 87 -6.07 -2.04 -1.35
N GLU A 88 -6.40 -3.09 -2.10
CA GLU A 88 -7.75 -3.66 -2.21
C GLU A 88 -7.99 -4.63 -1.05
N LEU A 89 -8.13 -4.08 0.15
CA LEU A 89 -8.42 -4.79 1.40
C LEU A 89 -9.70 -5.65 1.25
N ALA A 90 -10.67 -5.19 0.47
CA ALA A 90 -11.87 -5.90 0.02
C ALA A 90 -11.63 -7.28 -0.66
N LYS A 91 -10.40 -7.57 -1.09
CA LYS A 91 -9.98 -8.77 -1.84
C LYS A 91 -8.65 -9.35 -1.34
N ASP A 92 -8.19 -8.94 -0.15
CA ASP A 92 -6.91 -9.32 0.45
C ASP A 92 -5.68 -8.91 -0.39
N PHE A 93 -5.78 -7.84 -1.20
CA PHE A 93 -4.94 -7.66 -2.38
C PHE A 93 -4.35 -6.25 -2.53
N VAL A 94 -3.41 -6.07 -3.46
CA VAL A 94 -2.85 -4.77 -3.86
C VAL A 94 -2.76 -4.66 -5.39
N VAL A 95 -3.55 -3.74 -5.94
CA VAL A 95 -3.39 -3.26 -7.33
C VAL A 95 -2.33 -2.16 -7.31
N LEU A 96 -1.31 -2.26 -8.15
CA LEU A 96 -0.32 -1.19 -8.32
C LEU A 96 0.08 -1.01 -9.78
N THR A 97 0.29 0.25 -10.19
CA THR A 97 0.30 0.63 -11.61
C THR A 97 1.21 1.82 -11.90
N GLY A 98 1.81 1.81 -13.08
CA GLY A 98 2.77 2.78 -13.58
C GLY A 98 4.18 2.52 -13.03
N ASN A 99 5.17 2.41 -13.90
CA ASN A 99 6.60 2.30 -13.53
C ASN A 99 6.88 1.10 -12.59
N ALA A 100 6.18 -0.03 -12.79
CA ALA A 100 6.11 -1.08 -11.79
C ALA A 100 7.41 -1.92 -11.73
N TYR A 101 7.98 -2.06 -10.53
CA TYR A 101 9.15 -2.87 -10.24
C TYR A 101 9.01 -3.50 -8.85
N LEU A 102 9.34 -4.79 -8.70
CA LEU A 102 9.33 -5.50 -7.42
C LEU A 102 10.41 -6.60 -7.40
N GLN A 103 11.25 -6.61 -6.37
CA GLN A 103 12.45 -7.45 -6.24
C GLN A 103 12.42 -8.32 -4.98
N GLN A 104 12.52 -9.63 -5.22
CA GLN A 104 12.87 -10.69 -4.27
C GLN A 104 14.38 -10.96 -4.29
N VAL A 105 14.86 -11.95 -3.50
CA VAL A 105 16.28 -12.39 -3.50
C VAL A 105 16.83 -12.83 -4.86
N ASP A 106 15.95 -13.19 -5.80
CA ASP A 106 16.24 -13.32 -7.24
C ASP A 106 15.19 -12.56 -8.07
N SER A 107 13.91 -12.85 -7.81
CA SER A 107 12.79 -12.50 -8.70
C SER A 107 12.56 -10.98 -8.76
N ASN A 108 13.22 -10.32 -9.71
CA ASN A 108 13.13 -8.87 -9.97
C ASN A 108 12.19 -8.60 -11.16
N ILE A 109 10.89 -8.76 -10.90
CA ILE A 109 9.84 -8.54 -11.90
C ILE A 109 9.59 -7.05 -12.13
N LYS A 110 9.31 -6.69 -13.38
CA LYS A 110 9.30 -5.30 -13.85
C LYS A 110 8.34 -5.13 -15.03
N GLY A 111 7.80 -3.93 -15.20
CA GLY A 111 6.83 -3.59 -16.23
C GLY A 111 6.02 -2.35 -15.85
N ASP A 112 4.70 -2.42 -15.98
CA ASP A 112 3.80 -1.31 -15.65
C ASP A 112 2.65 -1.68 -14.70
N LYS A 113 2.46 -2.98 -14.45
CA LYS A 113 1.53 -3.57 -13.49
C LYS A 113 2.13 -4.91 -13.04
N ILE A 114 2.18 -5.16 -11.74
CA ILE A 114 2.74 -6.37 -11.12
C ILE A 114 1.67 -7.03 -10.24
N THR A 115 1.74 -8.35 -10.04
CA THR A 115 0.93 -9.01 -9.00
C THR A 115 1.80 -9.55 -7.86
N TYR A 116 1.28 -9.43 -6.64
CA TYR A 116 1.74 -10.08 -5.41
C TYR A 116 0.52 -10.23 -4.48
N LEU A 117 0.52 -11.27 -3.64
CA LEU A 117 -0.62 -11.62 -2.78
C LEU A 117 -0.20 -11.48 -1.31
N VAL A 118 -0.99 -10.77 -0.50
CA VAL A 118 -0.65 -10.41 0.90
C VAL A 118 -0.72 -11.62 1.88
N LYS A 119 -0.69 -12.83 1.33
CA LYS A 119 -0.76 -14.13 2.03
C LYS A 119 -0.12 -15.30 1.26
N GLU A 120 0.49 -15.05 0.09
CA GLU A 120 0.86 -16.09 -0.88
C GLU A 120 2.05 -15.68 -1.77
N GLN A 121 2.82 -16.66 -2.25
CA GLN A 121 4.09 -16.43 -2.96
C GLN A 121 3.95 -16.31 -4.49
N LYS A 122 2.73 -16.15 -5.03
CA LYS A 122 2.48 -15.97 -6.48
C LYS A 122 2.72 -14.51 -6.91
N MET A 123 3.98 -14.10 -6.78
CA MET A 123 4.52 -12.83 -7.25
C MET A 123 4.92 -12.96 -8.74
N GLN A 124 4.31 -12.20 -9.65
CA GLN A 124 4.44 -12.45 -11.09
C GLN A 124 4.37 -11.19 -11.98
N ALA A 125 5.10 -11.22 -13.09
CA ALA A 125 5.12 -10.21 -14.15
C ALA A 125 3.96 -10.37 -15.16
N PHE A 126 3.66 -9.32 -15.93
CA PHE A 126 2.48 -9.25 -16.81
C PHE A 126 2.78 -8.55 -18.15
N SER A 127 2.20 -9.08 -19.23
CA SER A 127 2.40 -8.59 -20.62
C SER A 127 1.37 -7.52 -21.03
N ASP A 128 1.22 -6.48 -20.21
CA ASP A 128 0.15 -5.47 -20.36
C ASP A 128 0.34 -4.60 -21.62
N LYS A 129 -0.46 -4.90 -22.66
CA LYS A 129 -0.46 -4.24 -23.98
C LYS A 129 -1.10 -2.83 -23.96
N GLY A 130 -0.82 -2.03 -22.92
CA GLY A 130 -1.38 -0.68 -22.71
C GLY A 130 -0.49 0.28 -21.90
N LYS A 131 0.76 -0.11 -21.61
CA LYS A 131 1.75 0.59 -20.76
C LYS A 131 2.20 1.98 -21.28
N ARG A 132 1.30 2.94 -21.28
CA ARG A 132 1.33 4.17 -22.10
C ARG A 132 1.15 3.88 -23.58
N VAL B 1 -11.83 -0.21 7.69
CA VAL B 1 -11.08 -0.53 8.95
C VAL B 1 -10.57 0.76 9.67
N ILE B 3 -7.86 3.57 10.72
CA ILE B 3 -6.61 4.11 10.16
C ILE B 3 -5.99 5.08 11.17
N ILE B 4 -4.93 4.64 11.82
CA ILE B 4 -4.09 5.46 12.68
C ILE B 4 -3.21 6.31 11.77
N TYR B 5 -3.30 7.62 11.93
CA TYR B 5 -2.46 8.57 11.22
C TYR B 5 -1.65 9.40 12.23
N ASN B 7 1.19 12.41 12.75
CA ASN B 7 1.59 13.60 12.00
C ASN B 7 3.11 13.76 12.03
N ARG B 8 3.78 13.53 10.89
CA ARG B 8 5.23 13.68 10.68
C ARG B 8 5.70 15.03 11.22
N THR B 10 4.61 17.02 13.50
CA THR B 10 4.42 17.31 14.94
C THR B 10 4.77 16.15 15.90
N LYS B 12 2.63 13.85 16.85
CA LYS B 12 1.39 13.45 17.55
C LYS B 12 0.49 12.54 16.69
N CYS B 13 -0.12 11.54 17.34
CA CYS B 13 -0.96 10.53 16.70
C CYS B 13 -2.45 10.87 16.73
N TYR B 16 -8.82 7.64 12.08
CA TYR B 16 -10.15 7.00 12.01
C TYR B 16 -10.18 5.85 13.03
N VAL A 1 1.96 -11.10 26.01
CA VAL A 1 0.77 -11.76 25.43
C VAL A 1 0.87 -11.72 23.90
N THR A 2 0.02 -12.47 23.20
CA THR A 2 -0.18 -12.35 21.75
C THR A 2 -1.17 -11.21 21.43
N GLY A 3 -1.69 -11.12 20.20
CA GLY A 3 -2.50 -9.99 19.72
C GLY A 3 -3.30 -10.35 18.46
N ASP A 4 -4.04 -11.45 18.54
CA ASP A 4 -4.41 -12.29 17.39
C ASP A 4 -5.64 -11.78 16.64
N THR A 5 -5.49 -10.69 15.88
CA THR A 5 -6.55 -10.07 15.07
C THR A 5 -5.96 -9.35 13.85
N ASP A 6 -6.70 -9.28 12.75
CA ASP A 6 -6.31 -8.58 11.53
C ASP A 6 -5.98 -7.11 11.77
N GLN A 7 -4.82 -6.68 11.29
CA GLN A 7 -4.22 -5.41 11.68
C GLN A 7 -4.91 -4.20 11.02
N PRO A 8 -5.03 -3.06 11.72
CA PRO A 8 -5.29 -1.78 11.08
C PRO A 8 -4.05 -1.30 10.28
N ILE A 9 -4.28 -0.37 9.36
CA ILE A 9 -3.20 0.34 8.66
C ILE A 9 -2.65 1.43 9.58
N HIS A 10 -1.35 1.72 9.50
CA HIS A 10 -0.70 2.89 10.07
C HIS A 10 -0.23 3.83 8.95
N ILE A 11 -0.43 5.15 9.11
CA ILE A 11 -0.02 6.19 8.16
C ILE A 11 0.72 7.30 8.90
N GLU A 12 1.81 7.83 8.32
CA GLU A 12 2.28 9.18 8.66
C GLU A 12 2.21 10.14 7.45
N SER A 13 1.46 11.22 7.64
CA SER A 13 1.28 12.37 6.73
C SER A 13 1.61 13.66 7.47
N ASP A 14 1.86 14.78 6.79
CA ASP A 14 2.06 16.06 7.50
C ASP A 14 0.72 16.72 7.84
N GLN A 15 0.07 17.25 6.81
CA GLN A 15 -1.34 17.68 6.81
C GLN A 15 -2.27 16.46 6.65
N GLN A 16 -3.57 16.66 6.86
CA GLN A 16 -4.65 15.76 6.45
C GLN A 16 -5.79 16.55 5.79
N SER A 17 -6.63 15.88 5.02
CA SER A 17 -8.03 16.30 4.82
C SER A 17 -8.89 15.80 5.98
N LEU A 18 -9.96 16.52 6.31
CA LEU A 18 -10.89 16.20 7.39
C LEU A 18 -12.30 16.69 7.07
N ASP A 19 -13.28 16.18 7.83
CA ASP A 19 -14.71 16.40 7.67
C ASP A 19 -15.39 16.36 9.06
N MET A 20 -16.60 16.90 9.18
CA MET A 20 -17.40 16.90 10.41
C MET A 20 -17.85 15.49 10.85
N GLN A 21 -17.94 14.54 9.91
CA GLN A 21 -18.13 13.11 10.18
C GLN A 21 -16.79 12.34 10.12
N GLY A 22 -15.71 13.00 9.71
CA GLY A 22 -14.45 12.39 9.29
C GLY A 22 -14.57 11.42 8.10
N ASN A 23 -15.66 11.46 7.31
CA ASN A 23 -16.18 10.25 6.63
C ASN A 23 -15.19 9.60 5.64
N VAL A 24 -14.40 10.43 4.96
CA VAL A 24 -13.30 10.04 4.07
C VAL A 24 -12.14 11.00 4.34
N VAL A 25 -10.90 10.51 4.41
CA VAL A 25 -9.71 11.35 4.61
C VAL A 25 -8.59 11.02 3.62
N THR A 26 -7.71 11.99 3.40
CA THR A 26 -6.62 11.92 2.43
C THR A 26 -5.41 12.76 2.87
N PHE A 27 -4.24 12.51 2.30
CA PHE A 27 -2.92 12.75 2.89
C PHE A 27 -1.92 13.38 1.91
N THR A 28 -0.91 14.08 2.44
CA THR A 28 0.07 14.86 1.66
C THR A 28 1.37 15.11 2.45
N GLY A 29 2.51 15.13 1.74
CA GLY A 29 3.83 15.42 2.31
C GLY A 29 4.81 14.25 2.24
N ASN A 30 4.87 13.56 1.09
CA ASN A 30 5.69 12.37 0.86
C ASN A 30 5.49 11.29 1.94
N VAL A 31 4.23 10.89 2.08
CA VAL A 31 3.63 10.18 3.22
C VAL A 31 4.01 8.70 3.30
N ILE A 32 4.03 8.16 4.52
CA ILE A 32 4.39 6.76 4.83
C ILE A 32 3.10 5.97 5.11
N VAL A 33 3.05 4.70 4.69
CA VAL A 33 1.99 3.74 5.01
C VAL A 33 2.60 2.39 5.39
N THR A 34 2.14 1.79 6.49
CA THR A 34 2.65 0.52 7.03
C THR A 34 1.53 -0.34 7.61
N LEU A 35 1.69 -1.66 7.46
CA LEU A 35 0.98 -2.74 8.16
C LEU A 35 1.97 -3.92 8.23
N GLY A 36 2.00 -4.70 9.31
CA GLY A 36 2.89 -5.88 9.41
C GLY A 36 4.39 -5.62 9.22
N THR A 37 4.88 -4.42 9.55
CA THR A 37 6.26 -3.95 9.30
C THR A 37 6.66 -3.90 7.81
N ILE A 38 5.68 -3.91 6.90
CA ILE A 38 5.86 -3.56 5.48
C ILE A 38 5.98 -2.02 5.38
N LYS A 39 6.97 -1.49 4.67
CA LYS A 39 7.13 -0.03 4.47
C LYS A 39 6.65 0.35 3.08
N ILE A 40 5.67 1.24 2.99
CA ILE A 40 5.26 1.89 1.74
C ILE A 40 5.46 3.39 1.91
N ASN A 41 5.95 4.05 0.88
CA ASN A 41 5.97 5.52 0.78
C ASN A 41 5.16 5.94 -0.45
N ALA A 42 4.44 7.05 -0.34
CA ALA A 42 3.67 7.69 -1.40
C ALA A 42 3.92 9.21 -1.37
N ASP A 43 3.02 9.99 -1.97
CA ASP A 43 2.77 11.38 -1.56
C ASP A 43 1.29 11.66 -1.32
N LYS A 44 0.38 11.17 -2.17
CA LYS A 44 -1.07 11.18 -1.90
C LYS A 44 -1.51 9.78 -1.47
N VAL A 45 -2.41 9.71 -0.49
CA VAL A 45 -3.10 8.48 -0.06
C VAL A 45 -4.56 8.82 0.28
N VAL A 46 -5.51 7.91 0.05
CA VAL A 46 -6.95 8.05 0.34
C VAL A 46 -7.43 6.86 1.15
N VAL A 47 -8.21 7.10 2.20
CA VAL A 47 -8.84 6.07 3.06
C VAL A 47 -10.28 6.44 3.43
N THR A 48 -11.13 5.44 3.66
CA THR A 48 -12.58 5.59 3.86
C THR A 48 -13.11 4.52 4.82
N ARG A 49 -14.34 4.71 5.36
CA ARG A 49 -14.93 3.88 6.44
C ARG A 49 -16.47 3.78 6.29
N PRO A 50 -17.12 2.68 6.76
CA PRO A 50 -18.51 2.27 6.47
C PRO A 50 -19.54 3.41 6.30
N GLY A 51 -19.63 3.93 5.07
CA GLY A 51 -20.39 5.15 4.72
C GLY A 51 -21.73 4.92 4.03
N GLY A 52 -21.98 3.70 3.53
CA GLY A 52 -23.23 3.32 2.85
C GLY A 52 -23.05 2.87 1.39
N GLU A 53 -21.82 2.77 0.88
CA GLU A 53 -21.53 2.00 -0.33
C GLU A 53 -21.63 0.49 -0.03
N GLN A 54 -22.04 -0.33 -1.00
CA GLN A 54 -22.46 -1.72 -0.82
C GLN A 54 -21.45 -2.75 -1.39
N GLY A 55 -20.47 -2.34 -2.19
CA GLY A 55 -19.39 -3.18 -2.70
C GLY A 55 -18.19 -3.31 -1.78
N LYS A 56 -17.61 -2.18 -1.32
CA LYS A 56 -16.58 -2.08 -0.25
C LYS A 56 -15.97 -0.67 -0.10
N GLU A 57 -15.47 -0.42 1.11
CA GLU A 57 -14.38 0.54 1.39
C GLU A 57 -13.04 0.07 0.78
N VAL A 58 -12.12 0.98 0.43
CA VAL A 58 -10.79 0.68 -0.15
C VAL A 58 -9.71 1.68 0.32
N ILE A 59 -8.44 1.41 -0.01
CA ILE A 59 -7.31 2.34 0.15
C ILE A 59 -6.56 2.47 -1.18
N ASP A 60 -6.14 3.69 -1.54
CA ASP A 60 -5.36 3.99 -2.74
C ASP A 60 -4.28 5.05 -2.46
N GLY A 61 -3.22 5.12 -3.26
CA GLY A 61 -2.21 6.17 -3.18
C GLY A 61 -1.42 6.40 -4.46
N TYR A 62 -0.99 7.65 -4.67
CA TYR A 62 -0.19 8.13 -5.78
C TYR A 62 1.22 8.54 -5.33
N GLY A 63 2.22 8.18 -6.14
CA GLY A 63 3.64 8.40 -5.90
C GLY A 63 4.18 9.68 -6.52
N LYS A 64 4.79 10.53 -5.68
CA LYS A 64 5.62 11.66 -6.09
C LYS A 64 6.93 11.75 -5.26
N PRO A 65 7.82 10.74 -5.30
CA PRO A 65 7.68 9.39 -5.86
C PRO A 65 6.97 8.43 -4.87
N ALA A 66 6.99 7.12 -5.13
CA ALA A 66 6.57 6.07 -4.20
C ALA A 66 7.62 4.94 -4.08
N THR A 67 7.67 4.25 -2.94
CA THR A 67 8.52 3.06 -2.71
C THR A 67 7.81 1.98 -1.90
N PHE A 68 8.25 0.72 -2.02
CA PHE A 68 7.56 -0.47 -1.46
C PHE A 68 8.56 -1.54 -0.99
N TYR A 69 8.67 -1.71 0.33
CA TYR A 69 9.56 -2.65 1.02
C TYR A 69 8.71 -3.72 1.72
N GLN A 70 8.80 -4.96 1.21
CA GLN A 70 7.98 -6.09 1.65
C GLN A 70 8.85 -7.34 1.86
N MET A 71 9.45 -7.44 3.05
CA MET A 71 10.39 -8.51 3.43
C MET A 71 9.84 -9.92 3.17
N GLN A 72 10.74 -10.86 2.85
CA GLN A 72 10.43 -12.29 2.75
C GLN A 72 10.85 -13.05 4.03
N ASP A 73 10.14 -14.15 4.30
CA ASP A 73 10.11 -14.90 5.55
C ASP A 73 11.49 -15.31 6.12
N ASN A 74 12.41 -15.72 5.25
CA ASN A 74 13.77 -16.17 5.58
C ASN A 74 14.72 -15.01 5.97
N GLY A 75 14.18 -13.92 6.51
CA GLY A 75 14.93 -12.74 6.94
C GLY A 75 15.65 -12.05 5.78
N LYS A 76 14.91 -11.65 4.72
CA LYS A 76 15.48 -11.00 3.53
C LYS A 76 14.73 -9.70 3.17
N PRO A 77 15.45 -8.59 2.93
CA PRO A 77 14.85 -7.31 2.52
C PRO A 77 14.40 -7.33 1.05
N VAL A 78 13.59 -6.34 0.70
CA VAL A 78 12.91 -6.17 -0.59
C VAL A 78 12.73 -4.68 -0.84
N GLU A 79 12.83 -4.19 -2.08
CA GLU A 79 12.44 -2.83 -2.45
C GLU A 79 11.76 -2.78 -3.81
N GLY A 80 11.02 -1.70 -4.06
CA GLY A 80 10.25 -1.46 -5.27
C GLY A 80 9.72 -0.03 -5.38
N HIS A 81 9.14 0.33 -6.52
CA HIS A 81 8.51 1.62 -6.77
C HIS A 81 7.35 1.50 -7.78
N ALA A 82 6.48 2.51 -7.82
CA ALA A 82 5.34 2.63 -8.73
C ALA A 82 4.88 4.10 -8.83
N SER A 83 3.85 4.36 -9.64
CA SER A 83 3.22 5.68 -9.80
C SER A 83 1.87 5.76 -9.08
N GLN A 84 1.15 4.64 -8.98
CA GLN A 84 -0.05 4.49 -8.16
C GLN A 84 -0.09 3.07 -7.55
N MET A 85 -0.68 2.91 -6.37
CA MET A 85 -0.89 1.62 -5.73
C MET A 85 -2.16 1.59 -4.88
N HIS A 86 -2.85 0.46 -4.94
CA HIS A 86 -4.18 0.23 -4.37
C HIS A 86 -4.15 -0.97 -3.43
N TYR A 87 -4.83 -0.88 -2.28
CA TYR A 87 -5.06 -1.99 -1.35
C TYR A 87 -6.57 -2.19 -1.18
N GLU A 88 -7.07 -3.30 -1.72
CA GLU A 88 -8.49 -3.64 -1.65
C GLU A 88 -8.78 -4.37 -0.33
N LEU A 89 -8.87 -3.61 0.78
CA LEU A 89 -9.00 -4.16 2.15
C LEU A 89 -10.30 -4.92 2.48
N ALA A 90 -11.11 -5.23 1.46
CA ALA A 90 -12.22 -6.20 1.50
C ALA A 90 -12.27 -7.10 0.23
N LYS A 91 -11.09 -7.40 -0.33
CA LYS A 91 -10.78 -8.47 -1.31
C LYS A 91 -9.26 -8.77 -1.38
N ASP A 92 -8.58 -8.78 -0.23
CA ASP A 92 -7.31 -9.49 0.06
C ASP A 92 -6.05 -9.22 -0.79
N PHE A 93 -6.07 -8.25 -1.72
CA PHE A 93 -5.00 -7.94 -2.68
C PHE A 93 -4.47 -6.51 -2.61
N VAL A 94 -3.19 -6.36 -2.98
CA VAL A 94 -2.48 -5.08 -3.17
C VAL A 94 -1.94 -5.03 -4.60
N VAL A 95 -2.17 -3.94 -5.32
CA VAL A 95 -1.76 -3.74 -6.72
C VAL A 95 -0.93 -2.47 -6.83
N LEU A 96 0.08 -2.48 -7.70
CA LEU A 96 0.96 -1.34 -8.00
C LEU A 96 1.01 -1.13 -9.52
N THR A 97 1.05 0.12 -10.01
CA THR A 97 1.00 0.41 -11.45
C THR A 97 1.68 1.74 -11.84
N GLY A 98 2.09 1.82 -13.11
CA GLY A 98 2.85 2.90 -13.72
C GLY A 98 4.30 2.90 -13.23
N ASN A 99 5.27 2.74 -14.15
CA ASN A 99 6.70 2.72 -13.81
C ASN A 99 7.01 1.71 -12.65
N ALA A 100 6.39 0.53 -12.71
CA ALA A 100 6.35 -0.41 -11.59
C ALA A 100 7.64 -1.26 -11.54
N TYR A 101 8.16 -1.50 -10.33
CA TYR A 101 9.37 -2.28 -10.07
C TYR A 101 9.29 -2.93 -8.68
N LEU A 102 9.75 -4.18 -8.54
CA LEU A 102 9.86 -4.89 -7.27
C LEU A 102 10.99 -5.94 -7.34
N GLN A 103 11.86 -5.97 -6.34
CA GLN A 103 13.07 -6.80 -6.32
C GLN A 103 13.23 -7.63 -5.05
N GLN A 104 13.72 -8.86 -5.22
CA GLN A 104 14.12 -9.82 -4.18
C GLN A 104 15.58 -10.24 -4.41
N VAL A 105 16.13 -11.10 -3.54
CA VAL A 105 17.40 -11.84 -3.77
C VAL A 105 17.26 -13.00 -4.81
N ASP A 106 16.34 -12.85 -5.76
CA ASP A 106 15.93 -13.84 -6.77
C ASP A 106 15.22 -13.11 -7.93
N SER A 107 14.12 -12.42 -7.60
CA SER A 107 13.22 -11.81 -8.57
C SER A 107 13.56 -10.35 -8.88
N ASN A 108 13.27 -9.92 -10.11
CA ASN A 108 13.43 -8.53 -10.56
C ASN A 108 12.26 -8.16 -11.51
N ILE A 109 11.04 -8.11 -10.96
CA ILE A 109 9.80 -7.96 -11.73
C ILE A 109 9.41 -6.47 -11.86
N LYS A 110 9.04 -6.06 -13.07
CA LYS A 110 9.02 -4.66 -13.49
C LYS A 110 8.18 -4.44 -14.75
N GLY A 111 7.58 -3.26 -14.90
CA GLY A 111 6.79 -2.89 -16.08
C GLY A 111 5.63 -1.94 -15.79
N ASP A 112 4.46 -2.27 -16.32
CA ASP A 112 3.21 -1.50 -16.24
C ASP A 112 2.47 -1.68 -14.91
N LYS A 113 2.48 -2.90 -14.36
CA LYS A 113 1.70 -3.30 -13.17
C LYS A 113 2.32 -4.51 -12.47
N ILE A 114 2.21 -4.54 -11.14
CA ILE A 114 2.63 -5.60 -10.21
C ILE A 114 1.50 -5.84 -9.20
N THR A 115 1.39 -7.04 -8.64
CA THR A 115 0.32 -7.41 -7.67
C THR A 115 0.86 -8.36 -6.60
N TYR A 116 0.27 -8.31 -5.40
CA TYR A 116 0.55 -9.19 -4.27
C TYR A 116 -0.70 -9.41 -3.41
N LEU A 117 -0.66 -10.42 -2.54
CA LEU A 117 -1.76 -10.86 -1.67
C LEU A 117 -1.27 -11.04 -0.22
N VAL A 118 -2.15 -11.49 0.68
CA VAL A 118 -1.84 -11.83 2.09
C VAL A 118 -0.92 -13.05 2.31
N LYS A 119 -0.01 -13.36 1.37
CA LYS A 119 0.96 -14.47 1.46
C LYS A 119 2.22 -14.23 0.62
N GLU A 120 3.36 -14.65 1.14
CA GLU A 120 4.61 -14.97 0.44
C GLU A 120 4.44 -16.00 -0.70
N GLN A 121 5.44 -16.13 -1.58
CA GLN A 121 5.36 -16.99 -2.78
C GLN A 121 6.72 -17.55 -3.24
N LYS A 122 6.74 -18.78 -3.78
CA LYS A 122 7.89 -19.31 -4.54
C LYS A 122 7.91 -18.70 -5.95
N MET A 123 8.59 -17.57 -6.11
CA MET A 123 9.22 -17.21 -7.39
C MET A 123 10.51 -18.01 -7.59
N GLN A 124 11.04 -18.05 -8.82
CA GLN A 124 12.22 -18.82 -9.21
C GLN A 124 13.01 -18.02 -10.26
N ALA A 125 14.30 -17.77 -10.01
CA ALA A 125 15.23 -17.29 -11.03
C ALA A 125 15.28 -18.26 -12.22
N PHE A 126 15.02 -17.74 -13.43
CA PHE A 126 14.90 -18.50 -14.67
C PHE A 126 15.67 -17.86 -15.84
N SER A 127 15.96 -18.66 -16.88
CA SER A 127 16.60 -18.19 -18.12
C SER A 127 15.57 -17.57 -19.07
N ASP A 128 15.65 -16.25 -19.28
CA ASP A 128 14.76 -15.48 -20.16
C ASP A 128 15.55 -14.37 -20.90
N LYS A 129 15.02 -13.91 -22.04
CA LYS A 129 15.55 -12.77 -22.82
C LYS A 129 14.92 -11.46 -22.30
N GLY A 130 15.01 -11.25 -20.99
CA GLY A 130 14.27 -10.20 -20.28
C GLY A 130 14.54 -8.77 -20.75
N LYS A 131 13.51 -7.92 -20.63
CA LYS A 131 13.55 -6.49 -20.99
C LYS A 131 14.05 -5.62 -19.83
N ARG A 132 14.78 -4.56 -20.15
CA ARG A 132 15.03 -3.44 -19.23
C ARG A 132 14.07 -2.27 -19.43
N VAL B 1 -10.78 -3.04 7.36
CA VAL B 1 -9.98 -2.81 8.60
C VAL B 1 -9.74 -1.30 8.95
N ILE B 3 -7.80 2.41 10.33
CA ILE B 3 -6.62 3.16 9.88
C ILE B 3 -6.18 4.16 10.96
N ILE B 4 -5.05 3.89 11.62
CA ILE B 4 -4.33 4.89 12.43
C ILE B 4 -3.62 5.85 11.48
N TYR B 5 -3.75 7.15 11.70
CA TYR B 5 -2.95 8.16 11.00
C TYR B 5 -2.30 9.15 11.98
N ASN B 7 0.05 12.55 12.45
CA ASN B 7 0.33 13.78 11.72
C ASN B 7 1.70 14.32 12.11
N ARG B 8 2.67 14.15 11.19
CA ARG B 8 4.08 14.56 11.30
C ARG B 8 4.22 15.98 11.81
N THR B 10 2.88 17.83 13.99
CA THR B 10 2.97 17.94 15.45
C THR B 10 3.24 16.59 16.14
N LYS B 12 1.44 13.92 16.32
CA LYS B 12 0.27 13.42 17.08
C LYS B 12 -0.72 12.54 16.29
N CYS B 13 -1.16 11.47 16.94
CA CYS B 13 -1.90 10.36 16.33
C CYS B 13 -3.42 10.54 16.32
N TYR B 16 -9.29 6.27 11.85
CA TYR B 16 -10.40 5.37 12.23
C TYR B 16 -9.89 4.21 13.12
N VAL A 1 -17.96 -12.46 15.27
CA VAL A 1 -18.96 -11.37 15.41
C VAL A 1 -18.92 -10.91 16.85
N THR A 2 -17.92 -10.08 17.16
CA THR A 2 -17.27 -10.01 18.48
C THR A 2 -16.62 -8.65 18.77
N GLY A 3 -16.74 -7.68 17.85
CA GLY A 3 -15.80 -6.56 17.74
C GLY A 3 -14.51 -6.98 17.01
N ASP A 4 -14.69 -7.68 15.89
CA ASP A 4 -13.66 -8.45 15.17
C ASP A 4 -12.61 -7.53 14.52
N THR A 5 -11.58 -7.16 15.30
CA THR A 5 -10.70 -6.01 15.00
C THR A 5 -9.28 -6.45 14.64
N ASP A 6 -8.76 -5.96 13.51
CA ASP A 6 -7.39 -6.23 13.03
C ASP A 6 -6.33 -5.28 13.66
N GLN A 7 -5.08 -5.43 13.23
CA GLN A 7 -3.92 -4.67 13.67
C GLN A 7 -4.06 -3.14 13.43
N PRO A 8 -3.39 -2.30 14.23
CA PRO A 8 -3.25 -0.89 13.94
C PRO A 8 -2.35 -0.66 12.70
N ILE A 9 -2.98 -0.32 11.57
CA ILE A 9 -2.27 0.27 10.42
C ILE A 9 -1.66 1.60 10.90
N HIS A 10 -0.40 1.88 10.57
CA HIS A 10 0.30 3.09 11.00
C HIS A 10 0.72 3.92 9.80
N ILE A 11 0.11 5.10 9.64
CA ILE A 11 0.40 6.05 8.57
C ILE A 11 1.08 7.28 9.16
N GLU A 12 2.25 7.67 8.65
CA GLU A 12 2.76 9.03 8.82
C GLU A 12 2.46 9.86 7.56
N SER A 13 2.10 11.14 7.70
CA SER A 13 1.82 12.05 6.57
C SER A 13 2.15 13.50 6.93
N ASP A 14 2.70 14.31 6.03
CA ASP A 14 3.05 15.70 6.37
C ASP A 14 1.80 16.57 6.55
N GLN A 15 1.01 16.72 5.49
CA GLN A 15 -0.31 17.36 5.52
C GLN A 15 -1.43 16.31 5.52
N GLN A 16 -2.59 16.70 6.05
CA GLN A 16 -3.66 15.80 6.47
C GLN A 16 -4.98 16.56 6.56
N SER A 17 -6.09 15.93 6.18
CA SER A 17 -7.45 16.44 6.40
C SER A 17 -8.47 15.32 6.62
N LEU A 18 -9.51 15.64 7.38
CA LEU A 18 -10.80 14.94 7.43
C LEU A 18 -11.92 15.94 7.13
N ASP A 19 -12.90 15.50 6.33
CA ASP A 19 -14.20 16.17 6.23
C ASP A 19 -15.15 15.68 7.35
N MET A 20 -16.16 16.48 7.70
CA MET A 20 -17.04 16.24 8.87
C MET A 20 -17.88 14.94 8.79
N GLN A 21 -17.99 14.34 7.60
CA GLN A 21 -18.60 13.02 7.37
C GLN A 21 -17.68 11.85 7.80
N GLY A 22 -16.41 12.12 8.12
CA GLY A 22 -15.48 11.28 8.87
C GLY A 22 -14.97 9.99 8.20
N ASN A 23 -15.62 9.50 7.14
CA ASN A 23 -15.38 8.15 6.58
C ASN A 23 -14.39 8.12 5.39
N VAL A 24 -13.86 9.28 5.01
CA VAL A 24 -12.81 9.49 4.00
C VAL A 24 -11.81 10.55 4.49
N VAL A 25 -10.63 10.59 3.87
CA VAL A 25 -9.50 11.45 4.28
C VAL A 25 -8.84 12.11 3.08
N THR A 26 -7.87 12.99 3.32
CA THR A 26 -6.70 13.13 2.44
C THR A 26 -5.43 13.21 3.27
N PHE A 27 -4.46 12.35 2.97
CA PHE A 27 -3.11 12.35 3.54
C PHE A 27 -2.11 12.67 2.41
N THR A 28 -1.18 13.61 2.60
CA THR A 28 -0.26 14.02 1.53
C THR A 28 1.07 14.59 2.03
N GLY A 29 2.12 14.48 1.20
CA GLY A 29 3.49 14.90 1.50
C GLY A 29 4.24 13.79 2.24
N ASN A 30 5.05 13.02 1.51
CA ASN A 30 5.72 11.79 1.97
C ASN A 30 4.85 10.97 2.93
N VAL A 31 3.67 10.58 2.46
CA VAL A 31 2.75 9.78 3.25
C VAL A 31 3.20 8.32 3.23
N ILE A 32 3.57 7.82 4.41
CA ILE A 32 4.25 6.55 4.67
C ILE A 32 3.27 5.64 5.41
N VAL A 33 2.56 4.80 4.65
CA VAL A 33 1.65 3.76 5.15
C VAL A 33 2.45 2.57 5.68
N THR A 34 1.97 1.92 6.74
CA THR A 34 2.60 0.73 7.35
C THR A 34 1.56 -0.29 7.79
N LEU A 35 1.76 -1.56 7.46
CA LEU A 35 0.92 -2.71 7.88
C LEU A 35 1.83 -3.92 8.07
N GLY A 36 2.02 -4.37 9.32
CA GLY A 36 2.98 -5.42 9.66
C GLY A 36 4.40 -5.09 9.17
N THR A 37 4.96 -5.96 8.33
CA THR A 37 6.25 -5.78 7.66
C THR A 37 6.20 -4.93 6.38
N ILE A 38 5.00 -4.58 5.90
CA ILE A 38 4.80 -3.76 4.70
C ILE A 38 4.93 -2.29 5.06
N LYS A 39 5.68 -1.51 4.27
CA LYS A 39 5.71 -0.04 4.32
C LYS A 39 5.68 0.55 2.92
N ILE A 40 4.91 1.62 2.70
CA ILE A 40 4.73 2.24 1.38
C ILE A 40 4.71 3.77 1.51
N ASN A 41 5.59 4.45 0.78
CA ASN A 41 5.68 5.92 0.67
C ASN A 41 4.99 6.41 -0.62
N ALA A 42 4.26 7.52 -0.53
CA ALA A 42 3.59 8.17 -1.67
C ALA A 42 3.51 9.70 -1.50
N ASP A 43 3.06 10.40 -2.55
CA ASP A 43 2.74 11.83 -2.49
C ASP A 43 1.35 12.04 -1.85
N LYS A 44 0.36 11.22 -2.20
CA LYS A 44 -1.05 11.42 -1.85
C LYS A 44 -1.73 10.08 -1.58
N VAL A 45 -2.47 9.98 -0.48
CA VAL A 45 -3.12 8.74 0.00
C VAL A 45 -4.52 9.03 0.56
N VAL A 46 -5.40 8.05 0.38
CA VAL A 46 -6.73 7.99 0.98
C VAL A 46 -6.90 6.65 1.70
N VAL A 47 -7.64 6.67 2.82
CA VAL A 47 -8.36 5.51 3.35
C VAL A 47 -9.85 5.80 3.25
N THR A 48 -10.65 4.82 2.80
CA THR A 48 -12.08 5.01 2.49
C THR A 48 -12.91 3.82 2.95
N ARG A 49 -14.03 4.08 3.63
CA ARG A 49 -14.92 3.08 4.25
C ARG A 49 -16.42 3.45 4.14
N PRO A 50 -17.33 2.49 3.91
CA PRO A 50 -18.72 2.78 3.53
C PRO A 50 -19.68 3.04 4.72
N GLY A 51 -19.18 3.63 5.81
CA GLY A 51 -19.97 3.95 7.01
C GLY A 51 -20.57 2.72 7.69
N GLY A 52 -21.88 2.50 7.53
CA GLY A 52 -22.62 1.41 8.14
C GLY A 52 -22.82 0.16 7.27
N GLU A 53 -22.25 0.12 6.06
CA GLU A 53 -22.35 -1.03 5.16
C GLU A 53 -21.37 -2.14 5.56
N GLN A 54 -21.83 -3.40 5.59
CA GLN A 54 -20.99 -4.60 5.74
C GLN A 54 -20.25 -4.97 4.42
N GLY A 55 -19.65 -3.95 3.77
CA GLY A 55 -19.03 -4.04 2.45
C GLY A 55 -17.51 -4.13 2.50
N LYS A 56 -16.83 -3.24 1.76
CA LYS A 56 -15.37 -3.23 1.60
C LYS A 56 -14.78 -1.84 1.85
N GLU A 57 -13.58 -1.81 2.40
CA GLU A 57 -12.79 -0.59 2.67
C GLU A 57 -11.37 -0.72 2.11
N VAL A 58 -10.75 0.42 1.80
CA VAL A 58 -9.59 0.51 0.88
C VAL A 58 -8.54 1.50 1.39
N ILE A 59 -7.26 1.21 1.09
CA ILE A 59 -6.16 2.18 1.05
C ILE A 59 -5.81 2.43 -0.43
N ASP A 60 -5.76 3.70 -0.82
CA ASP A 60 -5.51 4.16 -2.18
C ASP A 60 -4.37 5.20 -2.18
N GLY A 61 -3.58 5.31 -3.26
CA GLY A 61 -2.56 6.38 -3.34
C GLY A 61 -1.85 6.57 -4.68
N TYR A 62 -1.15 7.71 -4.79
CA TYR A 62 -0.36 8.14 -5.94
C TYR A 62 0.95 8.83 -5.53
N GLY A 63 1.97 8.78 -6.39
CA GLY A 63 3.16 9.64 -6.32
C GLY A 63 4.23 9.27 -7.34
N LYS A 64 5.25 10.12 -7.49
CA LYS A 64 6.47 9.81 -8.26
C LYS A 64 7.70 10.36 -7.54
N PRO A 65 8.66 9.52 -7.15
CA PRO A 65 8.55 8.06 -7.03
C PRO A 65 7.66 7.69 -5.83
N ALA A 66 6.59 6.90 -6.04
CA ALA A 66 5.96 6.18 -4.93
C ALA A 66 6.70 4.85 -4.75
N THR A 67 6.96 4.44 -3.50
CA THR A 67 7.94 3.40 -3.19
C THR A 67 7.47 2.44 -2.10
N PHE A 68 7.88 1.18 -2.24
CA PHE A 68 7.38 0.03 -1.49
C PHE A 68 8.52 -0.67 -0.75
N TYR A 69 8.24 -1.21 0.43
CA TYR A 69 9.15 -2.01 1.22
C TYR A 69 8.41 -3.17 1.90
N GLN A 70 9.07 -4.33 2.01
CA GLN A 70 8.51 -5.55 2.60
C GLN A 70 9.61 -6.47 3.16
N MET A 71 9.21 -7.49 3.93
CA MET A 71 9.98 -8.74 4.10
C MET A 71 9.26 -9.91 3.43
N GLN A 72 9.93 -10.59 2.52
CA GLN A 72 9.49 -11.87 1.95
C GLN A 72 9.73 -12.99 2.98
N ASP A 73 8.88 -14.04 2.95
CA ASP A 73 8.77 -15.07 3.99
C ASP A 73 10.09 -15.71 4.46
N ASN A 74 11.09 -15.85 3.58
CA ASN A 74 12.41 -16.37 3.93
C ASN A 74 13.32 -15.31 4.61
N GLY A 75 12.74 -14.34 5.33
CA GLY A 75 13.43 -13.21 5.99
C GLY A 75 14.06 -12.16 5.05
N LYS A 76 13.96 -12.33 3.73
CA LYS A 76 14.60 -11.47 2.73
C LYS A 76 13.92 -10.10 2.67
N PRO A 77 14.65 -8.97 2.64
CA PRO A 77 14.07 -7.65 2.38
C PRO A 77 13.53 -7.57 0.93
N VAL A 78 12.62 -6.64 0.70
CA VAL A 78 12.03 -6.32 -0.61
C VAL A 78 11.94 -4.79 -0.75
N GLU A 79 12.25 -4.27 -1.92
CA GLU A 79 12.08 -2.87 -2.31
C GLU A 79 11.15 -2.77 -3.54
N GLY A 80 10.64 -1.56 -3.85
CA GLY A 80 9.97 -1.33 -5.13
C GLY A 80 9.55 0.11 -5.40
N HIS A 81 9.05 0.34 -6.62
CA HIS A 81 8.50 1.60 -7.12
C HIS A 81 7.15 1.35 -7.82
N ALA A 82 6.29 2.38 -7.83
CA ALA A 82 5.15 2.54 -8.74
C ALA A 82 4.75 4.02 -8.85
N SER A 83 3.76 4.31 -9.71
CA SER A 83 3.09 5.63 -9.75
C SER A 83 1.83 5.68 -8.88
N GLN A 84 1.10 4.56 -8.80
CA GLN A 84 -0.23 4.47 -8.22
C GLN A 84 -0.39 3.12 -7.49
N MET A 85 -1.14 3.11 -6.37
CA MET A 85 -1.38 1.91 -5.56
C MET A 85 -2.82 1.79 -5.07
N HIS A 86 -3.28 0.55 -4.88
CA HIS A 86 -4.57 0.21 -4.27
C HIS A 86 -4.48 -1.07 -3.43
N TYR A 87 -5.14 -1.10 -2.28
CA TYR A 87 -5.22 -2.24 -1.37
C TYR A 87 -6.59 -2.27 -0.67
N GLU A 88 -7.47 -3.18 -1.09
CA GLU A 88 -8.80 -3.36 -0.46
C GLU A 88 -8.75 -4.53 0.52
N LEU A 89 -9.18 -4.28 1.76
CA LEU A 89 -8.71 -5.06 2.91
C LEU A 89 -9.26 -6.49 2.94
N ALA A 90 -10.46 -6.73 2.39
CA ALA A 90 -11.07 -8.05 2.36
C ALA A 90 -10.65 -8.85 1.12
N LYS A 91 -9.34 -8.84 0.79
CA LYS A 91 -8.76 -9.61 -0.33
C LYS A 91 -7.29 -10.02 -0.17
N ASP A 92 -6.56 -9.50 0.83
CA ASP A 92 -5.12 -9.72 1.03
C ASP A 92 -4.28 -9.53 -0.26
N PHE A 93 -4.49 -8.39 -0.93
CA PHE A 93 -4.00 -8.15 -2.29
C PHE A 93 -3.70 -6.67 -2.54
N VAL A 94 -2.48 -6.38 -3.03
CA VAL A 94 -2.01 -5.03 -3.36
C VAL A 94 -1.75 -4.88 -4.86
N VAL A 95 -2.21 -3.76 -5.41
CA VAL A 95 -1.86 -3.29 -6.75
C VAL A 95 -0.78 -2.22 -6.63
N LEU A 96 0.25 -2.34 -7.46
CA LEU A 96 1.27 -1.33 -7.71
C LEU A 96 1.33 -1.12 -9.23
N THR A 97 1.09 0.09 -9.74
CA THR A 97 0.85 0.33 -11.18
C THR A 97 1.34 1.72 -11.67
N GLY A 98 1.64 1.81 -12.97
CA GLY A 98 2.30 2.93 -13.64
C GLY A 98 3.82 2.90 -13.43
N ASN A 99 4.54 2.26 -14.36
CA ASN A 99 5.97 1.95 -14.23
C ASN A 99 6.32 1.21 -12.91
N ALA A 100 5.51 0.22 -12.54
CA ALA A 100 5.71 -0.57 -11.33
C ALA A 100 6.90 -1.54 -11.45
N TYR A 101 7.73 -1.56 -10.40
CA TYR A 101 9.05 -2.18 -10.41
C TYR A 101 9.33 -2.82 -9.05
N LEU A 102 9.43 -4.15 -8.99
CA LEU A 102 9.82 -4.89 -7.79
C LEU A 102 11.35 -5.07 -7.77
N GLN A 103 11.95 -5.04 -6.58
CA GLN A 103 13.39 -5.18 -6.38
C GLN A 103 13.67 -6.16 -5.25
N GLN A 104 14.19 -7.32 -5.65
CA GLN A 104 14.48 -8.51 -4.87
C GLN A 104 15.48 -9.35 -5.68
N VAL A 105 16.33 -10.17 -5.05
CA VAL A 105 17.44 -10.88 -5.72
C VAL A 105 17.00 -11.92 -6.76
N ASP A 106 15.75 -12.37 -6.69
CA ASP A 106 15.12 -13.36 -7.57
C ASP A 106 13.77 -12.86 -8.13
N SER A 107 12.89 -12.32 -7.28
CA SER A 107 11.62 -11.66 -7.63
C SER A 107 11.81 -10.26 -8.24
N ASN A 108 12.68 -10.18 -9.24
CA ASN A 108 13.21 -8.94 -9.81
C ASN A 108 12.29 -8.28 -10.87
N ILE A 109 10.98 -8.53 -10.82
CA ILE A 109 10.03 -8.23 -11.91
C ILE A 109 9.68 -6.72 -12.04
N LYS A 110 9.29 -6.27 -13.24
CA LYS A 110 8.84 -4.89 -13.54
C LYS A 110 7.98 -4.81 -14.80
N GLY A 111 7.21 -3.73 -14.94
CA GLY A 111 6.32 -3.46 -16.09
C GLY A 111 5.61 -2.11 -15.93
N ASP A 112 4.38 -2.00 -16.43
CA ASP A 112 3.44 -0.99 -15.91
C ASP A 112 2.92 -1.39 -14.54
N LYS A 113 2.52 -2.66 -14.38
CA LYS A 113 1.79 -3.19 -13.24
C LYS A 113 2.47 -4.42 -12.65
N ILE A 114 2.54 -4.51 -11.33
CA ILE A 114 2.86 -5.74 -10.58
C ILE A 114 1.56 -6.50 -10.25
N THR A 115 1.63 -7.83 -10.13
CA THR A 115 0.65 -8.62 -9.39
C THR A 115 1.34 -9.41 -8.27
N TYR A 116 1.14 -8.96 -7.04
CA TYR A 116 1.59 -9.63 -5.81
C TYR A 116 0.53 -10.67 -5.38
N LEU A 117 0.95 -11.64 -4.55
CA LEU A 117 0.07 -12.58 -3.86
C LEU A 117 0.57 -12.80 -2.42
N VAL A 118 -0.29 -13.34 -1.55
CA VAL A 118 -0.03 -13.52 -0.10
C VAL A 118 1.31 -14.22 0.20
N LYS A 119 1.73 -15.16 -0.65
CA LYS A 119 3.03 -15.84 -0.63
C LYS A 119 3.68 -15.69 -2.01
N GLU A 120 5.01 -15.59 -2.04
CA GLU A 120 5.78 -15.60 -3.29
C GLU A 120 6.19 -17.02 -3.67
N GLN A 121 5.83 -17.40 -4.90
CA GLN A 121 6.09 -18.70 -5.52
C GLN A 121 5.98 -18.53 -7.04
N LYS A 122 4.89 -17.93 -7.51
CA LYS A 122 4.75 -17.33 -8.84
C LYS A 122 4.04 -15.98 -8.71
N MET A 123 4.70 -14.95 -9.23
CA MET A 123 4.40 -13.52 -9.10
C MET A 123 5.09 -12.81 -10.27
N GLN A 124 4.49 -11.75 -10.81
CA GLN A 124 4.91 -11.19 -12.10
C GLN A 124 4.53 -9.72 -12.24
N ALA A 125 5.17 -9.01 -13.17
CA ALA A 125 4.74 -7.72 -13.67
C ALA A 125 4.64 -7.72 -15.21
N PHE A 126 3.84 -6.79 -15.74
CA PHE A 126 3.50 -6.71 -17.16
C PHE A 126 3.17 -5.28 -17.57
N SER A 127 3.19 -4.99 -18.88
CA SER A 127 2.61 -3.76 -19.42
C SER A 127 1.09 -3.90 -19.49
N ASP A 128 0.39 -2.82 -19.15
CA ASP A 128 -1.06 -2.79 -18.88
C ASP A 128 -1.74 -1.93 -19.98
N LYS A 129 -2.87 -1.26 -19.68
CA LYS A 129 -3.27 -0.04 -20.39
C LYS A 129 -2.26 1.07 -20.03
N GLY A 130 -1.09 1.03 -20.65
CA GLY A 130 0.15 1.75 -20.27
C GLY A 130 -0.01 3.13 -19.63
N LYS A 131 0.63 3.34 -18.48
CA LYS A 131 0.25 4.34 -17.47
C LYS A 131 1.45 5.11 -16.90
N ARG A 132 2.40 5.45 -17.77
CA ARG A 132 3.64 6.23 -17.49
C ARG A 132 3.91 6.63 -16.03
N VAL B 1 -11.07 -1.79 10.26
CA VAL B 1 -9.78 -1.85 11.00
C VAL B 1 -9.35 -0.50 11.67
N ILE B 3 -6.75 2.55 12.17
CA ILE B 3 -5.68 3.23 11.41
C ILE B 3 -5.18 4.42 12.22
N ILE B 4 -3.97 4.30 12.76
CA ILE B 4 -3.22 5.40 13.38
C ILE B 4 -2.70 6.29 12.25
N TYR B 5 -2.93 7.61 12.36
CA TYR B 5 -2.43 8.58 11.39
C TYR B 5 -1.71 9.75 12.08
N ASN B 7 1.02 13.05 12.11
CA ASN B 7 1.45 14.15 11.27
C ASN B 7 2.98 14.31 11.30
N ARG B 8 3.64 14.06 10.16
CA ARG B 8 5.09 14.22 9.91
C ARG B 8 5.56 15.64 10.17
N THR B 10 4.88 17.88 12.27
CA THR B 10 5.07 18.20 13.69
C THR B 10 5.63 16.98 14.43
N LYS B 12 2.82 14.50 15.86
CA LYS B 12 1.65 14.22 16.74
C LYS B 12 0.58 13.36 16.08
N CYS B 13 0.00 12.45 16.86
CA CYS B 13 -0.78 11.32 16.37
C CYS B 13 -2.31 11.52 16.41
N TYR B 16 -8.29 6.47 13.31
CA TYR B 16 -9.48 5.62 13.42
C TYR B 16 -9.21 4.54 14.47
N VAL A 1 -13.39 -4.70 21.56
CA VAL A 1 -14.20 -5.38 20.52
C VAL A 1 -13.86 -6.86 20.50
N THR A 2 -14.74 -7.72 19.98
CA THR A 2 -14.52 -9.18 19.92
C THR A 2 -13.40 -9.61 18.97
N GLY A 3 -13.06 -8.74 18.01
CA GLY A 3 -11.98 -8.90 17.04
C GLY A 3 -11.93 -7.70 16.09
N ASP A 4 -11.10 -7.82 15.06
CA ASP A 4 -11.07 -6.95 13.87
C ASP A 4 -11.43 -7.82 12.64
N THR A 5 -11.87 -7.23 11.53
CA THR A 5 -12.01 -7.95 10.25
C THR A 5 -10.69 -7.99 9.47
N ASP A 6 -9.80 -7.04 9.74
CA ASP A 6 -8.57 -6.77 9.00
C ASP A 6 -7.41 -6.58 9.99
N GLN A 7 -6.51 -5.62 9.72
CA GLN A 7 -5.54 -5.12 10.68
C GLN A 7 -5.45 -3.59 10.59
N PRO A 8 -5.19 -2.87 11.69
CA PRO A 8 -5.00 -1.42 11.66
C PRO A 8 -3.72 -1.06 10.90
N ILE A 9 -3.88 -0.37 9.77
CA ILE A 9 -2.76 0.26 9.04
C ILE A 9 -2.18 1.39 9.89
N HIS A 10 -0.88 1.67 9.78
CA HIS A 10 -0.24 2.87 10.32
C HIS A 10 0.22 3.81 9.20
N ILE A 11 0.02 5.12 9.39
CA ILE A 11 0.33 6.18 8.42
C ILE A 11 1.00 7.37 9.13
N GLU A 12 1.94 8.05 8.48
CA GLU A 12 2.34 9.42 8.81
C GLU A 12 2.34 10.32 7.57
N SER A 13 1.73 11.51 7.67
CA SER A 13 1.69 12.54 6.63
C SER A 13 2.07 13.92 7.16
N ASP A 14 2.61 14.78 6.29
CA ASP A 14 2.87 16.19 6.62
C ASP A 14 1.60 17.01 6.85
N GLN A 15 0.53 16.70 6.11
CA GLN A 15 -0.80 17.27 6.25
C GLN A 15 -1.85 16.14 6.20
N GLN A 16 -2.48 15.86 7.34
CA GLN A 16 -3.78 15.19 7.40
C GLN A 16 -4.92 16.19 7.11
N SER A 17 -5.98 15.77 6.41
CA SER A 17 -7.15 16.61 6.16
C SER A 17 -8.42 15.75 6.12
N LEU A 18 -9.51 16.28 6.70
CA LEU A 18 -10.71 15.52 7.08
C LEU A 18 -11.97 16.27 6.61
N ASP A 19 -13.10 15.58 6.49
CA ASP A 19 -14.40 16.19 6.15
C ASP A 19 -15.54 15.74 7.10
N MET A 20 -16.56 16.60 7.24
CA MET A 20 -17.68 16.47 8.16
C MET A 20 -18.56 15.25 7.89
N GLN A 21 -18.52 14.66 6.69
CA GLN A 21 -19.24 13.42 6.37
C GLN A 21 -18.59 12.17 7.01
N GLY A 22 -17.46 12.32 7.72
CA GLY A 22 -16.92 11.33 8.66
C GLY A 22 -16.21 10.12 8.05
N ASN A 23 -16.70 9.63 6.91
CA ASN A 23 -16.14 8.48 6.19
C ASN A 23 -15.05 8.87 5.18
N VAL A 24 -14.67 10.14 5.07
CA VAL A 24 -13.80 10.66 4.00
C VAL A 24 -12.73 11.63 4.51
N VAL A 25 -11.49 11.40 4.05
CA VAL A 25 -10.26 12.09 4.45
C VAL A 25 -9.26 12.12 3.28
N THR A 26 -8.15 12.83 3.42
CA THR A 26 -6.93 12.64 2.62
C THR A 26 -5.71 12.98 3.48
N PHE A 27 -4.64 12.20 3.32
CA PHE A 27 -3.35 12.41 3.97
C PHE A 27 -2.32 12.75 2.88
N THR A 28 -1.61 13.87 3.00
CA THR A 28 -0.77 14.43 1.93
C THR A 28 0.54 15.02 2.45
N GLY A 29 1.53 15.15 1.57
CA GLY A 29 2.90 15.55 1.91
C GLY A 29 3.74 14.37 2.42
N ASN A 30 4.57 13.83 1.53
CA ASN A 30 5.45 12.66 1.64
C ASN A 30 5.07 11.69 2.77
N VAL A 31 4.16 10.78 2.43
CA VAL A 31 3.33 10.02 3.34
C VAL A 31 3.89 8.61 3.50
N ILE A 32 4.30 8.26 4.73
CA ILE A 32 4.67 6.90 5.08
C ILE A 32 3.38 6.11 5.33
N VAL A 33 3.27 4.92 4.76
CA VAL A 33 2.20 3.94 5.01
C VAL A 33 2.84 2.61 5.42
N THR A 34 2.25 1.88 6.37
CA THR A 34 2.87 0.68 6.96
C THR A 34 1.82 -0.30 7.49
N LEU A 35 2.05 -1.60 7.30
CA LEU A 35 1.41 -2.68 8.03
C LEU A 35 2.47 -3.73 8.38
N GLY A 36 2.91 -3.73 9.65
CA GLY A 36 3.90 -4.68 10.18
C GLY A 36 5.15 -4.82 9.31
N THR A 37 5.26 -5.96 8.63
CA THR A 37 6.37 -6.38 7.77
C THR A 37 6.51 -5.58 6.45
N ILE A 38 5.54 -4.71 6.12
CA ILE A 38 5.48 -3.95 4.85
C ILE A 38 5.42 -2.44 5.13
N LYS A 39 6.22 -1.66 4.39
CA LYS A 39 6.24 -0.19 4.39
C LYS A 39 6.19 0.36 2.96
N ILE A 40 5.51 1.49 2.77
CA ILE A 40 5.38 2.21 1.50
C ILE A 40 5.69 3.70 1.75
N ASN A 41 6.36 4.36 0.79
CA ASN A 41 6.38 5.80 0.67
C ASN A 41 5.39 6.24 -0.41
N ALA A 42 4.55 7.22 -0.07
CA ALA A 42 3.59 7.90 -0.93
C ALA A 42 3.70 9.42 -0.72
N ASP A 43 2.75 10.20 -1.23
CA ASP A 43 2.74 11.68 -1.15
C ASP A 43 1.31 12.25 -1.12
N LYS A 44 0.32 11.51 -1.64
CA LYS A 44 -1.11 11.66 -1.38
C LYS A 44 -1.73 10.28 -1.14
N VAL A 45 -2.51 10.10 -0.08
CA VAL A 45 -3.08 8.82 0.39
C VAL A 45 -4.55 9.02 0.83
N VAL A 46 -5.41 8.04 0.52
CA VAL A 46 -6.85 8.07 0.82
C VAL A 46 -7.28 6.76 1.48
N VAL A 47 -8.14 6.89 2.49
CA VAL A 47 -8.80 5.81 3.26
C VAL A 47 -10.26 6.23 3.48
N THR A 48 -11.18 5.28 3.67
CA THR A 48 -12.63 5.55 3.71
C THR A 48 -13.43 4.50 4.51
N ARG A 49 -13.00 4.23 5.76
CA ARG A 49 -13.73 3.34 6.67
C ARG A 49 -15.18 3.81 6.88
N PRO A 50 -16.19 2.90 6.87
CA PRO A 50 -17.59 3.23 7.15
C PRO A 50 -17.80 3.64 8.61
N GLY A 51 -18.80 4.47 8.91
CA GLY A 51 -18.99 5.11 10.22
C GLY A 51 -19.46 4.14 11.31
N GLY A 52 -20.61 3.51 11.06
CA GLY A 52 -21.12 2.31 11.74
C GLY A 52 -21.69 1.27 10.77
N GLU A 53 -21.76 1.59 9.47
CA GLU A 53 -22.14 0.69 8.38
C GLU A 53 -21.16 -0.50 8.29
N GLN A 54 -21.65 -1.66 7.84
CA GLN A 54 -20.85 -2.90 7.80
C GLN A 54 -20.65 -3.38 6.36
N GLY A 55 -19.41 -3.76 6.03
CA GLY A 55 -18.94 -3.94 4.66
C GLY A 55 -17.42 -3.88 4.62
N LYS A 56 -16.85 -2.95 3.84
CA LYS A 56 -15.40 -2.73 3.71
C LYS A 56 -15.09 -1.26 3.39
N GLU A 57 -13.80 -0.91 3.40
CA GLU A 57 -13.25 0.22 2.63
C GLU A 57 -12.38 -0.29 1.46
N VAL A 58 -11.80 0.64 0.68
CA VAL A 58 -10.66 0.40 -0.22
C VAL A 58 -9.67 1.55 -0.07
N ILE A 59 -8.37 1.27 -0.19
CA ILE A 59 -7.30 2.22 0.14
C ILE A 59 -6.46 2.55 -1.10
N ASP A 60 -5.99 3.80 -1.20
CA ASP A 60 -5.27 4.36 -2.35
C ASP A 60 -4.09 5.23 -1.91
N GLY A 61 -3.03 5.27 -2.72
CA GLY A 61 -1.92 6.20 -2.55
C GLY A 61 -1.15 6.45 -3.85
N TYR A 62 -0.65 7.67 -4.03
CA TYR A 62 0.25 8.10 -5.12
C TYR A 62 1.46 8.80 -4.48
N GLY A 63 2.66 8.69 -5.05
CA GLY A 63 3.91 9.09 -4.37
C GLY A 63 4.93 9.94 -5.15
N LYS A 64 5.82 10.61 -4.40
CA LYS A 64 6.82 11.57 -4.88
C LYS A 64 8.18 11.41 -4.15
N PRO A 65 9.00 10.40 -4.48
CA PRO A 65 8.68 9.23 -5.31
C PRO A 65 7.83 8.22 -4.53
N ALA A 66 7.11 7.35 -5.25
CA ALA A 66 6.42 6.22 -4.67
C ALA A 66 7.38 5.02 -4.53
N THR A 67 7.50 4.42 -3.33
CA THR A 67 8.37 3.26 -3.10
C THR A 67 7.74 2.23 -2.16
N PHE A 68 8.22 0.98 -2.22
CA PHE A 68 7.76 -0.18 -1.48
C PHE A 68 8.94 -0.89 -0.81
N TYR A 69 8.76 -1.38 0.42
CA TYR A 69 9.70 -2.23 1.13
C TYR A 69 8.97 -3.31 1.95
N GLN A 70 9.52 -4.52 1.95
CA GLN A 70 9.08 -5.69 2.71
C GLN A 70 10.29 -6.54 3.11
N MET A 71 10.14 -7.38 4.14
CA MET A 71 11.06 -8.50 4.40
C MET A 71 10.31 -9.85 4.31
N GLN A 72 10.99 -10.89 3.82
CA GLN A 72 10.39 -12.20 3.57
C GLN A 72 10.32 -13.09 4.83
N ASP A 73 9.57 -14.19 4.68
CA ASP A 73 9.72 -15.44 5.46
C ASP A 73 11.18 -15.94 5.50
N ASN A 74 11.91 -15.79 4.39
CA ASN A 74 13.35 -16.04 4.26
C ASN A 74 14.24 -14.92 4.85
N GLY A 75 13.67 -13.94 5.55
CA GLY A 75 14.34 -12.75 6.13
C GLY A 75 14.84 -11.71 5.12
N LYS A 76 15.22 -12.12 3.91
CA LYS A 76 15.73 -11.27 2.83
C LYS A 76 14.70 -10.23 2.35
N PRO A 77 15.14 -9.01 1.95
CA PRO A 77 14.23 -7.92 1.60
C PRO A 77 13.50 -8.15 0.27
N VAL A 78 12.44 -7.38 0.04
CA VAL A 78 11.80 -7.10 -1.26
C VAL A 78 11.55 -5.60 -1.34
N GLU A 79 11.84 -5.00 -2.48
CA GLU A 79 11.80 -3.55 -2.71
C GLU A 79 10.99 -3.22 -3.97
N GLY A 80 10.61 -1.96 -4.20
CA GLY A 80 10.10 -1.54 -5.50
C GLY A 80 9.59 -0.10 -5.60
N HIS A 81 9.03 0.23 -6.76
CA HIS A 81 8.28 1.46 -7.03
C HIS A 81 7.14 1.20 -8.03
N ALA A 82 6.08 2.00 -7.92
CA ALA A 82 5.06 2.22 -8.94
C ALA A 82 4.34 3.54 -8.61
N SER A 83 3.89 4.31 -9.61
CA SER A 83 3.28 5.65 -9.43
C SER A 83 2.14 5.70 -8.40
N GLN A 84 1.39 4.60 -8.30
CA GLN A 84 0.25 4.38 -7.41
C GLN A 84 0.38 3.05 -6.64
N MET A 85 -0.21 3.01 -5.44
CA MET A 85 -0.53 1.81 -4.66
C MET A 85 -2.03 1.75 -4.32
N HIS A 86 -2.56 0.53 -4.21
CA HIS A 86 -3.95 0.22 -3.86
C HIS A 86 -4.02 -0.97 -2.89
N TYR A 87 -5.07 -1.04 -2.07
CA TYR A 87 -5.40 -2.21 -1.25
C TYR A 87 -6.92 -2.47 -1.26
N GLU A 88 -7.33 -3.73 -1.42
CA GLU A 88 -8.73 -4.14 -1.60
C GLU A 88 -9.06 -5.28 -0.64
N LEU A 89 -9.78 -4.97 0.44
CA LEU A 89 -10.00 -5.88 1.57
C LEU A 89 -10.71 -7.19 1.17
N ALA A 90 -11.55 -7.16 0.13
CA ALA A 90 -12.24 -8.34 -0.39
C ALA A 90 -11.38 -9.20 -1.34
N LYS A 91 -10.05 -8.98 -1.38
CA LYS A 91 -9.08 -9.67 -2.24
C LYS A 91 -7.75 -9.96 -1.53
N ASP A 92 -7.64 -9.63 -0.23
CA ASP A 92 -6.45 -9.75 0.64
C ASP A 92 -5.18 -8.97 0.22
N PHE A 93 -5.07 -8.53 -1.04
CA PHE A 93 -3.83 -8.18 -1.72
C PHE A 93 -3.62 -6.69 -2.01
N VAL A 94 -2.35 -6.34 -2.24
CA VAL A 94 -1.91 -5.04 -2.77
C VAL A 94 -1.86 -5.06 -4.31
N VAL A 95 -2.18 -3.92 -4.92
CA VAL A 95 -1.92 -3.64 -6.33
C VAL A 95 -1.08 -2.38 -6.41
N LEU A 96 0.00 -2.40 -7.19
CA LEU A 96 0.82 -1.22 -7.47
C LEU A 96 0.80 -0.95 -8.98
N THR A 97 0.62 0.31 -9.39
CA THR A 97 0.21 0.70 -10.75
C THR A 97 0.97 1.90 -11.31
N GLY A 98 1.32 1.82 -12.60
CA GLY A 98 2.12 2.79 -13.35
C GLY A 98 3.62 2.69 -13.05
N ASN A 99 4.45 2.58 -14.09
CA ASN A 99 5.93 2.58 -14.00
C ASN A 99 6.46 1.61 -12.93
N ALA A 100 5.95 0.39 -12.97
CA ALA A 100 6.12 -0.59 -11.91
C ALA A 100 7.47 -1.31 -12.02
N TYR A 101 8.18 -1.46 -10.90
CA TYR A 101 9.44 -2.21 -10.77
C TYR A 101 9.52 -2.81 -9.36
N LEU A 102 9.76 -4.12 -9.26
CA LEU A 102 9.89 -4.86 -7.99
C LEU A 102 11.22 -5.64 -7.98
N GLN A 103 11.89 -5.66 -6.85
CA GLN A 103 13.28 -6.07 -6.71
C GLN A 103 13.48 -7.02 -5.52
N GLN A 104 14.33 -8.02 -5.75
CA GLN A 104 14.79 -9.05 -4.83
C GLN A 104 16.24 -9.39 -5.24
N VAL A 105 17.06 -9.86 -4.31
CA VAL A 105 18.48 -10.23 -4.53
C VAL A 105 18.66 -11.22 -5.70
N ASP A 106 17.63 -12.03 -5.96
CA ASP A 106 17.58 -13.11 -6.93
C ASP A 106 16.40 -12.97 -7.92
N SER A 107 15.74 -11.81 -8.02
CA SER A 107 14.64 -11.58 -8.98
C SER A 107 14.30 -10.10 -9.23
N ASN A 108 13.83 -9.79 -10.45
CA ASN A 108 13.21 -8.51 -10.80
C ASN A 108 11.99 -8.73 -11.71
N ILE A 109 10.89 -8.01 -11.45
CA ILE A 109 9.76 -7.86 -12.38
C ILE A 109 9.42 -6.37 -12.56
N LYS A 110 8.93 -6.00 -13.75
CA LYS A 110 8.87 -4.60 -14.21
C LYS A 110 7.90 -4.40 -15.39
N GLY A 111 7.23 -3.25 -15.44
CA GLY A 111 6.20 -2.91 -16.44
C GLY A 111 5.35 -1.71 -16.02
N ASP A 112 4.06 -1.95 -15.82
CA ASP A 112 3.04 -1.01 -15.32
C ASP A 112 2.14 -1.59 -14.21
N LYS A 113 2.11 -2.91 -13.98
CA LYS A 113 1.34 -3.54 -12.89
C LYS A 113 2.19 -4.49 -12.05
N ILE A 114 2.35 -4.14 -10.77
CA ILE A 114 2.85 -5.06 -9.73
C ILE A 114 1.67 -5.83 -9.12
N THR A 115 1.94 -7.09 -8.76
CA THR A 115 1.05 -7.95 -7.98
C THR A 115 1.90 -8.78 -7.02
N TYR A 116 1.34 -9.15 -5.87
CA TYR A 116 1.97 -10.05 -4.90
C TYR A 116 0.88 -10.90 -4.23
N LEU A 117 1.28 -11.91 -3.44
CA LEU A 117 0.37 -12.76 -2.67
C LEU A 117 0.73 -12.74 -1.18
N VAL A 118 -0.26 -12.95 -0.31
CA VAL A 118 -0.09 -13.11 1.14
C VAL A 118 0.42 -14.53 1.48
N LYS A 119 1.41 -15.03 0.72
CA LYS A 119 1.99 -16.38 0.85
C LYS A 119 3.41 -16.42 0.29
N GLU A 120 4.26 -17.22 0.92
CA GLU A 120 5.64 -17.46 0.48
C GLU A 120 5.75 -18.25 -0.83
N GLN A 121 6.95 -18.28 -1.42
CA GLN A 121 7.35 -19.07 -2.60
C GLN A 121 6.59 -18.82 -3.93
N LYS A 122 5.36 -18.29 -3.92
CA LYS A 122 4.45 -18.19 -5.06
C LYS A 122 4.78 -17.02 -6.02
N MET A 123 6.05 -16.93 -6.42
CA MET A 123 6.55 -16.03 -7.46
C MET A 123 5.78 -16.17 -8.79
N GLN A 124 5.61 -15.07 -9.53
CA GLN A 124 4.93 -15.06 -10.83
C GLN A 124 5.34 -13.83 -11.66
N ALA A 125 5.18 -13.93 -12.99
CA ALA A 125 5.31 -12.81 -13.92
C ALA A 125 3.94 -12.18 -14.26
N PHE A 126 3.96 -11.05 -14.97
CA PHE A 126 2.78 -10.39 -15.53
C PHE A 126 3.10 -9.84 -16.94
N SER A 127 2.07 -9.45 -17.70
CA SER A 127 2.17 -9.09 -19.12
C SER A 127 1.50 -7.75 -19.43
N ASP A 128 2.10 -6.65 -18.98
CA ASP A 128 1.70 -5.30 -19.36
C ASP A 128 1.90 -5.09 -20.88
N LYS A 129 0.85 -4.63 -21.58
CA LYS A 129 0.78 -4.58 -23.05
C LYS A 129 1.49 -3.35 -23.64
N GLY A 130 2.74 -3.12 -23.22
CA GLY A 130 3.49 -1.89 -23.47
C GLY A 130 3.07 -0.75 -22.53
N LYS A 131 3.69 0.44 -22.70
CA LYS A 131 3.53 1.64 -21.84
C LYS A 131 2.20 2.37 -22.06
N ARG A 132 1.10 1.62 -22.04
CA ARG A 132 -0.33 1.99 -22.02
C ARG A 132 -1.23 0.75 -22.09
N VAL B 1 -11.37 0.19 8.35
CA VAL B 1 -10.44 -0.35 9.39
C VAL B 1 -9.87 0.73 10.36
N ILE B 3 -7.43 2.59 11.49
CA ILE B 3 -6.09 3.08 11.09
C ILE B 3 -5.46 4.05 12.11
N ILE B 4 -4.16 3.95 12.39
CA ILE B 4 -3.39 4.92 13.20
C ILE B 4 -2.68 5.90 12.25
N TYR B 5 -3.23 7.11 12.07
CA TYR B 5 -2.59 8.16 11.25
C TYR B 5 -2.06 9.32 12.09
N ASN B 7 0.33 12.99 12.70
CA ASN B 7 0.41 14.31 12.07
C ASN B 7 1.87 14.85 12.07
N ARG B 8 2.61 14.84 10.95
CA ARG B 8 4.03 15.31 10.91
C ARG B 8 4.22 16.83 10.97
N THR B 10 2.60 18.27 14.05
CA THR B 10 2.38 18.36 15.51
C THR B 10 2.90 17.14 16.29
N LYS B 12 1.52 14.68 17.40
CA LYS B 12 0.26 14.08 17.89
C LYS B 12 -0.36 13.18 16.82
N CYS B 13 -1.17 12.21 17.23
CA CYS B 13 -1.74 11.19 16.35
C CYS B 13 -3.27 11.08 16.49
N TYR B 16 -8.48 6.29 13.25
CA TYR B 16 -9.85 6.07 12.75
C TYR B 16 -10.62 5.04 13.58
N VAL A 1 3.96 -7.22 22.54
CA VAL A 1 4.47 -8.42 23.24
C VAL A 1 3.68 -9.63 22.77
N THR A 2 2.40 -9.72 23.10
CA THR A 2 1.35 -10.17 22.17
C THR A 2 1.26 -9.22 20.97
N GLY A 3 0.56 -9.64 19.91
CA GLY A 3 0.26 -8.85 18.72
C GLY A 3 -0.76 -9.58 17.82
N ASP A 4 -1.42 -8.83 16.94
CA ASP A 4 -2.59 -9.30 16.18
C ASP A 4 -2.23 -10.14 14.95
N THR A 5 -3.20 -10.90 14.45
CA THR A 5 -3.26 -11.37 13.06
C THR A 5 -3.75 -10.26 12.12
N ASP A 6 -4.84 -9.60 12.51
CA ASP A 6 -5.62 -8.65 11.69
C ASP A 6 -5.09 -7.22 11.83
N GLN A 7 -3.80 -7.07 11.56
CA GLN A 7 -2.99 -5.92 11.97
C GLN A 7 -3.47 -4.59 11.34
N PRO A 8 -3.43 -3.49 12.09
CA PRO A 8 -3.92 -2.19 11.62
C PRO A 8 -2.99 -1.52 10.61
N ILE A 9 -3.56 -0.55 9.90
CA ILE A 9 -2.84 0.37 9.00
C ILE A 9 -2.27 1.52 9.83
N HIS A 10 -1.02 1.94 9.57
CA HIS A 10 -0.37 3.04 10.26
C HIS A 10 0.26 4.03 9.25
N ILE A 11 -0.21 5.28 9.26
CA ILE A 11 0.02 6.26 8.18
C ILE A 11 0.61 7.55 8.75
N GLU A 12 1.72 8.04 8.22
CA GLU A 12 2.24 9.39 8.51
C GLU A 12 2.13 10.31 7.28
N SER A 13 1.24 11.29 7.37
CA SER A 13 1.13 12.43 6.44
C SER A 13 1.85 13.63 7.06
N ASP A 14 2.21 14.67 6.30
CA ASP A 14 2.74 15.89 6.94
C ASP A 14 1.68 16.52 7.87
N GLN A 15 0.52 16.76 7.27
CA GLN A 15 -0.72 17.25 7.83
C GLN A 15 -1.88 16.61 7.04
N GLN A 16 -3.14 16.84 7.43
CA GLN A 16 -4.25 16.00 6.98
C GLN A 16 -5.55 16.79 6.82
N SER A 17 -6.33 16.46 5.80
CA SER A 17 -7.76 16.77 5.75
C SER A 17 -8.52 15.74 6.57
N LEU A 18 -8.58 15.95 7.89
CA LEU A 18 -9.27 15.08 8.85
C LEU A 18 -10.77 15.43 8.86
N ASP A 19 -11.61 14.46 8.51
CA ASP A 19 -13.05 14.65 8.33
C ASP A 19 -13.85 14.57 9.65
N MET A 20 -14.70 15.58 9.86
CA MET A 20 -15.62 15.72 11.00
C MET A 20 -16.78 14.73 10.98
N GLN A 21 -17.17 14.20 9.82
CA GLN A 21 -18.11 13.08 9.68
C GLN A 21 -17.45 11.74 10.08
N GLY A 22 -16.14 11.75 10.34
CA GLY A 22 -15.35 10.60 10.77
C GLY A 22 -15.20 9.53 9.70
N ASN A 23 -15.42 9.86 8.42
CA ASN A 23 -15.80 8.95 7.35
C ASN A 23 -14.72 8.78 6.27
N VAL A 24 -14.19 9.87 5.71
CA VAL A 24 -13.17 9.80 4.64
C VAL A 24 -12.12 10.90 4.82
N VAL A 25 -10.86 10.52 5.02
CA VAL A 25 -9.72 11.45 5.24
C VAL A 25 -8.82 11.56 4.01
N THR A 26 -8.05 12.65 3.93
CA THR A 26 -7.04 12.85 2.88
C THR A 26 -5.65 13.10 3.47
N PHE A 27 -4.69 12.29 3.00
CA PHE A 27 -3.25 12.43 3.25
C PHE A 27 -2.60 12.94 1.96
N THR A 28 -1.77 13.99 2.02
CA THR A 28 -1.14 14.60 0.82
C THR A 28 0.17 15.31 1.18
N GLY A 29 1.15 15.25 0.29
CA GLY A 29 2.52 15.74 0.47
C GLY A 29 3.43 14.67 1.06
N ASN A 30 4.18 13.95 0.21
CA ASN A 30 5.27 13.03 0.58
C ASN A 30 4.94 12.09 1.78
N VAL A 31 3.84 11.35 1.68
CA VAL A 31 3.20 10.59 2.77
C VAL A 31 3.70 9.15 2.89
N ILE A 32 3.67 8.59 4.10
CA ILE A 32 4.06 7.21 4.40
C ILE A 32 2.83 6.39 4.80
N VAL A 33 2.68 5.18 4.26
CA VAL A 33 1.68 4.17 4.64
C VAL A 33 2.39 2.92 5.17
N THR A 34 1.79 2.24 6.14
CA THR A 34 2.28 0.99 6.73
C THR A 34 1.11 0.05 7.00
N LEU A 35 1.31 -1.26 6.89
CA LEU A 35 0.41 -2.27 7.46
C LEU A 35 1.26 -3.51 7.79
N GLY A 36 1.48 -3.77 9.08
CA GLY A 36 2.28 -4.92 9.55
C GLY A 36 3.66 -5.00 8.89
N THR A 37 3.84 -5.99 8.01
CA THR A 37 5.10 -6.26 7.27
C THR A 37 5.29 -5.44 5.98
N ILE A 38 4.41 -4.49 5.66
CA ILE A 38 4.46 -3.66 4.45
C ILE A 38 4.62 -2.18 4.82
N LYS A 39 5.46 -1.42 4.11
CA LYS A 39 5.54 0.05 4.17
C LYS A 39 5.65 0.64 2.76
N ILE A 40 5.06 1.82 2.53
CA ILE A 40 5.01 2.49 1.23
C ILE A 40 5.25 4.00 1.43
N ASN A 41 6.05 4.61 0.54
CA ASN A 41 6.12 6.06 0.37
C ASN A 41 5.29 6.45 -0.85
N ALA A 42 4.42 7.45 -0.70
CA ALA A 42 3.59 8.04 -1.74
C ALA A 42 3.61 9.58 -1.64
N ASP A 43 2.75 10.26 -2.40
CA ASP A 43 2.56 11.72 -2.30
C ASP A 43 1.10 12.13 -2.09
N LYS A 44 0.12 11.29 -2.48
CA LYS A 44 -1.26 11.40 -2.01
C LYS A 44 -1.84 10.03 -1.74
N VAL A 45 -2.62 9.91 -0.66
CA VAL A 45 -3.35 8.69 -0.27
C VAL A 45 -4.74 9.05 0.27
N VAL A 46 -5.73 8.19 0.04
CA VAL A 46 -7.12 8.27 0.55
C VAL A 46 -7.53 6.91 1.12
N VAL A 47 -8.43 6.88 2.11
CA VAL A 47 -8.95 5.65 2.75
C VAL A 47 -10.44 5.77 3.08
N THR A 48 -11.18 4.65 3.02
CA THR A 48 -12.63 4.60 3.24
C THR A 48 -13.05 3.73 4.44
N ARG A 49 -14.31 3.92 4.89
CA ARG A 49 -15.08 3.03 5.77
C ARG A 49 -16.54 2.97 5.27
N PRO A 50 -17.31 1.90 5.55
CA PRO A 50 -18.57 1.66 4.83
C PRO A 50 -19.67 2.69 5.14
N GLY A 51 -20.07 3.44 4.11
CA GLY A 51 -21.24 4.32 4.12
C GLY A 51 -22.58 3.58 3.96
N GLY A 52 -22.70 2.35 4.49
CA GLY A 52 -23.83 1.44 4.24
C GLY A 52 -23.84 0.76 2.87
N GLU A 53 -23.00 1.19 1.93
CA GLU A 53 -22.81 0.53 0.63
C GLU A 53 -22.36 -0.93 0.80
N GLN A 54 -22.92 -1.83 -0.02
CA GLN A 54 -22.56 -3.25 -0.04
C GLN A 54 -21.31 -3.52 -0.93
N GLY A 55 -20.34 -2.62 -0.87
CA GLY A 55 -19.14 -2.57 -1.71
C GLY A 55 -17.91 -3.21 -1.04
N LYS A 56 -16.75 -2.57 -1.20
CA LYS A 56 -15.48 -2.95 -0.56
C LYS A 56 -14.67 -1.72 -0.18
N GLU A 57 -14.03 -1.77 0.97
CA GLU A 57 -13.21 -0.67 1.50
C GLU A 57 -11.81 -0.65 0.87
N VAL A 58 -11.30 0.55 0.60
CA VAL A 58 -10.13 0.76 -0.27
C VAL A 58 -9.13 1.78 0.26
N ILE A 59 -7.89 1.61 -0.16
CA ILE A 59 -6.84 2.63 -0.22
C ILE A 59 -6.36 2.72 -1.67
N ASP A 60 -6.19 3.95 -2.14
CA ASP A 60 -5.51 4.31 -3.39
C ASP A 60 -4.58 5.50 -3.16
N GLY A 61 -3.56 5.66 -4.02
CA GLY A 61 -2.61 6.76 -3.96
C GLY A 61 -1.58 6.78 -5.08
N TYR A 62 -1.04 7.95 -5.37
CA TYR A 62 0.06 8.15 -6.34
C TYR A 62 1.35 8.54 -5.62
N GLY A 63 2.52 8.20 -6.20
CA GLY A 63 3.83 8.45 -5.61
C GLY A 63 4.73 9.40 -6.42
N LYS A 64 5.20 10.48 -5.78
CA LYS A 64 6.29 11.36 -6.23
C LYS A 64 6.93 12.07 -5.02
N PRO A 65 7.97 11.50 -4.37
CA PRO A 65 8.62 10.22 -4.66
C PRO A 65 7.75 8.99 -4.34
N ALA A 66 8.16 7.83 -4.85
CA ALA A 66 7.49 6.55 -4.65
C ALA A 66 8.50 5.48 -4.18
N THR A 67 8.18 4.76 -3.11
CA THR A 67 8.88 3.52 -2.73
C THR A 67 7.91 2.52 -2.08
N PHE A 68 8.26 1.25 -2.12
CA PHE A 68 7.57 0.14 -1.47
C PHE A 68 8.62 -0.73 -0.77
N TYR A 69 8.37 -1.09 0.48
CA TYR A 69 9.31 -1.81 1.36
C TYR A 69 8.58 -2.95 2.06
N GLN A 70 9.18 -4.14 2.04
CA GLN A 70 8.59 -5.36 2.58
C GLN A 70 9.67 -6.33 3.08
N MET A 71 9.25 -7.40 3.73
CA MET A 71 10.02 -8.64 3.81
C MET A 71 9.67 -9.58 2.64
N GLN A 72 10.66 -10.41 2.29
CA GLN A 72 10.59 -11.59 1.44
C GLN A 72 10.12 -12.78 2.30
N ASP A 73 9.43 -13.76 1.70
CA ASP A 73 8.89 -14.94 2.39
C ASP A 73 9.99 -15.74 3.12
N ASN A 74 11.22 -15.78 2.58
CA ASN A 74 12.40 -16.40 3.21
C ASN A 74 13.22 -15.46 4.14
N GLY A 75 12.57 -14.47 4.76
CA GLY A 75 13.09 -13.70 5.89
C GLY A 75 14.18 -12.69 5.55
N LYS A 76 14.02 -11.96 4.44
CA LYS A 76 15.03 -11.03 3.86
C LYS A 76 14.35 -9.74 3.36
N PRO A 77 15.05 -8.60 3.14
CA PRO A 77 14.40 -7.37 2.68
C PRO A 77 13.92 -7.45 1.22
N VAL A 78 12.93 -6.63 0.88
CA VAL A 78 12.35 -6.42 -0.46
C VAL A 78 12.08 -4.93 -0.66
N GLU A 79 12.51 -4.38 -1.79
CA GLU A 79 12.40 -2.95 -2.12
C GLU A 79 11.87 -2.74 -3.55
N GLY A 80 11.10 -1.68 -3.79
CA GLY A 80 10.48 -1.41 -5.09
C GLY A 80 9.83 -0.04 -5.21
N HIS A 81 9.13 0.21 -6.33
CA HIS A 81 8.39 1.45 -6.59
C HIS A 81 7.31 1.25 -7.67
N ALA A 82 6.35 2.19 -7.73
CA ALA A 82 5.37 2.34 -8.81
C ALA A 82 4.79 3.77 -8.82
N SER A 83 4.13 4.16 -9.90
CA SER A 83 3.42 5.45 -10.00
C SER A 83 2.17 5.51 -9.11
N GLN A 84 1.47 4.38 -8.95
CA GLN A 84 0.23 4.23 -8.20
C GLN A 84 0.27 2.96 -7.30
N MET A 85 -0.38 3.05 -6.14
CA MET A 85 -0.49 2.00 -5.13
C MET A 85 -1.96 1.82 -4.67
N HIS A 86 -2.53 0.63 -4.91
CA HIS A 86 -3.88 0.27 -4.49
C HIS A 86 -3.88 -0.96 -3.58
N TYR A 87 -4.76 -0.94 -2.57
CA TYR A 87 -5.00 -2.02 -1.62
C TYR A 87 -6.46 -1.96 -1.17
N GLU A 88 -7.23 -3.02 -1.41
CA GLU A 88 -8.59 -3.15 -0.87
C GLU A 88 -8.56 -3.97 0.43
N LEU A 89 -9.01 -3.39 1.53
CA LEU A 89 -9.10 -4.03 2.85
C LEU A 89 -10.37 -4.90 2.97
N ALA A 90 -10.59 -5.69 1.92
CA ALA A 90 -11.68 -6.66 1.75
C ALA A 90 -11.34 -7.76 0.71
N LYS A 91 -10.05 -7.93 0.38
CA LYS A 91 -9.43 -9.01 -0.43
C LYS A 91 -7.92 -9.04 -0.15
N ASP A 92 -7.33 -7.87 0.05
CA ASP A 92 -6.04 -7.61 0.69
C ASP A 92 -4.77 -7.98 -0.11
N PHE A 93 -4.93 -8.46 -1.35
CA PHE A 93 -3.84 -8.49 -2.33
C PHE A 93 -3.44 -7.04 -2.70
N VAL A 94 -2.14 -6.73 -2.67
CA VAL A 94 -1.63 -5.37 -2.95
C VAL A 94 -1.31 -5.19 -4.44
N VAL A 95 -1.59 -4.01 -4.99
CA VAL A 95 -1.42 -3.67 -6.40
C VAL A 95 -0.53 -2.43 -6.56
N LEU A 96 0.53 -2.57 -7.35
CA LEU A 96 1.41 -1.50 -7.80
C LEU A 96 1.23 -1.32 -9.31
N THR A 97 1.12 -0.09 -9.83
CA THR A 97 0.84 0.16 -11.26
C THR A 97 1.46 1.47 -11.76
N GLY A 98 1.92 1.47 -13.02
CA GLY A 98 2.82 2.47 -13.60
C GLY A 98 4.24 2.34 -13.04
N ASN A 99 5.28 2.42 -13.88
CA ASN A 99 6.69 2.37 -13.49
C ASN A 99 7.03 1.28 -12.43
N ALA A 100 6.42 0.10 -12.53
CA ALA A 100 6.37 -0.86 -11.43
C ALA A 100 7.63 -1.74 -11.40
N TYR A 101 8.34 -1.74 -10.27
CA TYR A 101 9.52 -2.55 -10.02
C TYR A 101 9.48 -3.14 -8.61
N LEU A 102 9.94 -4.38 -8.44
CA LEU A 102 10.16 -5.00 -7.14
C LEU A 102 11.38 -5.93 -7.18
N GLN A 103 12.35 -5.67 -6.31
CA GLN A 103 13.59 -6.42 -6.19
C GLN A 103 13.40 -7.69 -5.35
N GLN A 104 14.07 -8.77 -5.73
CA GLN A 104 14.36 -9.91 -4.87
C GLN A 104 15.85 -10.27 -4.96
N VAL A 105 16.31 -11.23 -4.14
CA VAL A 105 17.73 -11.60 -4.04
C VAL A 105 18.22 -12.42 -5.25
N ASP A 106 17.32 -13.10 -5.96
CA ASP A 106 17.64 -13.91 -7.14
C ASP A 106 16.65 -13.72 -8.29
N SER A 107 15.35 -13.81 -8.00
CA SER A 107 14.25 -13.33 -8.85
C SER A 107 14.21 -11.78 -8.87
N ASN A 108 13.59 -11.18 -9.88
CA ASN A 108 13.31 -9.73 -9.98
C ASN A 108 12.08 -9.53 -10.89
N ILE A 109 11.25 -8.52 -10.64
CA ILE A 109 10.07 -8.23 -11.48
C ILE A 109 9.93 -6.74 -11.79
N LYS A 110 9.53 -6.46 -13.04
CA LYS A 110 9.51 -5.12 -13.66
C LYS A 110 8.46 -5.02 -14.76
N GLY A 111 7.70 -3.92 -14.82
CA GLY A 111 6.76 -3.63 -15.90
C GLY A 111 5.70 -2.59 -15.54
N ASP A 112 4.55 -2.68 -16.18
CA ASP A 112 3.43 -1.74 -16.05
C ASP A 112 2.61 -1.97 -14.77
N LYS A 113 2.59 -3.21 -14.26
CA LYS A 113 1.77 -3.61 -13.10
C LYS A 113 2.42 -4.76 -12.32
N ILE A 114 2.39 -4.66 -10.99
CA ILE A 114 2.89 -5.65 -10.03
C ILE A 114 1.80 -5.99 -8.99
N THR A 115 1.90 -7.17 -8.39
CA THR A 115 1.00 -7.69 -7.34
C THR A 115 1.82 -8.38 -6.25
N TYR A 116 1.37 -8.37 -4.98
CA TYR A 116 1.80 -9.35 -3.97
C TYR A 116 0.60 -9.88 -3.15
N LEU A 117 0.76 -11.06 -2.56
CA LEU A 117 -0.33 -11.93 -2.10
C LEU A 117 -0.58 -11.81 -0.58
N VAL A 118 -1.77 -12.25 -0.13
CA VAL A 118 -2.07 -12.56 1.29
C VAL A 118 -1.54 -13.97 1.67
N LYS A 119 -0.37 -14.34 1.13
CA LYS A 119 0.16 -15.69 1.03
C LYS A 119 1.66 -15.65 0.68
N GLU A 120 2.42 -16.62 1.14
CA GLU A 120 3.75 -16.95 0.63
C GLU A 120 3.69 -17.33 -0.86
N GLN A 121 4.61 -16.81 -1.67
CA GLN A 121 4.50 -16.88 -3.14
C GLN A 121 5.03 -18.20 -3.74
N LYS A 122 4.33 -18.75 -4.75
CA LYS A 122 4.68 -20.00 -5.46
C LYS A 122 5.75 -19.80 -6.57
N MET A 123 6.74 -18.95 -6.29
CA MET A 123 7.99 -18.92 -7.08
C MET A 123 8.74 -20.26 -6.96
N GLN A 124 9.70 -20.49 -7.86
CA GLN A 124 10.55 -21.68 -7.86
C GLN A 124 11.90 -21.35 -8.51
N ALA A 125 12.98 -21.95 -8.00
CA ALA A 125 14.35 -21.76 -8.48
C ALA A 125 15.03 -23.11 -8.73
N PHE A 126 16.11 -23.10 -9.51
CA PHE A 126 16.69 -24.29 -10.15
C PHE A 126 18.22 -24.29 -10.09
N SER A 127 18.83 -25.40 -10.50
CA SER A 127 20.28 -25.61 -10.63
C SER A 127 20.88 -24.82 -11.80
N ASP A 128 22.19 -24.95 -12.02
CA ASP A 128 22.89 -24.54 -13.25
C ASP A 128 22.77 -23.04 -13.61
N LYS A 129 22.44 -22.24 -12.60
CA LYS A 129 21.93 -20.86 -12.68
C LYS A 129 22.99 -19.79 -12.96
N GLY A 130 23.75 -19.96 -14.05
CA GLY A 130 24.92 -19.17 -14.47
C GLY A 130 24.69 -17.70 -14.88
N LYS A 131 23.92 -16.95 -14.08
CA LYS A 131 23.58 -15.52 -14.22
C LYS A 131 24.80 -14.61 -13.92
N ARG A 132 25.87 -14.80 -14.67
CA ARG A 132 27.16 -14.14 -14.45
C ARG A 132 27.37 -12.94 -15.38
N VAL B 1 -9.71 -3.56 8.31
CA VAL B 1 -8.71 -3.33 9.39
C VAL B 1 -8.73 -1.89 10.00
N ILE B 3 -7.26 1.82 11.57
CA ILE B 3 -6.20 2.77 11.17
C ILE B 3 -5.69 3.58 12.37
N ILE B 4 -4.36 3.68 12.52
CA ILE B 4 -3.68 4.62 13.42
C ILE B 4 -2.92 5.62 12.53
N TYR B 5 -3.60 6.68 12.10
CA TYR B 5 -2.98 7.72 11.30
C TYR B 5 -2.42 8.83 12.18
N ASN B 7 -0.01 12.74 12.10
CA ASN B 7 0.48 13.90 11.34
C ASN B 7 1.92 14.23 11.78
N ARG B 8 2.89 14.06 10.87
CA ARG B 8 4.33 14.32 11.05
C ARG B 8 4.59 15.68 11.65
N THR B 10 3.20 17.70 13.59
CA THR B 10 2.97 17.87 15.04
C THR B 10 3.29 16.62 15.87
N LYS B 12 1.01 14.39 16.38
CA LYS B 12 -0.31 13.96 16.84
C LYS B 12 -0.82 12.75 16.05
N CYS B 13 -1.09 11.67 16.76
CA CYS B 13 -1.81 10.49 16.27
C CYS B 13 -3.32 10.56 16.55
N TYR B 16 -8.80 6.00 13.34
CA TYR B 16 -10.14 5.41 13.16
C TYR B 16 -10.02 3.96 13.65
N VAL A 1 -2.13 -6.14 25.21
CA VAL A 1 -3.20 -7.18 25.15
C VAL A 1 -3.74 -7.18 23.74
N THR A 2 -3.92 -8.36 23.15
CA THR A 2 -4.17 -8.60 21.72
C THR A 2 -4.96 -9.90 21.56
N GLY A 3 -5.59 -10.08 20.39
CA GLY A 3 -6.50 -11.19 20.06
C GLY A 3 -7.35 -10.86 18.83
N ASP A 4 -6.76 -10.19 17.86
CA ASP A 4 -7.42 -9.17 17.03
C ASP A 4 -7.89 -9.70 15.67
N THR A 5 -8.94 -9.08 15.12
CA THR A 5 -9.50 -9.41 13.79
C THR A 5 -8.58 -8.96 12.64
N ASP A 6 -7.84 -7.88 12.85
CA ASP A 6 -7.06 -7.15 11.85
C ASP A 6 -5.90 -6.41 12.55
N GLN A 7 -5.56 -5.18 12.13
CA GLN A 7 -4.66 -4.30 12.87
C GLN A 7 -5.04 -2.82 12.64
N PRO A 8 -4.69 -1.91 13.58
CA PRO A 8 -4.71 -0.48 13.30
C PRO A 8 -3.82 -0.13 12.10
N ILE A 9 -4.42 0.42 11.04
CA ILE A 9 -3.76 0.74 9.78
C ILE A 9 -3.11 2.13 9.93
N HIS A 10 -1.78 2.18 9.92
CA HIS A 10 -1.02 3.40 10.23
C HIS A 10 -0.60 4.14 8.95
N ILE A 11 -0.90 5.44 8.90
CA ILE A 11 -0.47 6.37 7.85
C ILE A 11 0.25 7.56 8.51
N GLU A 12 1.43 7.95 8.03
CA GLU A 12 2.05 9.23 8.41
C GLU A 12 1.89 10.25 7.27
N SER A 13 1.44 11.47 7.58
CA SER A 13 1.13 12.52 6.58
C SER A 13 1.79 13.85 6.94
N ASP A 14 2.27 14.59 5.93
CA ASP A 14 2.91 15.90 6.09
C ASP A 14 1.86 17.05 6.10
N GLN A 15 0.89 17.00 5.18
CA GLN A 15 -0.36 17.77 5.28
C GLN A 15 -1.28 17.11 6.33
N GLN A 16 -2.12 17.90 7.00
CA GLN A 16 -3.18 17.40 7.88
C GLN A 16 -4.55 17.99 7.49
N SER A 17 -5.53 17.11 7.32
CA SER A 17 -6.95 17.43 7.31
C SER A 17 -7.71 16.40 8.14
N LEU A 18 -8.92 16.76 8.60
CA LEU A 18 -9.90 15.86 9.21
C LEU A 18 -11.27 16.55 9.20
N ASP A 19 -12.28 15.96 8.56
CA ASP A 19 -13.66 16.46 8.60
C ASP A 19 -14.40 15.98 9.85
N MET A 20 -15.24 16.85 10.42
CA MET A 20 -16.23 16.52 11.44
C MET A 20 -17.27 15.48 10.95
N GLN A 21 -17.52 15.40 9.64
CA GLN A 21 -18.31 14.30 9.05
C GLN A 21 -17.64 12.93 9.18
N GLY A 22 -16.32 12.88 9.43
CA GLY A 22 -15.56 11.67 9.78
C GLY A 22 -15.60 10.54 8.75
N ASN A 23 -15.97 10.83 7.50
CA ASN A 23 -16.43 9.85 6.50
C ASN A 23 -15.31 9.35 5.56
N VAL A 24 -14.50 10.26 5.02
CA VAL A 24 -13.39 9.99 4.09
C VAL A 24 -12.20 10.87 4.46
N VAL A 25 -10.98 10.38 4.28
CA VAL A 25 -9.75 11.18 4.45
C VAL A 25 -8.77 10.97 3.31
N THR A 26 -8.09 12.06 2.95
CA THR A 26 -6.91 12.05 2.09
C THR A 26 -5.72 12.57 2.88
N PHE A 27 -4.56 11.97 2.65
CA PHE A 27 -3.27 12.31 3.24
C PHE A 27 -2.30 12.62 2.10
N THR A 28 -1.52 13.69 2.21
CA THR A 28 -0.76 14.25 1.08
C THR A 28 0.57 14.86 1.50
N GLY A 29 1.56 14.77 0.62
CA GLY A 29 2.94 15.19 0.85
C GLY A 29 3.68 14.20 1.75
N ASN A 30 4.83 13.70 1.27
CA ASN A 30 5.77 12.85 2.01
C ASN A 30 5.10 11.74 2.84
N VAL A 31 4.12 11.04 2.26
CA VAL A 31 3.19 10.16 2.99
C VAL A 31 3.83 8.79 3.22
N ILE A 32 3.75 8.26 4.44
CA ILE A 32 4.13 6.88 4.79
C ILE A 32 2.88 6.04 5.07
N VAL A 33 2.93 4.74 4.76
CA VAL A 33 1.95 3.75 5.23
C VAL A 33 2.68 2.54 5.79
N THR A 34 2.19 2.00 6.91
CA THR A 34 2.69 0.79 7.57
C THR A 34 1.54 -0.17 7.85
N LEU A 35 1.55 -1.34 7.20
CA LEU A 35 0.47 -2.34 7.27
C LEU A 35 1.04 -3.75 7.03
N GLY A 36 0.85 -4.68 7.96
CA GLY A 36 1.40 -6.05 7.87
C GLY A 36 2.92 -6.09 7.87
N THR A 37 3.58 -5.12 8.53
CA THR A 37 5.02 -4.82 8.44
C THR A 37 5.51 -4.31 7.06
N ILE A 38 4.68 -4.41 6.01
CA ILE A 38 4.91 -3.77 4.71
C ILE A 38 4.90 -2.24 4.90
N LYS A 39 5.87 -1.57 4.27
CA LYS A 39 6.10 -0.12 4.36
C LYS A 39 6.00 0.51 2.96
N ILE A 40 5.27 1.61 2.83
CA ILE A 40 5.12 2.35 1.57
C ILE A 40 5.45 3.83 1.81
N ASN A 41 6.09 4.48 0.83
CA ASN A 41 6.17 5.94 0.69
C ASN A 41 5.40 6.38 -0.55
N ALA A 42 4.59 7.43 -0.41
CA ALA A 42 3.70 7.97 -1.43
C ALA A 42 3.63 9.50 -1.35
N ASP A 43 2.92 10.11 -2.30
CA ASP A 43 2.64 11.55 -2.34
C ASP A 43 1.18 11.87 -1.99
N LYS A 44 0.27 10.92 -2.22
CA LYS A 44 -1.12 10.93 -1.74
C LYS A 44 -1.56 9.53 -1.34
N VAL A 45 -2.35 9.42 -0.29
CA VAL A 45 -3.07 8.19 0.13
C VAL A 45 -4.50 8.55 0.53
N VAL A 46 -5.48 7.71 0.19
CA VAL A 46 -6.91 7.93 0.45
C VAL A 46 -7.52 6.69 1.10
N VAL A 47 -8.36 6.90 2.12
CA VAL A 47 -9.13 5.83 2.80
C VAL A 47 -10.52 6.34 3.21
N THR A 48 -11.46 5.42 3.37
CA THR A 48 -12.87 5.68 3.72
C THR A 48 -13.29 4.80 4.91
N ARG A 49 -14.58 4.88 5.30
CA ARG A 49 -15.30 3.80 5.98
C ARG A 49 -16.43 3.24 5.08
N PRO A 50 -17.04 2.08 5.38
CA PRO A 50 -17.70 1.29 4.34
C PRO A 50 -19.23 1.50 4.34
N GLY A 51 -19.72 2.43 3.53
CA GLY A 51 -21.15 2.64 3.32
C GLY A 51 -21.44 3.71 2.25
N GLY A 52 -22.62 3.65 1.64
CA GLY A 52 -23.06 4.57 0.57
C GLY A 52 -22.41 4.33 -0.80
N GLU A 53 -21.14 3.92 -0.83
CA GLU A 53 -20.50 3.32 -2.00
C GLU A 53 -21.09 1.92 -2.30
N GLN A 54 -21.07 1.54 -3.58
CA GLN A 54 -21.58 0.28 -4.15
C GLN A 54 -20.79 -0.96 -3.70
N GLY A 55 -19.49 -0.81 -3.48
CA GLY A 55 -18.54 -1.92 -3.29
C GLY A 55 -18.12 -2.15 -1.84
N LYS A 56 -16.90 -1.73 -1.49
CA LYS A 56 -16.18 -2.14 -0.27
C LYS A 56 -15.21 -1.07 0.23
N GLU A 57 -14.74 -1.29 1.45
CA GLU A 57 -13.59 -0.59 2.06
C GLU A 57 -12.32 -0.70 1.19
N VAL A 58 -11.58 0.41 1.05
CA VAL A 58 -10.41 0.54 0.17
C VAL A 58 -9.28 1.34 0.81
N ILE A 59 -8.05 1.06 0.36
CA ILE A 59 -6.88 1.93 0.49
C ILE A 59 -6.34 2.21 -0.92
N ASP A 60 -6.22 3.48 -1.27
CA ASP A 60 -5.72 3.93 -2.57
C ASP A 60 -4.51 4.86 -2.38
N GLY A 61 -3.51 4.79 -3.26
CA GLY A 61 -2.27 5.56 -3.14
C GLY A 61 -1.68 5.99 -4.48
N TYR A 62 -0.96 7.12 -4.47
CA TYR A 62 -0.29 7.72 -5.63
C TYR A 62 1.05 8.32 -5.20
N GLY A 63 2.12 8.13 -5.98
CA GLY A 63 3.49 8.41 -5.56
C GLY A 63 4.37 9.05 -6.63
N LYS A 64 4.92 10.21 -6.27
CA LYS A 64 5.85 11.05 -7.05
C LYS A 64 6.80 11.79 -6.09
N PRO A 65 7.86 11.17 -5.54
CA PRO A 65 8.30 9.80 -5.77
C PRO A 65 7.50 8.76 -4.98
N ALA A 66 7.78 7.48 -5.23
CA ALA A 66 7.15 6.33 -4.57
C ALA A 66 8.20 5.29 -4.11
N THR A 67 7.91 4.56 -3.04
CA THR A 67 8.60 3.29 -2.72
C THR A 67 7.65 2.27 -2.09
N PHE A 68 7.84 1.00 -2.41
CA PHE A 68 7.24 -0.17 -1.75
C PHE A 68 8.37 -0.98 -1.10
N TYR A 69 8.19 -1.44 0.15
CA TYR A 69 9.25 -2.09 0.91
C TYR A 69 8.69 -3.24 1.76
N GLN A 70 9.38 -4.37 1.76
CA GLN A 70 8.94 -5.62 2.41
C GLN A 70 10.16 -6.41 2.93
N MET A 71 9.94 -7.52 3.64
CA MET A 71 10.98 -8.44 4.13
C MET A 71 10.76 -9.85 3.57
N GLN A 72 11.83 -10.52 3.15
CA GLN A 72 11.84 -11.97 2.87
C GLN A 72 11.96 -12.78 4.15
N ASP A 73 11.22 -13.89 4.22
CA ASP A 73 11.48 -14.99 5.16
C ASP A 73 12.89 -15.57 4.94
N ASN A 74 13.33 -15.59 3.67
CA ASN A 74 14.69 -15.97 3.25
C ASN A 74 15.77 -14.91 3.60
N GLY A 75 15.50 -13.96 4.50
CA GLY A 75 16.49 -13.06 5.10
C GLY A 75 17.09 -12.03 4.14
N LYS A 76 16.27 -11.13 3.59
CA LYS A 76 16.71 -9.88 2.90
C LYS A 76 15.55 -8.87 2.79
N PRO A 77 15.81 -7.56 2.60
CA PRO A 77 14.75 -6.63 2.18
C PRO A 77 14.25 -6.95 0.76
N VAL A 78 12.98 -6.62 0.51
CA VAL A 78 12.36 -6.48 -0.81
C VAL A 78 12.25 -4.99 -1.12
N GLU A 79 12.70 -4.58 -2.30
CA GLU A 79 12.69 -3.18 -2.77
C GLU A 79 11.67 -3.01 -3.91
N GLY A 80 11.04 -1.84 -4.05
CA GLY A 80 10.15 -1.58 -5.18
C GLY A 80 9.59 -0.16 -5.27
N HIS A 81 8.85 0.12 -6.34
CA HIS A 81 8.08 1.36 -6.54
C HIS A 81 6.95 1.17 -7.58
N ALA A 82 5.95 2.05 -7.55
CA ALA A 82 4.99 2.27 -8.64
C ALA A 82 4.34 3.67 -8.49
N SER A 83 3.90 4.29 -9.58
CA SER A 83 3.25 5.61 -9.57
C SER A 83 1.90 5.61 -8.82
N GLN A 84 1.22 4.46 -8.76
CA GLN A 84 -0.10 4.31 -8.14
C GLN A 84 -0.25 2.91 -7.52
N MET A 85 -1.08 2.79 -6.49
CA MET A 85 -1.45 1.51 -5.87
C MET A 85 -2.91 1.49 -5.40
N HIS A 86 -3.48 0.28 -5.36
CA HIS A 86 -4.88 0.03 -4.98
C HIS A 86 -4.98 -1.23 -4.12
N TYR A 87 -5.82 -1.18 -3.10
CA TYR A 87 -6.03 -2.31 -2.19
C TYR A 87 -7.46 -2.30 -1.62
N GLU A 88 -8.37 -3.09 -2.17
CA GLU A 88 -9.66 -3.34 -1.52
C GLU A 88 -9.45 -4.23 -0.29
N LEU A 89 -10.08 -3.92 0.84
CA LEU A 89 -10.14 -4.79 2.02
C LEU A 89 -11.23 -5.87 1.82
N ALA A 90 -11.06 -6.57 0.70
CA ALA A 90 -11.88 -7.57 0.06
C ALA A 90 -11.07 -8.49 -0.89
N LYS A 91 -9.79 -8.16 -1.15
CA LYS A 91 -8.99 -8.68 -2.27
C LYS A 91 -7.91 -9.68 -1.88
N ASP A 92 -7.38 -9.54 -0.66
CA ASP A 92 -6.10 -10.07 -0.14
C ASP A 92 -4.84 -9.67 -0.93
N PHE A 93 -4.87 -9.69 -2.26
CA PHE A 93 -3.82 -9.21 -3.16
C PHE A 93 -3.82 -7.66 -3.27
N VAL A 94 -2.63 -7.06 -3.42
CA VAL A 94 -2.45 -5.63 -3.70
C VAL A 94 -2.13 -5.39 -5.19
N VAL A 95 -2.54 -4.24 -5.74
CA VAL A 95 -2.18 -3.81 -7.11
C VAL A 95 -1.21 -2.63 -7.04
N LEU A 96 -0.12 -2.70 -7.80
CA LEU A 96 0.89 -1.65 -7.99
C LEU A 96 0.96 -1.33 -9.49
N THR A 97 0.87 -0.07 -9.91
CA THR A 97 0.72 0.30 -11.34
C THR A 97 1.36 1.65 -11.69
N GLY A 98 1.87 1.75 -12.92
CA GLY A 98 2.69 2.85 -13.42
C GLY A 98 4.15 2.64 -13.05
N ASN A 99 4.97 2.24 -14.02
CA ASN A 99 6.40 1.93 -13.82
C ASN A 99 6.66 0.91 -12.69
N ALA A 100 5.73 -0.03 -12.47
CA ALA A 100 5.76 -0.91 -11.32
C ALA A 100 6.98 -1.85 -11.32
N TYR A 101 7.68 -1.88 -10.19
CA TYR A 101 9.02 -2.44 -10.01
C TYR A 101 9.11 -3.15 -8.66
N LEU A 102 9.63 -4.39 -8.63
CA LEU A 102 9.93 -5.15 -7.42
C LEU A 102 11.25 -5.92 -7.58
N GLN A 103 12.01 -6.00 -6.49
CA GLN A 103 13.43 -6.36 -6.50
C GLN A 103 13.85 -7.08 -5.21
N GLN A 104 14.81 -7.97 -5.40
CA GLN A 104 15.55 -8.75 -4.41
C GLN A 104 17.02 -8.84 -4.89
N VAL A 105 17.90 -9.46 -4.10
CA VAL A 105 19.25 -9.87 -4.57
C VAL A 105 19.22 -11.07 -5.54
N ASP A 106 18.02 -11.63 -5.75
CA ASP A 106 17.72 -12.80 -6.55
C ASP A 106 16.47 -12.53 -7.44
N SER A 107 15.28 -12.67 -6.86
CA SER A 107 13.95 -12.45 -7.45
C SER A 107 13.75 -11.01 -7.94
N ASN A 108 13.54 -10.83 -9.25
CA ASN A 108 13.42 -9.50 -9.87
C ASN A 108 12.29 -9.48 -10.91
N ILE A 109 11.30 -8.61 -10.71
CA ILE A 109 10.10 -8.48 -11.57
C ILE A 109 9.68 -7.01 -11.64
N LYS A 110 9.71 -6.45 -12.85
CA LYS A 110 9.69 -4.99 -13.06
C LYS A 110 9.27 -4.63 -14.49
N GLY A 111 8.50 -3.57 -14.64
CA GLY A 111 7.83 -3.18 -15.88
C GLY A 111 6.88 -2.02 -15.64
N ASP A 112 5.57 -2.26 -15.76
CA ASP A 112 4.53 -1.21 -15.64
C ASP A 112 3.41 -1.52 -14.62
N LYS A 113 3.03 -2.80 -14.46
CA LYS A 113 1.98 -3.26 -13.53
C LYS A 113 2.42 -4.51 -12.79
N ILE A 114 2.30 -4.51 -11.45
CA ILE A 114 2.58 -5.65 -10.55
C ILE A 114 1.37 -5.95 -9.68
N THR A 115 1.22 -7.24 -9.34
CA THR A 115 0.31 -7.78 -8.32
C THR A 115 1.06 -8.91 -7.62
N TYR A 116 0.77 -9.18 -6.34
CA TYR A 116 1.48 -10.19 -5.56
C TYR A 116 0.51 -11.19 -4.91
N LEU A 117 0.81 -12.48 -5.05
CA LEU A 117 0.09 -13.59 -4.41
C LEU A 117 0.41 -13.67 -2.92
N VAL A 118 -0.29 -12.91 -2.08
CA VAL A 118 -0.18 -13.05 -0.62
C VAL A 118 -0.50 -14.48 -0.17
N LYS A 119 0.06 -14.89 0.96
CA LYS A 119 0.13 -16.29 1.46
C LYS A 119 1.05 -17.22 0.65
N GLU A 120 1.63 -16.78 -0.47
CA GLU A 120 2.61 -17.55 -1.27
C GLU A 120 3.98 -16.83 -1.32
N GLN A 121 5.05 -17.63 -1.32
CA GLN A 121 6.45 -17.20 -1.47
C GLN A 121 6.98 -17.52 -2.88
N LYS A 122 6.46 -18.56 -3.55
CA LYS A 122 6.72 -18.89 -4.97
C LYS A 122 5.97 -17.92 -5.90
N MET A 123 6.35 -16.65 -5.84
CA MET A 123 6.01 -15.62 -6.83
C MET A 123 6.42 -16.02 -8.25
N GLN A 124 5.93 -15.29 -9.25
CA GLN A 124 6.14 -15.60 -10.67
C GLN A 124 6.89 -14.49 -11.40
N ALA A 125 7.86 -14.87 -12.24
CA ALA A 125 8.56 -13.99 -13.16
C ALA A 125 8.01 -14.13 -14.59
N PHE A 126 8.22 -13.09 -15.40
CA PHE A 126 7.71 -12.97 -16.77
C PHE A 126 8.84 -12.43 -17.68
N SER A 127 8.84 -12.83 -18.95
CA SER A 127 10.01 -12.61 -19.83
C SER A 127 9.61 -12.45 -21.30
N ASP A 128 9.24 -11.22 -21.67
CA ASP A 128 9.10 -10.76 -23.06
C ASP A 128 10.32 -9.90 -23.48
N LYS A 129 10.15 -8.58 -23.71
CA LYS A 129 11.26 -7.61 -23.92
C LYS A 129 10.94 -6.20 -23.40
N GLY A 130 9.67 -5.85 -23.21
CA GLY A 130 9.23 -4.52 -22.78
C GLY A 130 9.36 -3.42 -23.85
N LYS A 131 8.71 -2.28 -23.60
CA LYS A 131 8.82 -1.05 -24.40
C LYS A 131 8.48 0.18 -23.56
N ARG A 132 9.14 1.30 -23.84
CA ARG A 132 8.67 2.64 -23.46
C ARG A 132 8.53 3.57 -24.66
N VAL B 1 -12.95 0.75 9.26
CA VAL B 1 -11.70 0.10 9.76
C VAL B 1 -10.84 1.03 10.67
N ILE B 3 -8.34 3.13 11.06
CA ILE B 3 -7.36 4.07 10.50
C ILE B 3 -6.73 4.89 11.63
N ILE B 4 -5.40 4.86 11.71
CA ILE B 4 -4.58 5.76 12.53
C ILE B 4 -3.80 6.65 11.56
N TYR B 5 -3.91 7.97 11.76
CA TYR B 5 -2.97 8.92 11.16
C TYR B 5 -2.00 9.45 12.21
N ASN B 7 1.20 12.45 12.44
CA ASN B 7 1.36 13.79 11.85
C ASN B 7 2.85 14.17 11.67
N ARG B 8 3.38 14.18 10.45
CA ARG B 8 4.79 14.53 10.10
C ARG B 8 5.14 16.01 10.26
N THR B 10 4.15 17.43 13.72
CA THR B 10 4.19 17.46 15.19
C THR B 10 4.37 16.07 15.85
N LYS B 12 2.86 13.35 16.55
CA LYS B 12 1.78 12.65 17.28
C LYS B 12 0.80 11.88 16.38
N CYS B 13 -0.02 11.03 17.01
CA CYS B 13 -0.99 10.15 16.36
C CYS B 13 -2.45 10.41 16.79
N TYR B 16 -9.24 6.98 14.21
CA TYR B 16 -10.68 6.84 14.48
C TYR B 16 -10.88 5.76 15.53
N VAL A 1 -14.39 -4.86 17.59
CA VAL A 1 -13.75 -5.08 18.91
C VAL A 1 -14.44 -6.24 19.61
N THR A 2 -13.70 -7.28 20.00
CA THR A 2 -14.23 -8.60 20.37
C THR A 2 -15.05 -9.22 19.22
N GLY A 3 -14.61 -8.94 18.00
CA GLY A 3 -15.37 -9.07 16.75
C GLY A 3 -14.85 -8.02 15.77
N ASP A 4 -13.82 -8.38 15.00
CA ASP A 4 -12.88 -7.45 14.36
C ASP A 4 -12.60 -7.85 12.90
N THR A 5 -11.75 -7.11 12.18
CA THR A 5 -11.55 -7.33 10.73
C THR A 5 -10.11 -7.16 10.25
N ASP A 6 -9.33 -6.19 10.77
CA ASP A 6 -7.89 -6.09 10.47
C ASP A 6 -7.10 -5.35 11.57
N GLN A 7 -5.77 -5.46 11.48
CA GLN A 7 -4.74 -4.74 12.24
C GLN A 7 -4.86 -3.20 12.15
N PRO A 8 -4.20 -2.44 13.05
CA PRO A 8 -4.02 -1.00 12.87
C PRO A 8 -3.23 -0.68 11.60
N ILE A 9 -3.86 -0.05 10.61
CA ILE A 9 -3.19 0.44 9.40
C ILE A 9 -2.46 1.74 9.78
N HIS A 10 -1.12 1.71 9.88
CA HIS A 10 -0.33 2.86 10.32
C HIS A 10 0.00 3.82 9.17
N ILE A 11 -0.13 5.12 9.41
CA ILE A 11 0.18 6.19 8.46
C ILE A 11 0.89 7.34 9.19
N GLU A 12 1.91 7.96 8.58
CA GLU A 12 2.36 9.31 8.97
C GLU A 12 2.42 10.27 7.77
N SER A 13 1.65 11.35 7.86
CA SER A 13 1.41 12.33 6.79
C SER A 13 1.72 13.77 7.23
N ASP A 14 2.07 14.63 6.28
CA ASP A 14 2.40 16.04 6.50
C ASP A 14 1.18 16.97 6.57
N GLN A 15 0.27 16.86 5.62
CA GLN A 15 -0.95 17.67 5.54
C GLN A 15 -2.16 16.77 5.24
N GLN A 16 -3.32 17.09 5.81
CA GLN A 16 -4.51 16.25 5.76
C GLN A 16 -5.72 17.02 5.19
N SER A 17 -6.65 16.31 4.55
CA SER A 17 -7.97 16.84 4.16
C SER A 17 -9.02 15.75 4.36
N LEU A 18 -9.86 15.89 5.39
CA LEU A 18 -10.51 14.75 6.04
C LEU A 18 -11.88 15.05 6.65
N ASP A 19 -12.68 14.00 6.85
CA ASP A 19 -13.96 13.99 7.54
C ASP A 19 -13.81 13.70 9.06
N MET A 20 -14.78 14.15 9.86
CA MET A 20 -14.85 13.91 11.30
C MET A 20 -15.06 12.41 11.62
N GLN A 21 -15.93 11.72 10.88
CA GLN A 21 -16.19 10.28 11.05
C GLN A 21 -15.15 9.39 10.33
N GLY A 22 -14.35 9.97 9.44
CA GLY A 22 -13.35 9.26 8.63
C GLY A 22 -13.95 8.49 7.45
N ASN A 23 -15.16 8.83 7.00
CA ASN A 23 -15.83 8.16 5.88
C ASN A 23 -15.04 8.34 4.56
N VAL A 24 -14.43 9.50 4.35
CA VAL A 24 -13.53 9.82 3.24
C VAL A 24 -12.41 10.71 3.77
N VAL A 25 -11.15 10.30 3.63
CA VAL A 25 -9.99 11.07 4.12
C VAL A 25 -8.82 11.01 3.15
N THR A 26 -8.10 12.13 3.03
CA THR A 26 -6.90 12.33 2.22
C THR A 26 -5.74 12.74 3.12
N PHE A 27 -4.57 12.20 2.82
CA PHE A 27 -3.28 12.44 3.45
C PHE A 27 -2.27 12.80 2.34
N THR A 28 -1.43 13.82 2.53
CA THR A 28 -0.59 14.37 1.44
C THR A 28 0.69 15.04 1.95
N GLY A 29 1.73 15.06 1.11
CA GLY A 29 3.05 15.61 1.42
C GLY A 29 3.98 14.53 2.00
N ASN A 30 4.58 13.73 1.13
CA ASN A 30 5.45 12.58 1.46
C ASN A 30 4.95 11.74 2.67
N VAL A 31 3.72 11.24 2.53
CA VAL A 31 3.06 10.36 3.51
C VAL A 31 3.64 8.95 3.47
N ILE A 32 3.94 8.44 4.66
CA ILE A 32 4.42 7.07 4.88
C ILE A 32 3.23 6.21 5.32
N VAL A 33 3.18 4.96 4.87
CA VAL A 33 2.25 3.92 5.33
C VAL A 33 3.05 2.72 5.84
N THR A 34 2.54 2.01 6.85
CA THR A 34 3.12 0.73 7.31
C THR A 34 2.01 -0.23 7.73
N LEU A 35 2.13 -1.49 7.31
CA LEU A 35 1.12 -2.55 7.47
C LEU A 35 1.84 -3.89 7.71
N GLY A 36 1.94 -4.32 8.97
CA GLY A 36 2.63 -5.54 9.37
C GLY A 36 4.11 -5.55 8.94
N THR A 37 4.43 -6.34 7.91
CA THR A 37 5.78 -6.47 7.32
C THR A 37 6.13 -5.42 6.26
N ILE A 38 5.14 -4.63 5.82
CA ILE A 38 5.18 -3.77 4.62
C ILE A 38 5.31 -2.29 5.02
N LYS A 39 6.12 -1.51 4.28
CA LYS A 39 6.24 -0.04 4.40
C LYS A 39 6.13 0.59 3.00
N ILE A 40 5.41 1.71 2.87
CA ILE A 40 5.31 2.47 1.62
C ILE A 40 5.64 3.94 1.89
N ASN A 41 6.45 4.56 1.02
CA ASN A 41 6.59 6.01 0.88
C ASN A 41 5.77 6.45 -0.34
N ALA A 42 4.74 7.27 -0.14
CA ALA A 42 3.96 7.90 -1.19
C ALA A 42 3.96 9.42 -1.00
N ASP A 43 3.52 10.18 -2.00
CA ASP A 43 3.27 11.61 -1.86
C ASP A 43 1.86 11.88 -1.31
N LYS A 44 0.89 11.04 -1.69
CA LYS A 44 -0.51 11.14 -1.29
C LYS A 44 -1.09 9.76 -0.96
N VAL A 45 -2.06 9.71 -0.06
CA VAL A 45 -2.89 8.54 0.27
C VAL A 45 -4.33 8.98 0.47
N VAL A 46 -5.29 8.16 0.05
CA VAL A 46 -6.74 8.37 0.26
C VAL A 46 -7.33 7.07 0.78
N VAL A 47 -8.16 7.12 1.81
CA VAL A 47 -8.87 5.94 2.35
C VAL A 47 -10.34 6.27 2.66
N THR A 48 -11.24 5.30 2.45
CA THR A 48 -12.69 5.47 2.64
C THR A 48 -13.33 4.26 3.32
N ARG A 49 -14.38 4.50 4.13
CA ARG A 49 -15.20 3.45 4.75
C ARG A 49 -16.69 3.84 4.80
N PRO A 50 -17.63 2.88 4.78
CA PRO A 50 -19.08 3.13 4.86
C PRO A 50 -19.54 3.58 6.27
N GLY A 51 -19.25 4.82 6.65
CA GLY A 51 -19.76 5.48 7.85
C GLY A 51 -19.31 4.83 9.16
N GLY A 52 -20.15 3.94 9.70
CA GLY A 52 -19.91 3.16 10.93
C GLY A 52 -19.82 1.65 10.71
N GLU A 53 -19.87 1.17 9.46
CA GLU A 53 -19.65 -0.24 9.12
C GLU A 53 -18.14 -0.49 8.86
N GLN A 54 -17.63 -1.64 9.31
CA GLN A 54 -16.21 -1.98 9.49
C GLN A 54 -15.66 -2.91 8.39
N GLY A 55 -16.53 -3.69 7.75
CA GLY A 55 -16.16 -4.86 6.97
C GLY A 55 -15.60 -4.56 5.58
N LYS A 56 -15.85 -3.37 5.01
CA LYS A 56 -15.34 -2.95 3.68
C LYS A 56 -14.63 -1.59 3.75
N GLU A 57 -13.51 -1.47 3.05
CA GLU A 57 -12.66 -0.28 2.97
C GLU A 57 -11.83 -0.36 1.67
N VAL A 58 -11.36 0.79 1.17
CA VAL A 58 -10.36 0.87 0.09
C VAL A 58 -9.32 1.96 0.41
N ILE A 59 -8.08 1.73 -0.03
CA ILE A 59 -6.96 2.68 0.05
C ILE A 59 -6.37 2.90 -1.35
N ASP A 60 -6.23 4.15 -1.77
CA ASP A 60 -5.40 4.56 -2.91
C ASP A 60 -4.17 5.36 -2.40
N GLY A 61 -3.09 5.40 -3.18
CA GLY A 61 -1.99 6.32 -2.94
C GLY A 61 -1.20 6.64 -4.19
N TYR A 62 -0.69 7.87 -4.28
CA TYR A 62 0.05 8.41 -5.43
C TYR A 62 1.47 8.80 -5.02
N GLY A 63 2.48 8.43 -5.80
CA GLY A 63 3.89 8.47 -5.44
C GLY A 63 4.74 9.40 -6.30
N LYS A 64 5.27 10.47 -5.68
CA LYS A 64 6.24 11.42 -6.25
C LYS A 64 6.99 12.16 -5.11
N PRO A 65 7.99 11.55 -4.45
CA PRO A 65 8.63 10.27 -4.77
C PRO A 65 7.84 9.04 -4.27
N ALA A 66 8.30 7.84 -4.66
CA ALA A 66 7.65 6.57 -4.37
C ALA A 66 8.65 5.47 -4.00
N THR A 67 8.41 4.76 -2.89
CA THR A 67 8.98 3.41 -2.67
C THR A 67 7.98 2.48 -1.97
N PHE A 68 8.09 1.20 -2.27
CA PHE A 68 7.48 0.07 -1.57
C PHE A 68 8.59 -0.73 -0.89
N TYR A 69 8.30 -1.32 0.27
CA TYR A 69 9.18 -2.21 1.02
C TYR A 69 8.37 -3.35 1.64
N GLN A 70 9.00 -4.52 1.80
CA GLN A 70 8.61 -5.44 2.87
C GLN A 70 9.82 -6.18 3.46
N MET A 71 9.66 -6.74 4.65
CA MET A 71 10.39 -7.97 5.02
C MET A 71 9.63 -9.19 4.50
N GLN A 72 10.36 -10.22 4.06
CA GLN A 72 9.82 -11.49 3.55
C GLN A 72 9.92 -12.58 4.63
N ASP A 73 9.09 -13.62 4.51
CA ASP A 73 9.08 -14.84 5.34
C ASP A 73 10.48 -15.45 5.58
N ASN A 74 11.33 -15.47 4.55
CA ASN A 74 12.72 -15.96 4.61
C ASN A 74 13.71 -14.92 5.19
N GLY A 75 13.22 -13.97 6.02
CA GLY A 75 13.97 -12.88 6.66
C GLY A 75 14.49 -11.78 5.73
N LYS A 76 14.60 -12.03 4.42
CA LYS A 76 15.14 -11.09 3.43
C LYS A 76 14.28 -9.82 3.31
N PRO A 77 14.87 -8.61 3.18
CA PRO A 77 14.14 -7.40 2.79
C PRO A 77 13.80 -7.41 1.29
N VAL A 78 12.87 -6.53 0.88
CA VAL A 78 12.40 -6.30 -0.50
C VAL A 78 12.19 -4.80 -0.64
N GLU A 79 12.52 -4.20 -1.80
CA GLU A 79 11.99 -2.88 -2.19
C GLU A 79 11.47 -2.83 -3.64
N GLY A 80 10.73 -1.77 -3.96
CA GLY A 80 10.12 -1.50 -5.25
C GLY A 80 9.64 -0.05 -5.39
N HIS A 81 9.02 0.29 -6.53
CA HIS A 81 8.44 1.61 -6.79
C HIS A 81 7.24 1.51 -7.74
N ALA A 82 6.36 2.53 -7.72
CA ALA A 82 5.32 2.79 -8.71
C ALA A 82 4.75 4.21 -8.54
N SER A 83 4.16 4.81 -9.57
CA SER A 83 3.48 6.11 -9.45
C SER A 83 2.18 6.05 -8.66
N GLN A 84 1.55 4.88 -8.53
CA GLN A 84 0.29 4.68 -7.81
C GLN A 84 0.26 3.31 -7.12
N MET A 85 -0.49 3.21 -6.01
CA MET A 85 -0.78 1.98 -5.28
C MET A 85 -2.28 1.91 -4.93
N HIS A 86 -2.85 0.71 -4.84
CA HIS A 86 -4.21 0.49 -4.36
C HIS A 86 -4.33 -0.77 -3.49
N TYR A 87 -5.20 -0.72 -2.48
CA TYR A 87 -5.60 -1.83 -1.61
C TYR A 87 -7.14 -1.83 -1.43
N GLU A 88 -7.74 -3.00 -1.31
CA GLU A 88 -9.20 -3.17 -1.42
C GLU A 88 -9.70 -4.33 -0.55
N LEU A 89 -10.46 -4.04 0.52
CA LEU A 89 -11.01 -5.06 1.42
C LEU A 89 -12.32 -5.69 0.90
N ALA A 90 -12.27 -6.17 -0.33
CA ALA A 90 -13.24 -7.07 -0.97
C ALA A 90 -12.53 -8.09 -1.91
N LYS A 91 -11.22 -8.25 -1.72
CA LYS A 91 -10.24 -8.80 -2.69
C LYS A 91 -8.90 -9.07 -1.97
N ASP A 92 -8.49 -8.07 -1.20
CA ASP A 92 -7.52 -8.09 -0.11
C ASP A 92 -6.06 -8.27 -0.58
N PHE A 93 -5.84 -8.08 -1.89
CA PHE A 93 -4.57 -7.95 -2.61
C PHE A 93 -4.12 -6.49 -2.67
N VAL A 94 -2.81 -6.27 -2.90
CA VAL A 94 -2.22 -4.95 -3.19
C VAL A 94 -1.78 -4.87 -4.66
N VAL A 95 -2.05 -3.73 -5.29
CA VAL A 95 -1.72 -3.44 -6.70
C VAL A 95 -0.88 -2.16 -6.77
N LEU A 96 0.14 -2.17 -7.61
CA LEU A 96 1.07 -1.06 -7.87
C LEU A 96 1.03 -0.72 -9.37
N THR A 97 1.00 0.54 -9.77
CA THR A 97 0.75 0.95 -11.18
C THR A 97 1.47 2.25 -11.57
N GLY A 98 1.79 2.38 -12.86
CA GLY A 98 2.55 3.49 -13.44
C GLY A 98 4.05 3.32 -13.19
N ASN A 99 4.75 2.63 -14.10
CA ASN A 99 6.17 2.25 -13.97
C ASN A 99 6.46 1.51 -12.65
N ALA A 100 5.86 0.32 -12.53
CA ALA A 100 5.96 -0.53 -11.37
C ALA A 100 7.24 -1.41 -11.41
N TYR A 101 7.91 -1.59 -10.27
CA TYR A 101 9.09 -2.44 -10.09
C TYR A 101 9.09 -3.05 -8.68
N LEU A 102 9.55 -4.30 -8.52
CA LEU A 102 9.74 -4.97 -7.23
C LEU A 102 10.89 -6.00 -7.30
N GLN A 103 11.81 -6.01 -6.34
CA GLN A 103 13.00 -6.88 -6.39
C GLN A 103 13.37 -7.50 -5.04
N GLN A 104 13.80 -8.76 -5.14
CA GLN A 104 14.35 -9.61 -4.08
C GLN A 104 15.60 -10.32 -4.64
N VAL A 105 16.54 -10.75 -3.79
CA VAL A 105 17.62 -11.70 -4.15
C VAL A 105 17.08 -13.15 -4.24
N ASP A 106 16.03 -13.29 -5.06
CA ASP A 106 15.30 -14.50 -5.48
C ASP A 106 14.58 -14.24 -6.83
N SER A 107 14.07 -13.02 -7.06
CA SER A 107 13.25 -12.66 -8.24
C SER A 107 13.11 -11.14 -8.43
N ASN A 108 12.82 -10.72 -9.65
CA ASN A 108 12.38 -9.37 -10.00
C ASN A 108 11.12 -9.42 -10.88
N ILE A 109 10.22 -8.46 -10.68
CA ILE A 109 9.08 -8.16 -11.56
C ILE A 109 9.03 -6.65 -11.79
N LYS A 110 8.66 -6.24 -13.01
CA LYS A 110 8.55 -4.83 -13.42
C LYS A 110 7.57 -4.70 -14.61
N GLY A 111 6.95 -3.55 -14.77
CA GLY A 111 5.93 -3.34 -15.81
C GLY A 111 5.24 -1.98 -15.74
N ASP A 112 4.09 -1.87 -16.40
CA ASP A 112 3.14 -0.78 -16.21
C ASP A 112 2.26 -0.99 -14.96
N LYS A 113 2.00 -2.25 -14.57
CA LYS A 113 1.47 -2.62 -13.24
C LYS A 113 2.16 -3.85 -12.64
N ILE A 114 2.08 -3.97 -11.31
CA ILE A 114 2.43 -5.14 -10.50
C ILE A 114 1.24 -5.45 -9.58
N THR A 115 1.08 -6.72 -9.22
CA THR A 115 0.22 -7.19 -8.12
C THR A 115 0.98 -8.26 -7.33
N TYR A 116 0.70 -8.40 -6.03
CA TYR A 116 1.26 -9.49 -5.22
C TYR A 116 0.15 -10.43 -4.71
N LEU A 117 0.50 -11.72 -4.58
CA LEU A 117 -0.47 -12.78 -4.34
C LEU A 117 -0.80 -12.92 -2.84
N VAL A 118 -1.59 -11.98 -2.29
CA VAL A 118 -1.97 -11.90 -0.85
C VAL A 118 -3.01 -12.96 -0.42
N LYS A 119 -2.87 -14.18 -0.94
CA LYS A 119 -3.44 -15.46 -0.44
C LYS A 119 -2.59 -16.63 -0.94
N GLU A 120 -2.19 -16.62 -2.21
CA GLU A 120 -1.49 -17.74 -2.87
C GLU A 120 0.04 -17.73 -2.67
N GLN A 121 0.63 -16.56 -2.38
CA GLN A 121 2.06 -16.25 -2.15
C GLN A 121 3.06 -16.59 -3.27
N LYS A 122 2.77 -17.56 -4.15
CA LYS A 122 3.69 -18.14 -5.14
C LYS A 122 3.83 -17.26 -6.39
N MET A 123 4.49 -16.12 -6.24
CA MET A 123 4.86 -15.24 -7.35
C MET A 123 5.88 -15.88 -8.30
N GLN A 124 6.08 -15.25 -9.46
CA GLN A 124 7.06 -15.63 -10.49
C GLN A 124 7.81 -14.36 -10.97
N ALA A 125 9.04 -14.51 -11.47
CA ALA A 125 9.77 -13.42 -12.13
C ALA A 125 9.28 -13.21 -13.58
N PHE A 126 9.12 -11.97 -14.02
CA PHE A 126 8.45 -11.65 -15.30
C PHE A 126 9.36 -10.85 -16.25
N SER A 127 9.37 -11.24 -17.52
CA SER A 127 10.20 -10.60 -18.55
C SER A 127 9.50 -9.38 -19.15
N ASP A 128 9.67 -8.21 -18.51
CA ASP A 128 9.53 -6.92 -19.19
C ASP A 128 10.66 -6.77 -20.23
N LYS A 129 10.37 -7.29 -21.42
CA LYS A 129 11.12 -7.20 -22.66
C LYS A 129 10.70 -5.96 -23.47
N GLY A 130 10.62 -4.80 -22.82
CA GLY A 130 10.28 -3.52 -23.43
C GLY A 130 8.78 -3.19 -23.39
N LYS A 131 8.28 -2.90 -22.19
CA LYS A 131 7.02 -2.20 -21.88
C LYS A 131 6.96 -0.79 -22.49
N ARG A 132 5.84 -0.10 -22.29
CA ARG A 132 5.77 1.34 -22.57
C ARG A 132 6.47 2.22 -21.51
N VAL B 1 -12.53 -1.12 9.37
CA VAL B 1 -11.12 -1.39 9.79
C VAL B 1 -10.41 -0.16 10.43
N ILE B 3 -7.85 2.52 10.88
CA ILE B 3 -6.73 3.37 10.44
C ILE B 3 -6.16 4.12 11.66
N ILE B 4 -4.82 4.15 11.80
CA ILE B 4 -4.09 4.96 12.78
C ILE B 4 -3.20 5.92 11.98
N TYR B 5 -3.48 7.22 12.05
CA TYR B 5 -2.72 8.26 11.37
C TYR B 5 -2.03 9.19 12.38
N ASN B 7 0.85 12.48 12.75
CA ASN B 7 1.09 13.72 12.00
C ASN B 7 2.58 14.09 11.98
N ARG B 8 3.18 14.12 10.79
CA ARG B 8 4.60 14.51 10.54
C ARG B 8 4.93 15.87 11.16
N THR B 10 3.48 17.62 13.63
CA THR B 10 3.13 17.88 15.04
C THR B 10 3.48 16.75 16.00
N LYS B 12 1.60 14.22 16.72
CA LYS B 12 0.34 13.80 17.37
C LYS B 12 -0.42 12.79 16.50
N CYS B 13 -1.18 11.89 17.13
CA CYS B 13 -1.77 10.73 16.45
C CYS B 13 -3.26 10.53 16.75
N TYR B 16 -8.96 6.40 13.25
CA TYR B 16 -10.35 6.33 12.80
C TYR B 16 -10.97 4.95 13.10
N VAL A 1 -11.89 -14.06 24.84
CA VAL A 1 -11.87 -12.69 24.27
C VAL A 1 -12.04 -12.80 22.77
N THR A 2 -12.62 -11.79 22.13
CA THR A 2 -12.98 -11.81 20.70
C THR A 2 -12.94 -10.39 20.14
N GLY A 3 -12.46 -10.23 18.91
CA GLY A 3 -12.27 -8.96 18.21
C GLY A 3 -11.31 -9.07 17.02
N ASP A 4 -11.19 -10.28 16.48
CA ASP A 4 -9.95 -10.81 15.91
C ASP A 4 -9.75 -10.34 14.46
N THR A 5 -9.03 -9.22 14.33
CA THR A 5 -9.01 -8.36 13.13
C THR A 5 -7.60 -7.86 12.82
N ASP A 6 -7.46 -7.16 11.69
CA ASP A 6 -6.19 -6.75 11.10
C ASP A 6 -5.29 -5.90 12.02
N GLN A 7 -3.98 -6.01 11.83
CA GLN A 7 -2.99 -5.18 12.52
C GLN A 7 -3.20 -3.68 12.24
N PRO A 8 -2.86 -2.79 13.20
CA PRO A 8 -2.96 -1.34 13.02
C PRO A 8 -2.12 -0.86 11.84
N ILE A 9 -2.78 -0.31 10.82
CA ILE A 9 -2.14 0.50 9.80
C ILE A 9 -1.74 1.81 10.47
N HIS A 10 -0.48 2.23 10.35
CA HIS A 10 0.04 3.46 10.97
C HIS A 10 0.54 4.41 9.90
N ILE A 11 0.03 5.65 9.86
CA ILE A 11 0.30 6.65 8.83
C ILE A 11 0.89 7.91 9.46
N GLU A 12 2.10 8.31 9.05
CA GLU A 12 2.63 9.66 9.28
C GLU A 12 2.42 10.48 7.99
N SER A 13 1.74 11.63 8.10
CA SER A 13 1.44 12.54 6.97
C SER A 13 1.66 14.00 7.35
N ASP A 14 2.21 14.80 6.43
CA ASP A 14 2.57 16.18 6.73
C ASP A 14 1.35 17.11 6.80
N GLN A 15 0.45 17.01 5.82
CA GLN A 15 -0.61 17.99 5.57
C GLN A 15 -2.01 17.35 5.42
N GLN A 16 -2.28 16.22 6.10
CA GLN A 16 -3.64 15.65 6.12
C GLN A 16 -4.66 16.64 6.70
N SER A 17 -5.87 16.63 6.13
CA SER A 17 -7.06 17.27 6.69
C SER A 17 -8.26 16.33 6.54
N LEU A 18 -9.28 16.54 7.36
CA LEU A 18 -10.23 15.49 7.75
C LEU A 18 -11.69 15.90 7.51
N ASP A 19 -12.44 15.05 6.81
CA ASP A 19 -13.88 15.16 6.67
C ASP A 19 -14.58 15.01 8.04
N MET A 20 -15.37 16.02 8.42
CA MET A 20 -16.15 16.03 9.67
C MET A 20 -17.30 14.99 9.70
N GLN A 21 -17.65 14.40 8.56
CA GLN A 21 -18.60 13.28 8.46
C GLN A 21 -17.92 11.91 8.61
N GLY A 22 -16.58 11.85 8.56
CA GLY A 22 -15.78 10.63 8.64
C GLY A 22 -15.90 9.66 7.45
N ASN A 23 -16.51 10.08 6.34
CA ASN A 23 -16.91 9.24 5.21
C ASN A 23 -15.72 8.74 4.38
N VAL A 24 -14.84 9.66 3.98
CA VAL A 24 -13.63 9.39 3.19
C VAL A 24 -12.57 10.43 3.54
N VAL A 25 -11.30 10.03 3.57
CA VAL A 25 -10.18 10.90 3.98
C VAL A 25 -9.00 10.78 3.04
N THR A 26 -8.11 11.77 3.06
CA THR A 26 -6.90 11.79 2.22
C THR A 26 -5.72 12.34 3.00
N PHE A 27 -4.74 11.47 3.27
CA PHE A 27 -3.46 11.82 3.87
C PHE A 27 -2.53 12.32 2.76
N THR A 28 -1.79 13.39 2.99
CA THR A 28 -1.01 14.07 1.93
C THR A 28 0.24 14.76 2.47
N GLY A 29 1.22 14.97 1.58
CA GLY A 29 2.56 15.45 1.91
C GLY A 29 3.43 14.35 2.53
N ASN A 30 4.36 13.79 1.72
CA ASN A 30 5.39 12.81 2.08
C ASN A 30 4.94 11.78 3.11
N VAL A 31 3.89 11.04 2.76
CA VAL A 31 3.16 10.10 3.61
C VAL A 31 3.94 8.80 3.75
N ILE A 32 4.24 8.42 4.99
CA ILE A 32 4.81 7.12 5.35
C ILE A 32 3.72 6.26 5.98
N VAL A 33 3.55 5.04 5.48
CA VAL A 33 2.62 4.05 6.02
C VAL A 33 3.40 2.81 6.47
N THR A 34 3.07 2.30 7.66
CA THR A 34 3.58 1.04 8.21
C THR A 34 2.43 0.07 8.43
N LEU A 35 2.63 -1.21 8.09
CA LEU A 35 1.67 -2.30 8.27
C LEU A 35 2.44 -3.60 8.58
N GLY A 36 2.68 -3.88 9.87
CA GLY A 36 3.46 -5.04 10.29
C GLY A 36 4.89 -5.04 9.72
N THR A 37 5.20 -5.99 8.84
CA THR A 37 6.49 -6.10 8.12
C THR A 37 6.61 -5.20 6.89
N ILE A 38 5.57 -4.41 6.56
CA ILE A 38 5.48 -3.57 5.35
C ILE A 38 5.73 -2.10 5.66
N LYS A 39 6.49 -1.43 4.78
CA LYS A 39 6.54 0.03 4.62
C LYS A 39 5.92 0.40 3.27
N ILE A 40 5.19 1.51 3.22
CA ILE A 40 4.83 2.20 1.97
C ILE A 40 5.18 3.69 2.10
N ASN A 41 5.76 4.28 1.06
CA ASN A 41 5.93 5.73 0.89
C ASN A 41 5.04 6.19 -0.26
N ALA A 42 4.32 7.29 -0.09
CA ALA A 42 3.57 7.97 -1.15
C ALA A 42 3.37 9.45 -0.77
N ASP A 43 2.93 10.32 -1.67
CA ASP A 43 2.70 11.74 -1.38
C ASP A 43 1.21 12.09 -1.19
N LYS A 44 0.31 11.21 -1.63
CA LYS A 44 -1.14 11.26 -1.42
C LYS A 44 -1.68 9.84 -1.22
N VAL A 45 -2.42 9.61 -0.13
CA VAL A 45 -2.98 8.30 0.27
C VAL A 45 -4.46 8.45 0.65
N VAL A 46 -5.36 7.81 -0.10
CA VAL A 46 -6.79 7.71 0.21
C VAL A 46 -7.08 6.40 0.96
N VAL A 47 -8.03 6.42 1.90
CA VAL A 47 -8.73 5.21 2.39
C VAL A 47 -10.24 5.40 2.28
N THR A 48 -10.94 4.42 1.70
CA THR A 48 -12.38 4.50 1.43
C THR A 48 -13.07 3.14 1.44
N ARG A 49 -14.39 3.14 1.70
CA ARG A 49 -15.24 1.96 1.94
C ARG A 49 -16.71 2.30 1.69
N PRO A 50 -17.55 1.31 1.33
CA PRO A 50 -19.00 1.52 1.23
C PRO A 50 -19.60 1.82 2.61
N GLY A 51 -20.74 2.53 2.62
CA GLY A 51 -21.57 2.79 3.80
C GLY A 51 -22.31 1.55 4.29
N GLY A 52 -21.56 0.54 4.70
CA GLY A 52 -22.01 -0.82 5.01
C GLY A 52 -20.81 -1.74 5.24
N GLU A 53 -19.86 -1.27 6.04
CA GLU A 53 -18.59 -1.96 6.29
C GLU A 53 -18.74 -3.17 7.23
N GLN A 54 -17.79 -4.09 7.11
CA GLN A 54 -17.76 -5.40 7.79
C GLN A 54 -16.31 -5.92 7.89
N GLY A 55 -15.53 -5.63 6.84
CA GLY A 55 -14.14 -6.03 6.61
C GLY A 55 -13.77 -5.77 5.14
N LYS A 56 -14.32 -4.70 4.56
CA LYS A 56 -14.26 -4.44 3.11
C LYS A 56 -14.04 -2.95 2.82
N GLU A 57 -12.84 -2.65 2.33
CA GLU A 57 -12.20 -1.34 2.29
C GLU A 57 -11.16 -1.33 1.15
N VAL A 58 -10.84 -0.15 0.60
CA VAL A 58 -9.78 0.03 -0.40
C VAL A 58 -8.93 1.27 -0.10
N ILE A 59 -7.66 1.21 -0.48
CA ILE A 59 -6.62 2.22 -0.25
C ILE A 59 -5.89 2.52 -1.57
N ASP A 60 -5.37 3.74 -1.69
CA ASP A 60 -4.46 4.17 -2.75
C ASP A 60 -3.16 4.73 -2.18
N GLY A 61 -2.11 4.78 -3.00
CA GLY A 61 -0.90 5.56 -2.76
C GLY A 61 -0.34 6.11 -4.06
N TYR A 62 -0.32 7.42 -4.21
CA TYR A 62 0.27 8.13 -5.35
C TYR A 62 1.46 8.95 -4.87
N GLY A 63 2.60 8.91 -5.56
CA GLY A 63 3.83 9.56 -5.12
C GLY A 63 4.83 9.92 -6.22
N LYS A 64 5.89 10.63 -5.86
CA LYS A 64 6.93 11.16 -6.77
C LYS A 64 8.38 10.79 -6.39
N PRO A 65 8.72 9.50 -6.20
CA PRO A 65 7.89 8.32 -6.43
C PRO A 65 7.25 7.76 -5.15
N ALA A 66 6.30 6.83 -5.32
CA ALA A 66 5.91 5.91 -4.27
C ALA A 66 6.90 4.72 -4.18
N THR A 67 7.08 4.14 -2.98
CA THR A 67 7.78 2.85 -2.81
C THR A 67 6.99 1.90 -1.91
N PHE A 68 7.08 0.59 -2.19
CA PHE A 68 6.54 -0.50 -1.38
C PHE A 68 7.70 -1.38 -0.89
N TYR A 69 7.73 -1.70 0.40
CA TYR A 69 8.75 -2.53 1.04
C TYR A 69 8.10 -3.64 1.86
N GLN A 70 8.76 -4.80 1.94
CA GLN A 70 8.44 -5.83 2.92
C GLN A 70 9.71 -6.54 3.40
N MET A 71 9.74 -6.97 4.66
CA MET A 71 10.70 -7.98 5.14
C MET A 71 10.05 -9.37 5.19
N GLN A 72 10.71 -10.36 4.57
CA GLN A 72 10.27 -11.75 4.49
C GLN A 72 10.80 -12.57 5.69
N ASP A 73 10.00 -13.50 6.19
CA ASP A 73 10.31 -14.42 7.30
C ASP A 73 11.57 -15.26 7.06
N ASN A 74 11.84 -15.55 5.79
CA ASN A 74 13.05 -16.25 5.31
C ASN A 74 14.34 -15.38 5.38
N GLY A 75 14.28 -14.20 6.01
CA GLY A 75 15.40 -13.27 6.17
C GLY A 75 15.79 -12.52 4.90
N LYS A 76 14.81 -12.16 4.05
CA LYS A 76 15.04 -11.42 2.79
C LYS A 76 14.31 -10.07 2.78
N PRO A 77 14.81 -9.04 2.08
CA PRO A 77 14.05 -7.82 1.78
C PRO A 77 13.26 -7.92 0.47
N VAL A 78 12.27 -7.04 0.33
CA VAL A 78 11.60 -6.65 -0.91
C VAL A 78 11.52 -5.12 -0.96
N GLU A 79 11.75 -4.52 -2.12
CA GLU A 79 11.48 -3.10 -2.45
C GLU A 79 10.81 -2.99 -3.82
N GLY A 80 10.06 -1.91 -4.04
CA GLY A 80 9.38 -1.63 -5.30
C GLY A 80 9.02 -0.16 -5.44
N HIS A 81 8.78 0.28 -6.68
CA HIS A 81 8.62 1.67 -7.11
C HIS A 81 7.32 1.81 -7.90
N ALA A 82 6.64 2.96 -7.77
CA ALA A 82 5.52 3.35 -8.61
C ALA A 82 5.30 4.87 -8.67
N SER A 83 4.50 5.33 -9.62
CA SER A 83 3.78 6.61 -9.53
C SER A 83 2.44 6.46 -8.78
N GLN A 84 1.75 5.33 -8.95
CA GLN A 84 0.49 5.01 -8.26
C GLN A 84 0.40 3.52 -7.89
N MET A 85 -0.21 3.21 -6.74
CA MET A 85 -0.50 1.86 -6.25
C MET A 85 -1.85 1.80 -5.51
N HIS A 86 -2.38 0.60 -5.34
CA HIS A 86 -3.63 0.32 -4.62
C HIS A 86 -3.48 -0.85 -3.65
N TYR A 87 -4.28 -0.84 -2.59
CA TYR A 87 -4.50 -1.98 -1.70
C TYR A 87 -6.03 -2.20 -1.61
N GLU A 88 -6.51 -3.36 -2.03
CA GLU A 88 -7.91 -3.72 -2.05
C GLU A 88 -8.20 -4.74 -0.93
N LEU A 89 -8.39 -4.24 0.29
CA LEU A 89 -8.62 -5.07 1.48
C LEU A 89 -9.93 -5.87 1.34
N ALA A 90 -10.93 -5.29 0.66
CA ALA A 90 -12.18 -5.96 0.25
C ALA A 90 -11.99 -7.25 -0.58
N LYS A 91 -10.81 -7.48 -1.16
CA LYS A 91 -10.43 -8.72 -1.87
C LYS A 91 -8.92 -8.99 -1.70
N ASP A 92 -8.46 -8.88 -0.45
CA ASP A 92 -7.19 -9.36 0.10
C ASP A 92 -5.91 -9.14 -0.75
N PHE A 93 -5.75 -8.00 -1.42
CA PHE A 93 -4.64 -7.83 -2.38
C PHE A 93 -4.06 -6.41 -2.51
N VAL A 94 -2.89 -6.30 -3.18
CA VAL A 94 -2.15 -5.05 -3.41
C VAL A 94 -1.56 -5.06 -4.83
N VAL A 95 -1.58 -3.91 -5.51
CA VAL A 95 -1.10 -3.76 -6.90
C VAL A 95 -0.37 -2.42 -7.05
N LEU A 96 0.86 -2.45 -7.59
CA LEU A 96 1.50 -1.25 -8.12
C LEU A 96 0.99 -1.04 -9.56
N THR A 97 0.49 0.15 -9.90
CA THR A 97 -0.38 0.36 -11.07
C THR A 97 0.06 1.48 -12.04
N GLY A 98 1.25 2.05 -11.83
CA GLY A 98 1.86 2.98 -12.78
C GLY A 98 3.36 3.13 -12.54
N ASN A 99 4.14 3.22 -13.62
CA ASN A 99 5.61 3.34 -13.62
C ASN A 99 6.30 2.33 -12.68
N ALA A 100 5.88 1.06 -12.79
CA ALA A 100 6.02 0.09 -11.72
C ALA A 100 7.29 -0.78 -11.82
N TYR A 101 7.90 -1.03 -10.67
CA TYR A 101 8.95 -2.04 -10.47
C TYR A 101 8.79 -2.71 -9.09
N LEU A 102 9.14 -3.99 -8.96
CA LEU A 102 9.12 -4.70 -7.68
C LEU A 102 10.18 -5.82 -7.68
N GLN A 103 10.98 -5.89 -6.61
CA GLN A 103 12.16 -6.74 -6.53
C GLN A 103 12.32 -7.46 -5.17
N GLN A 104 12.88 -8.66 -5.24
CA GLN A 104 13.34 -9.54 -4.17
C GLN A 104 14.83 -9.91 -4.44
N VAL A 105 15.41 -10.85 -3.69
CA VAL A 105 16.85 -11.18 -3.81
C VAL A 105 17.27 -11.72 -5.18
N ASP A 106 16.41 -12.49 -5.84
CA ASP A 106 16.51 -12.90 -7.25
C ASP A 106 15.45 -12.18 -8.11
N SER A 107 14.20 -12.20 -7.64
CA SER A 107 13.04 -11.98 -8.48
C SER A 107 12.75 -10.50 -8.70
N ASN A 108 12.33 -10.16 -9.92
CA ASN A 108 12.20 -8.80 -10.38
C ASN A 108 11.10 -8.72 -11.46
N ILE A 109 10.16 -7.79 -11.31
CA ILE A 109 9.06 -7.55 -12.27
C ILE A 109 8.93 -6.04 -12.50
N LYS A 110 8.66 -5.67 -13.76
CA LYS A 110 8.79 -4.31 -14.30
C LYS A 110 7.65 -3.98 -15.28
N GLY A 111 7.24 -2.72 -15.35
CA GLY A 111 6.38 -2.19 -16.41
C GLY A 111 5.33 -1.20 -15.89
N ASP A 112 4.06 -1.53 -16.12
CA ASP A 112 2.92 -0.65 -15.81
C ASP A 112 2.13 -1.13 -14.57
N LYS A 113 1.64 -2.39 -14.57
CA LYS A 113 0.93 -3.03 -13.45
C LYS A 113 1.74 -4.20 -12.90
N ILE A 114 1.72 -4.42 -11.58
CA ILE A 114 2.48 -5.47 -10.89
C ILE A 114 1.63 -6.21 -9.84
N THR A 115 1.78 -7.53 -9.85
CA THR A 115 1.28 -8.51 -8.87
C THR A 115 2.36 -8.87 -7.83
N TYR A 116 1.94 -9.25 -6.62
CA TYR A 116 2.85 -9.66 -5.53
C TYR A 116 2.33 -10.90 -4.79
N LEU A 117 3.20 -11.57 -4.03
CA LEU A 117 3.02 -12.92 -3.47
C LEU A 117 2.01 -13.07 -2.31
N VAL A 118 1.15 -12.07 -2.08
CA VAL A 118 0.27 -11.93 -0.90
C VAL A 118 -0.61 -13.16 -0.62
N LYS A 119 -1.16 -13.80 -1.66
CA LYS A 119 -1.92 -15.06 -1.55
C LYS A 119 -1.20 -16.23 -2.25
N GLU A 120 0.04 -16.50 -1.84
CA GLU A 120 0.88 -17.60 -2.37
C GLU A 120 1.19 -17.48 -3.89
N GLN A 121 1.02 -16.27 -4.45
CA GLN A 121 1.21 -16.00 -5.88
C GLN A 121 2.72 -16.01 -6.22
N LYS A 122 3.15 -16.93 -7.08
CA LYS A 122 4.58 -17.14 -7.35
C LYS A 122 5.16 -16.02 -8.23
N MET A 123 5.76 -15.03 -7.55
CA MET A 123 6.47 -13.88 -8.14
C MET A 123 7.73 -14.35 -8.90
N GLN A 124 7.58 -14.74 -10.17
CA GLN A 124 8.67 -15.05 -11.09
C GLN A 124 9.43 -13.76 -11.50
N ALA A 125 10.71 -13.90 -11.85
CA ALA A 125 11.46 -12.84 -12.52
C ALA A 125 11.01 -12.62 -13.98
N PHE A 126 11.06 -11.38 -14.45
CA PHE A 126 10.80 -10.94 -15.82
C PHE A 126 11.88 -9.96 -16.31
N SER A 127 13.14 -10.32 -16.04
CA SER A 127 14.32 -9.71 -16.66
C SER A 127 14.36 -9.99 -18.17
N ASP A 128 15.09 -9.17 -18.92
CA ASP A 128 14.75 -8.90 -20.33
C ASP A 128 15.81 -9.34 -21.36
N LYS A 129 17.04 -8.79 -21.26
CA LYS A 129 18.22 -9.11 -22.08
C LYS A 129 19.44 -8.36 -21.54
N GLY A 130 20.61 -9.00 -21.52
CA GLY A 130 21.84 -8.43 -20.96
C GLY A 130 22.59 -7.49 -21.92
N LYS A 131 23.32 -6.51 -21.38
CA LYS A 131 24.29 -5.68 -22.12
C LYS A 131 25.52 -5.25 -21.29
N ARG A 132 25.72 -5.88 -20.15
CA ARG A 132 26.84 -5.63 -19.22
C ARG A 132 27.16 -6.89 -18.39
N VAL B 1 -11.05 -1.63 8.85
CA VAL B 1 -9.81 -1.97 9.62
C VAL B 1 -9.32 -0.81 10.55
N ILE B 3 -7.04 2.17 11.25
CA ILE B 3 -6.10 3.09 10.55
C ILE B 3 -5.74 4.27 11.46
N ILE B 4 -4.57 4.17 12.07
CA ILE B 4 -3.95 5.22 12.91
C ILE B 4 -3.29 6.23 11.97
N TYR B 5 -3.54 7.53 12.19
CA TYR B 5 -2.94 8.60 11.40
C TYR B 5 -2.40 9.74 12.28
N ASN B 7 0.32 13.22 12.59
CA ASN B 7 0.76 14.37 11.79
C ASN B 7 2.27 14.68 11.91
N ARG B 8 2.96 14.79 10.76
CA ARG B 8 4.38 15.17 10.58
C ARG B 8 4.68 16.65 10.90
N THR B 10 2.89 18.26 13.83
CA THR B 10 2.51 18.46 15.24
C THR B 10 2.97 17.35 16.17
N LYS B 12 0.97 14.97 17.03
CA LYS B 12 -0.30 14.44 17.59
C LYS B 12 -1.01 13.60 16.52
N CYS B 13 -2.02 12.83 16.93
CA CYS B 13 -2.51 11.68 16.16
C CYS B 13 -4.02 11.43 16.33
N TYR B 16 -9.06 5.85 12.60
CA TYR B 16 -10.22 4.95 12.63
C TYR B 16 -9.88 3.76 13.55
N VAL A 1 -11.38 0.60 20.51
CA VAL A 1 -11.97 0.92 19.20
C VAL A 1 -12.06 -0.37 18.42
N THR A 2 -13.25 -0.70 17.93
CA THR A 2 -13.68 -2.08 17.72
C THR A 2 -14.66 -2.17 16.56
N GLY A 3 -14.59 -3.21 15.74
CA GLY A 3 -15.50 -3.44 14.62
C GLY A 3 -15.07 -4.68 13.85
N ASP A 4 -14.06 -4.53 13.01
CA ASP A 4 -13.29 -5.64 12.41
C ASP A 4 -12.44 -6.37 13.48
N THR A 5 -11.83 -7.50 13.13
CA THR A 5 -11.03 -8.37 14.03
C THR A 5 -9.51 -8.27 13.78
N ASP A 6 -9.10 -7.23 13.06
CA ASP A 6 -7.92 -7.25 12.20
C ASP A 6 -6.90 -6.14 12.57
N GLN A 7 -5.62 -6.36 12.26
CA GLN A 7 -4.55 -5.44 12.66
C GLN A 7 -4.69 -4.06 12.00
N PRO A 8 -4.55 -2.95 12.75
CA PRO A 8 -4.72 -1.59 12.22
C PRO A 8 -3.54 -1.14 11.35
N ILE A 9 -3.82 -0.20 10.45
CA ILE A 9 -2.84 0.42 9.55
C ILE A 9 -2.19 1.63 10.24
N HIS A 10 -0.92 1.91 9.94
CA HIS A 10 -0.17 3.04 10.50
C HIS A 10 0.40 3.96 9.40
N ILE A 11 0.14 5.26 9.46
CA ILE A 11 0.50 6.24 8.42
C ILE A 11 1.20 7.47 9.03
N GLU A 12 2.30 7.94 8.46
CA GLU A 12 2.75 9.34 8.59
C GLU A 12 2.45 10.12 7.30
N SER A 13 2.07 11.39 7.38
CA SER A 13 2.08 12.35 6.25
C SER A 13 2.28 13.76 6.77
N ASP A 14 2.70 14.72 5.94
CA ASP A 14 2.80 16.10 6.43
C ASP A 14 1.43 16.78 6.60
N GLN A 15 0.47 16.53 5.70
CA GLN A 15 -0.92 16.98 5.84
C GLN A 15 -1.83 15.85 6.36
N GLN A 16 -2.68 16.20 7.32
CA GLN A 16 -3.85 15.44 7.76
C GLN A 16 -5.11 16.23 7.40
N SER A 17 -5.85 15.80 6.38
CA SER A 17 -7.19 16.31 6.06
C SER A 17 -8.24 15.38 6.65
N LEU A 18 -8.90 15.85 7.71
CA LEU A 18 -10.06 15.18 8.31
C LEU A 18 -11.31 15.58 7.51
N ASP A 19 -11.64 14.80 6.49
CA ASP A 19 -12.83 15.03 5.68
C ASP A 19 -14.09 14.97 6.55
N MET A 20 -14.98 15.97 6.43
CA MET A 20 -15.96 16.34 7.46
C MET A 20 -17.18 15.42 7.59
N GLN A 21 -16.97 14.11 7.44
CA GLN A 21 -17.85 13.04 7.91
C GLN A 21 -17.09 11.95 8.69
N GLY A 22 -15.75 11.89 8.64
CA GLY A 22 -14.96 10.75 9.14
C GLY A 22 -15.07 9.46 8.33
N ASN A 23 -16.10 9.32 7.48
CA ASN A 23 -16.24 8.26 6.46
C ASN A 23 -15.07 8.22 5.45
N VAL A 24 -14.35 9.33 5.34
CA VAL A 24 -13.12 9.51 4.56
C VAL A 24 -12.09 10.19 5.48
N VAL A 25 -10.80 9.88 5.30
CA VAL A 25 -9.69 10.76 5.71
C VAL A 25 -8.60 10.74 4.64
N THR A 26 -7.96 11.90 4.48
CA THR A 26 -7.06 12.21 3.36
C THR A 26 -5.69 12.67 3.86
N PHE A 27 -4.63 12.21 3.21
CA PHE A 27 -3.23 12.47 3.57
C PHE A 27 -2.45 13.00 2.36
N THR A 28 -1.64 14.04 2.54
CA THR A 28 -0.91 14.67 1.42
C THR A 28 0.47 15.17 1.81
N GLY A 29 1.44 15.02 0.91
CA GLY A 29 2.84 15.42 1.10
C GLY A 29 3.60 14.38 1.90
N ASN A 30 4.59 13.75 1.26
CA ASN A 30 5.50 12.74 1.82
C ASN A 30 4.78 11.78 2.79
N VAL A 31 3.86 10.98 2.26
CA VAL A 31 3.02 10.06 3.04
C VAL A 31 3.61 8.65 3.04
N ILE A 32 3.81 8.09 4.23
CA ILE A 32 4.45 6.80 4.47
C ILE A 32 3.44 5.88 5.17
N VAL A 33 2.82 5.00 4.38
CA VAL A 33 1.81 4.02 4.80
C VAL A 33 2.49 2.74 5.28
N THR A 34 1.92 2.07 6.28
CA THR A 34 2.45 0.84 6.87
C THR A 34 1.32 -0.15 7.15
N LEU A 35 1.44 -1.36 6.63
CA LEU A 35 0.54 -2.48 6.87
C LEU A 35 1.35 -3.70 7.33
N GLY A 36 1.56 -3.79 8.64
CA GLY A 36 2.42 -4.81 9.26
C GLY A 36 3.87 -4.73 8.76
N THR A 37 4.32 -5.80 8.09
CA THR A 37 5.71 -5.96 7.61
C THR A 37 5.98 -5.30 6.24
N ILE A 38 5.03 -4.52 5.72
CA ILE A 38 5.10 -3.76 4.48
C ILE A 38 4.98 -2.25 4.77
N LYS A 39 5.83 -1.44 4.15
CA LYS A 39 5.82 0.02 4.20
C LYS A 39 5.95 0.60 2.78
N ILE A 40 5.17 1.66 2.50
CA ILE A 40 5.03 2.23 1.15
C ILE A 40 5.02 3.76 1.25
N ASN A 41 5.85 4.44 0.46
CA ASN A 41 5.88 5.90 0.33
C ASN A 41 5.03 6.36 -0.86
N ALA A 42 4.31 7.47 -0.68
CA ALA A 42 3.57 8.18 -1.71
C ALA A 42 3.51 9.71 -1.44
N ASP A 43 2.77 10.46 -2.27
CA ASP A 43 2.52 11.90 -2.15
C ASP A 43 1.05 12.22 -1.76
N LYS A 44 0.10 11.35 -2.08
CA LYS A 44 -1.32 11.53 -1.70
C LYS A 44 -1.97 10.18 -1.43
N VAL A 45 -2.67 10.02 -0.31
CA VAL A 45 -3.29 8.74 0.13
C VAL A 45 -4.66 8.99 0.73
N VAL A 46 -5.61 8.08 0.50
CA VAL A 46 -6.99 8.17 1.00
C VAL A 46 -7.51 6.80 1.49
N VAL A 47 -8.30 6.80 2.56
CA VAL A 47 -9.26 5.73 2.90
C VAL A 47 -10.68 6.31 2.79
N THR A 48 -11.60 5.58 2.16
CA THR A 48 -12.93 6.07 1.77
C THR A 48 -13.98 4.96 1.91
N ARG A 49 -14.11 4.47 3.16
CA ARG A 49 -14.74 3.19 3.52
C ARG A 49 -16.21 3.07 3.06
N PRO A 50 -16.53 2.21 2.08
CA PRO A 50 -17.89 2.10 1.54
C PRO A 50 -18.79 1.19 2.38
N GLY A 51 -20.10 1.40 2.26
CA GLY A 51 -21.15 0.54 2.81
C GLY A 51 -22.52 0.91 2.22
N GLY A 52 -23.46 -0.05 2.21
CA GLY A 52 -24.74 0.05 1.51
C GLY A 52 -24.59 -0.09 -0.01
N GLU A 53 -23.76 0.75 -0.63
CA GLU A 53 -23.19 0.48 -1.95
C GLU A 53 -22.20 -0.70 -1.90
N GLN A 54 -22.06 -1.41 -3.02
CA GLN A 54 -21.44 -2.74 -3.08
C GLN A 54 -19.91 -2.77 -3.12
N GLY A 55 -19.27 -1.63 -2.79
CA GLY A 55 -17.83 -1.51 -2.59
C GLY A 55 -17.30 -2.36 -1.42
N LYS A 56 -15.98 -2.30 -1.20
CA LYS A 56 -15.24 -3.02 -0.16
C LYS A 56 -14.14 -2.12 0.42
N GLU A 57 -13.60 -2.45 1.60
CA GLU A 57 -12.64 -1.56 2.28
C GLU A 57 -11.27 -1.51 1.58
N VAL A 58 -10.80 -0.29 1.31
CA VAL A 58 -9.71 0.04 0.38
C VAL A 58 -8.84 1.19 0.89
N ILE A 59 -7.56 1.13 0.56
CA ILE A 59 -6.64 2.26 0.65
C ILE A 59 -5.86 2.40 -0.67
N ASP A 60 -5.72 3.64 -1.11
CA ASP A 60 -5.15 4.06 -2.39
C ASP A 60 -4.10 5.16 -2.17
N GLY A 61 -3.11 5.24 -3.07
CA GLY A 61 -2.07 6.25 -3.01
C GLY A 61 -1.41 6.60 -4.35
N TYR A 62 -1.37 7.90 -4.64
CA TYR A 62 -0.63 8.53 -5.73
C TYR A 62 0.79 8.88 -5.27
N GLY A 63 1.81 8.25 -5.86
CA GLY A 63 3.18 8.23 -5.35
C GLY A 63 4.17 9.01 -6.20
N LYS A 64 4.47 10.26 -5.81
CA LYS A 64 5.49 11.12 -6.44
C LYS A 64 6.29 11.90 -5.36
N PRO A 65 7.34 11.32 -4.75
CA PRO A 65 7.98 10.04 -5.07
C PRO A 65 7.20 8.81 -4.58
N ALA A 66 7.57 7.63 -5.10
CA ALA A 66 7.07 6.33 -4.68
C ALA A 66 8.22 5.39 -4.29
N THR A 67 8.04 4.64 -3.21
CA THR A 67 8.84 3.46 -2.87
C THR A 67 7.96 2.42 -2.18
N PHE A 68 8.34 1.15 -2.31
CA PHE A 68 7.70 -0.01 -1.70
C PHE A 68 8.80 -0.84 -1.02
N TYR A 69 8.55 -1.27 0.22
CA TYR A 69 9.48 -2.07 1.00
C TYR A 69 8.70 -3.09 1.83
N GLN A 70 9.11 -4.37 1.76
CA GLN A 70 8.53 -5.43 2.58
C GLN A 70 9.62 -6.33 3.16
N MET A 71 9.42 -6.79 4.40
CA MET A 71 10.28 -7.77 5.06
C MET A 71 9.53 -9.10 5.18
N GLN A 72 9.95 -10.07 4.38
CA GLN A 72 9.20 -11.31 4.13
C GLN A 72 9.50 -12.38 5.18
N ASP A 73 8.63 -13.40 5.23
CA ASP A 73 8.56 -14.49 6.21
C ASP A 73 9.83 -15.35 6.31
N ASN A 74 10.64 -15.40 5.25
CA ASN A 74 11.98 -16.00 5.22
C ASN A 74 13.05 -15.11 5.92
N GLY A 75 12.66 -13.99 6.54
CA GLY A 75 13.57 -12.97 7.06
C GLY A 75 14.32 -12.22 5.95
N LYS A 76 13.65 -11.88 4.83
CA LYS A 76 14.29 -11.34 3.62
C LYS A 76 13.64 -10.01 3.19
N PRO A 77 14.39 -8.93 2.98
CA PRO A 77 13.86 -7.66 2.46
C PRO A 77 13.60 -7.74 0.94
N VAL A 78 12.61 -6.97 0.47
CA VAL A 78 12.24 -6.80 -0.95
C VAL A 78 11.83 -5.34 -1.18
N GLU A 79 12.27 -4.76 -2.30
CA GLU A 79 12.15 -3.34 -2.64
C GLU A 79 11.28 -3.12 -3.90
N GLY A 80 10.84 -1.90 -4.17
CA GLY A 80 10.21 -1.53 -5.45
C GLY A 80 9.67 -0.09 -5.51
N HIS A 81 8.96 0.23 -6.60
CA HIS A 81 8.17 1.46 -6.76
C HIS A 81 7.06 1.32 -7.81
N ALA A 82 6.04 2.18 -7.76
CA ALA A 82 5.11 2.47 -8.85
C ALA A 82 4.41 3.82 -8.57
N SER A 83 3.99 4.54 -9.61
CA SER A 83 3.41 5.88 -9.43
C SER A 83 2.00 5.93 -8.83
N GLN A 84 1.32 4.78 -8.73
CA GLN A 84 0.10 4.57 -7.93
C GLN A 84 0.18 3.21 -7.21
N MET A 85 -0.35 3.11 -5.99
CA MET A 85 -0.34 1.90 -5.16
C MET A 85 -1.64 1.74 -4.36
N HIS A 86 -2.10 0.50 -4.19
CA HIS A 86 -3.42 0.20 -3.61
C HIS A 86 -3.38 -1.10 -2.77
N TYR A 87 -4.28 -1.23 -1.79
CA TYR A 87 -4.58 -2.47 -1.05
C TYR A 87 -6.07 -2.56 -0.72
N GLU A 88 -6.67 -3.75 -0.87
CA GLU A 88 -8.08 -4.01 -0.50
C GLU A 88 -8.15 -5.12 0.55
N LEU A 89 -8.80 -4.83 1.68
CA LEU A 89 -8.91 -5.77 2.80
C LEU A 89 -9.77 -6.99 2.44
N ALA A 90 -10.82 -6.80 1.63
CA ALA A 90 -11.68 -7.90 1.17
C ALA A 90 -11.02 -8.81 0.11
N LYS A 91 -9.74 -8.60 -0.23
CA LYS A 91 -8.89 -9.55 -0.96
C LYS A 91 -7.60 -9.92 -0.22
N ASP A 92 -7.27 -9.21 0.86
CA ASP A 92 -5.96 -9.20 1.51
C ASP A 92 -4.79 -9.07 0.50
N PHE A 93 -4.93 -8.18 -0.49
CA PHE A 93 -3.99 -8.08 -1.61
C PHE A 93 -3.66 -6.65 -2.04
N VAL A 94 -2.41 -6.47 -2.48
CA VAL A 94 -1.85 -5.23 -3.03
C VAL A 94 -1.89 -5.21 -4.55
N VAL A 95 -1.91 -4.02 -5.15
CA VAL A 95 -1.53 -3.83 -6.56
C VAL A 95 -0.86 -2.46 -6.76
N LEU A 96 0.22 -2.45 -7.54
CA LEU A 96 1.06 -1.27 -7.79
C LEU A 96 1.15 -1.03 -9.31
N THR A 97 0.95 0.21 -9.76
CA THR A 97 0.70 0.53 -11.19
C THR A 97 1.37 1.83 -11.65
N GLY A 98 1.74 1.88 -12.93
CA GLY A 98 2.42 3.00 -13.57
C GLY A 98 3.91 3.00 -13.25
N ASN A 99 4.75 2.61 -14.22
CA ASN A 99 6.20 2.42 -14.05
C ASN A 99 6.54 1.54 -12.84
N ALA A 100 5.85 0.40 -12.73
CA ALA A 100 6.01 -0.53 -11.61
C ALA A 100 7.33 -1.31 -11.72
N TYR A 101 8.04 -1.48 -10.61
CA TYR A 101 9.35 -2.14 -10.50
C TYR A 101 9.48 -2.84 -9.13
N LEU A 102 10.06 -4.05 -9.06
CA LEU A 102 10.31 -4.79 -7.81
C LEU A 102 11.59 -5.64 -7.86
N GLN A 103 12.31 -5.69 -6.73
CA GLN A 103 13.59 -6.37 -6.53
C GLN A 103 13.48 -7.48 -5.46
N GLN A 104 13.60 -8.74 -5.87
CA GLN A 104 14.00 -9.84 -4.98
C GLN A 104 15.54 -9.87 -4.88
N VAL A 105 16.10 -10.71 -4.02
CA VAL A 105 17.57 -10.93 -3.88
C VAL A 105 18.25 -11.66 -5.07
N ASP A 106 17.57 -11.72 -6.21
CA ASP A 106 17.99 -12.31 -7.50
C ASP A 106 17.07 -11.77 -8.60
N SER A 107 15.85 -12.32 -8.68
CA SER A 107 14.88 -12.02 -9.73
C SER A 107 14.21 -10.66 -9.53
N ASN A 108 13.85 -10.01 -10.63
CA ASN A 108 13.28 -8.68 -10.67
C ASN A 108 12.18 -8.60 -11.73
N ILE A 109 11.15 -7.80 -11.47
CA ILE A 109 9.97 -7.65 -12.34
C ILE A 109 9.59 -6.18 -12.50
N LYS A 110 9.17 -5.79 -13.70
CA LYS A 110 8.84 -4.39 -14.04
C LYS A 110 7.91 -4.25 -15.24
N GLY A 111 7.00 -3.28 -15.21
CA GLY A 111 6.06 -3.01 -16.29
C GLY A 111 5.01 -1.94 -15.95
N ASP A 112 3.82 -2.06 -16.55
CA ASP A 112 2.65 -1.22 -16.26
C ASP A 112 2.06 -1.51 -14.87
N LYS A 113 2.16 -2.76 -14.39
CA LYS A 113 1.53 -3.25 -13.16
C LYS A 113 2.39 -4.31 -12.47
N ILE A 114 2.33 -4.35 -11.14
CA ILE A 114 2.86 -5.42 -10.30
C ILE A 114 1.78 -5.85 -9.30
N THR A 115 1.59 -7.17 -9.23
CA THR A 115 1.02 -7.88 -8.09
C THR A 115 2.15 -8.62 -7.37
N TYR A 116 2.04 -8.74 -6.05
CA TYR A 116 2.95 -9.56 -5.24
C TYR A 116 2.16 -10.16 -4.07
N LEU A 117 2.49 -11.38 -3.67
CA LEU A 117 1.75 -12.10 -2.63
C LEU A 117 2.18 -11.61 -1.24
N VAL A 118 1.24 -11.08 -0.46
CA VAL A 118 1.53 -10.24 0.73
C VAL A 118 2.23 -10.94 1.92
N LYS A 119 2.32 -12.27 1.90
CA LYS A 119 3.10 -13.14 2.81
C LYS A 119 3.42 -14.49 2.14
N GLU A 120 3.98 -14.40 0.94
CA GLU A 120 4.48 -15.52 0.12
C GLU A 120 5.50 -14.92 -0.87
N GLN A 121 6.63 -15.59 -1.10
CA GLN A 121 7.73 -15.10 -1.94
C GLN A 121 8.03 -15.98 -3.18
N LYS A 122 7.22 -17.00 -3.45
CA LYS A 122 7.26 -17.82 -4.67
C LYS A 122 6.76 -17.04 -5.90
N MET A 123 7.47 -15.98 -6.28
CA MET A 123 7.26 -15.27 -7.54
C MET A 123 7.68 -16.14 -8.76
N GLN A 124 7.13 -15.84 -9.94
CA GLN A 124 7.47 -16.56 -11.17
C GLN A 124 8.68 -15.94 -11.88
N ALA A 125 9.62 -16.77 -12.32
CA ALA A 125 10.71 -16.40 -13.22
C ALA A 125 10.33 -16.64 -14.69
N PHE A 126 10.92 -15.85 -15.60
CA PHE A 126 10.72 -15.99 -17.05
C PHE A 126 11.54 -17.15 -17.66
N SER A 127 11.26 -17.48 -18.93
CA SER A 127 12.00 -18.42 -19.80
C SER A 127 13.39 -17.88 -20.22
N ASP A 128 14.00 -18.48 -21.23
CA ASP A 128 14.99 -17.90 -22.16
C ASP A 128 16.00 -16.87 -21.57
N LYS A 129 17.00 -17.38 -20.85
CA LYS A 129 18.15 -16.59 -20.35
C LYS A 129 19.14 -16.15 -21.45
N GLY A 130 18.87 -16.47 -22.72
CA GLY A 130 19.67 -16.00 -23.86
C GLY A 130 19.43 -14.53 -24.25
N LYS A 131 18.43 -13.86 -23.66
CA LYS A 131 18.16 -12.44 -23.94
C LYS A 131 19.17 -11.53 -23.24
N ARG A 132 19.87 -10.71 -24.02
CA ARG A 132 20.57 -9.53 -23.50
C ARG A 132 19.69 -8.67 -22.58
N VAL B 1 -10.88 -2.01 9.43
CA VAL B 1 -9.83 -1.71 10.44
C VAL B 1 -9.88 -0.28 11.06
N ILE B 3 -7.31 2.89 11.87
CA ILE B 3 -6.06 3.43 11.29
C ILE B 3 -5.47 4.45 12.25
N ILE B 4 -4.18 4.32 12.57
CA ILE B 4 -3.39 5.27 13.35
C ILE B 4 -2.65 6.19 12.37
N TYR B 5 -2.76 7.51 12.53
CA TYR B 5 -2.18 8.45 11.58
C TYR B 5 -1.54 9.66 12.27
N ASN B 7 1.30 13.27 11.98
CA ASN B 7 1.79 14.38 11.15
C ASN B 7 3.31 14.52 11.16
N ARG B 8 3.92 14.64 9.97
CA ARG B 8 5.37 14.67 9.76
C ARG B 8 6.02 15.89 10.42
N THR B 10 5.03 17.56 13.01
CA THR B 10 4.76 17.69 14.45
C THR B 10 5.11 16.44 15.28
N LYS B 12 2.79 14.31 15.92
CA LYS B 12 1.54 14.17 16.70
C LYS B 12 0.37 13.71 15.83
N CYS B 13 -0.62 13.07 16.44
CA CYS B 13 -1.42 12.02 15.77
C CYS B 13 -2.94 12.11 15.98
N TYR B 16 -8.54 6.40 13.98
CA TYR B 16 -9.82 5.83 14.40
C TYR B 16 -9.57 5.01 15.68
N VAL A 1 -7.25 -11.11 27.47
CA VAL A 1 -7.56 -11.99 26.31
C VAL A 1 -6.72 -11.49 25.15
N THR A 2 -6.05 -12.39 24.43
CA THR A 2 -4.92 -12.06 23.56
C THR A 2 -4.87 -13.03 22.38
N GLY A 3 -4.45 -12.53 21.21
CA GLY A 3 -4.28 -13.24 19.95
C GLY A 3 -3.93 -12.29 18.80
N ASP A 4 -4.46 -11.06 18.87
CA ASP A 4 -3.88 -9.81 18.35
C ASP A 4 -3.47 -9.84 16.85
N THR A 5 -4.16 -10.65 16.03
CA THR A 5 -3.91 -10.84 14.59
C THR A 5 -4.02 -9.56 13.79
N ASP A 6 -5.00 -8.72 14.14
CA ASP A 6 -5.42 -7.51 13.42
C ASP A 6 -4.46 -6.33 13.62
N GLN A 7 -3.22 -6.52 13.19
CA GLN A 7 -2.16 -5.51 13.25
C GLN A 7 -2.52 -4.26 12.42
N PRO A 8 -2.14 -3.05 12.89
CA PRO A 8 -2.74 -1.82 12.42
C PRO A 8 -2.28 -1.39 11.01
N ILE A 9 -3.11 -0.54 10.39
CA ILE A 9 -2.72 0.31 9.27
C ILE A 9 -2.21 1.64 9.84
N HIS A 10 -0.92 1.90 9.69
CA HIS A 10 -0.26 3.12 10.14
C HIS A 10 0.05 4.05 8.97
N ILE A 11 -0.08 5.37 9.17
CA ILE A 11 0.16 6.39 8.13
C ILE A 11 0.83 7.62 8.75
N GLU A 12 1.82 8.24 8.09
CA GLU A 12 2.28 9.60 8.38
C GLU A 12 2.35 10.44 7.10
N SER A 13 1.97 11.73 7.15
CA SER A 13 2.12 12.68 6.03
C SER A 13 2.27 14.14 6.47
N ASP A 14 2.86 14.99 5.62
CA ASP A 14 3.09 16.42 5.86
C ASP A 14 1.82 17.20 6.16
N GLN A 15 0.69 16.85 5.55
CA GLN A 15 -0.63 17.23 6.04
C GLN A 15 -1.67 16.19 5.67
N GLN A 16 -2.76 16.12 6.44
CA GLN A 16 -3.97 15.39 6.05
C GLN A 16 -5.22 16.27 6.11
N SER A 17 -6.20 15.92 5.29
CA SER A 17 -7.55 16.48 5.25
C SER A 17 -8.55 15.47 5.85
N LEU A 18 -9.61 15.98 6.48
CA LEU A 18 -10.52 15.25 7.37
C LEU A 18 -11.94 15.85 7.29
N ASP A 19 -12.92 15.09 7.76
CA ASP A 19 -14.31 15.53 7.96
C ASP A 19 -14.76 15.29 9.42
N MET A 20 -15.73 16.07 9.91
CA MET A 20 -16.26 15.99 11.29
C MET A 20 -16.99 14.67 11.58
N GLN A 21 -17.53 13.97 10.57
CA GLN A 21 -18.10 12.63 10.74
C GLN A 21 -17.02 11.54 10.84
N GLY A 22 -15.75 11.89 10.59
CA GLY A 22 -14.63 10.96 10.49
C GLY A 22 -14.79 9.92 9.36
N ASN A 23 -15.55 10.22 8.30
CA ASN A 23 -15.85 9.26 7.21
C ASN A 23 -14.89 9.37 6.00
N VAL A 24 -14.09 10.43 5.93
CA VAL A 24 -13.13 10.70 4.87
C VAL A 24 -11.81 11.12 5.52
N VAL A 25 -10.72 10.45 5.13
CA VAL A 25 -9.36 10.87 5.49
C VAL A 25 -8.48 10.82 4.24
N THR A 26 -7.61 11.81 4.05
CA THR A 26 -6.76 11.92 2.86
C THR A 26 -5.45 12.61 3.21
N PHE A 27 -4.33 12.07 2.73
CA PHE A 27 -2.96 12.37 3.16
C PHE A 27 -2.16 13.00 2.03
N THR A 28 -1.25 13.92 2.32
CA THR A 28 -0.39 14.58 1.32
C THR A 28 1.00 14.95 1.84
N GLY A 29 2.01 14.73 0.99
CA GLY A 29 3.44 14.98 1.26
C GLY A 29 4.07 13.93 2.18
N ASN A 30 5.24 13.40 1.79
CA ASN A 30 6.01 12.37 2.52
C ASN A 30 5.11 11.27 3.13
N VAL A 31 4.19 10.72 2.31
CA VAL A 31 3.07 9.90 2.79
C VAL A 31 3.55 8.47 3.05
N ILE A 32 4.09 8.24 4.24
CA ILE A 32 4.43 6.92 4.75
C ILE A 32 3.13 6.16 5.03
N VAL A 33 3.07 4.89 4.62
CA VAL A 33 2.01 3.94 5.01
C VAL A 33 2.68 2.65 5.49
N THR A 34 2.04 1.92 6.41
CA THR A 34 2.52 0.63 6.89
C THR A 34 1.36 -0.28 7.29
N LEU A 35 1.46 -1.58 6.98
CA LEU A 35 0.56 -2.66 7.42
C LEU A 35 1.44 -3.75 8.01
N GLY A 36 1.37 -3.99 9.32
CA GLY A 36 2.17 -5.06 9.96
C GLY A 36 3.67 -4.98 9.67
N THR A 37 4.23 -3.76 9.67
CA THR A 37 5.64 -3.45 9.33
C THR A 37 6.00 -3.60 7.84
N ILE A 38 5.10 -4.08 6.98
CA ILE A 38 5.20 -3.92 5.51
C ILE A 38 4.96 -2.45 5.18
N LYS A 39 5.87 -1.81 4.44
CA LYS A 39 6.10 -0.35 4.45
C LYS A 39 5.99 0.27 3.05
N ILE A 40 5.44 1.48 2.97
CA ILE A 40 5.17 2.22 1.72
C ILE A 40 5.50 3.71 1.91
N ASN A 41 5.84 4.42 0.83
CA ASN A 41 5.95 5.89 0.78
C ASN A 41 5.30 6.44 -0.52
N ALA A 42 4.63 7.60 -0.43
CA ALA A 42 3.83 8.21 -1.50
C ALA A 42 3.77 9.75 -1.43
N ASP A 43 3.11 10.39 -2.41
CA ASP A 43 2.78 11.81 -2.39
C ASP A 43 1.35 12.07 -1.87
N LYS A 44 0.43 11.13 -2.08
CA LYS A 44 -1.01 11.29 -1.80
C LYS A 44 -1.66 9.94 -1.49
N VAL A 45 -2.51 9.83 -0.48
CA VAL A 45 -3.25 8.59 -0.14
C VAL A 45 -4.68 8.91 0.31
N VAL A 46 -5.66 8.08 -0.05
CA VAL A 46 -7.09 8.24 0.27
C VAL A 46 -7.62 7.01 0.99
N VAL A 47 -8.39 7.20 2.08
CA VAL A 47 -9.11 6.14 2.79
C VAL A 47 -10.50 6.64 3.20
N THR A 48 -11.55 5.94 2.77
CA THR A 48 -12.96 6.40 2.89
C THR A 48 -13.89 5.22 3.18
N ARG A 49 -14.30 5.05 4.45
CA ARG A 49 -15.13 3.92 4.88
C ARG A 49 -16.53 3.90 4.19
N PRO A 50 -17.10 2.72 3.87
CA PRO A 50 -18.38 2.63 3.15
C PRO A 50 -19.60 3.02 3.99
N GLY A 51 -19.49 3.01 5.32
CA GLY A 51 -20.42 3.66 6.28
C GLY A 51 -21.88 3.15 6.33
N GLY A 52 -22.24 2.18 5.50
CA GLY A 52 -23.63 1.75 5.26
C GLY A 52 -23.81 1.11 3.88
N GLU A 53 -22.92 1.43 2.93
CA GLU A 53 -22.63 0.56 1.79
C GLU A 53 -21.89 -0.71 2.25
N GLN A 54 -21.89 -1.77 1.43
CA GLN A 54 -21.52 -3.13 1.80
C GLN A 54 -20.10 -3.25 2.39
N GLY A 55 -19.96 -4.10 3.42
CA GLY A 55 -18.73 -4.35 4.18
C GLY A 55 -17.55 -4.82 3.32
N LYS A 56 -16.80 -3.86 2.78
CA LYS A 56 -15.70 -3.99 1.83
C LYS A 56 -14.92 -2.67 1.89
N GLU A 57 -13.60 -2.73 1.93
CA GLU A 57 -12.73 -1.56 2.15
C GLU A 57 -11.61 -1.46 1.11
N VAL A 58 -11.09 -0.24 0.92
CA VAL A 58 -10.04 0.09 -0.06
C VAL A 58 -9.08 1.17 0.46
N ILE A 59 -7.84 1.14 -0.04
CA ILE A 59 -6.89 2.26 0.01
C ILE A 59 -6.34 2.50 -1.41
N ASP A 60 -6.17 3.77 -1.77
CA ASP A 60 -5.53 4.21 -3.03
C ASP A 60 -4.48 5.30 -2.73
N GLY A 61 -3.46 5.45 -3.58
CA GLY A 61 -2.47 6.50 -3.46
C GLY A 61 -1.54 6.69 -4.66
N TYR A 62 -1.10 7.94 -4.83
CA TYR A 62 -0.23 8.42 -5.90
C TYR A 62 1.17 8.76 -5.36
N GLY A 63 2.22 8.59 -6.17
CA GLY A 63 3.57 9.08 -5.89
C GLY A 63 4.44 9.32 -7.12
N LYS A 64 5.54 10.05 -6.92
CA LYS A 64 6.46 10.53 -7.97
C LYS A 64 7.95 10.19 -7.72
N PRO A 65 8.33 8.90 -7.63
CA PRO A 65 7.47 7.70 -7.60
C PRO A 65 6.88 7.45 -6.19
N ALA A 66 5.96 6.50 -6.07
CA ALA A 66 5.66 5.85 -4.80
C ALA A 66 6.50 4.56 -4.69
N THR A 67 6.86 4.16 -3.46
CA THR A 67 7.84 3.10 -3.19
C THR A 67 7.37 2.17 -2.08
N PHE A 68 7.79 0.91 -2.14
CA PHE A 68 7.27 -0.21 -1.35
C PHE A 68 8.42 -1.05 -0.78
N TYR A 69 8.24 -1.65 0.38
CA TYR A 69 9.29 -2.35 1.12
C TYR A 69 8.70 -3.41 2.06
N GLN A 70 9.22 -4.63 2.02
CA GLN A 70 8.68 -5.78 2.74
C GLN A 70 9.83 -6.66 3.29
N MET A 71 9.56 -7.44 4.34
CA MET A 71 10.52 -8.37 4.92
C MET A 71 9.96 -9.79 4.81
N GLN A 72 10.80 -10.73 4.38
CA GLN A 72 10.44 -12.10 4.04
C GLN A 72 10.70 -13.10 5.17
N ASP A 73 9.95 -14.19 5.09
CA ASP A 73 10.19 -15.53 5.64
C ASP A 73 11.67 -15.87 5.95
N ASN A 74 12.55 -15.89 4.94
CA ASN A 74 13.99 -16.21 5.07
C ASN A 74 14.83 -15.01 5.60
N GLY A 75 14.23 -14.10 6.36
CA GLY A 75 14.87 -12.94 6.97
C GLY A 75 15.34 -11.85 5.99
N LYS A 76 14.83 -11.84 4.74
CA LYS A 76 15.35 -10.97 3.67
C LYS A 76 14.46 -9.73 3.47
N PRO A 77 15.01 -8.50 3.38
CA PRO A 77 14.26 -7.37 2.84
C PRO A 77 14.06 -7.54 1.33
N VAL A 78 12.93 -7.02 0.82
CA VAL A 78 12.62 -6.86 -0.60
C VAL A 78 11.96 -5.48 -0.83
N GLU A 79 12.11 -4.94 -2.03
CA GLU A 79 11.80 -3.54 -2.36
C GLU A 79 10.93 -3.45 -3.61
N GLY A 80 10.26 -2.31 -3.82
CA GLY A 80 9.60 -2.02 -5.10
C GLY A 80 9.26 -0.54 -5.30
N HIS A 81 8.84 -0.22 -6.52
CA HIS A 81 8.33 1.09 -6.93
C HIS A 81 7.01 0.92 -7.69
N ALA A 82 6.13 1.92 -7.60
CA ALA A 82 4.94 2.09 -8.43
C ALA A 82 4.45 3.55 -8.30
N SER A 83 4.11 4.26 -9.39
CA SER A 83 3.59 5.63 -9.28
C SER A 83 2.11 5.72 -8.86
N GLN A 84 1.37 4.60 -8.87
CA GLN A 84 0.09 4.44 -8.15
C GLN A 84 0.06 3.09 -7.39
N MET A 85 -0.41 3.13 -6.13
CA MET A 85 -0.46 2.01 -5.18
C MET A 85 -1.88 1.86 -4.65
N HIS A 86 -2.44 0.65 -4.70
CA HIS A 86 -3.84 0.38 -4.35
C HIS A 86 -3.94 -0.91 -3.52
N TYR A 87 -4.92 -1.02 -2.63
CA TYR A 87 -5.18 -2.21 -1.83
C TYR A 87 -6.68 -2.47 -1.63
N GLU A 88 -7.10 -3.71 -1.83
CA GLU A 88 -8.51 -4.13 -1.98
C GLU A 88 -8.88 -5.14 -0.88
N LEU A 89 -9.35 -4.65 0.28
CA LEU A 89 -9.30 -5.37 1.57
C LEU A 89 -10.34 -6.49 1.70
N ALA A 90 -11.30 -6.59 0.78
CA ALA A 90 -12.25 -7.70 0.69
C ALA A 90 -11.72 -8.90 -0.11
N LYS A 91 -10.44 -8.88 -0.51
CA LYS A 91 -9.88 -9.69 -1.62
C LYS A 91 -8.41 -10.07 -1.44
N ASP A 92 -7.77 -9.65 -0.34
CA ASP A 92 -6.33 -9.73 -0.03
C ASP A 92 -5.36 -9.02 -1.01
N PHE A 93 -5.79 -8.60 -2.20
CA PHE A 93 -4.89 -8.15 -3.27
C PHE A 93 -4.51 -6.67 -3.16
N VAL A 94 -3.20 -6.42 -3.31
CA VAL A 94 -2.64 -5.12 -3.69
C VAL A 94 -2.57 -5.01 -5.22
N VAL A 95 -2.54 -3.76 -5.72
CA VAL A 95 -2.23 -3.44 -7.12
C VAL A 95 -1.11 -2.40 -7.14
N LEU A 96 -0.02 -2.71 -7.83
CA LEU A 96 1.13 -1.82 -8.03
C LEU A 96 1.20 -1.46 -9.52
N THR A 97 1.00 -0.18 -9.86
CA THR A 97 0.85 0.28 -11.25
C THR A 97 1.56 1.61 -11.49
N GLY A 98 1.85 1.89 -12.76
CA GLY A 98 2.64 3.04 -13.18
C GLY A 98 4.12 2.80 -12.93
N ASN A 99 4.87 2.59 -14.00
CA ASN A 99 6.33 2.54 -14.06
C ASN A 99 6.97 1.57 -13.04
N ALA A 100 6.24 0.50 -12.69
CA ALA A 100 6.49 -0.25 -11.46
C ALA A 100 7.65 -1.26 -11.58
N TYR A 101 8.28 -1.58 -10.45
CA TYR A 101 9.55 -2.33 -10.36
C TYR A 101 9.64 -3.11 -9.03
N LEU A 102 10.38 -4.23 -9.01
CA LEU A 102 10.57 -5.12 -7.86
C LEU A 102 12.03 -5.56 -7.67
N GLN A 103 12.46 -5.66 -6.42
CA GLN A 103 13.74 -6.23 -5.97
C GLN A 103 13.52 -7.62 -5.34
N GLN A 104 14.42 -8.57 -5.60
CA GLN A 104 14.51 -9.88 -4.93
C GLN A 104 15.96 -10.17 -4.52
N VAL A 105 16.32 -11.41 -4.15
CA VAL A 105 17.71 -11.81 -3.82
C VAL A 105 18.48 -12.30 -5.07
N ASP A 106 17.72 -12.54 -6.12
CA ASP A 106 17.94 -13.51 -7.20
C ASP A 106 17.39 -13.01 -8.55
N SER A 107 16.59 -11.94 -8.52
CA SER A 107 15.65 -11.57 -9.58
C SER A 107 15.24 -10.09 -9.48
N ASN A 108 14.80 -9.53 -10.61
CA ASN A 108 14.09 -8.26 -10.73
C ASN A 108 12.96 -8.41 -11.76
N ILE A 109 11.85 -7.71 -11.57
CA ILE A 109 10.80 -7.52 -12.61
C ILE A 109 10.35 -6.06 -12.65
N LYS A 110 9.71 -5.66 -13.76
CA LYS A 110 9.17 -4.29 -13.97
C LYS A 110 8.06 -4.25 -15.02
N GLY A 111 7.26 -3.18 -15.00
CA GLY A 111 6.20 -2.88 -15.95
C GLY A 111 5.08 -2.04 -15.32
N ASP A 112 4.31 -1.30 -16.11
CA ASP A 112 3.28 -0.36 -15.61
C ASP A 112 2.05 -1.02 -14.95
N LYS A 113 2.04 -2.35 -14.84
CA LYS A 113 1.41 -3.08 -13.73
C LYS A 113 2.28 -4.29 -13.37
N ILE A 114 2.56 -4.50 -12.08
CA ILE A 114 3.16 -5.75 -11.60
C ILE A 114 2.10 -6.85 -11.61
N THR A 115 2.43 -7.99 -12.21
CA THR A 115 1.62 -9.22 -12.18
C THR A 115 2.14 -10.18 -11.10
N TYR A 116 1.23 -10.71 -10.30
CA TYR A 116 1.51 -11.63 -9.19
C TYR A 116 0.18 -12.28 -8.73
N LEU A 117 0.24 -13.27 -7.84
CA LEU A 117 -0.94 -13.82 -7.16
C LEU A 117 -0.65 -13.92 -5.66
N VAL A 118 -1.39 -13.20 -4.80
CA VAL A 118 -1.06 -13.02 -3.36
C VAL A 118 -1.40 -14.24 -2.48
N LYS A 119 -1.17 -15.44 -3.00
CA LYS A 119 -1.14 -16.74 -2.30
C LYS A 119 -0.02 -17.68 -2.78
N GLU A 120 0.84 -17.22 -3.72
CA GLU A 120 1.92 -18.00 -4.33
C GLU A 120 3.13 -17.10 -4.65
N GLN A 121 4.33 -17.67 -4.79
CA GLN A 121 5.46 -16.98 -5.45
C GLN A 121 5.29 -17.04 -6.98
N LYS A 122 4.27 -16.36 -7.52
CA LYS A 122 3.97 -16.25 -8.96
C LYS A 122 4.92 -15.26 -9.66
N MET A 123 6.21 -15.57 -9.58
CA MET A 123 7.30 -14.93 -10.33
C MET A 123 7.15 -15.20 -11.84
N GLN A 124 7.53 -14.25 -12.69
CA GLN A 124 7.53 -14.38 -14.16
C GLN A 124 8.77 -13.70 -14.75
N ALA A 125 9.39 -14.34 -15.75
CA ALA A 125 10.53 -13.77 -16.49
C ALA A 125 10.06 -13.02 -17.75
N PHE A 126 10.80 -11.99 -18.16
CA PHE A 126 10.46 -11.09 -19.26
C PHE A 126 11.68 -10.77 -20.15
N SER A 127 11.42 -10.42 -21.41
CA SER A 127 12.44 -9.99 -22.38
C SER A 127 12.83 -8.51 -22.17
N ASP A 128 13.60 -8.24 -21.12
CA ASP A 128 14.23 -6.93 -20.89
C ASP A 128 15.32 -6.62 -21.94
N LYS A 129 15.66 -5.34 -22.14
CA LYS A 129 16.48 -4.86 -23.26
C LYS A 129 17.46 -3.76 -22.86
N GLY A 130 18.72 -3.92 -23.30
CA GLY A 130 19.82 -3.01 -22.97
C GLY A 130 19.65 -1.59 -23.51
N LYS A 131 20.05 -0.60 -22.70
CA LYS A 131 19.90 0.85 -22.98
C LYS A 131 20.96 1.37 -23.97
N ARG A 132 21.06 0.74 -25.12
CA ARG A 132 22.08 1.08 -26.13
C ARG A 132 22.08 2.55 -26.56
N VAL B 1 -7.94 -4.83 11.20
CA VAL B 1 -6.67 -4.08 10.94
C VAL B 1 -6.81 -2.55 11.21
N ILE B 3 -6.98 1.42 11.86
CA ILE B 3 -6.23 2.49 11.19
C ILE B 3 -5.86 3.58 12.18
N ILE B 4 -4.56 3.87 12.33
CA ILE B 4 -4.02 4.97 13.15
C ILE B 4 -3.02 5.84 12.37
N TYR B 5 -3.45 7.05 12.04
CA TYR B 5 -2.74 7.97 11.16
C TYR B 5 -2.26 9.22 11.91
N ASN B 7 0.30 12.93 11.98
CA ASN B 7 0.62 14.10 11.17
C ASN B 7 2.13 14.46 11.29
N ARG B 8 2.85 14.47 10.17
CA ARG B 8 4.31 14.69 10.09
C ARG B 8 4.71 16.08 10.54
N THR B 10 3.15 18.03 12.83
CA THR B 10 2.79 18.32 14.24
C THR B 10 3.15 17.21 15.23
N LYS B 12 1.18 14.86 16.08
CA LYS B 12 -0.11 14.49 16.68
C LYS B 12 -0.81 13.42 15.82
N CYS B 13 -1.72 12.63 16.40
CA CYS B 13 -2.25 11.42 15.74
C CYS B 13 -3.76 11.18 15.97
N TYR B 16 -9.06 5.97 12.47
CA TYR B 16 -10.48 5.52 12.46
C TYR B 16 -10.84 4.75 13.76
N VAL A 1 -12.53 -1.02 18.18
CA VAL A 1 -13.07 -1.49 19.48
C VAL A 1 -12.91 -3.01 19.60
N THR A 2 -13.28 -3.60 20.75
CA THR A 2 -13.43 -5.06 20.88
C THR A 2 -14.45 -5.57 19.86
N GLY A 3 -13.98 -6.29 18.83
CA GLY A 3 -14.79 -6.65 17.65
C GLY A 3 -14.23 -6.14 16.30
N ASP A 4 -13.14 -5.36 16.29
CA ASP A 4 -12.44 -5.00 15.05
C ASP A 4 -11.93 -6.28 14.34
N THR A 5 -12.19 -6.39 13.02
CA THR A 5 -11.90 -7.62 12.25
C THR A 5 -10.47 -7.70 11.69
N ASP A 6 -9.67 -6.63 11.79
CA ASP A 6 -8.29 -6.54 11.34
C ASP A 6 -7.54 -5.44 12.12
N GLN A 7 -6.23 -5.39 11.95
CA GLN A 7 -5.28 -4.41 12.48
C GLN A 7 -5.70 -2.94 12.30
N PRO A 8 -5.28 -2.03 13.21
CA PRO A 8 -5.37 -0.60 12.97
C PRO A 8 -4.24 -0.13 12.05
N ILE A 9 -4.59 0.40 10.87
CA ILE A 9 -3.63 0.85 9.86
C ILE A 9 -3.01 2.19 10.31
N HIS A 10 -1.68 2.33 10.16
CA HIS A 10 -0.94 3.52 10.58
C HIS A 10 -0.42 4.32 9.37
N ILE A 11 -0.51 5.65 9.42
CA ILE A 11 -0.12 6.57 8.33
C ILE A 11 0.73 7.71 8.91
N GLU A 12 1.88 8.02 8.30
CA GLU A 12 2.61 9.28 8.56
C GLU A 12 2.59 10.20 7.34
N SER A 13 2.17 11.46 7.50
CA SER A 13 1.94 12.41 6.41
C SER A 13 2.37 13.83 6.78
N ASP A 14 2.71 14.69 5.81
CA ASP A 14 3.03 16.09 6.11
C ASP A 14 1.80 16.88 6.58
N GLN A 15 0.69 16.71 5.87
CA GLN A 15 -0.63 17.34 6.06
C GLN A 15 -1.77 16.36 5.69
N GLN A 16 -3.02 16.77 5.92
CA GLN A 16 -4.22 16.07 5.44
C GLN A 16 -5.43 17.01 5.29
N SER A 17 -6.50 16.51 4.66
CA SER A 17 -7.86 16.96 4.98
C SER A 17 -8.31 16.38 6.33
N LEU A 18 -9.20 17.09 7.02
CA LEU A 18 -9.91 16.56 8.18
C LEU A 18 -11.40 16.42 7.83
N ASP A 19 -12.03 15.39 8.38
CA ASP A 19 -13.40 14.96 8.10
C ASP A 19 -14.25 14.98 9.39
N MET A 20 -15.41 15.61 9.34
CA MET A 20 -16.41 15.65 10.41
C MET A 20 -17.35 14.43 10.39
N GLN A 21 -17.43 13.72 9.26
CA GLN A 21 -18.14 12.45 9.12
C GLN A 21 -17.26 11.26 9.60
N GLY A 22 -15.99 11.51 9.93
CA GLY A 22 -15.08 10.61 10.63
C GLY A 22 -14.68 9.34 9.86
N ASN A 23 -14.76 9.32 8.53
CA ASN A 23 -14.63 8.08 7.75
C ASN A 23 -13.88 8.20 6.40
N VAL A 24 -13.65 9.39 5.83
CA VAL A 24 -12.90 9.53 4.56
C VAL A 24 -12.06 10.80 4.50
N VAL A 25 -10.76 10.67 4.21
CA VAL A 25 -9.78 11.77 4.18
C VAL A 25 -8.68 11.56 3.14
N THR A 26 -8.03 12.65 2.71
CA THR A 26 -6.77 12.62 1.95
C THR A 26 -5.60 13.04 2.84
N PHE A 27 -4.59 12.18 2.97
CA PHE A 27 -3.28 12.46 3.52
C PHE A 27 -2.33 12.85 2.39
N THR A 28 -1.51 13.88 2.56
CA THR A 28 -0.69 14.43 1.47
C THR A 28 0.64 15.01 1.98
N GLY A 29 1.69 14.81 1.17
CA GLY A 29 3.08 15.20 1.40
C GLY A 29 3.90 14.11 2.09
N ASN A 30 4.91 13.57 1.39
CA ASN A 30 5.97 12.71 1.93
C ASN A 30 5.45 11.49 2.74
N VAL A 31 4.38 10.85 2.24
CA VAL A 31 3.54 9.95 3.02
C VAL A 31 4.20 8.56 3.21
N ILE A 32 4.06 7.98 4.40
CA ILE A 32 4.33 6.59 4.74
C ILE A 32 3.02 5.92 5.20
N VAL A 33 2.82 4.65 4.87
CA VAL A 33 1.72 3.80 5.39
C VAL A 33 2.30 2.48 5.87
N THR A 34 1.91 2.04 7.07
CA THR A 34 2.41 0.83 7.74
C THR A 34 1.25 -0.12 8.02
N LEU A 35 1.35 -1.34 7.49
CA LEU A 35 0.33 -2.40 7.54
C LEU A 35 1.06 -3.75 7.48
N GLY A 36 0.80 -4.69 8.39
CA GLY A 36 1.40 -6.03 8.38
C GLY A 36 2.94 -6.07 8.41
N THR A 37 3.59 -5.06 9.00
CA THR A 37 5.06 -4.87 8.98
C THR A 37 5.65 -4.60 7.58
N ILE A 38 4.80 -4.31 6.59
CA ILE A 38 5.16 -3.66 5.32
C ILE A 38 5.37 -2.16 5.58
N LYS A 39 6.39 -1.56 4.97
CA LYS A 39 6.61 -0.09 4.95
C LYS A 39 6.30 0.44 3.54
N ILE A 40 5.11 0.99 3.37
CA ILE A 40 4.62 1.61 2.13
C ILE A 40 4.88 3.13 2.17
N ASN A 41 4.98 3.77 1.02
CA ASN A 41 5.14 5.19 0.81
C ASN A 41 4.26 5.67 -0.36
N ALA A 42 3.90 6.96 -0.34
CA ALA A 42 3.34 7.73 -1.45
C ALA A 42 3.64 9.23 -1.25
N ASP A 43 3.07 10.10 -2.08
CA ASP A 43 3.03 11.56 -1.84
C ASP A 43 1.58 12.07 -1.64
N LYS A 44 0.58 11.25 -2.00
CA LYS A 44 -0.82 11.37 -1.58
C LYS A 44 -1.38 9.98 -1.27
N VAL A 45 -2.21 9.88 -0.23
CA VAL A 45 -2.93 8.66 0.21
C VAL A 45 -4.36 9.02 0.57
N VAL A 46 -5.36 8.27 0.09
CA VAL A 46 -6.75 8.34 0.55
C VAL A 46 -7.13 7.03 1.23
N VAL A 47 -7.98 7.11 2.24
CA VAL A 47 -8.58 5.95 2.93
C VAL A 47 -10.08 6.14 3.13
N THR A 48 -10.85 5.04 3.05
CA THR A 48 -12.26 4.99 3.46
C THR A 48 -12.62 3.63 4.07
N ARG A 49 -13.73 3.56 4.81
CA ARG A 49 -14.18 2.39 5.61
C ARG A 49 -15.72 2.36 5.73
N PRO A 50 -16.35 1.27 6.20
CA PRO A 50 -17.79 1.25 6.51
C PRO A 50 -18.17 2.25 7.61
N GLY A 51 -18.64 3.43 7.22
CA GLY A 51 -19.23 4.44 8.11
C GLY A 51 -20.64 4.05 8.56
N GLY A 52 -20.78 2.87 9.18
CA GLY A 52 -22.06 2.21 9.49
C GLY A 52 -22.72 1.55 8.26
N GLU A 53 -22.70 2.22 7.10
CA GLU A 53 -23.15 1.67 5.82
C GLU A 53 -22.06 0.80 5.14
N GLN A 54 -22.44 0.01 4.12
CA GLN A 54 -21.75 -1.24 3.73
C GLN A 54 -20.47 -1.07 2.90
N GLY A 55 -19.78 0.07 3.01
CA GLY A 55 -18.44 0.29 2.47
C GLY A 55 -17.39 -0.69 2.99
N LYS A 56 -16.20 -0.69 2.39
CA LYS A 56 -15.08 -1.57 2.75
C LYS A 56 -13.77 -0.79 2.74
N GLU A 57 -12.77 -1.35 3.41
CA GLU A 57 -11.53 -0.67 3.79
C GLU A 57 -10.50 -0.66 2.65
N VAL A 58 -10.43 0.47 1.95
CA VAL A 58 -9.55 0.74 0.81
C VAL A 58 -8.50 1.79 1.19
N ILE A 59 -7.26 1.61 0.74
CA ILE A 59 -6.16 2.58 0.85
C ILE A 59 -5.44 2.69 -0.50
N ASP A 60 -5.21 3.91 -0.99
CA ASP A 60 -4.40 4.15 -2.21
C ASP A 60 -3.08 4.88 -1.94
N GLY A 61 -2.19 4.90 -2.93
CA GLY A 61 -0.93 5.64 -2.92
C GLY A 61 -0.61 6.19 -4.31
N TYR A 62 -0.47 7.52 -4.39
CA TYR A 62 -0.17 8.28 -5.60
C TYR A 62 1.03 9.21 -5.39
N GLY A 63 1.68 9.63 -6.49
CA GLY A 63 2.84 10.53 -6.45
C GLY A 63 4.17 9.80 -6.48
N LYS A 64 5.11 10.19 -5.62
CA LYS A 64 6.55 9.89 -5.73
C LYS A 64 7.21 9.60 -4.37
N PRO A 65 8.23 8.71 -4.29
CA PRO A 65 8.54 7.67 -5.28
C PRO A 65 7.47 6.56 -5.33
N ALA A 66 6.57 6.51 -4.34
CA ALA A 66 5.45 5.58 -4.21
C ALA A 66 5.88 4.11 -4.09
N THR A 67 6.72 3.82 -3.08
CA THR A 67 7.42 2.54 -2.88
C THR A 67 6.87 1.67 -1.75
N PHE A 68 7.14 0.37 -1.79
CA PHE A 68 6.59 -0.68 -0.93
C PHE A 68 7.70 -1.64 -0.50
N TYR A 69 8.01 -1.66 0.79
CA TYR A 69 9.01 -2.56 1.41
C TYR A 69 8.34 -3.76 2.06
N GLN A 70 8.85 -4.97 1.81
CA GLN A 70 8.47 -6.19 2.53
C GLN A 70 9.64 -6.78 3.33
N MET A 71 9.38 -7.12 4.59
CA MET A 71 10.13 -8.18 5.32
C MET A 71 9.73 -9.53 4.72
N GLN A 72 10.63 -10.20 4.00
CA GLN A 72 10.32 -11.35 3.17
C GLN A 72 10.58 -12.67 3.90
N ASP A 73 9.67 -13.63 3.74
CA ASP A 73 9.69 -14.99 4.28
C ASP A 73 10.97 -15.77 3.88
N ASN A 74 11.60 -15.41 2.77
CA ASN A 74 12.93 -15.84 2.31
C ASN A 74 14.10 -15.29 3.17
N GLY A 75 13.83 -14.74 4.35
CA GLY A 75 14.83 -14.17 5.27
C GLY A 75 15.48 -12.88 4.78
N LYS A 76 14.79 -12.08 3.95
CA LYS A 76 15.38 -11.03 3.10
C LYS A 76 14.54 -9.74 3.09
N PRO A 77 15.09 -8.58 2.69
CA PRO A 77 14.32 -7.37 2.36
C PRO A 77 13.87 -7.36 0.88
N VAL A 78 12.74 -6.71 0.58
CA VAL A 78 12.29 -6.39 -0.79
C VAL A 78 11.84 -4.94 -0.84
N GLU A 79 12.06 -4.24 -1.96
CA GLU A 79 11.41 -2.96 -2.28
C GLU A 79 10.87 -2.97 -3.71
N GLY A 80 9.79 -2.23 -3.95
CA GLY A 80 9.25 -1.99 -5.27
C GLY A 80 8.25 -0.85 -5.27
N HIS A 81 8.20 -0.09 -6.37
CA HIS A 81 7.47 1.17 -6.45
C HIS A 81 6.63 1.29 -7.72
N ALA A 82 5.57 2.09 -7.65
CA ALA A 82 4.72 2.46 -8.77
C ALA A 82 3.92 3.72 -8.42
N SER A 83 3.73 4.67 -9.36
CA SER A 83 2.92 5.88 -9.17
C SER A 83 1.38 5.64 -9.13
N GLN A 84 0.97 4.39 -8.93
CA GLN A 84 -0.39 3.92 -8.65
C GLN A 84 -0.24 2.67 -7.76
N MET A 85 -0.57 2.83 -6.48
CA MET A 85 -0.65 1.77 -5.48
C MET A 85 -2.10 1.67 -4.97
N HIS A 86 -2.72 0.50 -4.99
CA HIS A 86 -4.07 0.29 -4.47
C HIS A 86 -4.13 -0.96 -3.58
N TYR A 87 -4.71 -0.83 -2.38
CA TYR A 87 -4.85 -1.91 -1.41
C TYR A 87 -6.26 -1.96 -0.80
N GLU A 88 -6.69 -3.17 -0.45
CA GLU A 88 -7.90 -3.43 0.34
C GLU A 88 -7.60 -4.54 1.35
N LEU A 89 -8.14 -4.43 2.56
CA LEU A 89 -8.05 -5.49 3.57
C LEU A 89 -8.70 -6.80 3.06
N ALA A 90 -9.74 -6.67 2.22
CA ALA A 90 -10.48 -7.77 1.62
C ALA A 90 -9.83 -8.39 0.35
N LYS A 91 -8.56 -8.08 0.03
CA LYS A 91 -7.90 -8.53 -1.22
C LYS A 91 -6.51 -9.17 -1.07
N ASP A 92 -5.97 -9.28 0.14
CA ASP A 92 -4.66 -9.88 0.49
C ASP A 92 -3.44 -9.15 -0.12
N PHE A 93 -3.34 -9.07 -1.45
CA PHE A 93 -2.20 -8.52 -2.19
C PHE A 93 -2.42 -7.06 -2.62
N VAL A 94 -1.36 -6.40 -3.09
CA VAL A 94 -1.36 -4.98 -3.51
C VAL A 94 -1.31 -4.84 -5.04
N VAL A 95 -2.08 -3.88 -5.59
CA VAL A 95 -2.16 -3.61 -7.03
C VAL A 95 -1.24 -2.45 -7.40
N LEU A 96 -0.26 -2.72 -8.26
CA LEU A 96 0.72 -1.77 -8.80
C LEU A 96 0.39 -1.49 -10.28
N THR A 97 0.34 -0.23 -10.71
CA THR A 97 0.08 0.09 -12.14
C THR A 97 0.68 1.40 -12.67
N GLY A 98 1.50 2.09 -11.88
CA GLY A 98 2.15 3.35 -12.25
C GLY A 98 3.63 3.19 -12.63
N ASN A 99 3.94 2.59 -13.78
CA ASN A 99 5.33 2.37 -14.26
C ASN A 99 6.12 1.47 -13.28
N ALA A 100 5.49 0.39 -12.84
CA ALA A 100 5.91 -0.40 -11.69
C ALA A 100 7.28 -1.11 -11.88
N TYR A 101 8.09 -1.10 -10.81
CA TYR A 101 9.39 -1.79 -10.70
C TYR A 101 9.54 -2.41 -9.30
N LEU A 102 9.91 -3.69 -9.18
CA LEU A 102 10.09 -4.38 -7.89
C LEU A 102 11.31 -5.32 -7.91
N GLN A 103 12.08 -5.34 -6.81
CA GLN A 103 13.38 -5.99 -6.75
C GLN A 103 13.67 -6.69 -5.42
N GLN A 104 14.15 -7.93 -5.57
CA GLN A 104 14.95 -8.70 -4.65
C GLN A 104 16.24 -9.14 -5.40
N VAL A 105 17.04 -10.05 -4.84
CA VAL A 105 17.99 -10.88 -5.60
C VAL A 105 17.27 -12.10 -6.18
N ASP A 106 16.39 -12.72 -5.37
CA ASP A 106 15.60 -13.90 -5.73
C ASP A 106 14.46 -13.64 -6.75
N SER A 107 14.17 -12.38 -7.09
CA SER A 107 13.26 -11.99 -8.20
C SER A 107 13.40 -10.51 -8.57
N ASN A 108 13.21 -10.17 -9.83
CA ASN A 108 13.12 -8.79 -10.34
C ASN A 108 12.12 -8.73 -11.50
N ILE A 109 11.14 -7.83 -11.43
CA ILE A 109 10.12 -7.63 -12.48
C ILE A 109 9.74 -6.14 -12.59
N LYS A 110 9.38 -5.72 -13.81
CA LYS A 110 9.06 -4.33 -14.15
C LYS A 110 8.17 -4.18 -15.40
N GLY A 111 7.36 -3.14 -15.46
CA GLY A 111 6.44 -2.83 -16.57
C GLY A 111 5.68 -1.53 -16.33
N ASP A 112 4.43 -1.43 -16.78
CA ASP A 112 3.47 -0.48 -16.17
C ASP A 112 2.91 -1.05 -14.85
N LYS A 113 2.73 -2.37 -14.82
CA LYS A 113 2.04 -3.22 -13.86
C LYS A 113 2.96 -4.31 -13.31
N ILE A 114 2.70 -4.80 -12.09
CA ILE A 114 3.42 -5.90 -11.44
C ILE A 114 2.43 -6.85 -10.73
N THR A 115 2.80 -8.13 -10.59
CA THR A 115 2.06 -9.14 -9.81
C THR A 115 3.02 -10.00 -8.98
N TYR A 116 2.60 -10.33 -7.75
CA TYR A 116 3.23 -11.30 -6.85
C TYR A 116 2.23 -11.69 -5.75
N LEU A 117 2.52 -12.75 -4.97
CA LEU A 117 1.65 -13.20 -3.88
C LEU A 117 2.36 -12.94 -2.54
N VAL A 118 1.67 -12.40 -1.53
CA VAL A 118 2.26 -11.99 -0.24
C VAL A 118 2.36 -13.18 0.75
N LYS A 119 2.80 -14.32 0.21
CA LYS A 119 3.27 -15.55 0.89
C LYS A 119 4.05 -16.46 -0.09
N GLU A 120 4.67 -15.85 -1.09
CA GLU A 120 5.64 -16.45 -2.02
C GLU A 120 7.00 -15.77 -1.78
N GLN A 121 8.08 -16.46 -2.10
CA GLN A 121 9.45 -16.16 -1.66
C GLN A 121 10.42 -15.89 -2.82
N LYS A 122 10.08 -16.40 -4.02
CA LYS A 122 10.85 -16.33 -5.27
C LYS A 122 9.91 -16.57 -6.46
N MET A 123 8.89 -15.71 -6.59
CA MET A 123 7.69 -16.03 -7.37
C MET A 123 7.97 -16.10 -8.88
N GLN A 124 7.18 -16.89 -9.60
CA GLN A 124 7.24 -16.95 -11.07
C GLN A 124 6.82 -15.60 -11.68
N ALA A 125 7.61 -15.11 -12.64
CA ALA A 125 7.24 -13.97 -13.48
C ALA A 125 6.24 -14.40 -14.58
N PHE A 126 5.28 -13.52 -14.88
CA PHE A 126 4.32 -13.67 -15.96
C PHE A 126 4.23 -12.36 -16.74
N SER A 127 3.92 -12.43 -18.03
CA SER A 127 3.91 -11.27 -18.94
C SER A 127 2.64 -11.24 -19.79
N ASP A 128 2.10 -10.05 -19.99
CA ASP A 128 1.02 -9.75 -20.93
C ASP A 128 1.22 -8.36 -21.58
N LYS A 129 0.29 -7.92 -22.43
CA LYS A 129 0.30 -6.58 -23.03
C LYS A 129 -0.16 -5.53 -21.99
N GLY A 130 0.72 -5.24 -21.03
CA GLY A 130 0.47 -4.36 -19.90
C GLY A 130 -0.02 -2.98 -20.28
N LYS A 131 -1.23 -2.62 -19.83
CA LYS A 131 -1.81 -1.28 -19.98
C LYS A 131 -2.80 -1.01 -18.85
N ARG A 132 -2.42 -0.12 -17.94
CA ARG A 132 -3.30 0.43 -16.91
C ARG A 132 -4.67 0.90 -17.43
N VAL B 1 -12.42 -0.38 10.05
CA VAL B 1 -11.50 -0.55 11.22
C VAL B 1 -10.83 0.79 11.67
N ILE B 3 -8.06 3.73 12.13
CA ILE B 3 -6.84 4.29 11.55
C ILE B 3 -6.09 5.06 12.64
N ILE B 4 -4.77 5.05 12.61
CA ILE B 4 -3.92 6.05 13.29
C ILE B 4 -3.22 6.87 12.21
N TYR B 5 -3.22 8.19 12.37
CA TYR B 5 -2.43 9.09 11.55
C TYR B 5 -1.51 9.97 12.42
N ASN B 7 1.54 13.26 12.07
CA ASN B 7 1.95 14.34 11.16
C ASN B 7 3.47 14.57 11.21
N ARG B 8 4.17 14.52 10.07
CA ARG B 8 5.64 14.74 9.97
C ARG B 8 6.05 16.09 10.57
N THR B 10 4.97 17.68 13.13
CA THR B 10 4.98 17.72 14.61
C THR B 10 5.51 16.43 15.25
N LYS B 12 3.50 14.04 15.87
CA LYS B 12 2.38 13.74 16.80
C LYS B 12 1.13 13.20 16.10
N CYS B 13 0.31 12.48 16.86
CA CYS B 13 -0.62 11.47 16.37
C CYS B 13 -2.09 11.70 16.76
N TYR B 16 -8.28 7.98 13.70
CA TYR B 16 -9.62 8.09 13.09
C TYR B 16 -10.38 6.78 13.28
N VAL A 1 -20.18 -6.25 17.16
CA VAL A 1 -19.41 -7.52 16.95
C VAL A 1 -18.14 -7.17 16.19
N THR A 2 -17.03 -7.88 16.41
CA THR A 2 -15.75 -7.65 15.70
C THR A 2 -15.62 -8.55 14.47
N GLY A 3 -15.65 -9.88 14.66
CA GLY A 3 -15.19 -10.83 13.65
C GLY A 3 -13.66 -10.85 13.55
N ASP A 4 -13.14 -11.25 12.40
CA ASP A 4 -11.72 -11.50 12.11
C ASP A 4 -10.89 -10.21 11.95
N THR A 5 -10.89 -9.34 12.97
CA THR A 5 -10.23 -8.04 12.95
C THR A 5 -8.71 -8.16 13.10
N ASP A 6 -8.01 -8.33 11.97
CA ASP A 6 -6.55 -8.25 11.87
C ASP A 6 -6.03 -6.80 12.08
N GLN A 7 -4.71 -6.57 12.00
CA GLN A 7 -4.06 -5.36 12.50
C GLN A 7 -4.58 -4.04 11.87
N PRO A 8 -4.58 -2.92 12.63
CA PRO A 8 -4.85 -1.62 12.04
C PRO A 8 -3.82 -1.23 10.98
N ILE A 9 -4.23 -0.42 10.02
CA ILE A 9 -3.34 0.23 9.05
C ILE A 9 -2.76 1.48 9.73
N HIS A 10 -1.44 1.69 9.60
CA HIS A 10 -0.74 2.84 10.16
C HIS A 10 -0.29 3.80 9.05
N ILE A 11 -0.47 5.11 9.25
CA ILE A 11 -0.09 6.16 8.29
C ILE A 11 0.59 7.33 9.02
N GLU A 12 1.85 7.65 8.74
CA GLU A 12 2.46 8.95 9.11
C GLU A 12 2.43 9.90 7.92
N SER A 13 1.85 11.09 8.11
CA SER A 13 1.65 12.11 7.06
C SER A 13 1.73 13.51 7.67
N ASP A 14 2.19 14.50 6.90
CA ASP A 14 2.27 15.86 7.45
C ASP A 14 0.92 16.58 7.50
N GLN A 15 0.19 16.57 6.39
CA GLN A 15 -1.07 17.29 6.20
C GLN A 15 -2.21 16.33 5.83
N GLN A 16 -3.30 16.37 6.61
CA GLN A 16 -4.52 15.60 6.39
C GLN A 16 -5.77 16.35 6.93
N SER A 17 -6.94 16.05 6.36
CA SER A 17 -8.22 16.73 6.67
C SER A 17 -9.21 15.81 7.37
N LEU A 18 -9.97 16.36 8.33
CA LEU A 18 -10.98 15.66 9.14
C LEU A 18 -12.36 16.33 9.01
N ASP A 19 -12.82 16.46 7.77
CA ASP A 19 -14.08 17.09 7.43
C ASP A 19 -15.29 16.32 8.01
N MET A 20 -16.31 17.06 8.47
CA MET A 20 -17.31 16.61 9.46
C MET A 20 -18.11 15.34 9.07
N GLN A 21 -18.11 14.93 7.81
CA GLN A 21 -18.68 13.66 7.35
C GLN A 21 -17.93 12.41 7.86
N GLY A 22 -16.59 12.47 7.98
CA GLY A 22 -15.77 11.31 8.35
C GLY A 22 -15.90 10.08 7.44
N ASN A 23 -16.32 10.26 6.18
CA ASN A 23 -16.53 9.18 5.18
C ASN A 23 -15.38 9.07 4.15
N VAL A 24 -14.60 10.13 3.98
CA VAL A 24 -13.36 10.17 3.19
C VAL A 24 -12.37 11.07 3.92
N VAL A 25 -11.10 10.69 3.93
CA VAL A 25 -9.96 11.54 4.32
C VAL A 25 -8.80 11.35 3.35
N THR A 26 -7.90 12.32 3.28
CA THR A 26 -6.70 12.23 2.46
C THR A 26 -5.47 12.71 3.22
N PHE A 27 -4.36 12.02 3.00
CA PHE A 27 -3.05 12.23 3.63
C PHE A 27 -2.05 12.73 2.59
N THR A 28 -1.14 13.62 2.99
CA THR A 28 -0.25 14.37 2.08
C THR A 28 1.22 14.34 2.53
N GLY A 29 2.12 14.39 1.55
CA GLY A 29 3.52 14.81 1.63
C GLY A 29 4.43 13.89 2.45
N ASN A 30 5.39 13.22 1.80
CA ASN A 30 6.32 12.27 2.44
C ASN A 30 5.57 11.20 3.29
N VAL A 31 4.34 10.85 2.91
CA VAL A 31 3.41 10.06 3.72
C VAL A 31 3.79 8.58 3.67
N ILE A 32 4.04 8.00 4.85
CA ILE A 32 4.48 6.62 5.03
C ILE A 32 3.29 5.77 5.49
N VAL A 33 2.91 4.78 4.69
CA VAL A 33 1.92 3.75 5.05
C VAL A 33 2.62 2.49 5.54
N THR A 34 2.05 1.77 6.50
CA THR A 34 2.59 0.50 7.01
C THR A 34 1.48 -0.48 7.43
N LEU A 35 1.59 -1.72 6.95
CA LEU A 35 0.64 -2.83 7.17
C LEU A 35 1.40 -4.16 6.95
N GLY A 36 1.29 -5.13 7.86
CA GLY A 36 1.95 -6.44 7.74
C GLY A 36 3.49 -6.35 7.70
N THR A 37 4.06 -5.33 8.36
CA THR A 37 5.45 -4.82 8.23
C THR A 37 5.93 -4.49 6.82
N ILE A 38 5.06 -4.49 5.81
CA ILE A 38 5.28 -3.81 4.52
C ILE A 38 5.23 -2.30 4.76
N LYS A 39 6.14 -1.55 4.15
CA LYS A 39 6.21 -0.08 4.26
C LYS A 39 6.25 0.56 2.87
N ILE A 40 5.50 1.63 2.67
CA ILE A 40 5.36 2.30 1.38
C ILE A 40 5.34 3.82 1.60
N ASN A 41 6.01 4.61 0.76
CA ASN A 41 5.86 6.07 0.74
C ASN A 41 4.94 6.53 -0.40
N ALA A 42 4.22 7.61 -0.14
CA ALA A 42 3.46 8.38 -1.10
C ALA A 42 3.59 9.89 -0.79
N ASP A 43 2.95 10.73 -1.60
CA ASP A 43 2.76 12.16 -1.40
C ASP A 43 1.27 12.57 -1.47
N LYS A 44 0.42 11.68 -2.00
CA LYS A 44 -1.01 11.66 -1.74
C LYS A 44 -1.46 10.23 -1.43
N VAL A 45 -2.28 10.07 -0.38
CA VAL A 45 -3.03 8.85 -0.07
C VAL A 45 -4.49 9.23 0.20
N VAL A 46 -5.44 8.36 -0.11
CA VAL A 46 -6.88 8.54 0.16
C VAL A 46 -7.42 7.30 0.89
N VAL A 47 -8.30 7.53 1.86
CA VAL A 47 -8.94 6.51 2.71
C VAL A 47 -10.43 6.83 2.81
N THR A 48 -11.30 5.82 2.73
CA THR A 48 -12.75 5.95 2.96
C THR A 48 -13.16 5.32 4.30
N ARG A 49 -14.46 5.31 4.61
CA ARG A 49 -15.08 4.56 5.72
C ARG A 49 -16.48 4.08 5.28
N PRO A 50 -16.99 2.91 5.75
CA PRO A 50 -18.25 2.33 5.28
C PRO A 50 -19.50 3.09 5.76
N GLY A 51 -19.82 4.19 5.07
CA GLY A 51 -21.04 4.99 5.28
C GLY A 51 -22.30 4.31 4.75
N GLY A 52 -22.71 3.21 5.38
CA GLY A 52 -23.81 2.35 4.92
C GLY A 52 -23.37 1.13 4.08
N GLU A 53 -22.07 0.81 4.07
CA GLU A 53 -21.52 -0.44 3.51
C GLU A 53 -21.56 -1.56 4.57
N GLN A 54 -21.52 -2.82 4.14
CA GLN A 54 -21.59 -3.99 5.03
C GLN A 54 -20.24 -4.35 5.67
N GLY A 55 -19.11 -3.96 5.07
CA GLY A 55 -17.77 -4.21 5.65
C GLY A 55 -16.56 -3.85 4.78
N LYS A 56 -16.72 -3.28 3.59
CA LYS A 56 -15.61 -2.88 2.72
C LYS A 56 -14.82 -1.70 3.28
N GLU A 57 -13.50 -1.76 3.14
CA GLU A 57 -12.58 -0.62 3.23
C GLU A 57 -11.57 -0.65 2.07
N VAL A 58 -11.15 0.53 1.59
CA VAL A 58 -10.18 0.68 0.49
C VAL A 58 -9.25 1.87 0.71
N ILE A 59 -8.03 1.77 0.20
CA ILE A 59 -6.98 2.80 0.28
C ILE A 59 -6.26 2.87 -1.07
N ASP A 60 -5.99 4.08 -1.58
CA ASP A 60 -5.10 4.29 -2.74
C ASP A 60 -4.09 5.44 -2.51
N GLY A 61 -3.04 5.52 -3.33
CA GLY A 61 -2.08 6.62 -3.22
C GLY A 61 -0.82 6.49 -4.07
N TYR A 62 -0.11 7.61 -4.21
CA TYR A 62 1.07 7.73 -5.06
C TYR A 62 2.12 8.68 -4.48
N GLY A 63 3.39 8.30 -4.61
CA GLY A 63 4.54 9.17 -4.34
C GLY A 63 5.06 9.85 -5.60
N LYS A 64 5.97 10.80 -5.43
CA LYS A 64 6.85 11.35 -6.46
C LYS A 64 7.98 12.14 -5.77
N PRO A 65 8.95 11.44 -5.15
CA PRO A 65 9.32 10.02 -5.34
C PRO A 65 8.39 9.00 -4.66
N ALA A 66 8.30 7.80 -5.22
CA ALA A 66 7.50 6.68 -4.70
C ALA A 66 8.37 5.45 -4.47
N THR A 67 8.26 4.79 -3.31
CA THR A 67 9.04 3.61 -2.93
C THR A 67 8.25 2.65 -2.05
N PHE A 68 8.60 1.36 -2.15
CA PHE A 68 7.98 0.22 -1.49
C PHE A 68 9.08 -0.66 -0.87
N TYR A 69 8.90 -1.11 0.37
CA TYR A 69 9.88 -1.90 1.11
C TYR A 69 9.22 -3.01 1.94
N GLN A 70 9.88 -4.18 1.96
CA GLN A 70 9.36 -5.41 2.55
C GLN A 70 10.51 -6.34 2.98
N MET A 71 10.21 -7.33 3.83
CA MET A 71 11.13 -8.36 4.31
C MET A 71 10.56 -9.77 4.04
N GLN A 72 11.37 -10.82 4.23
CA GLN A 72 11.04 -12.21 3.89
C GLN A 72 11.55 -13.21 4.94
N ASP A 73 11.21 -14.48 4.76
CA ASP A 73 11.59 -15.66 5.54
C ASP A 73 13.03 -15.66 6.09
N ASN A 74 14.04 -15.85 5.23
CA ASN A 74 15.46 -15.84 5.60
C ASN A 74 16.03 -14.41 5.68
N GLY A 75 15.29 -13.48 6.27
CA GLY A 75 15.67 -12.07 6.45
C GLY A 75 15.84 -11.23 5.17
N LYS A 76 15.66 -11.81 3.98
CA LYS A 76 15.91 -11.16 2.69
C LYS A 76 15.09 -9.86 2.56
N PRO A 77 15.67 -8.73 2.12
CA PRO A 77 14.93 -7.50 1.84
C PRO A 77 14.13 -7.61 0.54
N VAL A 78 13.26 -6.63 0.30
CA VAL A 78 12.51 -6.41 -0.95
C VAL A 78 12.39 -4.90 -1.16
N GLU A 79 12.66 -4.43 -2.37
CA GLU A 79 12.60 -3.02 -2.76
C GLU A 79 11.76 -2.85 -4.03
N GLY A 80 11.00 -1.75 -4.16
CA GLY A 80 10.24 -1.46 -5.38
C GLY A 80 9.70 -0.03 -5.49
N HIS A 81 9.01 0.25 -6.60
CA HIS A 81 8.31 1.52 -6.83
C HIS A 81 7.14 1.37 -7.82
N ALA A 82 6.21 2.32 -7.82
CA ALA A 82 5.17 2.49 -8.84
C ALA A 82 4.57 3.91 -8.78
N SER A 83 3.82 4.30 -9.81
CA SER A 83 3.18 5.62 -9.94
C SER A 83 1.78 5.72 -9.33
N GLN A 84 1.16 4.59 -8.95
CA GLN A 84 -0.10 4.47 -8.19
C GLN A 84 -0.13 3.12 -7.45
N MET A 85 -0.80 3.06 -6.29
CA MET A 85 -1.07 1.81 -5.56
C MET A 85 -2.51 1.74 -5.03
N HIS A 86 -3.01 0.52 -4.84
CA HIS A 86 -4.35 0.22 -4.31
C HIS A 86 -4.28 -0.90 -3.26
N TYR A 87 -5.12 -0.81 -2.23
CA TYR A 87 -5.25 -1.81 -1.16
C TYR A 87 -6.73 -2.06 -0.85
N GLU A 88 -7.13 -3.33 -0.78
CA GLU A 88 -8.52 -3.77 -0.90
C GLU A 88 -8.89 -4.78 0.20
N LEU A 89 -9.59 -4.31 1.24
CA LEU A 89 -9.99 -5.16 2.37
C LEU A 89 -11.23 -6.02 2.09
N ALA A 90 -11.92 -5.84 0.95
CA ALA A 90 -12.89 -6.83 0.46
C ALA A 90 -12.25 -7.97 -0.36
N LYS A 91 -10.92 -7.98 -0.54
CA LYS A 91 -10.20 -9.02 -1.33
C LYS A 91 -8.85 -9.50 -0.76
N ASP A 92 -8.32 -8.86 0.29
CA ASP A 92 -7.03 -9.20 0.94
C ASP A 92 -5.81 -9.01 0.01
N PHE A 93 -5.84 -7.93 -0.78
CA PHE A 93 -4.93 -7.68 -1.91
C PHE A 93 -4.24 -6.31 -1.82
N VAL A 94 -3.02 -6.23 -2.37
CA VAL A 94 -2.29 -4.97 -2.63
C VAL A 94 -1.71 -4.95 -4.04
N VAL A 95 -1.99 -3.87 -4.77
CA VAL A 95 -1.64 -3.66 -6.19
C VAL A 95 -0.79 -2.40 -6.32
N LEU A 96 0.20 -2.44 -7.21
CA LEU A 96 1.05 -1.32 -7.60
C LEU A 96 1.04 -1.22 -9.13
N THR A 97 0.87 -0.01 -9.70
CA THR A 97 0.51 0.16 -11.12
C THR A 97 1.06 1.48 -11.69
N GLY A 98 1.45 1.44 -12.97
CA GLY A 98 2.29 2.43 -13.64
C GLY A 98 3.74 2.35 -13.14
N ASN A 99 4.71 2.16 -14.03
CA ASN A 99 6.14 2.13 -13.69
C ASN A 99 6.49 1.14 -12.55
N ALA A 100 5.78 0.00 -12.47
CA ALA A 100 5.88 -0.93 -11.36
C ALA A 100 7.16 -1.77 -11.45
N TYR A 101 7.90 -1.89 -10.34
CA TYR A 101 9.19 -2.58 -10.26
C TYR A 101 9.38 -3.25 -8.90
N LEU A 102 10.01 -4.43 -8.86
CA LEU A 102 10.43 -5.11 -7.64
C LEU A 102 11.82 -5.77 -7.81
N GLN A 103 12.75 -5.45 -6.92
CA GLN A 103 14.11 -5.99 -6.90
C GLN A 103 14.18 -7.26 -6.05
N GLN A 104 14.83 -8.30 -6.56
CA GLN A 104 15.18 -9.53 -5.86
C GLN A 104 16.55 -10.07 -6.32
N VAL A 105 16.99 -11.16 -5.69
CA VAL A 105 18.35 -11.73 -5.83
C VAL A 105 18.40 -13.08 -6.55
N ASP A 106 17.26 -13.77 -6.69
CA ASP A 106 17.07 -14.87 -7.66
C ASP A 106 16.35 -14.40 -8.94
N SER A 107 15.63 -13.28 -8.85
CA SER A 107 14.59 -12.88 -9.79
C SER A 107 14.42 -11.35 -9.85
N ASN A 108 13.65 -10.87 -10.83
CA ASN A 108 13.35 -9.44 -10.99
C ASN A 108 12.04 -9.27 -11.78
N ILE A 109 11.05 -8.56 -11.22
CA ILE A 109 9.72 -8.40 -11.82
C ILE A 109 9.36 -6.92 -11.96
N LYS A 110 8.84 -6.53 -13.14
CA LYS A 110 8.63 -5.14 -13.55
C LYS A 110 7.67 -5.04 -14.74
N GLY A 111 6.97 -3.90 -14.86
CA GLY A 111 6.03 -3.62 -15.94
C GLY A 111 4.99 -2.59 -15.52
N ASP A 112 3.83 -2.57 -16.18
CA ASP A 112 2.77 -1.61 -15.88
C ASP A 112 1.92 -1.96 -14.65
N LYS A 113 2.01 -3.21 -14.13
CA LYS A 113 1.32 -3.63 -12.90
C LYS A 113 2.06 -4.75 -12.18
N ILE A 114 2.05 -4.67 -10.84
CA ILE A 114 2.45 -5.71 -9.88
C ILE A 114 1.30 -5.91 -8.88
N THR A 115 1.18 -7.12 -8.34
CA THR A 115 0.31 -7.42 -7.19
C THR A 115 1.05 -8.32 -6.21
N TYR A 116 0.92 -8.04 -4.92
CA TYR A 116 1.29 -8.99 -3.87
C TYR A 116 0.03 -9.37 -3.08
N LEU A 117 0.15 -10.36 -2.20
CA LEU A 117 -0.91 -10.78 -1.29
C LEU A 117 -0.63 -10.22 0.10
N VAL A 118 -1.65 -10.10 0.96
CA VAL A 118 -1.42 -9.91 2.41
C VAL A 118 -0.92 -11.21 3.05
N LYS A 119 -1.07 -12.35 2.36
CA LYS A 119 -0.58 -13.67 2.76
C LYS A 119 0.62 -14.15 1.91
N GLU A 120 1.09 -15.36 2.18
CA GLU A 120 2.45 -15.83 1.91
C GLU A 120 2.67 -16.23 0.43
N GLN A 121 2.70 -15.26 -0.49
CA GLN A 121 3.00 -15.49 -1.91
C GLN A 121 4.48 -15.90 -2.11
N LYS A 122 4.73 -17.22 -2.12
CA LYS A 122 6.07 -17.82 -2.27
C LYS A 122 6.64 -17.69 -3.70
N MET A 123 7.06 -16.49 -4.06
CA MET A 123 7.86 -16.20 -5.27
C MET A 123 9.12 -17.09 -5.36
N GLN A 124 9.55 -17.38 -6.59
CA GLN A 124 10.73 -18.20 -6.93
C GLN A 124 11.07 -18.04 -8.43
N ALA A 125 12.35 -17.97 -8.76
CA ALA A 125 12.84 -17.97 -10.15
C ALA A 125 12.64 -19.33 -10.87
N PHE A 126 12.47 -19.28 -12.20
CA PHE A 126 12.26 -20.44 -13.06
C PHE A 126 12.98 -20.29 -14.42
N SER A 127 13.51 -21.40 -14.94
CA SER A 127 14.40 -21.41 -16.11
C SER A 127 13.65 -21.63 -17.43
N ASP A 128 12.81 -20.67 -17.83
CA ASP A 128 12.03 -20.71 -19.07
C ASP A 128 12.90 -20.70 -20.36
N LYS A 129 12.26 -20.87 -21.52
CA LYS A 129 12.84 -20.66 -22.87
C LYS A 129 11.98 -19.65 -23.63
N GLY A 130 12.48 -18.42 -23.76
CA GLY A 130 11.80 -17.33 -24.47
C GLY A 130 12.78 -16.24 -24.90
N LYS A 131 13.34 -16.37 -26.11
CA LYS A 131 14.41 -15.53 -26.69
C LYS A 131 15.68 -15.41 -25.83
N ARG A 132 15.90 -16.35 -24.94
CA ARG A 132 17.03 -16.41 -24.00
C ARG A 132 17.55 -17.83 -23.85
N VAL B 1 -9.15 -4.30 11.63
CA VAL B 1 -8.42 -3.41 10.67
C VAL B 1 -8.83 -1.89 10.70
N ILE B 3 -8.06 2.35 10.93
CA ILE B 3 -7.02 3.25 10.40
C ILE B 3 -6.51 4.15 11.52
N ILE B 4 -5.22 3.98 11.87
CA ILE B 4 -4.46 4.86 12.76
C ILE B 4 -3.60 5.78 11.89
N TYR B 5 -3.61 7.07 12.19
CA TYR B 5 -2.92 8.08 11.41
C TYR B 5 -2.27 9.16 12.27
N ASN B 7 0.49 12.61 12.75
CA ASN B 7 0.82 13.84 12.02
C ASN B 7 2.32 14.21 12.12
N ARG B 8 3.05 14.17 11.01
CA ARG B 8 4.52 14.21 10.95
C ARG B 8 5.16 15.43 11.62
N THR B 10 4.08 16.99 14.18
CA THR B 10 3.80 16.92 15.63
C THR B 10 4.19 15.57 16.26
N LYS B 12 2.23 13.18 16.56
CA LYS B 12 1.10 12.78 17.44
C LYS B 12 -0.04 12.07 16.69
N CYS B 13 -0.60 11.05 17.34
CA CYS B 13 -1.46 10.06 16.70
C CYS B 13 -2.96 10.38 16.72
N TYR B 16 -9.57 6.64 13.28
CA TYR B 16 -11.00 6.28 13.34
C TYR B 16 -11.13 4.97 14.12
N VAL A 1 0.60 -7.98 23.90
CA VAL A 1 0.39 -9.37 23.41
C VAL A 1 -0.20 -9.31 22.00
N THR A 2 -0.08 -10.38 21.22
CA THR A 2 -0.73 -10.51 19.90
C THR A 2 -2.26 -10.45 20.03
N GLY A 3 -2.94 -9.93 19.01
CA GLY A 3 -4.40 -10.05 18.88
C GLY A 3 -4.84 -11.39 18.28
N ASP A 4 -6.15 -11.60 18.20
CA ASP A 4 -6.81 -12.68 17.46
C ASP A 4 -7.11 -12.31 15.98
N THR A 5 -7.04 -11.01 15.67
CA THR A 5 -7.54 -10.37 14.44
C THR A 5 -6.55 -9.34 13.90
N ASP A 6 -6.82 -8.86 12.68
CA ASP A 6 -5.84 -8.22 11.80
C ASP A 6 -5.24 -6.89 12.28
N GLN A 7 -4.01 -6.64 11.84
CA GLN A 7 -3.20 -5.49 12.22
C GLN A 7 -3.78 -4.12 11.76
N PRO A 8 -3.51 -3.04 12.51
CA PRO A 8 -3.83 -1.68 12.07
C PRO A 8 -2.89 -1.20 10.95
N ILE A 9 -3.31 -0.11 10.28
CA ILE A 9 -2.48 0.67 9.36
C ILE A 9 -2.15 2.02 10.02
N HIS A 10 -0.87 2.26 10.29
CA HIS A 10 -0.34 3.48 10.87
C HIS A 10 0.17 4.42 9.77
N ILE A 11 -0.14 5.73 9.85
CA ILE A 11 0.24 6.70 8.80
C ILE A 11 0.74 8.00 9.43
N GLU A 12 2.03 8.30 9.32
CA GLU A 12 2.56 9.64 9.64
C GLU A 12 2.44 10.54 8.40
N SER A 13 1.78 11.69 8.56
CA SER A 13 1.56 12.69 7.52
C SER A 13 1.66 14.10 8.09
N ASP A 14 2.32 15.03 7.38
CA ASP A 14 2.42 16.42 7.83
C ASP A 14 1.15 17.25 7.56
N GLN A 15 0.46 16.94 6.46
CA GLN A 15 -0.74 17.64 6.02
C GLN A 15 -1.86 16.63 5.75
N GLN A 16 -3.09 17.05 5.99
CA GLN A 16 -4.26 16.18 6.09
C GLN A 16 -5.54 17.03 6.07
N SER A 17 -6.65 16.45 5.60
CA SER A 17 -7.95 17.12 5.50
C SER A 17 -9.07 16.10 5.61
N LEU A 18 -10.05 16.38 6.48
CA LEU A 18 -10.88 15.36 7.12
C LEU A 18 -12.09 15.97 7.81
N ASP A 19 -13.17 15.20 7.93
CA ASP A 19 -14.20 15.43 8.95
C ASP A 19 -13.66 15.02 10.32
N MET A 20 -14.11 15.68 11.40
CA MET A 20 -14.04 15.08 12.74
C MET A 20 -14.91 13.81 12.85
N GLN A 21 -15.93 13.70 11.99
CA GLN A 21 -16.76 12.50 11.77
C GLN A 21 -16.06 11.39 10.94
N GLY A 22 -14.88 11.66 10.35
CA GLY A 22 -13.97 10.69 9.74
C GLY A 22 -14.57 9.73 8.70
N ASN A 23 -15.47 10.17 7.83
CA ASN A 23 -16.10 9.32 6.81
C ASN A 23 -15.31 9.31 5.50
N VAL A 24 -14.77 10.45 5.06
CA VAL A 24 -13.78 10.53 3.98
C VAL A 24 -12.64 11.46 4.40
N VAL A 25 -11.40 10.96 4.32
CA VAL A 25 -10.21 11.73 4.74
C VAL A 25 -9.08 11.61 3.73
N THR A 26 -8.24 12.64 3.70
CA THR A 26 -7.05 12.76 2.85
C THR A 26 -5.83 13.03 3.71
N PHE A 27 -4.69 12.43 3.35
CA PHE A 27 -3.36 12.68 3.93
C PHE A 27 -2.39 13.05 2.81
N THR A 28 -1.52 14.04 3.01
CA THR A 28 -0.66 14.62 1.97
C THR A 28 0.73 15.01 2.47
N GLY A 29 1.73 14.87 1.60
CA GLY A 29 3.12 15.24 1.85
C GLY A 29 4.02 14.03 2.08
N ASN A 30 4.13 13.17 1.06
CA ASN A 30 4.97 11.97 1.02
C ASN A 30 4.80 11.08 2.27
N VAL A 31 3.54 10.76 2.57
CA VAL A 31 3.07 10.15 3.82
C VAL A 31 3.58 8.72 3.97
N ILE A 32 3.83 8.32 5.22
CA ILE A 32 4.52 7.08 5.57
C ILE A 32 3.52 6.02 6.06
N VAL A 33 2.83 5.37 5.11
CA VAL A 33 1.89 4.27 5.41
C VAL A 33 2.68 3.06 5.89
N THR A 34 2.29 2.49 7.03
CA THR A 34 3.00 1.38 7.68
C THR A 34 2.01 0.39 8.28
N LEU A 35 2.14 -0.88 7.97
CA LEU A 35 1.27 -1.96 8.45
C LEU A 35 2.13 -3.18 8.81
N GLY A 36 2.62 -3.15 10.06
CA GLY A 36 3.55 -4.16 10.60
C GLY A 36 4.85 -4.22 9.80
N THR A 37 5.10 -5.36 9.16
CA THR A 37 6.33 -5.60 8.38
C THR A 37 6.35 -4.97 6.99
N ILE A 38 5.30 -4.23 6.59
CA ILE A 38 5.18 -3.59 5.27
C ILE A 38 5.09 -2.07 5.45
N LYS A 39 5.78 -1.31 4.59
CA LYS A 39 5.74 0.16 4.52
C LYS A 39 5.57 0.63 3.07
N ILE A 40 4.77 1.69 2.87
CA ILE A 40 4.52 2.32 1.58
C ILE A 40 4.58 3.84 1.75
N ASN A 41 5.38 4.52 0.94
CA ASN A 41 5.43 5.98 0.88
C ASN A 41 4.55 6.47 -0.28
N ALA A 42 3.73 7.50 -0.07
CA ALA A 42 2.82 8.05 -1.08
C ALA A 42 2.59 9.56 -0.91
N ASP A 43 2.57 10.34 -2.00
CA ASP A 43 2.36 11.80 -1.95
C ASP A 43 1.01 12.18 -1.34
N LYS A 44 -0.02 11.38 -1.66
CA LYS A 44 -1.44 11.61 -1.40
C LYS A 44 -2.10 10.26 -1.11
N VAL A 45 -2.71 10.12 0.06
CA VAL A 45 -3.50 8.94 0.45
C VAL A 45 -4.93 9.39 0.81
N VAL A 46 -5.91 8.57 0.46
CA VAL A 46 -7.33 8.76 0.81
C VAL A 46 -7.87 7.45 1.35
N VAL A 47 -8.78 7.52 2.32
CA VAL A 47 -9.56 6.37 2.81
C VAL A 47 -11.01 6.77 3.07
N THR A 48 -11.91 5.79 2.98
CA THR A 48 -13.37 5.94 2.97
C THR A 48 -14.02 4.83 3.81
N ARG A 49 -15.36 4.84 3.94
CA ARG A 49 -16.13 3.75 4.57
C ARG A 49 -17.47 3.54 3.82
N PRO A 50 -17.95 2.31 3.61
CA PRO A 50 -19.05 2.02 2.69
C PRO A 50 -20.40 2.50 3.26
N GLY A 51 -20.92 3.60 2.70
CA GLY A 51 -22.17 4.26 3.14
C GLY A 51 -23.46 3.55 2.72
N GLY A 52 -23.63 2.28 3.07
CA GLY A 52 -24.85 1.50 2.79
C GLY A 52 -25.00 0.99 1.35
N GLU A 53 -24.08 1.36 0.44
CA GLU A 53 -23.96 0.76 -0.89
C GLU A 53 -23.65 -0.75 -0.79
N GLN A 54 -24.05 -1.53 -1.80
CA GLN A 54 -23.53 -2.89 -2.05
C GLN A 54 -22.10 -2.84 -2.63
N GLY A 55 -21.23 -2.04 -1.99
CA GLY A 55 -20.03 -1.47 -2.57
C GLY A 55 -18.78 -2.33 -2.49
N LYS A 56 -17.62 -1.68 -2.68
CA LYS A 56 -16.28 -2.24 -2.55
C LYS A 56 -15.41 -1.20 -1.84
N GLU A 57 -14.43 -1.65 -1.06
CA GLU A 57 -13.65 -0.79 -0.17
C GLU A 57 -12.15 -0.89 -0.54
N VAL A 58 -11.54 0.25 -0.84
CA VAL A 58 -10.37 0.40 -1.73
C VAL A 58 -9.48 1.56 -1.28
N ILE A 59 -8.15 1.37 -1.28
CA ILE A 59 -7.15 2.38 -0.89
C ILE A 59 -6.09 2.57 -1.99
N ASP A 60 -5.64 3.82 -2.18
CA ASP A 60 -4.62 4.27 -3.15
C ASP A 60 -3.17 4.15 -2.64
N GLY A 61 -2.22 4.12 -3.58
CA GLY A 61 -0.82 4.50 -3.35
C GLY A 61 -0.16 5.08 -4.60
N TYR A 62 -0.16 6.42 -4.73
CA TYR A 62 0.53 7.19 -5.78
C TYR A 62 1.61 8.10 -5.15
N GLY A 63 2.68 8.41 -5.88
CA GLY A 63 3.62 9.46 -5.48
C GLY A 63 4.90 9.60 -6.31
N LYS A 64 5.72 10.62 -5.99
CA LYS A 64 6.98 10.95 -6.68
C LYS A 64 8.10 11.28 -5.67
N PRO A 65 8.91 10.28 -5.25
CA PRO A 65 8.76 8.86 -5.49
C PRO A 65 7.77 8.22 -4.50
N ALA A 66 6.85 7.41 -5.01
CA ALA A 66 6.24 6.36 -4.19
C ALA A 66 7.23 5.19 -4.04
N THR A 67 7.29 4.59 -2.86
CA THR A 67 8.16 3.43 -2.59
C THR A 67 7.43 2.38 -1.76
N PHE A 68 7.84 1.13 -1.91
CA PHE A 68 7.33 -0.03 -1.19
C PHE A 68 8.50 -0.77 -0.52
N TYR A 69 8.33 -1.15 0.76
CA TYR A 69 9.28 -1.97 1.50
C TYR A 69 8.56 -3.07 2.28
N GLN A 70 9.15 -4.27 2.29
CA GLN A 70 8.85 -5.33 3.25
C GLN A 70 10.05 -6.28 3.44
N MET A 71 9.85 -7.34 4.21
CA MET A 71 10.73 -8.51 4.27
C MET A 71 9.95 -9.73 3.78
N GLN A 72 10.62 -10.61 3.01
CA GLN A 72 9.99 -11.76 2.35
C GLN A 72 9.67 -12.92 3.30
N ASP A 73 8.95 -13.89 2.75
CA ASP A 73 8.63 -15.22 3.29
C ASP A 73 9.84 -16.01 3.84
N ASN A 74 11.08 -15.64 3.47
CA ASN A 74 12.35 -16.20 3.94
C ASN A 74 13.32 -15.17 4.55
N GLY A 75 12.87 -13.96 4.87
CA GLY A 75 13.68 -12.88 5.43
C GLY A 75 14.51 -12.05 4.44
N LYS A 76 14.48 -12.35 3.12
CA LYS A 76 15.12 -11.47 2.12
C LYS A 76 14.43 -10.08 2.08
N PRO A 77 15.19 -8.98 1.91
CA PRO A 77 14.61 -7.63 1.86
C PRO A 77 13.83 -7.37 0.56
N VAL A 78 12.94 -6.39 0.60
CA VAL A 78 12.16 -5.93 -0.56
C VAL A 78 12.24 -4.42 -0.67
N GLU A 79 12.58 -3.94 -1.86
CA GLU A 79 12.33 -2.56 -2.31
C GLU A 79 11.51 -2.58 -3.61
N GLY A 80 10.66 -1.57 -3.79
CA GLY A 80 9.83 -1.43 -5.00
C GLY A 80 9.26 -0.05 -5.23
N HIS A 81 8.70 0.13 -6.43
CA HIS A 81 8.16 1.37 -6.97
C HIS A 81 6.98 1.08 -7.91
N ALA A 82 6.03 2.01 -8.00
CA ALA A 82 5.06 2.16 -9.08
C ALA A 82 4.57 3.61 -9.08
N SER A 83 4.02 4.10 -10.20
CA SER A 83 3.36 5.41 -10.24
C SER A 83 1.92 5.39 -9.68
N GLN A 84 1.28 4.21 -9.58
CA GLN A 84 0.03 4.01 -8.85
C GLN A 84 -0.05 2.58 -8.28
N MET A 85 -0.84 2.41 -7.21
CA MET A 85 -1.37 1.10 -6.80
C MET A 85 -2.78 1.23 -6.22
N HIS A 86 -3.54 0.14 -6.30
CA HIS A 86 -4.75 -0.04 -5.50
C HIS A 86 -4.63 -1.32 -4.67
N TYR A 87 -5.17 -1.30 -3.45
CA TYR A 87 -5.54 -2.48 -2.65
C TYR A 87 -7.03 -2.42 -2.30
N GLU A 88 -7.71 -3.57 -2.23
CA GLU A 88 -9.09 -3.67 -1.73
C GLU A 88 -9.27 -4.78 -0.68
N LEU A 89 -9.99 -4.46 0.40
CA LEU A 89 -10.29 -5.41 1.48
C LEU A 89 -11.53 -6.28 1.22
N ALA A 90 -12.18 -6.13 0.06
CA ALA A 90 -13.32 -6.98 -0.33
C ALA A 90 -12.91 -8.28 -1.04
N LYS A 91 -11.63 -8.44 -1.43
CA LYS A 91 -11.00 -9.72 -1.89
C LYS A 91 -9.54 -9.87 -1.42
N ASP A 92 -9.06 -9.01 -0.53
CA ASP A 92 -7.65 -8.89 -0.11
C ASP A 92 -6.64 -8.92 -1.28
N PHE A 93 -6.89 -8.07 -2.27
CA PHE A 93 -6.15 -8.05 -3.53
C PHE A 93 -5.44 -6.70 -3.75
N VAL A 94 -4.28 -6.72 -4.41
CA VAL A 94 -3.42 -5.55 -4.65
C VAL A 94 -2.77 -5.60 -6.03
N VAL A 95 -2.69 -4.45 -6.70
CA VAL A 95 -2.03 -4.30 -8.00
C VAL A 95 -1.17 -3.03 -8.01
N LEU A 96 0.14 -3.19 -8.22
CA LEU A 96 1.07 -2.12 -8.54
C LEU A 96 1.00 -1.88 -10.06
N THR A 97 0.85 -0.64 -10.53
CA THR A 97 0.64 -0.35 -11.96
C THR A 97 1.24 0.99 -12.38
N GLY A 98 1.82 1.01 -13.58
CA GLY A 98 2.63 2.11 -14.09
C GLY A 98 4.03 2.09 -13.46
N ASN A 99 5.08 2.07 -14.29
CA ASN A 99 6.48 2.14 -13.85
C ASN A 99 6.83 1.11 -12.74
N ALA A 100 6.25 -0.08 -12.81
CA ALA A 100 6.21 -1.05 -11.72
C ALA A 100 7.56 -1.78 -11.58
N TYR A 101 8.06 -1.86 -10.35
CA TYR A 101 9.40 -2.33 -10.02
C TYR A 101 9.39 -3.04 -8.67
N LEU A 102 10.00 -4.21 -8.58
CA LEU A 102 10.34 -4.90 -7.33
C LEU A 102 11.71 -5.57 -7.48
N GLN A 103 12.59 -5.43 -6.48
CA GLN A 103 13.95 -5.98 -6.54
C GLN A 103 14.41 -6.57 -5.21
N GLN A 104 15.11 -7.71 -5.31
CA GLN A 104 15.75 -8.48 -4.25
C GLN A 104 17.27 -8.48 -4.49
N VAL A 105 18.05 -8.95 -3.50
CA VAL A 105 19.49 -9.24 -3.65
C VAL A 105 19.74 -10.60 -4.35
N ASP A 106 18.96 -10.87 -5.39
CA ASP A 106 18.93 -12.12 -6.18
C ASP A 106 18.04 -12.05 -7.43
N SER A 107 16.92 -11.29 -7.41
CA SER A 107 15.86 -11.38 -8.43
C SER A 107 15.04 -10.10 -8.60
N ASN A 108 14.12 -10.12 -9.59
CA ASN A 108 13.27 -9.01 -9.99
C ASN A 108 11.89 -9.47 -10.47
N ILE A 109 10.92 -8.55 -10.39
CA ILE A 109 9.89 -8.35 -11.42
C ILE A 109 9.76 -6.84 -11.67
N LYS A 110 9.74 -6.43 -12.95
CA LYS A 110 9.65 -5.02 -13.36
C LYS A 110 9.09 -4.86 -14.77
N GLY A 111 8.30 -3.81 -15.00
CA GLY A 111 7.52 -3.59 -16.24
C GLY A 111 6.34 -2.65 -16.03
N ASP A 112 5.21 -2.92 -16.70
CA ASP A 112 3.99 -2.11 -16.56
C ASP A 112 3.24 -2.36 -15.24
N LYS A 113 3.24 -3.60 -14.72
CA LYS A 113 2.29 -4.05 -13.69
C LYS A 113 2.85 -5.22 -12.87
N ILE A 114 2.57 -5.24 -11.56
CA ILE A 114 3.01 -6.29 -10.62
C ILE A 114 1.89 -6.62 -9.61
N THR A 115 1.73 -7.91 -9.31
CA THR A 115 1.02 -8.44 -8.13
C THR A 115 1.78 -9.66 -7.61
N TYR A 116 1.87 -9.80 -6.29
CA TYR A 116 2.18 -11.04 -5.58
C TYR A 116 0.92 -11.42 -4.79
N LEU A 117 0.35 -12.61 -5.05
CA LEU A 117 -0.99 -12.95 -4.58
C LEU A 117 -0.91 -13.51 -3.15
N VAL A 118 -1.88 -13.19 -2.31
CA VAL A 118 -1.88 -13.57 -0.87
C VAL A 118 -1.84 -15.08 -0.60
N LYS A 119 -2.04 -15.94 -1.62
CA LYS A 119 -1.84 -17.40 -1.57
C LYS A 119 -1.00 -18.00 -2.72
N GLU A 120 -0.44 -17.20 -3.64
CA GLU A 120 0.35 -17.71 -4.77
C GLU A 120 1.55 -16.83 -5.13
N GLN A 121 2.68 -17.47 -5.44
CA GLN A 121 3.74 -16.86 -6.24
C GLN A 121 3.40 -16.99 -7.74
N LYS A 122 3.62 -15.91 -8.50
CA LYS A 122 3.26 -15.82 -9.94
C LYS A 122 4.17 -14.86 -10.74
N MET A 123 5.44 -14.77 -10.35
CA MET A 123 6.47 -14.03 -11.10
C MET A 123 6.57 -14.50 -12.56
N GLN A 124 6.57 -13.55 -13.50
CA GLN A 124 6.75 -13.78 -14.94
C GLN A 124 7.46 -12.57 -15.57
N ALA A 125 8.18 -12.78 -16.68
CA ALA A 125 8.76 -11.70 -17.46
C ALA A 125 7.68 -10.93 -18.25
N PHE A 126 7.65 -9.60 -18.10
CA PHE A 126 6.85 -8.70 -18.93
C PHE A 126 7.54 -8.42 -20.27
N SER A 127 6.78 -8.13 -21.33
CA SER A 127 7.31 -7.81 -22.67
C SER A 127 6.36 -6.90 -23.46
N ASP A 128 7.00 -6.10 -24.32
CA ASP A 128 6.59 -5.11 -25.33
C ASP A 128 5.43 -5.45 -26.31
N LYS A 129 4.77 -6.60 -26.19
CA LYS A 129 4.09 -7.32 -27.30
C LYS A 129 2.77 -6.72 -27.80
N GLY A 130 2.80 -5.50 -28.33
CA GLY A 130 1.66 -4.79 -28.92
C GLY A 130 2.07 -3.44 -29.51
N LYS A 131 1.25 -2.40 -29.27
CA LYS A 131 1.57 -1.01 -29.59
C LYS A 131 1.01 -0.08 -28.50
N ARG A 132 1.69 1.03 -28.24
CA ARG A 132 1.28 1.99 -27.20
C ARG A 132 1.36 3.44 -27.67
N VAL B 1 -10.50 -2.15 7.81
CA VAL B 1 -9.24 -2.27 8.60
C VAL B 1 -8.95 -1.02 9.48
N ILE B 3 -7.43 2.05 10.53
CA ILE B 3 -6.44 3.10 10.24
C ILE B 3 -6.21 3.93 11.49
N ILE B 4 -4.96 4.26 11.81
CA ILE B 4 -4.59 5.29 12.79
C ILE B 4 -3.55 6.21 12.14
N TYR B 5 -4.02 7.36 11.66
CA TYR B 5 -3.14 8.41 11.13
C TYR B 5 -2.66 9.33 12.26
N ASN B 7 -0.34 13.12 12.91
CA ASN B 7 0.05 14.39 12.29
C ASN B 7 1.50 14.77 12.66
N ARG B 8 2.40 14.79 11.69
CA ARG B 8 3.84 15.06 11.86
C ARG B 8 4.15 16.42 12.49
N THR B 10 1.87 18.00 14.84
CA THR B 10 1.37 18.06 16.23
C THR B 10 1.78 16.84 17.08
N LYS B 12 0.02 14.19 17.20
CA LYS B 12 -1.26 13.61 17.66
C LYS B 12 -1.92 12.72 16.60
N CYS B 13 -2.74 11.77 17.05
CA CYS B 13 -3.29 10.68 16.23
C CYS B 13 -4.82 10.61 16.26
N TYR B 16 -9.67 5.65 12.26
CA TYR B 16 -10.96 5.40 11.58
C TYR B 16 -11.93 4.59 12.44
N VAL A 1 -5.45 -14.60 18.78
CA VAL A 1 -6.09 -14.58 17.45
C VAL A 1 -7.55 -14.93 17.63
N THR A 2 -8.45 -14.16 17.02
CA THR A 2 -9.80 -13.94 17.58
C THR A 2 -10.82 -13.72 16.44
N GLY A 3 -10.73 -14.57 15.42
CA GLY A 3 -11.14 -14.26 14.05
C GLY A 3 -9.98 -13.72 13.21
N ASP A 4 -10.30 -13.31 11.98
CA ASP A 4 -9.38 -12.79 10.95
C ASP A 4 -10.03 -11.59 10.23
N THR A 5 -9.23 -10.74 9.58
CA THR A 5 -9.69 -9.48 8.94
C THR A 5 -8.68 -8.97 7.91
N ASP A 6 -9.13 -8.08 7.02
CA ASP A 6 -8.23 -7.11 6.39
C ASP A 6 -7.52 -6.28 7.48
N GLN A 7 -6.18 -6.39 7.52
CA GLN A 7 -5.35 -6.04 8.68
C GLN A 7 -5.16 -4.52 8.89
N PRO A 8 -4.90 -4.05 10.14
CA PRO A 8 -4.66 -2.65 10.46
C PRO A 8 -3.49 -2.03 9.67
N ILE A 9 -3.69 -0.79 9.23
CA ILE A 9 -2.73 0.02 8.48
C ILE A 9 -2.28 1.19 9.37
N HIS A 10 -0.96 1.38 9.52
CA HIS A 10 -0.39 2.51 10.23
C HIS A 10 0.14 3.54 9.22
N ILE A 11 -0.06 4.83 9.47
CA ILE A 11 0.22 5.92 8.51
C ILE A 11 0.85 7.11 9.25
N GLU A 12 1.77 7.83 8.60
CA GLU A 12 2.18 9.19 8.99
C GLU A 12 2.26 10.13 7.77
N SER A 13 1.84 11.39 7.88
CA SER A 13 2.13 12.44 6.87
C SER A 13 2.00 13.84 7.45
N ASP A 14 2.48 14.86 6.71
CA ASP A 14 2.55 16.25 7.19
C ASP A 14 1.31 17.09 6.87
N GLN A 15 0.58 16.76 5.79
CA GLN A 15 -0.79 17.24 5.55
C GLN A 15 -1.83 16.13 5.75
N GLN A 16 -2.26 15.98 7.00
CA GLN A 16 -3.62 15.54 7.34
C GLN A 16 -4.64 16.49 6.71
N SER A 17 -5.73 15.97 6.14
CA SER A 17 -6.90 16.76 5.78
C SER A 17 -8.17 15.91 5.93
N LEU A 18 -9.04 16.35 6.83
CA LEU A 18 -10.14 15.58 7.42
C LEU A 18 -11.38 16.48 7.39
N ASP A 19 -12.55 15.97 6.99
CA ASP A 19 -13.78 16.76 6.94
C ASP A 19 -14.49 16.83 8.31
N MET A 20 -15.31 17.86 8.53
CA MET A 20 -16.10 18.10 9.74
C MET A 20 -17.13 17.00 10.03
N GLN A 21 -17.60 16.26 9.00
CA GLN A 21 -18.46 15.08 9.19
C GLN A 21 -17.68 13.82 9.60
N GLY A 22 -16.36 13.79 9.35
CA GLY A 22 -15.57 12.55 9.30
C GLY A 22 -15.95 11.58 8.17
N ASN A 23 -16.79 12.02 7.22
CA ASN A 23 -17.41 11.15 6.20
C ASN A 23 -16.38 10.61 5.18
N VAL A 24 -15.32 11.38 4.92
CA VAL A 24 -14.12 11.05 4.12
C VAL A 24 -12.89 11.71 4.75
N VAL A 25 -11.72 11.08 4.62
CA VAL A 25 -10.41 11.60 5.07
C VAL A 25 -9.33 11.37 4.00
N THR A 26 -8.30 12.23 3.99
CA THR A 26 -7.13 12.08 3.13
C THR A 26 -5.83 12.37 3.89
N PHE A 27 -4.78 11.61 3.57
CA PHE A 27 -3.47 11.67 4.20
C PHE A 27 -2.44 12.01 3.12
N THR A 28 -1.91 13.24 3.16
CA THR A 28 -1.14 13.84 2.07
C THR A 28 0.12 14.56 2.56
N GLY A 29 1.01 14.94 1.64
CA GLY A 29 2.21 15.70 1.96
C GLY A 29 3.24 14.84 2.68
N ASN A 30 4.08 14.13 1.90
CA ASN A 30 5.15 13.24 2.38
C ASN A 30 4.64 12.17 3.37
N VAL A 31 4.03 11.13 2.82
CA VAL A 31 3.33 10.06 3.54
C VAL A 31 4.25 8.85 3.75
N ILE A 32 4.14 8.20 4.91
CA ILE A 32 4.66 6.87 5.22
C ILE A 32 3.47 5.96 5.52
N VAL A 33 3.53 4.71 5.07
CA VAL A 33 2.58 3.64 5.41
C VAL A 33 3.36 2.46 5.96
N THR A 34 2.96 1.96 7.12
CA THR A 34 3.59 0.82 7.81
C THR A 34 2.57 -0.31 7.97
N LEU A 35 2.95 -1.51 7.54
CA LEU A 35 2.08 -2.69 7.46
C LEU A 35 2.86 -3.96 7.87
N GLY A 36 3.08 -4.13 9.18
CA GLY A 36 3.85 -5.25 9.72
C GLY A 36 5.32 -5.22 9.27
N THR A 37 5.69 -6.11 8.34
CA THR A 37 7.01 -6.15 7.69
C THR A 37 7.20 -5.09 6.60
N ILE A 38 6.14 -4.39 6.17
CA ILE A 38 6.13 -3.47 5.03
C ILE A 38 6.30 -2.01 5.48
N LYS A 39 7.14 -1.25 4.74
CA LYS A 39 7.18 0.22 4.70
C LYS A 39 6.93 0.72 3.27
N ILE A 40 5.89 1.51 3.06
CA ILE A 40 5.68 2.28 1.82
C ILE A 40 5.93 3.77 2.06
N ASN A 41 6.64 4.43 1.15
CA ASN A 41 6.75 5.89 1.06
C ASN A 41 5.82 6.38 -0.04
N ALA A 42 5.04 7.42 0.24
CA ALA A 42 3.91 7.89 -0.55
C ALA A 42 3.72 9.42 -0.40
N ASP A 43 2.68 9.98 -1.02
CA ASP A 43 2.28 11.40 -0.93
C ASP A 43 0.75 11.62 -1.02
N LYS A 44 -0.04 10.57 -1.34
CA LYS A 44 -1.47 10.41 -1.01
C LYS A 44 -1.68 9.05 -0.36
N VAL A 45 -2.62 8.99 0.59
CA VAL A 45 -3.44 7.81 0.91
C VAL A 45 -4.87 8.25 1.21
N VAL A 46 -5.87 7.57 0.64
CA VAL A 46 -7.30 7.79 0.88
C VAL A 46 -8.00 6.43 1.03
N VAL A 47 -9.02 6.34 1.88
CA VAL A 47 -9.95 5.19 1.91
C VAL A 47 -11.25 5.55 1.18
N THR A 48 -11.70 4.63 0.31
CA THR A 48 -13.01 4.68 -0.35
C THR A 48 -13.83 3.45 0.08
N ARG A 49 -15.11 3.68 0.37
CA ARG A 49 -15.85 2.97 1.43
C ARG A 49 -17.36 2.79 1.13
N PRO A 50 -18.03 1.78 1.69
CA PRO A 50 -19.47 1.52 1.53
C PRO A 50 -20.34 2.49 2.35
N GLY A 51 -21.66 2.38 2.20
CA GLY A 51 -22.63 3.40 2.64
C GLY A 51 -22.79 3.57 4.16
N GLY A 52 -22.55 2.52 4.94
CA GLY A 52 -22.98 2.36 6.34
C GLY A 52 -23.68 1.01 6.54
N GLU A 53 -24.31 0.53 5.47
CA GLU A 53 -23.95 -0.77 4.86
C GLU A 53 -22.44 -1.03 4.99
N GLN A 54 -22.04 -2.23 5.41
CA GLN A 54 -20.64 -2.67 5.38
C GLN A 54 -20.43 -3.72 4.29
N GLY A 55 -19.93 -3.27 3.13
CA GLY A 55 -19.33 -4.11 2.10
C GLY A 55 -17.84 -4.36 2.38
N LYS A 56 -16.98 -3.94 1.44
CA LYS A 56 -15.51 -3.91 1.58
C LYS A 56 -14.96 -2.63 0.94
N GLU A 57 -13.75 -2.25 1.34
CA GLU A 57 -13.14 -0.96 1.00
C GLU A 57 -12.19 -1.03 -0.21
N VAL A 58 -11.77 0.12 -0.71
CA VAL A 58 -10.59 0.28 -1.58
C VAL A 58 -9.73 1.43 -1.07
N ILE A 59 -8.45 1.17 -0.81
CA ILE A 59 -7.44 2.18 -0.50
C ILE A 59 -6.81 2.68 -1.81
N ASP A 60 -6.85 4.00 -1.98
CA ASP A 60 -6.09 4.79 -2.95
C ASP A 60 -4.73 5.19 -2.35
N GLY A 61 -3.70 5.29 -3.20
CA GLY A 61 -2.44 5.92 -2.82
C GLY A 61 -1.50 6.15 -4.01
N TYR A 62 -0.68 7.19 -3.91
CA TYR A 62 0.36 7.56 -4.89
C TYR A 62 1.61 8.04 -4.13
N GLY A 63 2.78 8.09 -4.77
CA GLY A 63 4.01 8.60 -4.13
C GLY A 63 4.89 9.43 -5.05
N LYS A 64 5.51 10.49 -4.49
CA LYS A 64 6.31 11.46 -5.23
C LYS A 64 7.59 11.86 -4.47
N PRO A 65 8.59 10.96 -4.33
CA PRO A 65 8.68 9.61 -4.92
C PRO A 65 7.96 8.52 -4.11
N ALA A 66 7.54 7.46 -4.79
CA ALA A 66 7.08 6.23 -4.16
C ALA A 66 8.26 5.30 -3.85
N THR A 67 8.31 4.71 -2.65
CA THR A 67 9.19 3.55 -2.38
C THR A 67 8.49 2.50 -1.52
N PHE A 68 8.19 1.36 -2.13
CA PHE A 68 7.82 0.13 -1.44
C PHE A 68 9.07 -0.54 -0.87
N TYR A 69 8.97 -1.08 0.34
CA TYR A 69 9.99 -1.92 0.96
C TYR A 69 9.31 -2.90 1.91
N GLN A 70 9.88 -4.09 2.10
CA GLN A 70 9.53 -4.94 3.24
C GLN A 70 10.68 -5.85 3.66
N MET A 71 10.54 -6.45 4.84
CA MET A 71 11.18 -7.73 5.11
C MET A 71 10.42 -8.87 4.40
N GLN A 72 11.16 -9.80 3.81
CA GLN A 72 10.77 -11.20 3.71
C GLN A 72 10.83 -11.82 5.11
N ASP A 73 9.93 -12.75 5.41
CA ASP A 73 9.80 -13.40 6.72
C ASP A 73 11.05 -14.19 7.13
N ASN A 74 11.85 -14.65 6.15
CA ASN A 74 13.16 -15.29 6.37
C ASN A 74 14.30 -14.27 6.67
N GLY A 75 13.98 -13.02 7.00
CA GLY A 75 14.93 -11.96 7.38
C GLY A 75 15.80 -11.48 6.23
N LYS A 76 15.18 -11.12 5.09
CA LYS A 76 15.83 -10.67 3.84
C LYS A 76 15.03 -9.47 3.24
N PRO A 77 15.61 -8.62 2.37
CA PRO A 77 14.90 -7.44 1.84
C PRO A 77 13.96 -7.75 0.67
N VAL A 78 13.02 -6.83 0.41
CA VAL A 78 12.27 -6.67 -0.85
C VAL A 78 12.11 -5.17 -1.09
N GLU A 79 12.21 -4.72 -2.34
CA GLU A 79 12.23 -3.30 -2.73
C GLU A 79 11.25 -3.03 -3.88
N GLY A 80 10.71 -1.80 -4.02
CA GLY A 80 9.87 -1.45 -5.16
C GLY A 80 9.41 0.00 -5.28
N HIS A 81 8.67 0.30 -6.35
CA HIS A 81 7.98 1.59 -6.58
C HIS A 81 6.84 1.44 -7.61
N ALA A 82 5.94 2.42 -7.68
CA ALA A 82 4.93 2.60 -8.73
C ALA A 82 4.37 4.05 -8.70
N SER A 83 3.62 4.45 -9.72
CA SER A 83 2.88 5.72 -9.75
C SER A 83 1.74 5.72 -8.73
N GLN A 84 0.94 4.65 -8.72
CA GLN A 84 -0.26 4.48 -7.89
C GLN A 84 -0.30 3.05 -7.30
N MET A 85 -0.81 2.93 -6.08
CA MET A 85 -0.79 1.74 -5.22
C MET A 85 -2.18 1.51 -4.62
N HIS A 86 -2.80 0.37 -4.94
CA HIS A 86 -4.13 0.01 -4.44
C HIS A 86 -4.07 -1.16 -3.47
N TYR A 87 -4.87 -1.07 -2.42
CA TYR A 87 -5.31 -2.23 -1.62
C TYR A 87 -6.83 -2.32 -1.74
N GLU A 88 -7.29 -3.26 -2.55
CA GLU A 88 -8.69 -3.57 -2.74
C GLU A 88 -9.12 -4.67 -1.76
N LEU A 89 -9.64 -4.25 -0.61
CA LEU A 89 -10.36 -5.16 0.30
C LEU A 89 -11.62 -5.70 -0.43
N ALA A 90 -12.17 -4.94 -1.38
CA ALA A 90 -13.21 -5.35 -2.32
C ALA A 90 -12.80 -6.48 -3.30
N LYS A 91 -11.51 -6.87 -3.33
CA LYS A 91 -11.00 -8.05 -4.05
C LYS A 91 -10.11 -8.95 -3.17
N ASP A 92 -10.02 -8.67 -1.87
CA ASP A 92 -9.07 -9.29 -0.93
C ASP A 92 -7.58 -9.15 -1.38
N PHE A 93 -7.25 -8.17 -2.24
CA PHE A 93 -6.02 -8.10 -3.03
C PHE A 93 -5.32 -6.73 -3.03
N VAL A 94 -4.04 -6.72 -3.45
CA VAL A 94 -3.23 -5.50 -3.63
C VAL A 94 -2.65 -5.44 -5.05
N VAL A 95 -2.51 -4.23 -5.60
CA VAL A 95 -2.03 -3.99 -6.98
C VAL A 95 -1.17 -2.72 -7.02
N LEU A 96 -0.09 -2.74 -7.80
CA LEU A 96 0.73 -1.57 -8.14
C LEU A 96 0.56 -1.25 -9.63
N THR A 97 0.51 0.04 -10.02
CA THR A 97 0.26 0.44 -11.42
C THR A 97 0.93 1.76 -11.81
N GLY A 98 1.41 1.81 -13.05
CA GLY A 98 2.30 2.84 -13.61
C GLY A 98 3.72 2.72 -13.04
N ASN A 99 4.76 2.68 -13.87
CA ASN A 99 6.17 2.59 -13.44
C ASN A 99 6.42 1.50 -12.36
N ALA A 100 5.72 0.36 -12.42
CA ALA A 100 5.70 -0.61 -11.34
C ALA A 100 6.97 -1.48 -11.35
N TYR A 101 7.60 -1.62 -10.18
CA TYR A 101 8.88 -2.30 -9.96
C TYR A 101 8.83 -3.06 -8.64
N LEU A 102 9.29 -4.31 -8.66
CA LEU A 102 9.74 -5.06 -7.48
C LEU A 102 11.13 -5.68 -7.72
N GLN A 103 11.88 -5.84 -6.63
CA GLN A 103 13.13 -6.58 -6.55
C GLN A 103 13.14 -7.46 -5.30
N GLN A 104 13.65 -8.68 -5.49
CA GLN A 104 13.71 -9.76 -4.53
C GLN A 104 15.15 -10.33 -4.50
N VAL A 105 15.43 -11.32 -3.63
CA VAL A 105 16.75 -12.00 -3.63
C VAL A 105 16.88 -13.05 -4.73
N ASP A 106 15.74 -13.55 -5.21
CA ASP A 106 15.56 -14.57 -6.23
C ASP A 106 15.22 -14.01 -7.61
N SER A 107 14.64 -12.80 -7.68
CA SER A 107 13.97 -12.30 -8.89
C SER A 107 13.84 -10.77 -8.94
N ASN A 108 13.24 -10.31 -10.04
CA ASN A 108 13.02 -8.92 -10.38
C ASN A 108 11.81 -8.87 -11.32
N ILE A 109 10.75 -8.11 -11.00
CA ILE A 109 9.57 -7.97 -11.88
C ILE A 109 9.16 -6.50 -12.04
N LYS A 110 8.86 -6.07 -13.26
CA LYS A 110 8.50 -4.70 -13.63
C LYS A 110 7.58 -4.63 -14.85
N GLY A 111 6.91 -3.50 -15.00
CA GLY A 111 5.94 -3.16 -16.07
C GLY A 111 5.04 -2.02 -15.59
N ASP A 112 3.99 -1.66 -16.34
CA ASP A 112 3.00 -0.68 -15.83
C ASP A 112 1.91 -1.30 -14.92
N LYS A 113 2.08 -2.56 -14.53
CA LYS A 113 1.30 -3.25 -13.49
C LYS A 113 2.12 -4.35 -12.81
N ILE A 114 1.84 -4.63 -11.54
CA ILE A 114 2.40 -5.76 -10.78
C ILE A 114 1.30 -6.49 -9.98
N THR A 115 1.45 -7.80 -9.82
CA THR A 115 0.64 -8.68 -8.95
C THR A 115 1.45 -9.16 -7.75
N TYR A 116 0.80 -9.34 -6.60
CA TYR A 116 1.40 -9.85 -5.37
C TYR A 116 0.63 -11.07 -4.85
N LEU A 117 1.37 -12.04 -4.28
CA LEU A 117 0.85 -13.30 -3.78
C LEU A 117 0.13 -13.25 -2.41
N VAL A 118 -0.78 -12.28 -2.19
CA VAL A 118 -1.40 -12.01 -0.88
C VAL A 118 -2.42 -13.06 -0.40
N LYS A 119 -3.01 -13.84 -1.31
CA LYS A 119 -4.03 -14.87 -1.01
C LYS A 119 -3.85 -16.17 -1.82
N GLU A 120 -2.96 -16.17 -2.81
CA GLU A 120 -2.60 -17.26 -3.72
C GLU A 120 -1.23 -16.92 -4.32
N GLN A 121 -0.43 -17.90 -4.74
CA GLN A 121 0.96 -17.82 -5.25
C GLN A 121 1.15 -17.06 -6.59
N LYS A 122 0.22 -16.19 -6.96
CA LYS A 122 0.10 -15.48 -8.23
C LYS A 122 1.04 -14.26 -8.32
N MET A 123 2.35 -14.52 -8.37
CA MET A 123 3.37 -13.53 -8.78
C MET A 123 3.65 -13.66 -10.28
N GLN A 124 3.70 -12.54 -11.01
CA GLN A 124 3.88 -12.49 -12.47
C GLN A 124 4.31 -11.09 -12.93
N ALA A 125 4.99 -11.00 -14.08
CA ALA A 125 5.32 -9.74 -14.75
C ALA A 125 4.26 -9.35 -15.81
N PHE A 126 4.18 -8.07 -16.17
CA PHE A 126 3.24 -7.55 -17.16
C PHE A 126 3.96 -6.94 -18.37
N SER A 127 3.42 -7.17 -19.57
CA SER A 127 3.81 -6.43 -20.78
C SER A 127 3.08 -5.10 -20.83
N ASP A 128 3.74 -4.08 -21.39
CA ASP A 128 3.07 -2.91 -21.98
C ASP A 128 2.57 -3.24 -23.41
N LYS A 129 2.01 -2.23 -24.10
CA LYS A 129 2.01 -2.16 -25.57
C LYS A 129 2.09 -0.70 -26.04
N GLY A 130 3.10 0.03 -25.58
CA GLY A 130 3.25 1.48 -25.77
C GLY A 130 3.47 1.94 -27.22
N LYS A 131 3.69 3.26 -27.36
CA LYS A 131 4.08 3.94 -28.61
C LYS A 131 5.03 5.14 -28.43
N ARG A 132 5.32 5.53 -27.19
CA ARG A 132 6.31 6.55 -26.82
C ARG A 132 6.61 6.47 -25.33
N VAL B 1 -11.43 1.17 6.40
CA VAL B 1 -10.28 0.30 6.79
C VAL B 1 -9.79 0.60 8.23
N ILE B 3 -7.61 2.13 10.33
CA ILE B 3 -6.58 3.18 10.25
C ILE B 3 -6.03 3.54 11.64
N ILE B 4 -4.70 3.52 11.74
CA ILE B 4 -3.93 4.27 12.73
C ILE B 4 -3.16 5.34 11.94
N TYR B 5 -3.32 6.61 12.31
CA TYR B 5 -2.69 7.74 11.64
C TYR B 5 -2.01 8.63 12.68
N ASN B 7 0.49 11.88 13.37
CA ASN B 7 0.71 13.17 12.71
C ASN B 7 2.20 13.51 12.61
N ARG B 8 2.67 13.83 11.41
CA ARG B 8 3.99 14.48 11.22
C ARG B 8 3.90 15.94 11.68
N THR B 10 4.34 17.12 14.44
CA THR B 10 3.83 17.20 15.82
C THR B 10 4.04 15.93 16.65
N LYS B 12 1.74 13.79 17.60
CA LYS B 12 0.42 13.34 18.10
C LYS B 12 -0.16 12.24 17.19
N CYS B 13 -1.20 11.52 17.61
CA CYS B 13 -1.74 10.40 16.83
C CYS B 13 -3.26 10.18 17.00
N TYR B 16 -8.30 6.72 12.95
CA TYR B 16 -9.40 7.25 12.12
C TYR B 16 -10.04 6.09 11.36
N VAL A 1 -15.65 -1.74 23.00
CA VAL A 1 -14.89 -2.97 22.63
C VAL A 1 -14.95 -3.10 21.12
N THR A 2 -13.89 -3.63 20.50
CA THR A 2 -13.71 -3.76 19.04
C THR A 2 -13.01 -5.09 18.73
N GLY A 3 -13.15 -5.60 17.50
CA GLY A 3 -12.51 -6.82 17.03
C GLY A 3 -12.86 -7.08 15.57
N ASP A 4 -11.87 -7.51 14.79
CA ASP A 4 -11.90 -7.43 13.32
C ASP A 4 -11.27 -8.69 12.69
N THR A 5 -11.42 -8.86 11.36
CA THR A 5 -10.68 -9.84 10.55
C THR A 5 -9.20 -9.47 10.33
N ASP A 6 -8.81 -8.27 10.74
CA ASP A 6 -7.83 -7.46 10.03
C ASP A 6 -6.65 -7.03 10.91
N GLN A 7 -5.67 -6.35 10.30
CA GLN A 7 -4.45 -5.92 10.98
C GLN A 7 -4.25 -4.40 10.81
N PRO A 8 -3.76 -3.67 11.83
CA PRO A 8 -3.87 -2.22 11.89
C PRO A 8 -2.92 -1.53 10.91
N ILE A 9 -3.48 -0.99 9.81
CA ILE A 9 -2.73 -0.14 8.88
C ILE A 9 -2.36 1.16 9.59
N HIS A 10 -1.10 1.57 9.49
CA HIS A 10 -0.59 2.84 10.01
C HIS A 10 -0.22 3.76 8.86
N ILE A 11 -0.69 5.00 8.89
CA ILE A 11 -0.39 6.05 7.90
C ILE A 11 0.34 7.18 8.62
N GLU A 12 1.45 7.69 8.09
CA GLU A 12 2.11 8.90 8.60
C GLU A 12 2.23 9.98 7.53
N SER A 13 1.77 11.19 7.87
CA SER A 13 1.74 12.37 7.02
C SER A 13 2.50 13.51 7.73
N ASP A 14 3.26 14.35 7.01
CA ASP A 14 4.09 15.39 7.66
C ASP A 14 3.25 16.40 8.45
N GLN A 15 2.05 16.69 7.94
CA GLN A 15 0.88 16.94 8.77
C GLN A 15 -0.31 16.17 8.18
N GLN A 16 -1.27 15.81 9.03
CA GLN A 16 -2.58 15.28 8.64
C GLN A 16 -3.72 16.21 9.10
N SER A 17 -4.94 15.91 8.69
CA SER A 17 -6.19 16.56 9.11
C SER A 17 -7.32 15.53 8.98
N LEU A 18 -8.59 15.96 8.95
CA LEU A 18 -9.72 15.04 8.77
C LEU A 18 -10.84 15.70 7.96
N ASP A 19 -11.20 15.10 6.83
CA ASP A 19 -12.29 15.55 5.97
C ASP A 19 -13.64 15.36 6.69
N MET A 20 -14.33 16.47 6.98
CA MET A 20 -15.46 16.52 7.93
C MET A 20 -16.79 15.95 7.39
N GLN A 21 -16.71 14.86 6.61
CA GLN A 21 -17.80 13.93 6.30
C GLN A 21 -17.45 12.47 6.69
N GLY A 22 -16.23 12.19 7.15
CA GLY A 22 -15.86 11.01 7.96
C GLY A 22 -15.80 9.66 7.25
N ASN A 23 -16.64 9.37 6.24
CA ASN A 23 -16.58 8.11 5.50
C ASN A 23 -15.34 8.02 4.61
N VAL A 24 -14.98 9.12 3.95
CA VAL A 24 -13.81 9.26 3.08
C VAL A 24 -12.92 10.39 3.57
N VAL A 25 -11.61 10.12 3.70
CA VAL A 25 -10.62 11.08 4.22
C VAL A 25 -9.28 10.96 3.48
N THR A 26 -8.45 12.01 3.53
CA THR A 26 -7.18 12.09 2.80
C THR A 26 -5.99 12.53 3.67
N PHE A 27 -4.83 11.92 3.39
CA PHE A 27 -3.54 12.24 4.01
C PHE A 27 -2.53 12.63 2.92
N THR A 28 -1.67 13.61 3.18
CA THR A 28 -0.94 14.35 2.11
C THR A 28 0.33 15.01 2.64
N GLY A 29 1.41 14.93 1.84
CA GLY A 29 2.75 15.39 2.20
C GLY A 29 3.56 14.30 2.89
N ASN A 30 4.57 13.78 2.18
CA ASN A 30 5.55 12.81 2.68
C ASN A 30 4.88 11.55 3.27
N VAL A 31 3.85 11.04 2.58
CA VAL A 31 2.89 10.10 3.17
C VAL A 31 3.45 8.69 3.12
N ILE A 32 3.65 8.10 4.29
CA ILE A 32 3.96 6.68 4.45
C ILE A 32 2.69 5.91 4.79
N VAL A 33 2.54 4.70 4.22
CA VAL A 33 1.54 3.70 4.61
C VAL A 33 2.26 2.41 5.00
N THR A 34 1.91 1.81 6.13
CA THR A 34 2.54 0.58 6.64
C THR A 34 1.52 -0.43 7.17
N LEU A 35 1.80 -1.71 6.95
CA LEU A 35 1.01 -2.85 7.42
C LEU A 35 1.94 -4.05 7.59
N GLY A 36 1.98 -4.68 8.76
CA GLY A 36 2.84 -5.86 9.00
C GLY A 36 4.33 -5.63 8.73
N THR A 37 4.82 -4.41 9.02
CA THR A 37 6.18 -3.92 8.70
C THR A 37 6.51 -3.78 7.20
N ILE A 38 5.55 -4.09 6.30
CA ILE A 38 5.56 -3.60 4.91
C ILE A 38 5.34 -2.08 4.95
N LYS A 39 5.94 -1.35 4.00
CA LYS A 39 5.95 0.11 3.91
C LYS A 39 5.76 0.58 2.46
N ILE A 40 5.04 1.67 2.26
CA ILE A 40 4.70 2.30 0.98
C ILE A 40 4.86 3.82 1.11
N ASN A 41 5.24 4.53 0.05
CA ASN A 41 5.36 6.00 0.00
C ASN A 41 4.40 6.66 -0.99
N ALA A 42 3.93 7.88 -0.72
CA ALA A 42 3.06 8.69 -1.56
C ALA A 42 3.16 10.21 -1.31
N ASP A 43 2.73 11.02 -2.29
CA ASP A 43 2.39 12.44 -2.14
C ASP A 43 1.03 12.61 -1.45
N LYS A 44 0.03 11.82 -1.87
CA LYS A 44 -1.34 11.79 -1.32
C LYS A 44 -1.85 10.35 -1.21
N VAL A 45 -2.62 10.10 -0.15
CA VAL A 45 -3.39 8.87 0.11
C VAL A 45 -4.86 9.24 0.41
N VAL A 46 -5.80 8.39 0.04
CA VAL A 46 -7.24 8.49 0.30
C VAL A 46 -7.75 7.13 0.79
N VAL A 47 -8.64 7.12 1.78
CA VAL A 47 -9.28 5.90 2.32
C VAL A 47 -10.80 6.08 2.44
N THR A 48 -11.59 5.06 2.08
CA THR A 48 -13.06 5.11 2.04
C THR A 48 -13.71 3.73 2.23
N ARG A 49 -15.02 3.68 2.52
CA ARG A 49 -15.84 2.44 2.41
C ARG A 49 -16.60 2.47 1.06
N PRO A 50 -16.21 1.66 0.06
CA PRO A 50 -16.58 1.93 -1.34
C PRO A 50 -18.05 1.67 -1.64
N GLY A 51 -18.61 0.55 -1.17
CA GLY A 51 -20.04 0.27 -1.22
C GLY A 51 -20.81 0.81 0.00
N GLY A 52 -20.24 1.75 0.77
CA GLY A 52 -20.74 2.09 2.11
C GLY A 52 -20.64 0.93 3.12
N GLU A 53 -19.79 -0.06 2.83
CA GLU A 53 -19.76 -1.37 3.47
C GLU A 53 -19.41 -1.28 4.96
N GLN A 54 -20.33 -1.72 5.84
CA GLN A 54 -20.16 -1.73 7.30
C GLN A 54 -19.26 -2.91 7.76
N GLY A 55 -18.05 -2.98 7.21
CA GLY A 55 -17.12 -4.10 7.36
C GLY A 55 -16.04 -4.24 6.26
N LYS A 56 -16.02 -3.35 5.25
CA LYS A 56 -14.98 -3.30 4.21
C LYS A 56 -14.60 -1.86 3.88
N GLU A 57 -13.39 -1.69 3.34
CA GLU A 57 -12.82 -0.39 2.97
C GLU A 57 -11.91 -0.55 1.76
N VAL A 58 -11.45 0.57 1.19
CA VAL A 58 -10.33 0.64 0.24
C VAL A 58 -9.44 1.83 0.55
N ILE A 59 -8.15 1.68 0.24
CA ILE A 59 -7.13 2.73 0.26
C ILE A 59 -6.54 2.85 -1.15
N ASP A 60 -6.25 4.07 -1.60
CA ASP A 60 -5.33 4.29 -2.72
C ASP A 60 -4.49 5.56 -2.49
N GLY A 61 -3.42 5.71 -3.27
CA GLY A 61 -2.52 6.85 -3.20
C GLY A 61 -1.53 6.87 -4.36
N TYR A 62 -0.86 8.00 -4.54
CA TYR A 62 0.13 8.20 -5.61
C TYR A 62 1.27 9.10 -5.15
N GLY A 63 2.42 9.05 -5.83
CA GLY A 63 3.56 9.89 -5.47
C GLY A 63 4.73 9.92 -6.48
N LYS A 64 5.68 10.83 -6.23
CA LYS A 64 6.79 11.18 -7.14
C LYS A 64 8.17 11.10 -6.44
N PRO A 65 8.79 9.91 -6.29
CA PRO A 65 8.24 8.59 -6.58
C PRO A 65 7.39 8.07 -5.40
N ALA A 66 6.35 7.30 -5.73
CA ALA A 66 5.76 6.35 -4.80
C ALA A 66 6.60 5.05 -4.80
N THR A 67 6.84 4.53 -3.60
CA THR A 67 7.82 3.46 -3.34
C THR A 67 7.19 2.32 -2.55
N PHE A 68 7.78 1.13 -2.61
CA PHE A 68 7.30 -0.07 -1.93
C PHE A 68 8.46 -0.80 -1.26
N TYR A 69 8.21 -1.33 -0.06
CA TYR A 69 9.20 -1.92 0.81
C TYR A 69 8.57 -3.07 1.61
N GLN A 70 9.00 -4.29 1.36
CA GLN A 70 8.70 -5.49 2.13
C GLN A 70 10.02 -6.12 2.58
N MET A 71 9.96 -7.17 3.40
CA MET A 71 11.13 -7.94 3.82
C MET A 71 10.83 -9.44 3.81
N GLN A 72 11.88 -10.26 3.73
CA GLN A 72 11.86 -11.65 4.21
C GLN A 72 12.14 -11.68 5.71
N ASP A 73 11.47 -12.59 6.43
CA ASP A 73 11.82 -12.95 7.81
C ASP A 73 13.25 -13.54 7.93
N ASN A 74 13.75 -14.09 6.81
CA ASN A 74 15.15 -14.49 6.59
C ASN A 74 16.17 -13.31 6.60
N GLY A 75 15.78 -12.12 7.07
CA GLY A 75 16.62 -10.92 7.20
C GLY A 75 17.02 -10.28 5.86
N LYS A 76 16.08 -10.11 4.91
CA LYS A 76 16.40 -9.59 3.55
C LYS A 76 15.38 -8.54 3.06
N PRO A 77 15.81 -7.49 2.33
CA PRO A 77 14.90 -6.50 1.75
C PRO A 77 14.15 -7.04 0.52
N VAL A 78 12.94 -6.53 0.28
CA VAL A 78 12.06 -6.85 -0.85
C VAL A 78 11.46 -5.54 -1.37
N GLU A 79 12.28 -4.74 -2.05
CA GLU A 79 12.05 -3.30 -2.29
C GLU A 79 11.84 -2.94 -3.77
N GLY A 80 11.13 -1.83 -4.00
CA GLY A 80 10.77 -1.35 -5.33
C GLY A 80 10.07 0.02 -5.38
N HIS A 81 9.57 0.38 -6.56
CA HIS A 81 8.78 1.59 -6.83
C HIS A 81 7.50 1.25 -7.59
N ALA A 82 6.46 2.08 -7.47
CA ALA A 82 5.22 2.06 -8.26
C ALA A 82 4.49 3.39 -8.06
N SER A 83 3.97 4.03 -9.11
CA SER A 83 3.34 5.36 -8.99
C SER A 83 2.00 5.38 -8.26
N GLN A 84 1.29 4.25 -8.15
CA GLN A 84 -0.03 4.10 -7.53
C GLN A 84 -0.16 2.74 -6.80
N MET A 85 -1.08 2.60 -5.82
CA MET A 85 -1.00 1.55 -4.78
C MET A 85 -2.32 0.87 -4.32
N HIS A 86 -3.42 0.98 -5.08
CA HIS A 86 -4.78 0.67 -4.61
C HIS A 86 -4.93 -0.69 -3.89
N TYR A 87 -5.61 -0.69 -2.74
CA TYR A 87 -5.73 -1.80 -1.79
C TYR A 87 -7.17 -1.90 -1.23
N GLU A 88 -7.53 -3.09 -0.73
CA GLU A 88 -8.82 -3.43 -0.08
C GLU A 88 -8.49 -4.35 1.09
N LEU A 89 -8.47 -3.87 2.34
CA LEU A 89 -7.49 -4.40 3.31
C LEU A 89 -7.69 -5.84 3.80
N ALA A 90 -8.92 -6.36 3.74
CA ALA A 90 -9.25 -7.74 4.11
C ALA A 90 -8.94 -8.76 2.99
N LYS A 91 -8.47 -8.28 1.83
CA LYS A 91 -8.81 -8.85 0.52
C LYS A 91 -7.59 -9.09 -0.37
N ASP A 92 -6.67 -9.91 0.15
CA ASP A 92 -5.62 -10.69 -0.55
C ASP A 92 -4.47 -9.94 -1.24
N PHE A 93 -4.74 -8.80 -1.86
CA PHE A 93 -4.06 -8.35 -3.09
C PHE A 93 -3.94 -6.83 -3.19
N VAL A 94 -2.95 -6.35 -3.95
CA VAL A 94 -2.66 -4.91 -4.13
C VAL A 94 -2.42 -4.54 -5.60
N VAL A 95 -2.78 -3.31 -5.96
CA VAL A 95 -2.53 -2.68 -7.26
C VAL A 95 -1.37 -1.68 -7.14
N LEU A 96 -0.19 -2.22 -6.87
CA LEU A 96 1.08 -1.52 -7.11
C LEU A 96 1.23 -1.40 -8.63
N THR A 97 0.93 -0.22 -9.19
CA THR A 97 0.86 0.05 -10.63
C THR A 97 1.42 1.42 -10.98
N GLY A 98 1.55 1.74 -12.26
CA GLY A 98 2.33 2.89 -12.72
C GLY A 98 3.81 2.57 -12.71
N ASN A 99 4.23 1.83 -13.74
CA ASN A 99 5.60 1.41 -14.04
C ASN A 99 6.28 0.71 -12.84
N ALA A 100 5.53 -0.17 -12.17
CA ALA A 100 5.94 -0.84 -10.95
C ALA A 100 7.16 -1.75 -11.16
N TYR A 101 8.19 -1.54 -10.34
CA TYR A 101 9.52 -2.13 -10.48
C TYR A 101 10.09 -2.55 -9.12
N LEU A 102 10.29 -3.85 -8.90
CA LEU A 102 10.80 -4.46 -7.65
C LEU A 102 11.89 -5.49 -8.02
N GLN A 103 12.75 -5.88 -7.08
CA GLN A 103 13.75 -6.92 -7.35
C GLN A 103 14.09 -7.82 -6.16
N GLN A 104 14.55 -9.02 -6.47
CA GLN A 104 14.96 -10.06 -5.53
C GLN A 104 15.96 -11.00 -6.23
N VAL A 105 16.59 -11.91 -5.48
CA VAL A 105 17.66 -12.80 -6.00
C VAL A 105 17.16 -13.73 -7.13
N ASP A 106 15.92 -14.21 -7.01
CA ASP A 106 15.14 -14.83 -8.09
C ASP A 106 14.15 -13.82 -8.70
N SER A 107 13.32 -13.24 -7.82
CA SER A 107 12.01 -12.68 -8.18
C SER A 107 12.12 -11.28 -8.77
N ASN A 108 12.60 -11.22 -10.00
CA ASN A 108 12.81 -10.03 -10.82
C ASN A 108 11.48 -9.41 -11.31
N ILE A 109 10.56 -9.10 -10.40
CA ILE A 109 9.17 -8.73 -10.71
C ILE A 109 8.99 -7.24 -11.01
N LYS A 110 8.55 -6.94 -12.24
CA LYS A 110 8.24 -5.61 -12.76
C LYS A 110 7.24 -5.69 -13.90
N GLY A 111 6.59 -4.56 -14.21
CA GLY A 111 5.60 -4.40 -15.29
C GLY A 111 5.13 -2.94 -15.36
N ASP A 112 3.88 -2.69 -15.76
CA ASP A 112 3.18 -1.51 -15.20
C ASP A 112 2.62 -1.82 -13.82
N LYS A 113 1.89 -2.94 -13.69
CA LYS A 113 1.46 -3.52 -12.43
C LYS A 113 2.42 -4.64 -11.99
N ILE A 114 2.71 -4.73 -10.69
CA ILE A 114 3.26 -5.95 -10.06
C ILE A 114 2.13 -6.77 -9.44
N THR A 115 2.20 -8.10 -9.61
CA THR A 115 1.22 -9.05 -9.07
C THR A 115 1.93 -10.10 -8.19
N TYR A 116 1.56 -10.04 -6.91
CA TYR A 116 2.03 -10.84 -5.79
C TYR A 116 0.88 -10.89 -4.75
N LEU A 117 0.85 -11.89 -3.88
CA LEU A 117 -0.24 -12.16 -2.94
C LEU A 117 0.29 -12.46 -1.53
N VAL A 118 -0.52 -12.18 -0.50
CA VAL A 118 -0.22 -12.60 0.90
C VAL A 118 -0.12 -14.13 1.04
N LYS A 119 -0.74 -14.87 0.12
CA LYS A 119 -0.61 -16.33 -0.08
C LYS A 119 -0.21 -16.63 -1.53
N GLU A 120 1.00 -16.16 -1.88
CA GLU A 120 1.65 -16.36 -3.18
C GLU A 120 2.10 -17.82 -3.41
N GLN A 121 2.01 -18.25 -4.67
CA GLN A 121 2.62 -19.48 -5.20
C GLN A 121 2.91 -19.46 -6.72
N LYS A 122 2.58 -18.40 -7.47
CA LYS A 122 2.77 -18.32 -8.94
C LYS A 122 2.89 -16.88 -9.49
N MET A 123 3.79 -16.08 -8.92
CA MET A 123 4.17 -14.74 -9.40
C MET A 123 4.73 -14.73 -10.84
N GLN A 124 4.84 -13.54 -11.44
CA GLN A 124 5.37 -13.33 -12.79
C GLN A 124 5.92 -11.91 -12.98
N ALA A 125 6.66 -11.70 -14.07
CA ALA A 125 7.28 -10.42 -14.46
C ALA A 125 7.12 -10.15 -15.97
N PHE A 126 7.33 -8.89 -16.37
CA PHE A 126 7.56 -8.50 -17.76
C PHE A 126 9.06 -8.34 -18.03
N SER A 127 9.50 -8.74 -19.23
CA SER A 127 10.84 -8.50 -19.76
C SER A 127 10.78 -8.50 -21.30
N ASP A 128 11.67 -7.74 -21.96
CA ASP A 128 11.55 -7.41 -23.38
C ASP A 128 12.92 -7.34 -24.10
N LYS A 129 12.90 -7.47 -25.43
CA LYS A 129 14.06 -7.42 -26.35
C LYS A 129 14.55 -5.99 -26.63
N GLY A 130 15.83 -5.85 -26.99
CA GLY A 130 16.47 -4.56 -27.33
C GLY A 130 17.35 -4.00 -26.22
N LYS A 131 17.54 -2.67 -26.19
CA LYS A 131 18.47 -1.99 -25.27
C LYS A 131 18.12 -2.27 -23.80
N ARG A 132 19.15 -2.36 -22.96
CA ARG A 132 18.96 -2.56 -21.52
C ARG A 132 18.96 -1.25 -20.74
N VAL B 1 -10.67 -3.38 9.19
CA VAL B 1 -11.35 -2.06 9.30
C VAL B 1 -10.53 -0.94 10.01
N ILE B 3 -7.86 1.85 10.97
CA ILE B 3 -6.88 2.65 10.22
C ILE B 3 -6.28 3.71 11.16
N ILE B 4 -5.00 3.59 11.45
CA ILE B 4 -4.23 4.47 12.33
C ILE B 4 -3.58 5.58 11.48
N TYR B 5 -3.67 6.85 11.91
CA TYR B 5 -3.08 7.99 11.19
C TYR B 5 -2.31 8.96 12.11
N ASN B 7 1.06 11.88 12.78
CA ASN B 7 1.31 13.24 12.29
C ASN B 7 2.74 13.71 12.58
N ARG B 8 3.64 13.92 11.60
CA ARG B 8 5.06 14.22 11.93
C ARG B 8 5.26 15.54 12.65
N THR B 10 3.73 16.69 15.07
CA THR B 10 3.59 16.48 16.53
C THR B 10 4.12 15.11 17.01
N LYS B 12 2.44 12.57 17.04
CA LYS B 12 1.26 11.98 17.72
C LYS B 12 0.15 11.60 16.74
N CYS B 13 -0.84 10.85 17.22
CA CYS B 13 -1.65 9.97 16.37
C CYS B 13 -3.17 10.01 16.60
N TYR B 16 -9.28 5.58 12.83
CA TYR B 16 -10.49 4.75 12.88
C TYR B 16 -10.17 3.54 13.77
N VAL A 1 -1.74 -6.58 18.50
CA VAL A 1 -0.72 -5.87 19.32
C VAL A 1 0.08 -6.76 20.27
N THR A 2 -0.54 -7.64 21.05
CA THR A 2 0.11 -8.43 22.12
C THR A 2 -0.31 -9.91 22.16
N GLY A 3 -1.52 -10.25 21.68
CA GLY A 3 -2.12 -11.59 21.72
C GLY A 3 -3.38 -11.67 20.87
N ASP A 4 -3.33 -11.07 19.68
CA ASP A 4 -4.49 -10.69 18.85
C ASP A 4 -4.50 -11.48 17.52
N THR A 5 -5.62 -11.39 16.79
CA THR A 5 -5.67 -11.58 15.34
C THR A 5 -5.10 -10.40 14.53
N ASP A 6 -4.88 -9.24 15.18
CA ASP A 6 -4.78 -7.94 14.52
C ASP A 6 -3.47 -7.17 14.80
N GLN A 7 -3.05 -6.44 13.77
CA GLN A 7 -2.09 -5.33 13.82
C GLN A 7 -2.65 -4.16 12.98
N PRO A 8 -2.45 -2.90 13.39
CA PRO A 8 -3.04 -1.75 12.70
C PRO A 8 -2.29 -1.38 11.41
N ILE A 9 -2.92 -0.50 10.63
CA ILE A 9 -2.24 0.33 9.64
C ILE A 9 -1.69 1.57 10.36
N HIS A 10 -0.50 2.04 9.98
CA HIS A 10 0.12 3.26 10.48
C HIS A 10 0.45 4.20 9.32
N ILE A 11 0.32 5.51 9.55
CA ILE A 11 0.68 6.56 8.57
C ILE A 11 1.29 7.75 9.32
N GLU A 12 2.43 8.28 8.87
CA GLU A 12 2.79 9.69 9.14
C GLU A 12 2.59 10.54 7.87
N SER A 13 1.85 11.65 8.03
CA SER A 13 1.49 12.61 6.98
C SER A 13 1.71 14.04 7.47
N ASP A 14 2.21 14.97 6.65
CA ASP A 14 2.43 16.35 7.13
C ASP A 14 1.17 17.21 7.13
N GLN A 15 0.37 17.09 6.08
CA GLN A 15 -0.96 17.71 5.98
C GLN A 15 -2.01 16.64 5.67
N GLN A 16 -3.24 16.87 6.10
CA GLN A 16 -4.40 16.07 5.73
C GLN A 16 -5.69 16.90 5.72
N SER A 17 -6.79 16.30 5.26
CA SER A 17 -8.13 16.61 5.79
C SER A 17 -8.55 15.59 6.84
N LEU A 18 -9.35 16.02 7.82
CA LEU A 18 -10.07 15.16 8.76
C LEU A 18 -11.48 15.74 8.98
N ASP A 19 -12.34 15.48 8.02
CA ASP A 19 -13.71 15.96 7.98
C ASP A 19 -14.54 15.32 9.11
N MET A 20 -15.31 16.13 9.85
CA MET A 20 -16.10 15.66 11.01
C MET A 20 -17.24 14.67 10.68
N GLN A 21 -17.41 14.33 9.40
CA GLN A 21 -18.25 13.22 8.94
C GLN A 21 -17.63 11.83 9.22
N GLY A 22 -16.31 11.75 9.48
CA GLY A 22 -15.62 10.53 9.92
C GLY A 22 -15.57 9.37 8.91
N ASN A 23 -15.87 9.64 7.64
CA ASN A 23 -16.04 8.60 6.61
C ASN A 23 -14.84 8.48 5.65
N VAL A 24 -14.30 9.62 5.22
CA VAL A 24 -13.19 9.75 4.25
C VAL A 24 -12.13 10.72 4.78
N VAL A 25 -10.92 10.66 4.21
CA VAL A 25 -9.80 11.57 4.48
C VAL A 25 -8.98 11.80 3.20
N THR A 26 -7.98 12.67 3.24
CA THR A 26 -6.85 12.68 2.29
C THR A 26 -5.58 13.10 3.02
N PHE A 27 -4.47 12.38 2.81
CA PHE A 27 -3.15 12.58 3.42
C PHE A 27 -2.11 13.03 2.37
N THR A 28 -1.19 13.93 2.73
CA THR A 28 -0.07 14.42 1.89
C THR A 28 1.15 14.93 2.69
N GLY A 29 2.31 15.12 2.04
CA GLY A 29 3.55 15.63 2.63
C GLY A 29 4.69 14.61 2.69
N ASN A 30 4.91 13.89 1.58
CA ASN A 30 5.71 12.66 1.45
C ASN A 30 5.41 11.65 2.56
N VAL A 31 4.18 11.16 2.56
CA VAL A 31 3.60 10.34 3.63
C VAL A 31 4.26 8.97 3.69
N ILE A 32 4.46 8.46 4.90
CA ILE A 32 5.03 7.13 5.14
C ILE A 32 3.95 6.24 5.74
N VAL A 33 3.49 5.26 4.96
CA VAL A 33 2.54 4.22 5.35
C VAL A 33 3.31 3.01 5.88
N THR A 34 2.79 2.29 6.87
CA THR A 34 3.36 1.03 7.38
C THR A 34 2.24 0.12 7.88
N LEU A 35 2.30 -1.18 7.57
CA LEU A 35 1.28 -2.15 7.96
C LEU A 35 1.87 -3.55 8.08
N GLY A 36 1.56 -4.28 9.16
CA GLY A 36 2.08 -5.62 9.43
C GLY A 36 3.61 -5.67 9.55
N THR A 37 4.31 -5.86 8.42
CA THR A 37 5.78 -5.74 8.29
C THR A 37 6.18 -5.18 6.91
N ILE A 38 5.30 -4.32 6.36
CA ILE A 38 5.39 -3.65 5.06
C ILE A 38 5.48 -2.14 5.29
N LYS A 39 6.21 -1.39 4.45
CA LYS A 39 6.31 0.08 4.48
C LYS A 39 6.23 0.66 3.07
N ILE A 40 5.59 1.83 2.91
CA ILE A 40 5.40 2.49 1.62
C ILE A 40 5.57 4.01 1.75
N ASN A 41 6.22 4.64 0.77
CA ASN A 41 6.36 6.08 0.59
C ASN A 41 5.37 6.55 -0.48
N ALA A 42 4.51 7.53 -0.15
CA ALA A 42 3.49 8.08 -1.03
C ALA A 42 3.37 9.61 -0.84
N ASP A 43 2.49 10.29 -1.58
CA ASP A 43 2.22 11.73 -1.35
C ASP A 43 0.75 12.15 -1.55
N LYS A 44 -0.11 11.23 -2.00
CA LYS A 44 -1.56 11.27 -1.79
C LYS A 44 -1.99 9.90 -1.28
N VAL A 45 -2.69 9.84 -0.14
CA VAL A 45 -3.31 8.60 0.37
C VAL A 45 -4.73 8.88 0.89
N VAL A 46 -5.66 7.97 0.60
CA VAL A 46 -7.11 8.04 0.84
C VAL A 46 -7.63 6.65 1.25
N VAL A 47 -8.68 6.62 2.07
CA VAL A 47 -9.46 5.42 2.41
C VAL A 47 -10.93 5.81 2.58
N THR A 48 -11.85 4.90 2.27
CA THR A 48 -13.31 5.11 2.35
C THR A 48 -13.95 4.01 3.20
N ARG A 49 -14.58 4.38 4.32
CA ARG A 49 -15.28 3.44 5.22
C ARG A 49 -16.75 3.28 4.77
N PRO A 50 -17.30 2.05 4.68
CA PRO A 50 -18.65 1.84 4.14
C PRO A 50 -19.76 2.33 5.08
N GLY A 51 -20.19 3.57 4.90
CA GLY A 51 -21.27 4.21 5.67
C GLY A 51 -22.66 3.80 5.20
N GLY A 52 -22.93 2.49 5.12
CA GLY A 52 -24.05 1.92 4.36
C GLY A 52 -23.75 1.71 2.86
N GLU A 53 -22.53 2.04 2.44
CA GLU A 53 -21.92 1.58 1.17
C GLU A 53 -21.79 0.04 1.17
N GLN A 54 -21.88 -0.59 0.00
CA GLN A 54 -21.95 -2.04 -0.19
C GLN A 54 -20.96 -2.58 -1.25
N GLY A 55 -20.17 -1.70 -1.87
CA GLY A 55 -19.19 -2.04 -2.91
C GLY A 55 -17.91 -2.69 -2.37
N LYS A 56 -16.94 -1.89 -1.90
CA LYS A 56 -15.57 -2.36 -1.64
C LYS A 56 -14.77 -1.44 -0.71
N GLU A 57 -13.96 -2.03 0.18
CA GLU A 57 -13.05 -1.29 1.07
C GLU A 57 -11.63 -1.25 0.50
N VAL A 58 -11.06 -0.05 0.37
CA VAL A 58 -9.86 0.23 -0.43
C VAL A 58 -8.95 1.25 0.23
N ILE A 59 -7.63 1.06 0.13
CA ILE A 59 -6.62 2.14 0.25
C ILE A 59 -6.24 2.60 -1.16
N ASP A 60 -6.35 3.89 -1.41
CA ASP A 60 -6.14 4.60 -2.68
C ASP A 60 -5.00 5.61 -2.53
N GLY A 61 -4.07 5.70 -3.50
CA GLY A 61 -2.98 6.67 -3.43
C GLY A 61 -2.10 6.82 -4.67
N TYR A 62 -1.14 7.73 -4.58
CA TYR A 62 0.01 7.85 -5.50
C TYR A 62 1.26 8.34 -4.75
N GLY A 63 2.45 8.15 -5.33
CA GLY A 63 3.72 8.61 -4.76
C GLY A 63 4.58 9.40 -5.75
N LYS A 64 5.21 10.47 -5.25
CA LYS A 64 6.09 11.39 -5.99
C LYS A 64 7.21 11.96 -5.08
N PRO A 65 8.20 11.15 -4.66
CA PRO A 65 8.51 9.78 -5.11
C PRO A 65 7.59 8.70 -4.52
N ALA A 66 7.59 7.52 -5.15
CA ALA A 66 6.94 6.30 -4.68
C ALA A 66 8.01 5.24 -4.38
N THR A 67 8.00 4.63 -3.20
CA THR A 67 8.84 3.46 -2.88
C THR A 67 8.10 2.49 -1.94
N PHE A 68 8.48 1.22 -1.99
CA PHE A 68 7.89 0.10 -1.25
C PHE A 68 9.00 -0.71 -0.58
N TYR A 69 8.75 -1.19 0.64
CA TYR A 69 9.64 -2.08 1.38
C TYR A 69 8.85 -3.18 2.11
N GLN A 70 9.44 -4.38 2.16
CA GLN A 70 8.96 -5.54 2.91
C GLN A 70 10.18 -6.38 3.36
N MET A 71 10.00 -7.28 4.31
CA MET A 71 10.96 -8.34 4.63
C MET A 71 10.31 -9.72 4.58
N GLN A 72 11.10 -10.74 4.25
CA GLN A 72 10.66 -12.12 4.03
C GLN A 72 10.95 -13.00 5.25
N ASP A 73 10.08 -13.99 5.46
CA ASP A 73 10.18 -15.11 6.43
C ASP A 73 11.64 -15.61 6.65
N ASN A 74 12.25 -16.15 5.60
CA ASN A 74 13.61 -16.72 5.62
C ASN A 74 14.72 -15.65 5.48
N GLY A 75 14.45 -14.41 5.91
CA GLY A 75 15.44 -13.36 6.10
C GLY A 75 16.00 -12.77 4.80
N LYS A 76 15.15 -12.29 3.89
CA LYS A 76 15.55 -11.41 2.76
C LYS A 76 14.83 -10.05 2.88
N PRO A 77 15.43 -8.93 2.42
CA PRO A 77 14.71 -7.68 2.19
C PRO A 77 13.87 -7.76 0.90
N VAL A 78 13.00 -6.77 0.70
CA VAL A 78 12.23 -6.53 -0.53
C VAL A 78 12.16 -5.02 -0.74
N GLU A 79 12.35 -4.56 -1.99
CA GLU A 79 12.27 -3.14 -2.37
C GLU A 79 11.40 -3.00 -3.63
N GLY A 80 10.78 -1.85 -3.88
CA GLY A 80 10.10 -1.62 -5.16
C GLY A 80 9.50 -0.23 -5.34
N HIS A 81 8.82 -0.03 -6.47
CA HIS A 81 8.00 1.15 -6.77
C HIS A 81 6.89 0.84 -7.78
N ALA A 82 5.85 1.68 -7.79
CA ALA A 82 4.90 1.93 -8.87
C ALA A 82 4.30 3.32 -8.62
N SER A 83 3.82 4.04 -9.63
CA SER A 83 3.35 5.43 -9.43
C SER A 83 2.05 5.53 -8.63
N GLN A 84 1.19 4.51 -8.67
CA GLN A 84 -0.10 4.47 -7.98
C GLN A 84 -0.11 3.48 -6.79
N MET A 85 -1.16 3.56 -5.98
CA MET A 85 -1.60 2.50 -5.07
C MET A 85 -3.11 2.27 -5.17
N HIS A 86 -3.51 1.01 -5.32
CA HIS A 86 -4.86 0.53 -5.00
C HIS A 86 -4.73 -0.81 -4.27
N TYR A 87 -5.01 -0.83 -2.96
CA TYR A 87 -5.05 -2.04 -2.14
C TYR A 87 -6.49 -2.40 -1.75
N GLU A 88 -6.89 -3.61 -2.09
CA GLU A 88 -8.22 -4.19 -1.90
C GLU A 88 -8.33 -4.81 -0.50
N LEU A 89 -8.47 -3.99 0.55
CA LEU A 89 -8.46 -4.47 1.94
C LEU A 89 -9.63 -5.44 2.23
N ALA A 90 -10.73 -5.35 1.48
CA ALA A 90 -11.85 -6.29 1.52
C ALA A 90 -11.53 -7.71 0.98
N LYS A 91 -10.37 -7.93 0.34
CA LYS A 91 -9.99 -9.22 -0.27
C LYS A 91 -8.53 -9.65 -0.05
N ASP A 92 -7.63 -8.72 0.25
CA ASP A 92 -6.16 -8.84 0.09
C ASP A 92 -5.72 -9.02 -1.38
N PHE A 93 -5.56 -7.91 -2.09
CA PHE A 93 -4.92 -7.84 -3.41
C PHE A 93 -4.44 -6.40 -3.69
N VAL A 94 -3.41 -6.22 -4.53
CA VAL A 94 -2.87 -4.89 -4.84
C VAL A 94 -2.65 -4.69 -6.34
N VAL A 95 -3.04 -3.51 -6.84
CA VAL A 95 -2.91 -3.12 -8.25
C VAL A 95 -1.91 -1.98 -8.35
N LEU A 96 -0.65 -2.33 -8.65
CA LEU A 96 0.49 -1.43 -8.69
C LEU A 96 0.93 -1.22 -10.15
N THR A 97 0.08 -0.56 -10.92
CA THR A 97 0.30 -0.27 -12.34
C THR A 97 0.90 1.11 -12.56
N GLY A 98 1.57 1.32 -13.70
CA GLY A 98 2.34 2.52 -13.98
C GLY A 98 3.74 2.44 -13.38
N ASN A 99 4.75 2.30 -14.25
CA ASN A 99 6.17 2.51 -13.92
C ASN A 99 6.67 1.62 -12.75
N ALA A 100 6.53 0.30 -12.89
CA ALA A 100 6.58 -0.65 -11.78
C ALA A 100 7.86 -1.50 -11.71
N TYR A 101 8.40 -1.72 -10.49
CA TYR A 101 9.63 -2.49 -10.23
C TYR A 101 9.59 -3.20 -8.87
N LEU A 102 10.09 -4.45 -8.81
CA LEU A 102 10.26 -5.25 -7.60
C LEU A 102 11.68 -5.85 -7.52
N GLN A 103 12.37 -5.61 -6.41
CA GLN A 103 13.67 -6.17 -6.09
C GLN A 103 13.48 -7.47 -5.28
N GLN A 104 13.74 -8.61 -5.92
CA GLN A 104 13.72 -9.93 -5.29
C GLN A 104 14.51 -10.94 -6.13
N VAL A 105 14.93 -12.05 -5.50
CA VAL A 105 15.79 -13.07 -6.15
C VAL A 105 15.04 -13.88 -7.21
N ASP A 106 13.73 -14.07 -7.06
CA ASP A 106 12.89 -14.85 -7.99
C ASP A 106 11.73 -14.00 -8.54
N SER A 107 10.89 -13.45 -7.66
CA SER A 107 9.83 -12.45 -7.95
C SER A 107 10.37 -11.06 -8.34
N ASN A 108 11.32 -10.99 -9.27
CA ASN A 108 11.98 -9.77 -9.71
C ASN A 108 11.13 -8.90 -10.67
N ILE A 109 9.80 -9.01 -10.61
CA ILE A 109 8.89 -8.48 -11.63
C ILE A 109 9.02 -6.95 -11.81
N LYS A 110 9.07 -6.50 -13.06
CA LYS A 110 9.27 -5.11 -13.46
C LYS A 110 8.62 -4.86 -14.83
N GLY A 111 8.02 -3.70 -15.04
CA GLY A 111 7.18 -3.42 -16.20
C GLY A 111 6.18 -2.29 -15.93
N ASP A 112 4.96 -2.39 -16.48
CA ASP A 112 3.89 -1.39 -16.27
C ASP A 112 2.74 -1.90 -15.37
N LYS A 113 2.86 -3.13 -14.83
CA LYS A 113 1.93 -3.73 -13.87
C LYS A 113 2.63 -4.70 -12.90
N ILE A 114 2.75 -4.29 -11.64
CA ILE A 114 2.90 -5.20 -10.51
C ILE A 114 1.51 -5.58 -9.97
N THR A 115 1.34 -6.87 -9.69
CA THR A 115 0.04 -7.55 -9.66
C THR A 115 0.11 -8.82 -8.79
N TYR A 116 0.85 -8.74 -7.67
CA TYR A 116 1.20 -9.85 -6.77
C TYR A 116 0.07 -10.87 -6.59
N LEU A 117 0.37 -12.16 -6.71
CA LEU A 117 -0.59 -13.23 -6.38
C LEU A 117 -0.36 -13.77 -4.97
N VAL A 118 -1.46 -14.00 -4.23
CA VAL A 118 -1.43 -14.23 -2.78
C VAL A 118 -0.76 -15.58 -2.46
N LYS A 119 0.45 -15.51 -1.89
CA LYS A 119 1.49 -16.56 -1.88
C LYS A 119 1.96 -16.93 -3.29
N GLU A 120 3.05 -16.30 -3.74
CA GLU A 120 3.70 -16.55 -5.03
C GLU A 120 4.48 -17.88 -5.08
N GLN A 121 3.76 -19.01 -5.03
CA GLN A 121 4.35 -20.35 -5.18
C GLN A 121 5.17 -20.47 -6.49
N LYS A 122 4.70 -19.78 -7.53
CA LYS A 122 5.51 -19.02 -8.50
C LYS A 122 4.73 -17.76 -8.92
N MET A 123 5.44 -16.81 -9.53
CA MET A 123 4.87 -15.71 -10.32
C MET A 123 5.41 -15.75 -11.76
N GLN A 124 5.11 -14.74 -12.57
CA GLN A 124 5.78 -14.50 -13.85
C GLN A 124 5.87 -12.99 -14.15
N ALA A 125 6.87 -12.57 -14.92
CA ALA A 125 6.99 -11.23 -15.48
C ALA A 125 6.03 -11.02 -16.67
N PHE A 126 4.72 -11.09 -16.40
CA PHE A 126 3.68 -10.85 -17.40
C PHE A 126 3.85 -9.48 -18.06
N SER A 127 3.72 -9.42 -19.40
CA SER A 127 3.91 -8.21 -20.21
C SER A 127 2.71 -7.25 -20.12
N ASP A 128 2.46 -6.76 -18.90
CA ASP A 128 1.19 -6.12 -18.53
C ASP A 128 1.31 -4.70 -17.98
N LYS A 129 0.17 -4.00 -17.93
CA LYS A 129 0.06 -2.54 -17.98
C LYS A 129 -1.14 -1.98 -17.20
N GLY A 130 -1.17 -0.66 -17.00
CA GLY A 130 -2.33 0.07 -16.46
C GLY A 130 -1.97 1.40 -15.80
N LYS A 131 -2.94 2.29 -15.59
CA LYS A 131 -2.76 3.55 -14.83
C LYS A 131 -4.08 4.05 -14.24
N ARG A 132 -4.07 4.42 -12.97
CA ARG A 132 -5.24 4.90 -12.23
C ARG A 132 -4.87 5.72 -11.00
N VAL B 1 -10.80 -2.11 10.17
CA VAL B 1 -9.38 -2.13 10.61
C VAL B 1 -8.84 -0.73 11.00
N ILE B 3 -6.64 2.26 11.10
CA ILE B 3 -5.50 3.15 10.91
C ILE B 3 -5.24 3.84 12.27
N ILE B 4 -3.97 3.98 12.66
CA ILE B 4 -3.51 4.99 13.62
C ILE B 4 -2.54 5.90 12.87
N TYR B 5 -2.96 7.12 12.61
CA TYR B 5 -2.21 8.10 11.82
C TYR B 5 -1.71 9.26 12.68
N ASN B 7 0.43 13.22 12.59
CA ASN B 7 0.69 14.41 11.77
C ASN B 7 2.13 14.92 11.95
N ARG B 8 2.94 14.88 10.89
CA ARG B 8 4.36 15.27 10.90
C ARG B 8 4.57 16.69 11.37
N THR B 10 2.87 18.41 13.60
CA THR B 10 2.40 18.63 14.98
C THR B 10 2.81 17.54 15.98
N LYS B 12 1.27 14.83 16.77
CA LYS B 12 0.08 14.27 17.41
C LYS B 12 -0.72 13.36 16.47
N CYS B 13 -1.57 12.51 17.03
CA CYS B 13 -2.10 11.32 16.34
C CYS B 13 -3.63 11.14 16.50
N TYR B 16 -8.48 6.07 12.89
CA TYR B 16 -9.70 6.06 12.06
C TYR B 16 -10.89 5.49 12.85
N VAL A 1 -8.68 -12.89 23.93
CA VAL A 1 -8.38 -11.98 25.07
C VAL A 1 -7.12 -11.22 24.70
N THR A 2 -5.94 -11.78 24.96
CA THR A 2 -4.81 -11.74 24.02
C THR A 2 -5.24 -12.32 22.66
N GLY A 3 -4.59 -11.92 21.57
CA GLY A 3 -4.86 -12.34 20.20
C GLY A 3 -4.18 -11.41 19.19
N ASP A 4 -4.63 -11.44 17.94
CA ASP A 4 -4.31 -10.45 16.90
C ASP A 4 -5.59 -10.13 16.09
N THR A 5 -5.55 -9.11 15.25
CA THR A 5 -6.70 -8.50 14.56
C THR A 5 -6.32 -8.07 13.14
N ASP A 6 -7.22 -7.42 12.40
CA ASP A 6 -6.89 -6.66 11.19
C ASP A 6 -5.80 -5.63 11.49
N GLN A 7 -4.54 -5.94 11.15
CA GLN A 7 -3.38 -5.23 11.69
C GLN A 7 -3.40 -3.73 11.32
N PRO A 8 -3.10 -2.84 12.29
CA PRO A 8 -3.44 -1.42 12.19
C PRO A 8 -2.58 -0.67 11.17
N ILE A 9 -3.24 0.02 10.24
CA ILE A 9 -2.59 0.85 9.21
C ILE A 9 -2.04 2.11 9.89
N HIS A 10 -0.76 2.40 9.74
CA HIS A 10 -0.13 3.60 10.27
C HIS A 10 0.40 4.48 9.13
N ILE A 11 0.15 5.80 9.22
CA ILE A 11 0.54 6.79 8.22
C ILE A 11 1.23 7.97 8.93
N GLU A 12 2.37 8.45 8.41
CA GLU A 12 2.95 9.76 8.77
C GLU A 12 2.81 10.72 7.58
N SER A 13 2.10 11.84 7.77
CA SER A 13 1.92 12.88 6.74
C SER A 13 2.02 14.30 7.31
N ASP A 14 2.60 15.24 6.56
CA ASP A 14 2.68 16.64 7.04
C ASP A 14 1.36 17.41 6.88
N GLN A 15 0.52 17.00 5.92
CA GLN A 15 -0.82 17.53 5.71
C GLN A 15 -1.85 16.39 5.70
N GLN A 16 -3.06 16.68 6.15
CA GLN A 16 -4.15 15.72 6.34
C GLN A 16 -5.49 16.45 6.33
N SER A 17 -6.54 15.80 5.85
CA SER A 17 -7.90 16.34 5.81
C SER A 17 -8.97 15.24 5.99
N LEU A 18 -10.10 15.63 6.57
CA LEU A 18 -11.22 14.78 6.96
C LEU A 18 -12.52 15.61 7.06
N ASP A 19 -13.65 14.92 7.24
CA ASP A 19 -14.85 15.48 7.85
C ASP A 19 -15.30 14.59 9.03
N MET A 20 -16.11 15.11 9.96
CA MET A 20 -16.32 14.53 11.29
C MET A 20 -17.12 13.20 11.31
N GLN A 21 -17.80 12.84 10.22
CA GLN A 21 -18.36 11.49 10.04
C GLN A 21 -17.30 10.43 9.65
N GLY A 22 -16.09 10.86 9.24
CA GLY A 22 -14.97 9.99 8.90
C GLY A 22 -15.07 9.23 7.59
N ASN A 23 -16.14 9.37 6.79
CA ASN A 23 -16.36 8.55 5.61
C ASN A 23 -15.35 8.76 4.46
N VAL A 24 -14.63 9.89 4.43
CA VAL A 24 -13.45 10.08 3.57
C VAL A 24 -12.40 10.85 4.36
N VAL A 25 -11.15 10.39 4.28
CA VAL A 25 -9.97 11.12 4.80
C VAL A 25 -8.82 11.03 3.79
N THR A 26 -7.90 11.99 3.82
CA THR A 26 -6.82 12.14 2.84
C THR A 26 -5.54 12.70 3.48
N PHE A 27 -4.38 12.26 2.98
CA PHE A 27 -3.06 12.52 3.53
C PHE A 27 -2.12 13.03 2.45
N THR A 28 -1.30 14.06 2.75
CA THR A 28 -0.29 14.59 1.83
C THR A 28 0.83 15.39 2.53
N GLY A 29 1.62 16.17 1.79
CA GLY A 29 2.80 16.88 2.28
C GLY A 29 4.07 16.04 2.24
N ASN A 30 4.11 15.05 1.31
CA ASN A 30 4.97 13.86 1.34
C ASN A 30 4.61 12.95 2.54
N VAL A 31 4.44 11.64 2.31
CA VAL A 31 3.85 10.72 3.30
C VAL A 31 4.53 9.34 3.33
N ILE A 32 4.52 8.70 4.51
CA ILE A 32 4.99 7.33 4.74
C ILE A 32 3.83 6.49 5.28
N VAL A 33 3.76 5.22 4.89
CA VAL A 33 2.77 4.23 5.36
C VAL A 33 3.48 2.99 5.90
N THR A 34 2.92 2.34 6.92
CA THR A 34 3.35 1.03 7.40
C THR A 34 2.15 0.16 7.80
N LEU A 35 2.20 -1.12 7.42
CA LEU A 35 1.14 -2.12 7.58
C LEU A 35 1.82 -3.48 7.81
N GLY A 36 1.81 -4.03 9.03
CA GLY A 36 2.40 -5.36 9.29
C GLY A 36 3.87 -5.50 8.83
N THR A 37 4.67 -4.45 9.03
CA THR A 37 6.03 -4.24 8.48
C THR A 37 6.21 -4.26 6.95
N ILE A 38 5.13 -4.24 6.17
CA ILE A 38 5.11 -3.66 4.82
C ILE A 38 5.26 -2.13 4.95
N LYS A 39 6.08 -1.48 4.11
CA LYS A 39 6.26 -0.01 4.07
C LYS A 39 5.84 0.57 2.72
N ILE A 40 5.35 1.81 2.70
CA ILE A 40 5.13 2.60 1.47
C ILE A 40 5.64 4.04 1.67
N ASN A 41 6.20 4.63 0.62
CA ASN A 41 6.56 6.06 0.51
C ASN A 41 5.72 6.70 -0.61
N ALA A 42 5.05 7.82 -0.36
CA ALA A 42 4.06 8.39 -1.26
C ALA A 42 3.92 9.93 -1.12
N ASP A 43 3.02 10.53 -1.91
CA ASP A 43 2.57 11.93 -1.77
C ASP A 43 1.08 12.05 -1.45
N LYS A 44 0.27 11.07 -1.85
CA LYS A 44 -1.16 11.00 -1.58
C LYS A 44 -1.51 9.64 -1.00
N VAL A 45 -2.31 9.63 0.05
CA VAL A 45 -3.07 8.44 0.49
C VAL A 45 -4.50 8.86 0.84
N VAL A 46 -5.48 8.04 0.48
CA VAL A 46 -6.92 8.25 0.63
C VAL A 46 -7.58 6.96 1.10
N VAL A 47 -8.63 7.05 1.92
CA VAL A 47 -9.53 5.92 2.22
C VAL A 47 -10.98 6.39 2.25
N THR A 48 -11.86 5.59 1.64
CA THR A 48 -13.31 5.85 1.56
C THR A 48 -14.06 4.82 2.42
N ARG A 49 -14.40 5.20 3.65
CA ARG A 49 -14.99 4.34 4.67
C ARG A 49 -16.53 4.38 4.61
N PRO A 50 -17.22 3.27 4.27
CA PRO A 50 -18.68 3.24 4.28
C PRO A 50 -19.24 3.34 5.70
N GLY A 51 -20.45 3.89 5.83
CA GLY A 51 -21.24 3.91 7.06
C GLY A 51 -22.28 2.79 7.11
N GLY A 52 -23.05 2.62 6.04
CA GLY A 52 -24.05 1.56 5.87
C GLY A 52 -24.56 1.39 4.43
N GLU A 53 -23.79 1.83 3.44
CA GLU A 53 -24.20 1.91 2.04
C GLU A 53 -24.02 0.57 1.31
N GLN A 54 -24.64 0.43 0.13
CA GLN A 54 -24.38 -0.67 -0.81
C GLN A 54 -23.05 -0.46 -1.56
N GLY A 55 -21.94 -0.52 -0.82
CA GLY A 55 -20.58 -0.26 -1.29
C GLY A 55 -19.53 -0.96 -0.44
N LYS A 56 -18.26 -0.53 -0.56
CA LYS A 56 -17.11 -1.10 0.16
C LYS A 56 -16.00 -0.07 0.38
N GLU A 57 -14.98 -0.45 1.14
CA GLU A 57 -13.76 0.34 1.33
C GLU A 57 -12.64 -0.02 0.32
N VAL A 58 -11.71 0.92 0.12
CA VAL A 58 -10.40 0.79 -0.56
C VAL A 58 -9.41 1.75 0.11
N ILE A 59 -8.10 1.51 -0.01
CA ILE A 59 -7.07 2.50 0.33
C ILE A 59 -6.25 2.79 -0.92
N ASP A 60 -6.22 4.05 -1.34
CA ASP A 60 -5.73 4.51 -2.64
C ASP A 60 -4.57 5.50 -2.46
N GLY A 61 -3.62 5.55 -3.39
CA GLY A 61 -2.52 6.52 -3.32
C GLY A 61 -1.64 6.66 -4.56
N TYR A 62 -0.80 7.69 -4.55
CA TYR A 62 0.25 7.94 -5.56
C TYR A 62 1.53 8.49 -4.92
N GLY A 63 2.70 8.26 -5.54
CA GLY A 63 4.01 8.63 -4.98
C GLY A 63 4.95 9.37 -5.94
N LYS A 64 5.56 10.46 -5.45
CA LYS A 64 6.56 11.29 -6.15
C LYS A 64 7.77 11.63 -5.25
N PRO A 65 8.79 10.77 -5.12
CA PRO A 65 8.87 9.40 -5.65
C PRO A 65 8.03 8.40 -4.85
N ALA A 66 7.88 7.19 -5.38
CA ALA A 66 7.30 6.05 -4.66
C ALA A 66 8.39 5.08 -4.19
N THR A 67 8.16 4.40 -3.07
CA THR A 67 8.79 3.09 -2.75
C THR A 67 7.80 2.18 -2.02
N PHE A 68 7.98 0.87 -2.15
CA PHE A 68 7.15 -0.18 -1.53
C PHE A 68 8.06 -1.32 -1.05
N TYR A 69 8.00 -1.64 0.25
CA TYR A 69 8.89 -2.61 0.90
C TYR A 69 8.10 -3.73 1.56
N GLN A 70 8.67 -4.94 1.56
CA GLN A 70 8.21 -6.12 2.30
C GLN A 70 9.43 -6.83 2.93
N MET A 71 9.21 -7.69 3.92
CA MET A 71 10.19 -8.71 4.33
C MET A 71 9.64 -10.14 4.15
N GLN A 72 10.56 -11.10 4.08
CA GLN A 72 10.28 -12.53 3.93
C GLN A 72 10.97 -13.30 5.07
N ASP A 73 10.15 -13.97 5.90
CA ASP A 73 10.51 -15.10 6.76
C ASP A 73 11.88 -14.95 7.48
N ASN A 74 12.84 -15.84 7.20
CA ASN A 74 14.18 -15.91 7.80
C ASN A 74 15.12 -14.79 7.27
N GLY A 75 14.69 -13.54 7.41
CA GLY A 75 15.45 -12.34 7.09
C GLY A 75 15.84 -12.19 5.62
N LYS A 76 14.87 -12.05 4.70
CA LYS A 76 15.11 -11.48 3.35
C LYS A 76 14.32 -10.18 3.16
N PRO A 77 14.91 -9.07 2.70
CA PRO A 77 14.19 -7.85 2.36
C PRO A 77 13.62 -7.91 0.92
N VAL A 78 12.62 -7.07 0.64
CA VAL A 78 12.06 -6.86 -0.69
C VAL A 78 11.82 -5.35 -0.86
N GLU A 79 12.21 -4.76 -1.98
CA GLU A 79 11.94 -3.35 -2.32
C GLU A 79 11.37 -3.22 -3.73
N GLY A 80 10.70 -2.10 -3.98
CA GLY A 80 10.09 -1.77 -5.27
C GLY A 80 9.56 -0.34 -5.32
N HIS A 81 8.94 0.02 -6.43
CA HIS A 81 8.19 1.28 -6.57
C HIS A 81 7.11 1.16 -7.64
N ALA A 82 6.07 1.98 -7.52
CA ALA A 82 5.07 2.24 -8.56
C ALA A 82 4.43 3.60 -8.30
N SER A 83 4.20 4.41 -9.33
CA SER A 83 3.70 5.78 -9.16
C SER A 83 2.22 5.85 -8.73
N GLN A 84 1.42 4.82 -9.02
CA GLN A 84 0.06 4.61 -8.51
C GLN A 84 -0.02 3.29 -7.71
N MET A 85 -0.60 3.33 -6.50
CA MET A 85 -0.63 2.20 -5.56
C MET A 85 -1.98 2.12 -4.84
N HIS A 86 -2.56 0.92 -4.79
CA HIS A 86 -3.81 0.64 -4.09
C HIS A 86 -3.64 -0.57 -3.16
N TYR A 87 -4.33 -0.54 -2.02
CA TYR A 87 -4.64 -1.73 -1.22
C TYR A 87 -6.13 -2.02 -1.30
N GLU A 88 -6.47 -3.18 -1.86
CA GLU A 88 -7.85 -3.66 -1.94
C GLU A 88 -8.25 -4.21 -0.56
N LEU A 89 -8.74 -3.33 0.30
CA LEU A 89 -9.10 -3.66 1.68
C LEU A 89 -10.27 -4.67 1.78
N ALA A 90 -11.13 -4.78 0.76
CA ALA A 90 -12.13 -5.84 0.67
C ALA A 90 -11.58 -7.13 0.00
N LYS A 91 -10.40 -7.06 -0.63
CA LYS A 91 -9.76 -8.19 -1.31
C LYS A 91 -8.26 -8.34 -1.06
N ASP A 92 -7.92 -8.25 0.22
CA ASP A 92 -6.71 -8.80 0.88
C ASP A 92 -5.34 -8.22 0.46
N PHE A 93 -5.24 -7.52 -0.69
CA PHE A 93 -3.99 -7.45 -1.46
C PHE A 93 -3.64 -6.07 -2.05
N VAL A 94 -2.38 -5.92 -2.46
CA VAL A 94 -1.86 -4.72 -3.13
C VAL A 94 -2.02 -4.83 -4.66
N VAL A 95 -2.41 -3.73 -5.30
CA VAL A 95 -2.50 -3.59 -6.76
C VAL A 95 -1.78 -2.29 -7.12
N LEU A 96 -0.69 -2.36 -7.88
CA LEU A 96 0.15 -1.20 -8.16
C LEU A 96 0.67 -1.11 -9.60
N THR A 97 0.84 0.12 -10.08
CA THR A 97 0.93 0.42 -11.51
C THR A 97 1.60 1.78 -11.76
N GLY A 98 2.10 1.99 -12.99
CA GLY A 98 2.90 3.16 -13.37
C GLY A 98 4.35 3.01 -12.91
N ASN A 99 5.29 2.98 -13.86
CA ASN A 99 6.74 2.84 -13.62
C ASN A 99 7.12 1.60 -12.77
N ALA A 100 6.28 0.57 -12.74
CA ALA A 100 6.29 -0.38 -11.62
C ALA A 100 7.48 -1.36 -11.67
N TYR A 101 8.03 -1.64 -10.47
CA TYR A 101 9.23 -2.44 -10.24
C TYR A 101 9.16 -3.11 -8.85
N LEU A 102 9.64 -4.34 -8.71
CA LEU A 102 9.78 -5.08 -7.45
C LEU A 102 11.01 -6.01 -7.52
N GLN A 103 11.72 -6.23 -6.40
CA GLN A 103 12.97 -7.00 -6.40
C GLN A 103 13.29 -7.74 -5.08
N GLN A 104 13.79 -8.98 -5.24
CA GLN A 104 14.58 -9.76 -4.27
C GLN A 104 15.99 -10.06 -4.84
N VAL A 105 16.77 -11.02 -4.30
CA VAL A 105 18.16 -11.30 -4.73
C VAL A 105 18.25 -11.66 -6.21
N ASP A 106 17.38 -12.55 -6.68
CA ASP A 106 17.21 -12.92 -8.09
C ASP A 106 15.90 -12.34 -8.68
N SER A 107 14.86 -12.30 -7.85
CA SER A 107 13.46 -12.17 -8.22
C SER A 107 13.08 -10.72 -8.47
N ASN A 108 13.59 -10.15 -9.56
CA ASN A 108 13.22 -8.82 -10.06
C ASN A 108 12.14 -8.90 -11.16
N ILE A 109 11.01 -8.25 -10.91
CA ILE A 109 9.90 -8.10 -11.88
C ILE A 109 9.55 -6.62 -12.08
N LYS A 110 9.25 -6.24 -13.32
CA LYS A 110 9.25 -4.84 -13.79
C LYS A 110 8.40 -4.67 -15.05
N GLY A 111 7.72 -3.54 -15.16
CA GLY A 111 6.69 -3.26 -16.17
C GLY A 111 5.49 -2.57 -15.54
N ASP A 112 4.73 -1.79 -16.30
CA ASP A 112 3.80 -0.77 -15.77
C ASP A 112 2.60 -1.27 -14.93
N LYS A 113 2.40 -2.56 -14.68
CA LYS A 113 1.49 -3.07 -13.63
C LYS A 113 2.03 -4.35 -13.00
N ILE A 114 1.97 -4.48 -11.66
CA ILE A 114 2.52 -5.60 -10.88
C ILE A 114 1.60 -5.92 -9.68
N THR A 115 1.66 -7.16 -9.20
CA THR A 115 1.23 -7.53 -7.83
C THR A 115 2.15 -8.59 -7.23
N TYR A 116 2.09 -8.76 -5.91
CA TYR A 116 2.64 -9.86 -5.13
C TYR A 116 1.68 -10.07 -3.95
N LEU A 117 1.28 -11.31 -3.67
CA LEU A 117 0.17 -11.58 -2.75
C LEU A 117 0.71 -12.15 -1.43
N VAL A 118 0.16 -11.71 -0.30
CA VAL A 118 0.51 -12.25 1.05
C VAL A 118 -0.02 -13.67 1.32
N LYS A 119 -0.38 -14.39 0.25
CA LYS A 119 -0.74 -15.82 0.18
C LYS A 119 0.06 -16.56 -0.91
N GLU A 120 0.63 -15.87 -1.91
CA GLU A 120 1.15 -16.48 -3.14
C GLU A 120 2.17 -15.55 -3.85
N GLN A 121 3.30 -16.09 -4.31
CA GLN A 121 4.28 -15.37 -5.14
C GLN A 121 3.77 -15.19 -6.58
N LYS A 122 2.77 -14.31 -6.76
CA LYS A 122 2.03 -14.05 -8.00
C LYS A 122 2.84 -13.20 -9.01
N MET A 123 4.02 -13.70 -9.35
CA MET A 123 5.22 -13.00 -9.85
C MET A 123 5.12 -12.43 -11.30
N GLN A 124 3.94 -12.00 -11.75
CA GLN A 124 3.76 -11.41 -13.07
C GLN A 124 3.87 -9.88 -13.04
N ALA A 125 4.63 -9.34 -14.00
CA ALA A 125 4.60 -7.93 -14.38
C ALA A 125 4.03 -7.78 -15.80
N PHE A 126 3.36 -6.67 -16.09
CA PHE A 126 2.65 -6.46 -17.34
C PHE A 126 3.12 -5.18 -18.05
N SER A 127 3.29 -5.25 -19.37
CA SER A 127 3.44 -4.10 -20.28
C SER A 127 2.92 -4.46 -21.67
N ASP A 128 2.34 -3.49 -22.34
CA ASP A 128 2.01 -3.45 -23.77
C ASP A 128 3.11 -2.69 -24.55
N LYS A 129 2.79 -2.13 -25.73
CA LYS A 129 3.68 -1.22 -26.49
C LYS A 129 2.95 -0.09 -27.26
N GLY A 130 1.68 0.16 -26.95
CA GLY A 130 0.87 1.29 -27.46
C GLY A 130 0.92 2.51 -26.54
N LYS A 131 1.98 2.61 -25.72
CA LYS A 131 2.10 3.39 -24.48
C LYS A 131 2.31 4.89 -24.73
N ARG A 132 1.41 5.47 -25.50
CA ARG A 132 1.51 6.81 -26.07
C ARG A 132 1.37 7.91 -25.02
N VAL B 1 -10.94 -1.70 8.95
CA VAL B 1 -9.77 -1.96 9.84
C VAL B 1 -9.42 -0.76 10.77
N ILE B 3 -7.25 2.30 11.52
CA ILE B 3 -6.40 3.20 10.73
C ILE B 3 -5.96 4.37 11.62
N ILE B 4 -4.67 4.66 11.62
CA ILE B 4 -4.01 5.65 12.46
C ILE B 4 -3.13 6.55 11.58
N TYR B 5 -3.35 7.86 11.68
CA TYR B 5 -2.55 8.87 10.99
C TYR B 5 -1.87 9.78 12.01
N ASN B 7 0.67 13.01 12.41
CA ASN B 7 0.89 14.18 11.56
C ASN B 7 2.22 14.90 11.86
N ARG B 8 3.11 14.88 10.86
CA ARG B 8 4.43 15.53 10.83
C ARG B 8 4.37 17.04 11.09
N THR B 10 3.00 18.43 13.64
CA THR B 10 3.22 18.58 15.10
C THR B 10 3.95 17.40 15.74
N LYS B 12 2.35 14.59 16.65
CA LYS B 12 1.25 13.90 17.37
C LYS B 12 0.20 13.31 16.41
N CYS B 13 -0.72 12.50 16.95
CA CYS B 13 -1.39 11.44 16.18
C CYS B 13 -2.91 11.32 16.40
N TYR B 16 -8.69 6.60 13.74
CA TYR B 16 -10.12 6.34 13.91
C TYR B 16 -10.32 5.72 15.30
N VAL A 1 -3.37 -1.98 28.27
CA VAL A 1 -2.42 -2.40 27.21
C VAL A 1 -3.20 -3.05 26.07
N THR A 2 -2.66 -3.12 24.87
CA THR A 2 -3.18 -3.93 23.75
C THR A 2 -3.10 -5.43 24.05
N GLY A 3 -3.85 -6.23 23.31
CA GLY A 3 -3.98 -7.69 23.48
C GLY A 3 -4.55 -8.38 22.23
N ASP A 4 -4.34 -7.76 21.08
CA ASP A 4 -5.14 -7.92 19.86
C ASP A 4 -4.29 -8.36 18.65
N THR A 5 -4.88 -9.19 17.80
CA THR A 5 -4.25 -9.79 16.61
C THR A 5 -4.45 -8.95 15.34
N ASP A 6 -5.66 -8.45 15.14
CA ASP A 6 -6.13 -7.81 13.91
C ASP A 6 -5.84 -6.30 13.95
N GLN A 7 -4.55 -6.00 14.12
CA GLN A 7 -4.07 -4.70 14.56
C GLN A 7 -4.31 -3.57 13.54
N PRO A 8 -4.51 -2.32 14.03
CA PRO A 8 -4.83 -1.18 13.17
C PRO A 8 -3.67 -0.74 12.27
N ILE A 9 -4.00 -0.01 11.21
CA ILE A 9 -3.03 0.58 10.28
C ILE A 9 -2.30 1.74 10.98
N HIS A 10 -1.02 1.97 10.68
CA HIS A 10 -0.29 3.15 11.17
C HIS A 10 0.27 4.00 10.02
N ILE A 11 0.10 5.32 10.07
CA ILE A 11 0.47 6.24 8.98
C ILE A 11 1.24 7.45 9.53
N GLU A 12 2.32 7.87 8.86
CA GLU A 12 2.88 9.24 8.98
C GLU A 12 2.83 10.00 7.64
N SER A 13 1.80 10.82 7.54
CA SER A 13 1.63 11.90 6.58
C SER A 13 2.49 13.12 6.92
N ASP A 14 2.75 14.02 5.97
CA ASP A 14 3.01 15.42 6.34
C ASP A 14 1.74 16.09 6.91
N GLN A 15 0.61 15.92 6.22
CA GLN A 15 -0.71 16.36 6.69
C GLN A 15 -1.87 15.57 6.05
N GLN A 16 -3.10 15.81 6.49
CA GLN A 16 -4.30 15.26 5.84
C GLN A 16 -5.41 16.30 5.66
N SER A 17 -6.17 16.16 4.57
CA SER A 17 -7.52 16.70 4.44
C SER A 17 -8.51 15.83 5.23
N LEU A 18 -9.57 16.45 5.75
CA LEU A 18 -10.59 15.87 6.62
C LEU A 18 -11.96 16.50 6.30
N ASP A 19 -13.02 15.75 6.55
CA ASP A 19 -14.39 16.28 6.66
C ASP A 19 -14.81 16.46 8.13
N MET A 20 -15.81 17.33 8.38
CA MET A 20 -16.42 17.61 9.68
C MET A 20 -17.00 16.36 10.38
N GLN A 21 -17.43 15.33 9.62
CA GLN A 21 -17.83 14.04 10.19
C GLN A 21 -16.68 13.27 10.86
N GLY A 22 -15.43 13.53 10.49
CA GLY A 22 -14.30 12.64 10.78
C GLY A 22 -14.45 11.25 10.13
N ASN A 23 -15.23 11.13 9.04
CA ASN A 23 -15.51 9.84 8.38
C ASN A 23 -14.81 9.68 7.01
N VAL A 24 -14.12 10.71 6.51
CA VAL A 24 -13.33 10.68 5.27
C VAL A 24 -12.02 11.45 5.49
N VAL A 25 -10.91 10.93 4.97
CA VAL A 25 -9.58 11.58 4.96
C VAL A 25 -8.95 11.53 3.57
N THR A 26 -7.98 12.40 3.32
CA THR A 26 -6.95 12.19 2.29
C THR A 26 -5.62 12.71 2.80
N PHE A 27 -4.65 11.80 2.98
CA PHE A 27 -3.30 12.12 3.38
C PHE A 27 -2.52 12.71 2.21
N THR A 28 -1.68 13.71 2.47
CA THR A 28 -0.94 14.46 1.45
C THR A 28 0.44 14.85 1.96
N GLY A 29 1.41 14.88 1.04
CA GLY A 29 2.81 15.18 1.31
C GLY A 29 3.53 14.01 1.97
N ASN A 30 4.35 13.29 1.19
CA ASN A 30 5.31 12.27 1.63
C ASN A 30 4.76 11.38 2.76
N VAL A 31 3.71 10.64 2.41
CA VAL A 31 2.89 9.82 3.31
C VAL A 31 3.47 8.42 3.39
N ILE A 32 3.90 8.01 4.58
CA ILE A 32 4.37 6.65 4.86
C ILE A 32 3.22 5.89 5.52
N VAL A 33 2.78 4.80 4.89
CA VAL A 33 1.82 3.83 5.43
C VAL A 33 2.60 2.62 5.94
N THR A 34 2.28 2.18 7.16
CA THR A 34 2.80 0.99 7.81
C THR A 34 1.66 -0.01 7.98
N LEU A 35 1.69 -1.05 7.14
CA LEU A 35 0.79 -2.20 7.12
C LEU A 35 1.49 -3.37 7.85
N GLY A 36 1.90 -3.13 9.10
CA GLY A 36 2.68 -4.07 9.91
C GLY A 36 4.04 -4.42 9.27
N THR A 37 4.13 -5.61 8.67
CA THR A 37 5.32 -6.13 7.97
C THR A 37 5.61 -5.42 6.63
N ILE A 38 4.73 -4.53 6.18
CA ILE A 38 4.83 -3.77 4.93
C ILE A 38 4.94 -2.26 5.24
N LYS A 39 5.85 -1.56 4.57
CA LYS A 39 6.04 -0.11 4.61
C LYS A 39 5.88 0.43 3.19
N ILE A 40 5.02 1.42 2.98
CA ILE A 40 4.73 1.98 1.65
C ILE A 40 4.69 3.51 1.71
N ASN A 41 5.54 4.18 0.93
CA ASN A 41 5.67 5.63 0.84
C ASN A 41 4.98 6.14 -0.44
N ALA A 42 4.09 7.11 -0.34
CA ALA A 42 3.47 7.82 -1.46
C ALA A 42 3.50 9.35 -1.22
N ASP A 43 2.95 10.15 -2.14
CA ASP A 43 2.76 11.60 -1.89
C ASP A 43 1.29 12.00 -1.65
N LYS A 44 0.34 11.10 -1.96
CA LYS A 44 -1.09 11.21 -1.64
C LYS A 44 -1.64 9.82 -1.32
N VAL A 45 -2.40 9.65 -0.22
CA VAL A 45 -3.05 8.39 0.16
C VAL A 45 -4.51 8.62 0.60
N VAL A 46 -5.37 7.66 0.30
CA VAL A 46 -6.80 7.62 0.64
C VAL A 46 -7.12 6.25 1.27
N VAL A 47 -8.13 6.19 2.13
CA VAL A 47 -8.75 4.96 2.62
C VAL A 47 -10.25 5.01 2.36
N THR A 48 -10.86 3.89 1.99
CA THR A 48 -12.30 3.80 1.69
C THR A 48 -12.87 2.42 2.06
N ARG A 49 -14.20 2.30 2.08
CA ARG A 49 -14.97 1.31 2.85
C ARG A 49 -16.10 0.67 2.02
N PRO A 50 -16.64 -0.50 2.45
CA PRO A 50 -17.81 -1.11 1.80
C PRO A 50 -19.04 -0.19 1.75
N GLY A 51 -19.81 -0.35 0.68
CA GLY A 51 -21.00 0.40 0.32
C GLY A 51 -21.42 0.03 -1.11
N GLY A 52 -22.61 -0.58 -1.26
CA GLY A 52 -22.99 -1.27 -2.50
C GLY A 52 -22.25 -2.60 -2.67
N GLU A 53 -20.92 -2.56 -2.79
CA GLU A 53 -20.06 -3.72 -2.53
C GLU A 53 -20.02 -3.98 -1.01
N GLN A 54 -20.31 -5.21 -0.61
CA GLN A 54 -20.69 -5.56 0.77
C GLN A 54 -19.51 -5.64 1.76
N GLY A 55 -18.28 -5.80 1.29
CA GLY A 55 -17.11 -6.05 2.15
C GLY A 55 -15.83 -5.27 1.80
N LYS A 56 -15.73 -4.61 0.64
CA LYS A 56 -14.47 -4.02 0.17
C LYS A 56 -14.02 -2.76 0.94
N GLU A 57 -13.17 -2.94 1.94
CA GLU A 57 -12.22 -1.92 2.39
C GLU A 57 -11.02 -1.83 1.42
N VAL A 58 -10.51 -0.61 1.23
CA VAL A 58 -9.41 -0.28 0.31
C VAL A 58 -8.49 0.79 0.92
N ILE A 59 -7.20 0.70 0.63
CA ILE A 59 -6.25 1.82 0.69
C ILE A 59 -5.77 2.11 -0.74
N ASP A 60 -5.68 3.38 -1.12
CA ASP A 60 -5.35 3.83 -2.49
C ASP A 60 -4.36 5.01 -2.45
N GLY A 61 -3.43 5.12 -3.40
CA GLY A 61 -2.35 6.11 -3.32
C GLY A 61 -1.67 6.46 -4.64
N TYR A 62 -0.95 7.59 -4.63
CA TYR A 62 -0.29 8.17 -5.82
C TYR A 62 1.19 8.50 -5.56
N GLY A 63 2.02 8.12 -6.53
CA GLY A 63 3.48 8.16 -6.50
C GLY A 63 4.09 9.13 -7.51
N LYS A 64 4.89 10.04 -6.97
CA LYS A 64 5.63 11.10 -7.67
C LYS A 64 6.92 11.55 -6.92
N PRO A 65 7.77 10.63 -6.39
CA PRO A 65 7.77 9.17 -6.53
C PRO A 65 6.93 8.43 -5.46
N ALA A 66 6.91 7.09 -5.49
CA ALA A 66 6.46 6.25 -4.37
C ALA A 66 7.43 5.08 -4.17
N THR A 67 7.47 4.48 -2.98
CA THR A 67 8.18 3.21 -2.76
C THR A 67 7.37 2.19 -1.97
N PHE A 68 7.52 0.91 -2.35
CA PHE A 68 6.98 -0.25 -1.65
C PHE A 68 8.11 -0.99 -0.93
N TYR A 69 7.85 -1.52 0.25
CA TYR A 69 8.86 -2.22 1.04
C TYR A 69 8.23 -3.33 1.90
N GLN A 70 8.81 -4.52 1.91
CA GLN A 70 8.42 -5.63 2.79
C GLN A 70 9.65 -6.41 3.24
N MET A 71 9.56 -7.09 4.38
CA MET A 71 10.54 -8.09 4.82
C MET A 71 9.89 -9.48 4.81
N GLN A 72 10.43 -10.40 4.01
CA GLN A 72 10.01 -11.80 3.97
C GLN A 72 10.83 -12.61 4.98
N ASP A 73 10.27 -12.84 6.18
CA ASP A 73 10.47 -14.04 7.03
C ASP A 73 11.87 -14.72 6.88
N ASN A 74 11.98 -15.66 5.93
CA ASN A 74 13.17 -16.26 5.31
C ASN A 74 14.22 -15.28 4.70
N GLY A 75 14.67 -14.29 5.47
CA GLY A 75 15.92 -13.56 5.27
C GLY A 75 15.97 -12.55 4.11
N LYS A 76 14.84 -12.20 3.48
CA LYS A 76 14.83 -11.36 2.25
C LYS A 76 14.09 -10.03 2.43
N PRO A 77 14.74 -8.86 2.26
CA PRO A 77 14.03 -7.62 1.95
C PRO A 77 13.40 -7.67 0.55
N VAL A 78 12.40 -6.80 0.34
CA VAL A 78 11.61 -6.63 -0.88
C VAL A 78 11.37 -5.14 -1.08
N GLU A 79 11.64 -4.61 -2.27
CA GLU A 79 11.77 -3.16 -2.50
C GLU A 79 11.19 -2.77 -3.87
N GLY A 80 10.41 -1.68 -3.98
CA GLY A 80 9.71 -1.33 -5.23
C GLY A 80 9.30 0.14 -5.39
N HIS A 81 8.70 0.47 -6.54
CA HIS A 81 8.21 1.80 -6.95
C HIS A 81 6.92 1.68 -7.79
N ALA A 82 6.08 2.71 -7.80
CA ALA A 82 4.87 2.85 -8.61
C ALA A 82 4.48 4.32 -8.83
N SER A 83 3.50 4.61 -9.70
CA SER A 83 2.84 5.93 -9.77
C SER A 83 1.37 5.93 -9.34
N GLN A 84 0.64 4.81 -9.41
CA GLN A 84 -0.59 4.59 -8.62
C GLN A 84 -0.48 3.26 -7.87
N MET A 85 -1.01 3.26 -6.64
CA MET A 85 -0.98 2.17 -5.67
C MET A 85 -2.40 1.86 -5.23
N HIS A 86 -2.69 0.58 -4.97
CA HIS A 86 -3.97 0.12 -4.44
C HIS A 86 -3.74 -1.08 -3.49
N TYR A 87 -4.57 -1.22 -2.47
CA TYR A 87 -4.59 -2.38 -1.59
C TYR A 87 -6.05 -2.76 -1.32
N GLU A 88 -6.46 -3.93 -1.81
CA GLU A 88 -7.81 -4.47 -1.59
C GLU A 88 -7.80 -5.27 -0.29
N LEU A 89 -8.28 -4.70 0.82
CA LEU A 89 -8.23 -5.37 2.13
C LEU A 89 -9.19 -6.58 2.17
N ALA A 90 -10.29 -6.54 1.42
CA ALA A 90 -11.17 -7.71 1.20
C ALA A 90 -10.58 -8.80 0.28
N LYS A 91 -9.30 -8.69 -0.10
CA LYS A 91 -8.50 -9.75 -0.74
C LYS A 91 -7.09 -9.86 -0.14
N ASP A 92 -6.80 -9.03 0.86
CA ASP A 92 -5.51 -8.70 1.47
C ASP A 92 -4.30 -8.62 0.48
N PHE A 93 -4.54 -8.16 -0.75
CA PHE A 93 -3.54 -8.03 -1.82
C PHE A 93 -3.23 -6.56 -2.17
N VAL A 94 -1.96 -6.31 -2.53
CA VAL A 94 -1.47 -5.08 -3.15
C VAL A 94 -1.55 -5.15 -4.68
N VAL A 95 -1.89 -4.03 -5.31
CA VAL A 95 -1.89 -3.82 -6.76
C VAL A 95 -1.26 -2.45 -7.06
N LEU A 96 -0.59 -2.29 -8.19
CA LEU A 96 0.02 -1.01 -8.60
C LEU A 96 0.04 -0.87 -10.13
N THR A 97 0.10 0.37 -10.61
CA THR A 97 0.11 0.71 -12.05
C THR A 97 0.92 1.99 -12.34
N GLY A 98 1.57 2.02 -13.49
CA GLY A 98 2.45 3.11 -13.93
C GLY A 98 3.80 3.07 -13.23
N ASN A 99 4.87 3.24 -14.00
CA ASN A 99 6.25 3.45 -13.52
C ASN A 99 6.69 2.42 -12.45
N ALA A 100 6.52 1.13 -12.76
CA ALA A 100 6.51 0.04 -11.79
C ALA A 100 7.89 -0.62 -11.62
N TYR A 101 8.35 -0.76 -10.37
CA TYR A 101 9.59 -1.45 -10.01
C TYR A 101 9.36 -2.43 -8.84
N LEU A 102 10.05 -3.58 -8.84
CA LEU A 102 10.15 -4.49 -7.68
C LEU A 102 11.50 -5.23 -7.69
N GLN A 103 11.93 -5.69 -6.52
CA GLN A 103 13.27 -6.20 -6.22
C GLN A 103 13.22 -7.20 -5.05
N GLN A 104 14.22 -8.07 -4.98
CA GLN A 104 14.49 -8.98 -3.87
C GLN A 104 16.03 -9.05 -3.68
N VAL A 105 16.52 -10.00 -2.87
CA VAL A 105 17.92 -10.46 -2.92
C VAL A 105 18.22 -11.23 -4.23
N ASP A 106 17.17 -11.59 -4.96
CA ASP A 106 17.15 -12.13 -6.33
C ASP A 106 16.32 -11.19 -7.25
N SER A 107 16.05 -11.63 -8.48
CA SER A 107 15.16 -11.02 -9.46
C SER A 107 13.75 -10.66 -8.93
N ASN A 108 13.08 -9.73 -9.63
CA ASN A 108 11.62 -9.57 -9.61
C ASN A 108 11.16 -8.74 -10.82
N ILE A 109 9.87 -8.82 -11.16
CA ILE A 109 9.28 -8.18 -12.35
C ILE A 109 9.11 -6.66 -12.21
N LYS A 110 9.13 -5.95 -13.34
CA LYS A 110 9.11 -4.48 -13.41
C LYS A 110 8.79 -3.97 -14.82
N GLY A 111 8.32 -2.72 -14.93
CA GLY A 111 7.80 -2.11 -16.16
C GLY A 111 6.66 -1.13 -15.87
N ASP A 112 5.43 -1.50 -16.24
CA ASP A 112 4.23 -0.66 -16.09
C ASP A 112 3.21 -1.20 -15.07
N LYS A 113 3.08 -2.53 -14.93
CA LYS A 113 2.29 -3.18 -13.89
C LYS A 113 3.04 -4.39 -13.33
N ILE A 114 2.81 -4.67 -12.05
CA ILE A 114 3.38 -5.80 -11.30
C ILE A 114 2.22 -6.60 -10.66
N THR A 115 2.53 -7.83 -10.24
CA THR A 115 1.78 -8.60 -9.23
C THR A 115 2.80 -9.20 -8.24
N TYR A 116 2.43 -9.38 -6.96
CA TYR A 116 3.40 -9.77 -5.93
C TYR A 116 2.85 -10.87 -5.00
N LEU A 117 3.74 -11.79 -4.63
CA LEU A 117 3.46 -13.06 -3.94
C LEU A 117 3.21 -12.92 -2.42
N VAL A 118 2.36 -11.97 -2.00
CA VAL A 118 2.01 -11.70 -0.58
C VAL A 118 1.54 -12.98 0.16
N LYS A 119 0.86 -13.88 -0.55
CA LYS A 119 0.47 -15.23 -0.09
C LYS A 119 0.46 -16.22 -1.27
N GLU A 120 1.60 -16.31 -1.94
CA GLU A 120 1.80 -17.10 -3.17
C GLU A 120 3.22 -17.67 -3.20
N GLN A 121 3.50 -18.60 -4.11
CA GLN A 121 4.85 -19.18 -4.33
C GLN A 121 5.39 -18.95 -5.74
N LYS A 122 4.55 -18.47 -6.66
CA LYS A 122 4.77 -18.46 -8.11
C LYS A 122 5.62 -17.28 -8.60
N MET A 123 6.80 -17.10 -7.97
CA MET A 123 7.79 -16.12 -8.39
C MET A 123 8.37 -16.51 -9.77
N GLN A 124 8.25 -15.62 -10.76
CA GLN A 124 8.72 -15.84 -12.13
C GLN A 124 8.98 -14.51 -12.83
N ALA A 125 9.89 -14.50 -13.81
CA ALA A 125 10.20 -13.34 -14.66
C ALA A 125 9.13 -13.12 -15.76
N PHE A 126 7.87 -12.94 -15.37
CA PHE A 126 6.74 -12.73 -16.29
C PHE A 126 6.98 -11.52 -17.20
N SER A 127 6.92 -11.73 -18.53
CA SER A 127 7.08 -10.67 -19.53
C SER A 127 6.38 -11.05 -20.83
N ASP A 128 5.48 -10.18 -21.31
CA ASP A 128 4.75 -10.32 -22.57
C ASP A 128 5.46 -9.58 -23.74
N LYS A 129 5.03 -9.86 -24.98
CA LYS A 129 5.17 -8.96 -26.14
C LYS A 129 4.28 -7.71 -26.01
N GLY A 130 4.46 -6.98 -24.92
CA GLY A 130 3.64 -5.86 -24.44
C GLY A 130 4.16 -5.31 -23.10
N LYS A 131 4.05 -4.00 -22.90
CA LYS A 131 4.55 -3.26 -21.71
C LYS A 131 3.63 -2.08 -21.32
N ARG A 132 2.33 -2.31 -21.29
CA ARG A 132 1.39 -1.40 -20.61
C ARG A 132 0.27 -2.15 -19.88
N VAL B 1 -11.13 -1.79 9.50
CA VAL B 1 -9.82 -1.41 10.09
C VAL B 1 -9.79 0.01 10.75
N ILE B 3 -7.33 3.15 12.07
CA ILE B 3 -6.12 3.75 11.47
C ILE B 3 -5.56 4.81 12.41
N ILE B 4 -4.34 4.64 12.89
CA ILE B 4 -3.57 5.68 13.59
C ILE B 4 -2.84 6.51 12.54
N TYR B 5 -2.96 7.84 12.58
CA TYR B 5 -2.33 8.75 11.63
C TYR B 5 -1.65 9.94 12.29
N ASN B 7 0.93 13.36 11.89
CA ASN B 7 1.28 14.43 10.95
C ASN B 7 2.70 14.95 11.23
N ARG B 8 3.58 14.94 10.23
CA ARG B 8 5.01 15.28 10.38
C ARG B 8 5.24 16.75 10.74
N THR B 10 3.74 18.33 13.09
CA THR B 10 3.64 18.42 14.56
C THR B 10 4.34 17.25 15.27
N LYS B 12 2.72 14.53 15.88
CA LYS B 12 1.62 14.06 16.76
C LYS B 12 0.47 13.41 15.98
N CYS B 13 -0.36 12.65 16.70
CA CYS B 13 -1.32 11.70 16.11
C CYS B 13 -2.80 12.08 16.19
N TYR B 16 -8.68 6.97 13.39
CA TYR B 16 -9.87 6.11 13.33
C TYR B 16 -9.71 5.01 14.39
N VAL A 1 -6.52 -8.04 22.41
CA VAL A 1 -6.00 -8.22 21.05
C VAL A 1 -7.17 -8.33 20.07
N THR A 2 -6.94 -8.32 18.76
CA THR A 2 -7.93 -8.74 17.75
C THR A 2 -8.23 -10.25 17.89
N GLY A 3 -8.98 -10.88 16.99
CA GLY A 3 -9.17 -12.34 16.94
C GLY A 3 -7.94 -13.12 16.44
N ASP A 4 -6.74 -12.58 16.69
CA ASP A 4 -5.46 -12.84 16.02
C ASP A 4 -5.51 -12.82 14.47
N THR A 5 -6.56 -12.18 13.93
CA THR A 5 -6.90 -12.10 12.51
C THR A 5 -5.96 -11.23 11.68
N ASP A 6 -5.47 -10.12 12.24
CA ASP A 6 -4.94 -8.99 11.48
C ASP A 6 -3.79 -8.26 12.19
N GLN A 7 -3.06 -7.46 11.40
CA GLN A 7 -2.20 -6.39 11.88
C GLN A 7 -2.52 -5.13 11.07
N PRO A 8 -2.61 -3.95 11.71
CA PRO A 8 -3.35 -2.82 11.17
C PRO A 8 -2.59 -2.03 10.10
N ILE A 9 -3.28 -1.05 9.52
CA ILE A 9 -2.67 0.03 8.75
C ILE A 9 -2.18 1.10 9.73
N HIS A 10 -0.99 1.65 9.49
CA HIS A 10 -0.41 2.78 10.23
C HIS A 10 0.17 3.79 9.25
N ILE A 11 -0.10 5.09 9.46
CA ILE A 11 0.31 6.20 8.59
C ILE A 11 0.99 7.28 9.44
N GLU A 12 2.08 7.89 8.96
CA GLU A 12 2.46 9.24 9.38
C GLU A 12 2.40 10.23 8.21
N SER A 13 1.82 11.42 8.48
CA SER A 13 1.50 12.44 7.49
C SER A 13 1.78 13.87 7.99
N ASP A 14 2.22 14.76 7.10
CA ASP A 14 2.65 16.12 7.45
C ASP A 14 1.56 17.19 7.29
N GLN A 15 0.67 17.00 6.31
CA GLN A 15 -0.68 17.58 6.26
C GLN A 15 -1.71 16.50 6.64
N GLN A 16 -2.96 16.90 6.84
CA GLN A 16 -4.11 16.03 7.13
C GLN A 16 -5.37 16.67 6.54
N SER A 17 -6.30 15.87 6.02
CA SER A 17 -7.60 16.35 5.55
C SER A 17 -8.68 15.28 5.72
N LEU A 18 -9.90 15.73 6.05
CA LEU A 18 -11.03 14.89 6.43
C LEU A 18 -12.32 15.47 5.88
N ASP A 19 -13.26 14.61 5.52
CA ASP A 19 -14.67 14.98 5.42
C ASP A 19 -15.31 15.12 6.82
N MET A 20 -16.17 16.13 6.99
CA MET A 20 -16.92 16.39 8.22
C MET A 20 -18.00 15.33 8.51
N GLN A 21 -18.50 14.64 7.48
CA GLN A 21 -19.37 13.45 7.63
C GLN A 21 -18.56 12.14 7.80
N GLY A 22 -17.26 12.24 8.06
CA GLY A 22 -16.43 11.21 8.69
C GLY A 22 -16.23 9.93 7.89
N ASN A 23 -16.43 9.93 6.57
CA ASN A 23 -16.35 8.73 5.72
C ASN A 23 -15.16 8.71 4.72
N VAL A 24 -14.46 9.82 4.52
CA VAL A 24 -13.22 9.88 3.73
C VAL A 24 -12.18 10.75 4.44
N VAL A 25 -10.92 10.32 4.46
CA VAL A 25 -9.76 11.14 4.90
C VAL A 25 -8.57 10.95 3.96
N THR A 26 -7.69 11.96 3.89
CA THR A 26 -6.53 11.97 3.00
C THR A 26 -5.31 12.63 3.66
N PHE A 27 -4.13 12.12 3.30
CA PHE A 27 -2.85 12.34 3.95
C PHE A 27 -1.78 12.62 2.88
N THR A 28 -0.89 13.58 3.13
CA THR A 28 0.13 14.07 2.19
C THR A 28 1.26 14.82 2.91
N GLY A 29 2.32 15.18 2.18
CA GLY A 29 3.62 15.56 2.73
C GLY A 29 4.56 14.35 2.83
N ASN A 30 4.67 13.61 1.72
CA ASN A 30 5.45 12.38 1.58
C ASN A 30 5.17 11.31 2.65
N VAL A 31 3.90 10.88 2.70
CA VAL A 31 3.39 9.95 3.70
C VAL A 31 4.20 8.66 3.82
N ILE A 32 4.44 8.29 5.08
CA ILE A 32 5.06 7.04 5.50
C ILE A 32 3.92 6.10 5.89
N VAL A 33 3.83 4.92 5.28
CA VAL A 33 2.68 4.01 5.43
C VAL A 33 3.19 2.60 5.74
N THR A 34 2.49 1.92 6.65
CA THR A 34 2.76 0.55 7.07
C THR A 34 1.46 -0.27 7.04
N LEU A 35 1.55 -1.52 6.58
CA LEU A 35 0.52 -2.55 6.61
C LEU A 35 1.15 -3.77 7.28
N GLY A 36 0.91 -3.99 8.57
CA GLY A 36 1.47 -5.14 9.30
C GLY A 36 2.99 -5.33 9.16
N THR A 37 3.76 -4.26 9.30
CA THR A 37 5.24 -4.21 9.13
C THR A 37 5.74 -4.34 7.68
N ILE A 38 4.87 -4.55 6.69
CA ILE A 38 5.15 -4.17 5.29
C ILE A 38 5.07 -2.64 5.19
N LYS A 39 5.96 -2.00 4.42
CA LYS A 39 6.17 -0.55 4.38
C LYS A 39 6.02 0.01 2.97
N ILE A 40 5.44 1.21 2.86
CA ILE A 40 5.34 2.03 1.66
C ILE A 40 5.72 3.46 2.02
N ASN A 41 6.36 4.18 1.11
CA ASN A 41 6.45 5.65 1.14
C ASN A 41 5.91 6.21 -0.18
N ALA A 42 5.20 7.33 -0.11
CA ALA A 42 4.53 7.93 -1.27
C ALA A 42 4.68 9.47 -1.26
N ASP A 43 3.82 10.17 -2.01
CA ASP A 43 3.41 11.54 -1.67
C ASP A 43 2.20 11.48 -0.73
N LYS A 44 1.15 10.78 -1.19
CA LYS A 44 -0.23 10.99 -0.73
C LYS A 44 -1.05 9.71 -0.78
N VAL A 45 -2.01 9.60 0.13
CA VAL A 45 -3.03 8.54 0.16
C VAL A 45 -4.43 9.11 0.45
N VAL A 46 -5.46 8.40 0.01
CA VAL A 46 -6.86 8.57 0.42
C VAL A 46 -7.34 7.24 1.01
N VAL A 47 -8.12 7.27 2.09
CA VAL A 47 -8.88 6.11 2.56
C VAL A 47 -10.36 6.44 2.59
N THR A 48 -11.19 5.50 2.11
CA THR A 48 -12.65 5.60 2.02
C THR A 48 -13.30 4.34 2.60
N ARG A 49 -14.45 4.53 3.24
CA ARG A 49 -15.13 3.53 4.08
C ARG A 49 -16.66 3.65 3.94
N PRO A 50 -17.42 2.54 3.85
CA PRO A 50 -18.83 2.54 3.48
C PRO A 50 -19.73 2.88 4.69
N GLY A 51 -19.68 4.14 5.14
CA GLY A 51 -20.51 4.68 6.21
C GLY A 51 -20.16 4.18 7.61
N GLY A 52 -20.43 2.90 7.89
CA GLY A 52 -20.34 2.30 9.24
C GLY A 52 -19.89 0.84 9.29
N GLU A 53 -19.41 0.27 8.19
CA GLU A 53 -18.85 -1.10 8.17
C GLU A 53 -17.36 -1.13 8.58
N GLN A 54 -16.78 -2.33 8.59
CA GLN A 54 -15.36 -2.63 8.86
C GLN A 54 -14.85 -3.73 7.91
N GLY A 55 -15.34 -3.75 6.66
CA GLY A 55 -15.20 -4.84 5.70
C GLY A 55 -14.84 -4.36 4.28
N LYS A 56 -15.74 -3.64 3.60
CA LYS A 56 -15.49 -3.08 2.25
C LYS A 56 -14.72 -1.75 2.29
N GLU A 57 -13.63 -1.71 3.04
CA GLU A 57 -12.77 -0.54 3.23
C GLU A 57 -11.70 -0.45 2.12
N VAL A 58 -11.41 0.75 1.61
CA VAL A 58 -10.49 0.93 0.45
C VAL A 58 -9.51 2.07 0.69
N ILE A 59 -8.25 1.87 0.28
CA ILE A 59 -7.15 2.84 0.37
C ILE A 59 -6.49 2.95 -1.01
N ASP A 60 -6.20 4.17 -1.46
CA ASP A 60 -5.55 4.44 -2.74
C ASP A 60 -4.43 5.46 -2.58
N GLY A 61 -3.25 5.18 -3.12
CA GLY A 61 -2.01 5.91 -2.85
C GLY A 61 -1.19 6.24 -4.08
N TYR A 62 -0.59 7.43 -4.11
CA TYR A 62 0.15 7.98 -5.24
C TYR A 62 1.50 8.56 -4.79
N GLY A 63 2.55 8.18 -5.50
CA GLY A 63 3.94 8.43 -5.10
C GLY A 63 4.62 9.55 -5.87
N LYS A 64 5.17 10.52 -5.14
CA LYS A 64 6.09 11.54 -5.66
C LYS A 64 7.18 11.84 -4.61
N PRO A 65 8.18 10.96 -4.40
CA PRO A 65 8.41 9.67 -5.06
C PRO A 65 7.56 8.52 -4.49
N ALA A 66 7.72 7.32 -5.07
CA ALA A 66 7.13 6.06 -4.60
C ALA A 66 8.22 5.08 -4.15
N THR A 67 8.00 4.36 -3.04
CA THR A 67 8.79 3.17 -2.67
C THR A 67 7.89 2.13 -2.00
N PHE A 68 8.10 0.85 -2.34
CA PHE A 68 7.49 -0.32 -1.71
C PHE A 68 8.57 -1.18 -1.05
N TYR A 69 8.33 -1.65 0.17
CA TYR A 69 9.29 -2.42 0.96
C TYR A 69 8.57 -3.46 1.82
N GLN A 70 8.69 -4.74 1.43
CA GLN A 70 8.56 -5.86 2.36
C GLN A 70 9.95 -6.30 2.86
N MET A 71 10.00 -7.38 3.61
CA MET A 71 11.20 -8.20 3.73
C MET A 71 10.90 -9.61 3.23
N GLN A 72 11.95 -10.32 2.84
CA GLN A 72 11.88 -11.65 2.21
C GLN A 72 11.86 -12.76 3.25
N ASP A 73 11.26 -13.88 2.88
CA ASP A 73 11.37 -15.20 3.51
C ASP A 73 12.84 -15.64 3.68
N ASN A 74 13.70 -15.19 2.77
CA ASN A 74 15.17 -15.37 2.81
C ASN A 74 15.87 -14.62 3.96
N GLY A 75 15.16 -13.82 4.76
CA GLY A 75 15.73 -12.93 5.76
C GLY A 75 16.54 -11.78 5.15
N LYS A 76 15.96 -11.08 4.17
CA LYS A 76 16.60 -10.04 3.34
C LYS A 76 15.64 -8.87 3.07
N PRO A 77 16.12 -7.66 2.72
CA PRO A 77 15.27 -6.54 2.25
C PRO A 77 14.72 -6.79 0.84
N VAL A 78 13.87 -5.89 0.35
CA VAL A 78 13.54 -5.74 -1.08
C VAL A 78 13.71 -4.28 -1.53
N GLU A 79 13.67 -4.06 -2.83
CA GLU A 79 13.42 -2.75 -3.45
C GLU A 79 12.18 -2.82 -4.34
N GLY A 80 11.46 -1.71 -4.51
CA GLY A 80 10.36 -1.61 -5.46
C GLY A 80 9.63 -0.25 -5.46
N HIS A 81 8.82 -0.02 -6.47
CA HIS A 81 7.97 1.18 -6.64
C HIS A 81 6.82 0.93 -7.61
N ALA A 82 5.84 1.84 -7.64
CA ALA A 82 4.75 1.91 -8.63
C ALA A 82 4.20 3.36 -8.70
N SER A 83 3.34 3.64 -9.68
CA SER A 83 2.67 4.94 -9.80
C SER A 83 1.44 5.04 -8.88
N GLN A 84 0.72 3.93 -8.74
CA GLN A 84 -0.38 3.70 -7.80
C GLN A 84 -0.01 2.55 -6.84
N MET A 85 -0.28 2.76 -5.56
CA MET A 85 -0.29 1.75 -4.50
C MET A 85 -1.73 1.66 -3.95
N HIS A 86 -2.45 0.62 -4.34
CA HIS A 86 -3.87 0.40 -4.01
C HIS A 86 -4.05 -0.73 -2.99
N TYR A 87 -5.00 -0.60 -2.07
CA TYR A 87 -5.43 -1.66 -1.16
C TYR A 87 -6.96 -1.67 -0.97
N GLU A 88 -7.56 -2.85 -0.91
CA GLU A 88 -9.00 -3.05 -0.72
C GLU A 88 -9.24 -4.24 0.22
N LEU A 89 -9.89 -3.98 1.37
CA LEU A 89 -10.14 -4.99 2.39
C LEU A 89 -11.26 -5.97 1.98
N ALA A 90 -12.15 -5.59 1.05
CA ALA A 90 -13.28 -6.41 0.62
C ALA A 90 -12.88 -7.79 0.07
N LYS A 91 -11.67 -7.91 -0.49
CA LYS A 91 -11.06 -9.17 -0.95
C LYS A 91 -9.63 -9.37 -0.39
N ASP A 92 -9.28 -8.73 0.73
CA ASP A 92 -7.96 -8.85 1.40
C ASP A 92 -6.78 -8.52 0.45
N PHE A 93 -6.94 -7.47 -0.37
CA PHE A 93 -6.30 -7.34 -1.68
C PHE A 93 -5.42 -6.10 -1.85
N VAL A 94 -4.35 -6.20 -2.66
CA VAL A 94 -3.43 -5.10 -3.00
C VAL A 94 -3.19 -5.03 -4.52
N VAL A 95 -2.93 -3.84 -5.08
CA VAL A 95 -2.51 -3.70 -6.49
C VAL A 95 -1.42 -2.62 -6.62
N LEU A 96 -0.44 -2.88 -7.48
CA LEU A 96 0.64 -1.96 -7.86
C LEU A 96 0.52 -1.64 -9.36
N THR A 97 0.20 -0.39 -9.73
CA THR A 97 -0.19 -0.02 -11.11
C THR A 97 0.67 1.12 -11.66
N GLY A 98 1.11 0.99 -12.91
CA GLY A 98 1.96 1.94 -13.62
C GLY A 98 3.39 2.02 -13.05
N ASN A 99 4.37 2.34 -13.90
CA ASN A 99 5.74 2.67 -13.48
C ASN A 99 6.34 1.69 -12.45
N ALA A 100 6.02 0.39 -12.58
CA ALA A 100 6.16 -0.59 -11.52
C ALA A 100 7.51 -1.31 -11.57
N TYR A 101 8.06 -1.66 -10.40
CA TYR A 101 9.31 -2.44 -10.24
C TYR A 101 9.32 -3.16 -8.88
N LEU A 102 9.85 -4.39 -8.81
CA LEU A 102 10.16 -5.09 -7.56
C LEU A 102 11.35 -6.05 -7.72
N GLN A 103 12.22 -6.06 -6.70
CA GLN A 103 13.45 -6.85 -6.62
C GLN A 103 13.37 -7.90 -5.51
N GLN A 104 13.39 -9.18 -5.89
CA GLN A 104 13.90 -10.29 -5.06
C GLN A 104 15.38 -10.55 -5.45
N VAL A 105 16.12 -11.30 -4.62
CA VAL A 105 17.50 -11.78 -4.96
C VAL A 105 17.50 -12.98 -5.92
N ASP A 106 16.45 -13.08 -6.73
CA ASP A 106 16.05 -14.20 -7.58
C ASP A 106 15.12 -13.62 -8.67
N SER A 107 13.81 -13.61 -8.40
CA SER A 107 12.77 -13.08 -9.26
C SER A 107 12.78 -11.54 -9.31
N ASN A 108 12.50 -10.96 -10.49
CA ASN A 108 12.73 -9.54 -10.70
C ASN A 108 11.75 -8.96 -11.73
N ILE A 109 10.68 -8.30 -11.28
CA ILE A 109 9.52 -7.91 -12.09
C ILE A 109 9.33 -6.39 -12.17
N LYS A 110 8.71 -5.93 -13.27
CA LYS A 110 8.59 -4.51 -13.63
C LYS A 110 7.61 -4.30 -14.79
N GLY A 111 7.10 -3.08 -14.96
CA GLY A 111 6.34 -2.66 -16.14
C GLY A 111 5.06 -1.87 -15.85
N ASP A 112 4.04 -2.12 -16.66
CA ASP A 112 2.73 -1.43 -16.68
C ASP A 112 1.91 -1.68 -15.40
N LYS A 113 2.17 -2.82 -14.74
CA LYS A 113 1.54 -3.31 -13.50
C LYS A 113 2.48 -4.35 -12.87
N ILE A 114 2.41 -4.56 -11.55
CA ILE A 114 2.98 -5.75 -10.90
C ILE A 114 1.88 -6.68 -10.37
N THR A 115 2.14 -7.99 -10.43
CA THR A 115 1.25 -9.06 -9.95
C THR A 115 2.04 -10.02 -9.07
N TYR A 116 1.70 -10.05 -7.78
CA TYR A 116 2.22 -10.94 -6.74
C TYR A 116 1.02 -11.30 -5.85
N LEU A 117 0.96 -12.52 -5.31
CA LEU A 117 -0.23 -12.98 -4.58
C LEU A 117 -0.24 -12.51 -3.13
N VAL A 118 -1.41 -12.11 -2.65
CA VAL A 118 -1.55 -11.41 -1.37
C VAL A 118 -1.26 -12.33 -0.20
N LYS A 119 -0.11 -12.10 0.45
CA LYS A 119 0.45 -12.93 1.52
C LYS A 119 0.79 -14.37 1.06
N GLU A 120 1.07 -14.59 -0.23
CA GLU A 120 1.42 -15.91 -0.79
C GLU A 120 2.59 -15.81 -1.79
N GLN A 121 3.47 -16.81 -1.83
CA GLN A 121 4.77 -16.73 -2.54
C GLN A 121 4.68 -16.82 -4.07
N LYS A 122 3.60 -17.39 -4.63
CA LYS A 122 3.45 -17.69 -6.06
C LYS A 122 3.12 -16.43 -6.88
N MET A 123 4.13 -15.66 -7.23
CA MET A 123 4.09 -14.82 -8.44
C MET A 123 4.24 -15.68 -9.70
N GLN A 124 3.72 -15.21 -10.84
CA GLN A 124 3.76 -15.90 -12.13
C GLN A 124 4.05 -14.91 -13.27
N ALA A 125 4.63 -15.39 -14.37
CA ALA A 125 5.03 -14.57 -15.52
C ALA A 125 4.62 -15.22 -16.85
N PHE A 126 4.47 -14.40 -17.90
CA PHE A 126 3.91 -14.78 -19.20
C PHE A 126 4.69 -14.10 -20.33
N SER A 127 4.73 -14.70 -21.53
CA SER A 127 5.54 -14.21 -22.67
C SER A 127 4.68 -13.61 -23.79
N ASP A 128 3.85 -12.62 -23.44
CA ASP A 128 3.15 -11.78 -24.41
C ASP A 128 4.11 -10.81 -25.14
N LYS A 129 3.64 -10.17 -26.23
CA LYS A 129 4.38 -9.21 -27.06
C LYS A 129 3.63 -7.87 -27.27
N GLY A 130 2.49 -7.66 -26.60
CA GLY A 130 1.70 -6.43 -26.69
C GLY A 130 2.30 -5.23 -25.97
N LYS A 131 1.97 -4.02 -26.44
CA LYS A 131 2.28 -2.75 -25.77
C LYS A 131 1.27 -1.67 -26.13
N ARG A 132 0.90 -0.86 -25.15
CA ARG A 132 -0.08 0.22 -25.32
C ARG A 132 0.59 1.57 -25.51
N VAL B 1 -6.86 -4.44 9.95
CA VAL B 1 -8.24 -3.91 9.74
C VAL B 1 -8.41 -2.39 10.04
N ILE B 3 -7.26 1.66 10.80
CA ILE B 3 -6.31 2.59 10.16
C ILE B 3 -5.85 3.63 11.19
N ILE B 4 -4.63 3.45 11.72
CA ILE B 4 -3.94 4.39 12.59
C ILE B 4 -3.33 5.50 11.73
N TYR B 5 -3.46 6.76 12.15
CA TYR B 5 -2.74 7.89 11.54
C TYR B 5 -2.13 8.80 12.62
N ASN B 7 0.45 12.18 13.46
CA ASN B 7 0.65 13.50 12.87
C ASN B 7 2.13 13.92 12.93
N ARG B 8 2.80 14.03 11.76
CA ARG B 8 4.25 14.31 11.63
C ARG B 8 4.67 15.57 12.37
N THR B 10 3.21 17.31 14.87
CA THR B 10 2.71 17.53 16.25
C THR B 10 2.90 16.36 17.21
N LYS B 12 0.87 13.99 17.79
CA LYS B 12 -0.45 13.45 18.16
C LYS B 12 -0.81 12.31 17.21
N CYS B 13 -1.82 11.50 17.56
CA CYS B 13 -2.22 10.37 16.75
C CYS B 13 -3.70 10.03 16.88
N TYR B 16 -9.12 5.54 12.48
CA TYR B 16 -10.33 4.70 12.61
C TYR B 16 -10.01 3.33 13.27
#